data_8F5W
#
_entry.id   8F5W
#
_cell.length_a   81.735
_cell.length_b   158.003
_cell.length_c   162.404
_cell.angle_alpha   90.000
_cell.angle_beta   96.060
_cell.angle_gamma   90.000
#
_symmetry.space_group_name_H-M   'P 1 21 1'
#
loop_
_entity.id
_entity.type
_entity.pdbx_description
1 polymer 'Dihydropyrimidine dehydrogenase [NADP(+)]'
2 non-polymer 'IRON/SULFUR CLUSTER'
3 non-polymer 'FLAVIN-ADENINE DINUCLEOTIDE'
4 non-polymer 'NADP NICOTINAMIDE-ADENINE-DINUCLEOTIDE PHOSPHATE'
5 non-polymer 1-DEOXY-1-(7,8-DIMETHYL-2,4-DIOXO-3,4-DIHYDRO-2H-BENZO[G]PTERIDIN-1-ID-10(5H)-YL)-5-O-PHOSPHONATO-D-RIBITOL
6 non-polymer THYMINE
7 water water
#
_entity_poly.entity_id   1
_entity_poly.type   'polypeptide(L)'
_entity_poly.pdbx_seq_one_letter_code
;MAPVLSKDVADIESILALNPRTQSHAALHSTLAKKLDKKHWKRNPDKNCFHCEKLENNFDDIKHTTLGERGALREAMRCL
KCADAPCQKSCPTHLDIKSFITSISNKNYYGAAKMIFSDNPLGLTCGMVCPTSDLCVGGCNLYATEEGSINIGGLQQFAS
EVFKAMNIPQIRNPCLPSQEKMPEAYSAKIALLGAGPASISCASFLARLGYSDITIFEKQEYVGGLSTSEIPQFRLPYDV
VNFEIELMKDLGVKIICGKSLSENEITLNTLKEEGYKAAFIGIGLPEPKTDDIFQGLTQDQGFYTSKDFLPLVAKSSKAG
MCACHSPLPSIRGAVIVLGAGDTAFDCATSALRCGARRVFLVFRKGFVNIRAVPEEVELAKEEKCEFLPFLSPRKVIVKG
GRIVAVQFVRTEQDETGKWNEDEDQIVHLKADVVISAFGSVLRDPKVKEALSPIKFNRWDLPEVDPETMQTSEPWVFAGG
DIVGMANTTVESVNDGKQASWYIHKYIQAQYGASVSAKPELPLFYTPVDLVDISVEMAGLKFINPFGLASAAPTTSSSMI
RRAFEAGWGFALTKTFSLDKDIVTNVSPRIVRGTTSGPMYGPGQSSFLNIELISEKTAAYWCQSVTELKADFPDNIVIAS
IMCSYNKNDWMELSRKAEASGADALELNLSSPHGMGERGMGLACGQDPELVRNICRWVRQAVQIPFFAKLTPNVTDIVSI
ARAAKEGGADGVTATNTVSGLMGLKADGTPWPAVGAGKRTTYGGVSGTAIRPIALRAVTTIARALPGFPILATGGIDSAE
SGLQFLHSGASVLQVCSAVQNQDFTVIQDYCTGLKALLYLKSIEELQGWDGQSPGTESHQKGKPVPRIAELMGKKLPNFG
PYLEQRKKIIAEEKMRLKEQNAAFPPLERKPFIPKKPIPAIKDVIGKALQYLGTFGELSNIEQVVAVIDEEMCINCGKCY
MTCNDSGYQAIQFDPETHLPTVTDTCTGCTLCLSVCPIIDCIRMVSRTTPYEPKRGLPLAVNPVC
;
_entity_poly.pdbx_strand_id   A,B,C,D
#
loop_
_chem_comp.id
_chem_comp.type
_chem_comp.name
_chem_comp.formula
FAD non-polymer 'FLAVIN-ADENINE DINUCLEOTIDE' 'C27 H33 N9 O15 P2'
FNR non-polymer 1-DEOXY-1-(7,8-DIMETHYL-2,4-DIOXO-3,4-DIHYDRO-2H-BENZO[G]PTERIDIN-1-ID-10(5H)-YL)-5-O-PHOSPHONATO-D-RIBITOL 'C17 H23 N4 O9 P'
NAP non-polymer 'NADP NICOTINAMIDE-ADENINE-DINUCLEOTIDE PHOSPHATE' 'C21 H28 N7 O17 P3'
SF4 non-polymer 'IRON/SULFUR CLUSTER' 'Fe4 S4'
TDR non-polymer THYMINE 'C5 H6 N2 O2'
#
# COMPACT_ATOMS: atom_id res chain seq x y z
N PRO A 3 26.67 52.53 31.75
CA PRO A 3 27.45 51.29 31.89
C PRO A 3 27.17 50.31 30.76
N VAL A 4 27.98 49.25 30.66
CA VAL A 4 27.78 48.22 29.64
C VAL A 4 26.78 47.23 30.21
N LEU A 5 25.53 47.34 29.78
CA LEU A 5 24.50 46.45 30.31
C LEU A 5 24.78 44.99 29.98
N SER A 6 25.34 44.70 28.81
CA SER A 6 25.51 43.32 28.39
C SER A 6 26.79 42.66 28.89
N LYS A 7 27.51 43.27 29.84
CA LYS A 7 28.64 42.63 30.50
C LYS A 7 28.37 42.45 31.98
N ASP A 8 28.83 41.32 32.51
CA ASP A 8 28.80 41.04 33.93
C ASP A 8 29.75 41.98 34.68
N VAL A 9 29.25 42.64 35.73
CA VAL A 9 30.12 43.41 36.62
C VAL A 9 31.01 42.41 37.37
N ALA A 10 32.03 42.92 38.06
CA ALA A 10 33.08 42.05 38.56
C ALA A 10 32.55 41.03 39.56
N ASP A 11 31.58 41.41 40.39
CA ASP A 11 31.14 40.47 41.39
C ASP A 11 30.32 39.33 40.80
N ILE A 12 29.71 39.54 39.62
CA ILE A 12 29.05 38.41 38.95
C ILE A 12 30.09 37.55 38.24
N GLU A 13 31.08 38.18 37.62
CA GLU A 13 32.21 37.44 37.09
C GLU A 13 32.76 36.50 38.14
N SER A 14 32.85 36.98 39.38
CA SER A 14 33.34 36.15 40.46
C SER A 14 32.37 35.01 40.80
N ILE A 15 31.06 35.30 40.87
CA ILE A 15 30.12 34.22 41.14
C ILE A 15 30.18 33.16 40.03
N LEU A 16 30.48 33.59 38.81
CA LEU A 16 30.57 32.72 37.63
C LEU A 16 31.90 31.99 37.49
N ALA A 17 32.79 32.03 38.50
CA ALA A 17 34.16 31.55 38.32
C ALA A 17 34.20 30.07 37.95
N LEU A 18 33.30 29.26 38.51
CA LEU A 18 33.29 27.82 38.31
C LEU A 18 32.32 27.38 37.22
N ASN A 19 31.72 28.33 36.51
CA ASN A 19 30.75 28.01 35.48
C ASN A 19 31.48 27.37 34.29
N PRO A 20 30.92 26.29 33.71
CA PRO A 20 31.54 25.64 32.55
C PRO A 20 31.75 26.63 31.41
N ARG A 21 32.89 26.49 30.73
CA ARG A 21 33.18 27.31 29.56
C ARG A 21 33.79 26.42 28.48
N THR A 22 33.68 26.87 27.24
CA THR A 22 34.29 26.18 26.12
C THR A 22 35.82 26.30 26.22
N GLN A 23 36.50 25.18 26.11
CA GLN A 23 37.97 25.18 26.11
C GLN A 23 38.51 25.20 24.68
N SER A 24 39.57 25.99 24.48
CA SER A 24 40.18 26.08 23.16
C SER A 24 41.48 25.32 23.07
N HIS A 25 42.00 24.80 24.19
CA HIS A 25 43.30 24.16 24.21
C HIS A 25 43.23 22.97 25.17
N ALA A 26 44.18 22.06 25.05
CA ALA A 26 44.30 21.03 26.07
C ALA A 26 44.89 21.63 27.34
N ALA A 27 44.61 20.99 28.47
CA ALA A 27 44.92 21.56 29.77
C ALA A 27 46.18 20.93 30.34
N LEU A 28 47.05 21.75 30.96
CA LEU A 28 48.31 21.30 31.51
C LEU A 28 48.22 21.18 33.03
N HIS A 29 48.46 19.98 33.55
CA HIS A 29 48.43 19.69 34.98
C HIS A 29 49.42 18.57 35.21
N SER A 30 50.43 18.83 36.02
CA SER A 30 51.49 17.84 36.20
C SER A 30 50.98 16.64 36.99
N THR A 31 51.62 15.50 36.75
CA THR A 31 51.22 14.25 37.41
C THR A 31 51.34 14.37 38.91
N LEU A 32 52.37 15.10 39.38
CA LEU A 32 52.56 15.31 40.81
C LEU A 32 51.42 16.12 41.41
N ALA A 33 51.06 17.23 40.76
CA ALA A 33 49.95 18.03 41.25
C ALA A 33 48.64 17.25 41.24
N LYS A 34 48.44 16.39 40.22
CA LYS A 34 47.24 15.58 40.16
C LYS A 34 47.19 14.56 41.30
N LYS A 35 48.34 13.97 41.65
CA LYS A 35 48.38 13.05 42.79
C LYS A 35 47.94 13.74 44.07
N LEU A 36 48.39 14.98 44.27
CA LEU A 36 48.04 15.70 45.49
C LEU A 36 46.58 16.11 45.48
N ASP A 37 46.06 16.52 44.32
CA ASP A 37 44.69 17.01 44.26
C ASP A 37 43.65 15.90 44.35
N LYS A 38 44.00 14.69 43.91
CA LYS A 38 43.08 13.56 44.00
C LYS A 38 42.49 13.42 45.39
N LYS A 39 43.33 13.56 46.43
CA LYS A 39 42.88 13.34 47.79
C LYS A 39 41.78 14.31 48.19
N HIS A 40 41.73 15.49 47.57
CA HIS A 40 40.76 16.49 48.00
C HIS A 40 39.31 16.11 47.66
N TRP A 41 39.11 15.33 46.59
CA TRP A 41 37.77 15.05 46.09
C TRP A 41 37.31 13.63 46.35
N LYS A 42 38.13 12.81 47.01
CA LYS A 42 37.90 11.36 47.06
C LYS A 42 36.62 11.01 47.80
N ARG A 43 35.76 10.22 47.15
CA ARG A 43 34.48 9.77 47.73
C ARG A 43 34.54 8.35 48.29
N ASN A 44 35.22 7.45 47.60
CA ASN A 44 35.14 6.01 47.85
C ASN A 44 36.32 5.54 48.71
N PRO A 45 36.38 4.26 49.09
CA PRO A 45 37.56 3.78 49.82
C PRO A 45 38.88 4.05 49.09
N ASP A 46 39.89 4.41 49.87
CA ASP A 46 41.25 4.57 49.38
C ASP A 46 41.93 3.21 49.45
N LYS A 47 42.44 2.74 48.31
CA LYS A 47 43.12 1.45 48.33
C LYS A 47 44.43 1.49 49.11
N ASN A 48 44.87 2.67 49.56
CA ASN A 48 46.13 2.84 50.28
C ASN A 48 45.96 3.17 51.76
N CYS A 49 44.75 3.16 52.31
CA CYS A 49 44.58 3.22 53.76
C CYS A 49 44.40 1.80 54.25
N PHE A 50 45.23 1.39 55.21
CA PHE A 50 45.23 0.01 55.67
C PHE A 50 44.47 -0.19 56.97
N HIS A 51 44.35 0.84 57.80
CA HIS A 51 43.80 0.66 59.14
C HIS A 51 42.28 0.74 59.14
N CYS A 52 41.69 0.05 60.12
CA CYS A 52 40.24 0.10 60.35
C CYS A 52 39.80 1.54 60.56
N GLU A 53 38.62 1.88 60.04
CA GLU A 53 37.95 3.07 60.54
C GLU A 53 37.50 2.79 61.96
N LYS A 54 37.44 3.84 62.79
CA LYS A 54 37.00 3.62 64.16
C LYS A 54 35.48 3.38 64.17
N LEU A 55 35.07 2.26 64.77
CA LEU A 55 33.68 1.82 64.69
C LEU A 55 33.14 1.43 66.05
N GLU A 56 33.87 1.76 67.12
CA GLU A 56 33.44 1.33 68.44
C GLU A 56 32.10 1.94 68.78
N ASN A 57 31.16 1.09 69.20
CA ASN A 57 29.79 1.49 69.54
C ASN A 57 29.07 2.14 68.37
N ASN A 58 29.48 1.88 67.13
CA ASN A 58 28.81 2.45 65.97
C ASN A 58 27.93 1.39 65.34
N PHE A 59 26.62 1.44 65.61
CA PHE A 59 25.69 0.45 65.09
C PHE A 59 24.81 1.03 63.98
N ASP A 60 25.30 2.06 63.30
CA ASP A 60 24.62 2.65 62.15
C ASP A 60 24.55 1.62 61.01
N ASP A 61 23.48 1.74 60.22
CA ASP A 61 23.21 0.81 59.12
C ASP A 61 24.35 0.83 58.10
N ILE A 62 24.96 -0.34 57.86
CA ILE A 62 26.05 -0.44 56.89
C ILE A 62 25.63 -1.20 55.64
N LYS A 63 24.35 -1.52 55.49
CA LYS A 63 23.94 -2.28 54.31
C LYS A 63 24.13 -1.42 53.06
N HIS A 64 24.72 -2.01 52.03
CA HIS A 64 24.82 -1.33 50.75
C HIS A 64 23.48 -1.25 50.04
N THR A 65 22.49 -2.02 50.47
CA THR A 65 21.26 -2.15 49.71
C THR A 65 20.16 -1.18 50.16
N THR A 66 20.38 -0.48 51.28
CA THR A 66 19.34 0.38 51.84
C THR A 66 19.04 1.52 50.87
N LEU A 67 17.75 1.81 50.67
CA LEU A 67 17.30 2.82 49.73
C LEU A 67 16.43 3.89 50.39
N GLY A 68 16.65 5.15 50.00
CA GLY A 68 15.68 6.21 50.23
C GLY A 68 14.62 6.26 49.11
N GLU A 69 13.67 7.20 49.23
CA GLU A 69 12.59 7.21 48.22
C GLU A 69 13.13 7.55 46.84
N ARG A 70 14.02 8.55 46.74
CA ARG A 70 14.62 8.92 45.46
C ARG A 70 15.27 7.73 44.77
N GLY A 71 16.10 6.98 45.52
CA GLY A 71 16.78 5.83 44.94
C GLY A 71 15.85 4.69 44.63
N ALA A 72 14.85 4.45 45.50
CA ALA A 72 13.89 3.37 45.26
C ALA A 72 13.08 3.63 44.00
N LEU A 73 12.65 4.88 43.82
CA LEU A 73 11.87 5.21 42.62
C LEU A 73 12.71 4.97 41.37
N ARG A 74 13.98 5.40 41.38
CA ARG A 74 14.87 5.13 40.25
C ARG A 74 14.99 3.64 39.97
N GLU A 75 15.27 2.86 41.01
CA GLU A 75 15.54 1.45 40.79
C GLU A 75 14.28 0.69 40.39
N ALA A 76 13.15 1.04 40.97
CA ALA A 76 11.90 0.39 40.60
C ALA A 76 11.51 0.71 39.16
N MET A 77 11.76 1.95 38.69
CA MET A 77 11.54 2.23 37.27
C MET A 77 12.50 1.48 36.36
N ARG A 78 13.66 1.06 36.88
CA ARG A 78 14.60 0.31 36.07
C ARG A 78 14.17 -1.14 35.87
N CYS A 79 13.53 -1.74 36.86
CA CYS A 79 13.11 -3.14 36.75
C CYS A 79 12.21 -3.35 35.53
N LEU A 80 12.49 -4.41 34.77
CA LEU A 80 11.72 -4.69 33.57
C LEU A 80 10.34 -5.25 33.87
N LYS A 81 10.09 -5.61 35.13
CA LYS A 81 8.78 -6.11 35.58
C LYS A 81 8.35 -7.30 34.72
N CYS A 82 9.20 -8.33 34.76
CA CYS A 82 9.22 -9.40 33.79
C CYS A 82 8.03 -10.35 33.92
N ALA A 83 7.69 -10.98 32.79
CA ALA A 83 6.71 -12.05 32.78
C ALA A 83 7.32 -13.29 33.41
N ASP A 84 6.52 -14.02 34.21
CA ASP A 84 6.95 -15.32 34.76
C ASP A 84 8.33 -15.20 35.42
N ALA A 85 8.51 -14.12 36.18
CA ALA A 85 9.83 -13.58 36.50
C ALA A 85 10.74 -14.60 37.18
N PRO A 86 11.99 -14.75 36.73
CA PRO A 86 12.90 -15.68 37.40
C PRO A 86 13.30 -15.24 38.80
N CYS A 87 13.23 -13.94 39.12
CA CYS A 87 13.51 -13.53 40.49
C CYS A 87 12.49 -14.14 41.45
N GLN A 88 11.21 -14.14 41.07
CA GLN A 88 10.20 -14.79 41.90
C GLN A 88 10.42 -16.30 41.98
N LYS A 89 10.76 -16.93 40.85
CA LYS A 89 11.08 -18.35 40.87
C LYS A 89 12.21 -18.65 41.84
N SER A 90 13.13 -17.71 42.01
CA SER A 90 14.31 -17.89 42.84
C SER A 90 14.11 -17.37 44.26
N CYS A 91 12.90 -16.89 44.59
CA CYS A 91 12.58 -16.44 45.94
C CYS A 91 11.91 -17.56 46.71
N PRO A 92 12.46 -18.00 47.84
CA PRO A 92 11.85 -19.11 48.57
C PRO A 92 10.42 -18.89 49.00
N THR A 93 9.97 -17.65 49.26
CA THR A 93 8.57 -17.43 49.60
C THR A 93 7.72 -17.09 48.39
N HIS A 94 8.30 -17.12 47.17
CA HIS A 94 7.56 -16.86 45.93
C HIS A 94 6.93 -15.47 45.86
N LEU A 95 7.62 -14.47 46.41
CA LEU A 95 7.12 -13.09 46.32
C LEU A 95 6.88 -12.67 44.89
N ASP A 96 5.72 -12.05 44.64
CA ASP A 96 5.46 -11.49 43.31
C ASP A 96 6.26 -10.19 43.19
N ILE A 97 7.54 -10.34 42.81
CA ILE A 97 8.46 -9.21 42.77
C ILE A 97 8.06 -8.22 41.68
N LYS A 98 7.69 -8.72 40.50
CA LYS A 98 7.19 -7.86 39.43
C LYS A 98 6.09 -6.93 39.91
N SER A 99 5.13 -7.48 40.66
CA SER A 99 3.99 -6.65 41.09
C SER A 99 4.40 -5.65 42.17
N PHE A 100 5.19 -6.07 43.17
CA PHE A 100 5.46 -5.08 44.23
C PHE A 100 6.40 -3.99 43.73
N ILE A 101 7.32 -4.31 42.80
CA ILE A 101 8.21 -3.29 42.27
C ILE A 101 7.45 -2.34 41.34
N THR A 102 6.49 -2.87 40.57
CA THR A 102 5.62 -1.99 39.81
C THR A 102 4.91 -1.00 40.72
N SER A 103 4.41 -1.47 41.87
CA SER A 103 3.74 -0.56 42.81
C SER A 103 4.70 0.52 43.32
N ILE A 104 5.95 0.17 43.60
CA ILE A 104 6.90 1.19 44.02
C ILE A 104 7.13 2.19 42.89
N SER A 105 7.33 1.70 41.66
CA SER A 105 7.49 2.63 40.55
C SER A 105 6.30 3.56 40.39
N ASN A 106 5.10 3.10 40.77
CA ASN A 106 3.89 3.92 40.72
C ASN A 106 3.62 4.70 42.00
N LYS A 107 4.54 4.72 42.95
CA LYS A 107 4.45 5.46 44.21
C LYS A 107 3.44 4.85 45.17
N ASN A 108 2.99 3.62 44.88
CA ASN A 108 2.02 2.93 45.73
C ASN A 108 2.78 2.02 46.70
N TYR A 109 3.33 2.62 47.76
CA TYR A 109 4.13 1.85 48.70
C TYR A 109 3.27 0.89 49.53
N TYR A 110 2.01 1.25 49.80
CA TYR A 110 1.12 0.33 50.50
C TYR A 110 0.88 -0.94 49.69
N GLY A 111 0.48 -0.78 48.42
CA GLY A 111 0.28 -1.95 47.57
C GLY A 111 1.51 -2.84 47.46
N ALA A 112 2.72 -2.23 47.48
CA ALA A 112 3.94 -3.04 47.46
C ALA A 112 4.11 -3.83 48.76
N ALA A 113 3.89 -3.17 49.90
CA ALA A 113 4.01 -3.84 51.19
C ALA A 113 2.98 -4.94 51.35
N LYS A 114 1.73 -4.67 50.96
CA LYS A 114 0.68 -5.67 51.08
C LYS A 114 1.06 -6.91 50.29
N MET A 115 1.63 -6.72 49.12
CA MET A 115 2.00 -7.85 48.28
C MET A 115 3.22 -8.57 48.83
N ILE A 116 4.17 -7.83 49.40
CA ILE A 116 5.31 -8.46 50.06
C ILE A 116 4.85 -9.31 51.23
N PHE A 117 4.06 -8.71 52.12
CA PHE A 117 3.69 -9.39 53.35
C PHE A 117 2.66 -10.49 53.11
N SER A 118 1.92 -10.41 52.00
CA SER A 118 0.99 -11.50 51.65
C SER A 118 1.72 -12.82 51.53
N ASP A 119 2.90 -12.83 50.93
CA ASP A 119 3.65 -14.07 50.80
C ASP A 119 4.77 -14.23 51.82
N ASN A 120 5.14 -13.17 52.57
CA ASN A 120 6.25 -13.24 53.52
C ASN A 120 5.94 -12.35 54.72
N PRO A 121 5.49 -12.91 55.84
CA PRO A 121 5.09 -12.10 57.00
C PRO A 121 6.26 -11.43 57.69
N LEU A 122 7.49 -11.77 57.32
CA LEU A 122 8.68 -11.05 57.77
C LEU A 122 9.29 -10.30 56.60
N GLY A 123 8.46 -9.63 55.79
CA GLY A 123 8.93 -9.00 54.59
C GLY A 123 10.02 -7.96 54.83
N LEU A 124 9.93 -7.23 55.93
CA LEU A 124 10.92 -6.18 56.18
C LEU A 124 12.26 -6.79 56.57
N THR A 125 12.25 -7.69 57.56
CA THR A 125 13.45 -8.43 57.93
C THR A 125 14.14 -9.01 56.70
N CYS A 126 13.38 -9.72 55.85
CA CYS A 126 13.99 -10.38 54.70
C CYS A 126 14.50 -9.37 53.66
N GLY A 127 13.81 -8.25 53.48
CA GLY A 127 14.37 -7.22 52.63
C GLY A 127 15.72 -6.74 53.12
N MET A 128 15.90 -6.67 54.42
CA MET A 128 17.19 -6.27 54.96
C MET A 128 18.27 -7.36 54.92
N VAL A 129 17.92 -8.63 55.05
CA VAL A 129 18.92 -9.66 55.37
C VAL A 129 19.03 -10.76 54.34
N CYS A 130 18.10 -10.88 53.39
CA CYS A 130 18.17 -12.00 52.44
C CYS A 130 19.52 -11.95 51.72
N PRO A 131 20.20 -13.08 51.61
CA PRO A 131 21.39 -13.12 50.73
C PRO A 131 20.97 -13.12 49.27
N THR A 132 20.48 -11.98 48.78
CA THR A 132 19.75 -11.98 47.51
C THR A 132 20.59 -12.50 46.35
N SER A 133 21.92 -12.38 46.43
CA SER A 133 22.74 -12.82 45.29
C SER A 133 22.66 -14.31 45.08
N ASP A 134 22.34 -15.06 46.15
CA ASP A 134 22.10 -16.49 46.11
C ASP A 134 20.61 -16.81 46.02
N LEU A 135 19.75 -15.79 45.95
CA LEU A 135 18.31 -16.03 45.88
C LEU A 135 17.72 -15.24 44.72
N CYS A 136 16.77 -14.33 45.01
CA CYS A 136 16.00 -13.66 43.95
C CYS A 136 16.90 -12.92 42.96
N VAL A 137 17.92 -12.21 43.46
CA VAL A 137 18.74 -11.38 42.57
C VAL A 137 19.63 -12.23 41.65
N GLY A 138 20.04 -13.42 42.08
CA GLY A 138 20.82 -14.29 41.19
C GLY A 138 20.06 -14.78 39.98
N GLY A 139 18.73 -14.70 40.00
CA GLY A 139 17.93 -15.02 38.84
C GLY A 139 17.52 -13.84 37.99
N CYS A 140 17.87 -12.61 38.40
CA CYS A 140 17.33 -11.41 37.74
C CYS A 140 17.78 -11.31 36.29
N ASN A 141 16.84 -11.10 35.37
CA ASN A 141 17.17 -10.99 33.94
C ASN A 141 18.14 -9.83 33.66
N LEU A 142 18.01 -8.73 34.40
CA LEU A 142 18.87 -7.58 34.13
C LEU A 142 20.33 -7.84 34.53
N TYR A 143 20.62 -9.00 35.12
CA TYR A 143 22.02 -9.42 35.19
C TYR A 143 22.66 -9.40 33.83
N ALA A 144 21.89 -9.67 32.77
CA ALA A 144 22.39 -9.70 31.41
C ALA A 144 22.64 -8.31 30.83
N THR A 145 22.44 -7.23 31.59
CA THR A 145 22.84 -5.89 31.17
C THR A 145 24.06 -5.42 31.97
N GLU A 146 24.81 -4.49 31.35
CA GLU A 146 25.99 -3.92 32.00
C GLU A 146 25.65 -3.28 33.34
N GLU A 147 24.53 -2.58 33.43
CA GLU A 147 24.21 -1.93 34.69
C GLU A 147 23.72 -2.93 35.76
N GLY A 148 23.26 -4.13 35.35
CA GLY A 148 23.17 -5.23 36.29
C GLY A 148 21.82 -5.38 36.95
N SER A 149 21.73 -6.42 37.80
CA SER A 149 20.50 -6.83 38.41
C SER A 149 19.92 -5.76 39.34
N ILE A 150 18.63 -5.91 39.58
CA ILE A 150 17.85 -5.00 40.42
C ILE A 150 18.17 -5.24 41.89
N ASN A 151 18.21 -4.15 42.67
CA ASN A 151 18.34 -4.23 44.13
C ASN A 151 16.96 -4.58 44.72
N ILE A 152 16.62 -5.87 44.64
CA ILE A 152 15.28 -6.33 45.04
C ILE A 152 15.09 -6.19 46.53
N GLY A 153 16.10 -6.59 47.31
CA GLY A 153 15.98 -6.50 48.76
C GLY A 153 15.83 -5.07 49.23
N GLY A 154 16.60 -4.16 48.63
CA GLY A 154 16.49 -2.75 49.00
C GLY A 154 15.12 -2.18 48.70
N LEU A 155 14.54 -2.58 47.57
CA LEU A 155 13.20 -2.11 47.25
C LEU A 155 12.19 -2.68 48.22
N GLN A 156 12.34 -3.97 48.56
CA GLN A 156 11.44 -4.61 49.51
C GLN A 156 11.53 -3.92 50.87
N GLN A 157 12.75 -3.66 51.32
CA GLN A 157 12.95 -2.91 52.55
C GLN A 157 12.24 -1.55 52.50
N PHE A 158 12.40 -0.82 51.39
CA PHE A 158 11.87 0.54 51.34
C PHE A 158 10.35 0.55 51.43
N ALA A 159 9.67 -0.22 50.59
CA ALA A 159 8.21 -0.21 50.63
C ALA A 159 7.72 -0.66 52.01
N SER A 160 8.40 -1.62 52.61
CA SER A 160 7.99 -2.17 53.90
C SER A 160 8.22 -1.16 55.02
N GLU A 161 9.30 -0.36 54.93
CA GLU A 161 9.58 0.71 55.89
C GLU A 161 8.56 1.84 55.79
N VAL A 162 8.17 2.23 54.58
CA VAL A 162 7.09 3.21 54.46
C VAL A 162 5.83 2.66 55.10
N PHE A 163 5.51 1.39 54.81
CA PHE A 163 4.32 0.81 55.42
C PHE A 163 4.42 0.79 56.94
N LYS A 164 5.60 0.42 57.47
CA LYS A 164 5.79 0.48 58.91
C LYS A 164 5.53 1.88 59.46
N ALA A 165 6.01 2.92 58.76
CA ALA A 165 5.75 4.29 59.18
C ALA A 165 4.28 4.69 59.06
N MET A 166 3.50 4.04 58.20
CA MET A 166 2.08 4.38 58.13
C MET A 166 1.33 3.98 59.39
N ASN A 167 1.87 3.05 60.18
CA ASN A 167 1.24 2.60 61.42
C ASN A 167 -0.17 2.09 61.19
N ILE A 168 -0.30 1.17 60.24
CA ILE A 168 -1.56 0.56 59.87
C ILE A 168 -1.54 -0.87 60.36
N PRO A 169 -2.55 -1.35 61.07
CA PRO A 169 -2.54 -2.71 61.57
C PRO A 169 -2.95 -3.74 60.52
N GLN A 170 -2.54 -4.98 60.76
CA GLN A 170 -3.10 -6.11 60.04
C GLN A 170 -4.49 -6.40 60.59
N ILE A 171 -5.42 -6.79 59.74
CA ILE A 171 -6.74 -7.19 60.19
C ILE A 171 -6.96 -8.66 59.86
N ARG A 172 -7.91 -9.24 60.59
CA ARG A 172 -8.44 -10.55 60.27
C ARG A 172 -8.85 -10.60 58.79
N ASN A 173 -8.50 -11.70 58.15
CA ASN A 173 -8.96 -12.03 56.81
C ASN A 173 -10.42 -11.63 56.66
N PRO A 174 -10.72 -10.59 55.88
CA PRO A 174 -12.11 -10.12 55.78
C PRO A 174 -12.98 -11.04 54.94
N CYS A 175 -12.41 -12.05 54.30
CA CYS A 175 -13.18 -13.07 53.61
C CYS A 175 -13.69 -14.16 54.56
N LEU A 176 -13.34 -14.09 55.84
CA LEU A 176 -13.81 -15.07 56.81
C LEU A 176 -15.18 -14.69 57.34
N PRO A 177 -15.98 -15.68 57.72
CA PRO A 177 -17.16 -15.37 58.54
C PRO A 177 -16.71 -14.81 59.87
N SER A 178 -17.64 -14.19 60.57
CA SER A 178 -17.37 -13.64 61.89
C SER A 178 -16.98 -14.75 62.86
N GLN A 179 -16.29 -14.36 63.93
CA GLN A 179 -15.69 -15.34 64.84
C GLN A 179 -16.72 -16.31 65.44
N GLU A 180 -17.96 -15.86 65.68
CA GLU A 180 -18.92 -16.77 66.29
C GLU A 180 -19.51 -17.76 65.29
N LYS A 181 -19.34 -17.55 63.99
CA LYS A 181 -19.85 -18.49 62.99
C LYS A 181 -18.77 -19.38 62.38
N MET A 182 -17.55 -19.38 62.94
CA MET A 182 -16.51 -20.28 62.49
C MET A 182 -16.80 -21.71 62.98
N PRO A 183 -16.55 -22.73 62.16
CA PRO A 183 -16.66 -24.11 62.65
C PRO A 183 -15.78 -24.35 63.87
N GLU A 184 -16.21 -25.33 64.67
CA GLU A 184 -15.47 -25.68 65.88
C GLU A 184 -14.01 -25.99 65.60
N ALA A 185 -13.70 -26.51 64.42
CA ALA A 185 -12.33 -26.91 64.10
C ALA A 185 -11.34 -25.77 64.28
N TYR A 186 -11.78 -24.54 64.03
CA TYR A 186 -10.88 -23.41 64.08
C TYR A 186 -10.56 -22.95 65.48
N SER A 187 -11.24 -23.50 66.48
CA SER A 187 -10.88 -23.25 67.86
C SER A 187 -9.93 -24.29 68.40
N ALA A 188 -9.42 -25.18 67.54
CA ALA A 188 -8.42 -26.15 67.95
C ALA A 188 -7.20 -25.47 68.57
N LYS A 189 -6.78 -25.98 69.73
CA LYS A 189 -5.59 -25.46 70.42
C LYS A 189 -4.32 -25.82 69.65
N ILE A 190 -3.56 -24.81 69.21
CA ILE A 190 -2.35 -25.02 68.41
C ILE A 190 -1.15 -24.49 69.20
N ALA A 191 -0.09 -25.29 69.25
CA ALA A 191 1.13 -24.92 69.94
C ALA A 191 2.26 -24.79 68.92
N LEU A 192 3.06 -23.75 69.05
CA LEU A 192 4.29 -23.58 68.29
C LEU A 192 5.43 -23.37 69.27
N LEU A 193 6.57 -24.00 69.02
CA LEU A 193 7.69 -23.98 69.94
C LEU A 193 8.76 -23.11 69.31
N GLY A 194 9.13 -22.03 70.01
CA GLY A 194 10.15 -21.11 69.54
C GLY A 194 9.60 -19.90 68.82
N ALA A 195 9.96 -18.68 69.22
CA ALA A 195 9.39 -17.51 68.55
C ALA A 195 10.38 -16.89 67.55
N GLY A 196 10.89 -17.72 66.65
CA GLY A 196 11.71 -17.25 65.56
C GLY A 196 10.92 -17.16 64.25
N PRO A 197 11.63 -16.84 63.16
CA PRO A 197 10.96 -16.68 61.85
C PRO A 197 10.01 -17.82 61.47
N ALA A 198 10.42 -19.07 61.70
CA ALA A 198 9.61 -20.20 61.22
C ALA A 198 8.25 -20.21 61.90
N SER A 199 8.23 -20.05 63.23
CA SER A 199 6.97 -20.08 63.96
C SER A 199 6.16 -18.81 63.75
N ILE A 200 6.82 -17.65 63.65
CA ILE A 200 6.09 -16.41 63.40
C ILE A 200 5.32 -16.51 62.09
N SER A 201 5.96 -17.08 61.08
CA SER A 201 5.33 -17.27 59.80
C SER A 201 4.19 -18.28 59.89
N CYS A 202 4.46 -19.41 60.52
CA CYS A 202 3.44 -20.46 60.61
C CYS A 202 2.21 -19.96 61.37
N ALA A 203 2.43 -19.34 62.52
CA ALA A 203 1.31 -18.82 63.30
C ALA A 203 0.54 -17.77 62.52
N SER A 204 1.27 -16.92 61.77
CA SER A 204 0.62 -15.90 60.97
C SER A 204 -0.36 -16.51 59.97
N PHE A 205 0.11 -17.48 59.18
CA PHE A 205 -0.75 -18.06 58.16
C PHE A 205 -1.89 -18.86 58.78
N LEU A 206 -1.63 -19.53 59.90
CA LEU A 206 -2.72 -20.24 60.56
C LEU A 206 -3.79 -19.26 61.02
N ALA A 207 -3.36 -18.11 61.55
CA ALA A 207 -4.35 -17.13 62.00
C ALA A 207 -5.09 -16.54 60.81
N ARG A 208 -4.39 -16.28 59.71
CA ARG A 208 -5.08 -15.86 58.48
C ARG A 208 -6.17 -16.85 58.09
N LEU A 209 -5.90 -18.15 58.24
CA LEU A 209 -6.91 -19.15 57.90
C LEU A 209 -8.09 -19.11 58.84
N GLY A 210 -7.96 -18.47 60.00
CA GLY A 210 -9.08 -18.34 60.92
C GLY A 210 -8.89 -19.02 62.25
N TYR A 211 -7.79 -19.74 62.47
CA TYR A 211 -7.58 -20.37 63.77
C TYR A 211 -7.44 -19.32 64.85
N SER A 212 -8.14 -19.51 65.96
CA SER A 212 -8.26 -18.48 66.98
C SER A 212 -7.61 -18.84 68.30
N ASP A 213 -6.91 -19.98 68.40
CA ASP A 213 -6.24 -20.37 69.65
C ASP A 213 -4.83 -20.85 69.32
N ILE A 214 -3.95 -19.89 69.01
CA ILE A 214 -2.59 -20.16 68.59
C ILE A 214 -1.65 -19.57 69.65
N THR A 215 -0.74 -20.39 70.18
CA THR A 215 0.22 -19.92 71.18
C THR A 215 1.62 -20.35 70.80
N ILE A 216 2.53 -19.38 70.68
CA ILE A 216 3.95 -19.64 70.54
C ILE A 216 4.58 -19.67 71.94
N PHE A 217 5.24 -20.76 72.28
CA PHE A 217 6.00 -20.87 73.53
C PHE A 217 7.47 -20.61 73.24
N GLU A 218 8.06 -19.64 73.94
CA GLU A 218 9.42 -19.20 73.67
C GLU A 218 10.29 -19.42 74.91
N LYS A 219 11.43 -20.08 74.71
CA LYS A 219 12.32 -20.36 75.82
C LYS A 219 12.82 -19.08 76.47
N GLN A 220 13.26 -18.11 75.65
CA GLN A 220 13.95 -16.93 76.16
C GLN A 220 12.96 -15.84 76.54
N GLU A 221 13.49 -14.70 77.01
CA GLU A 221 12.66 -13.56 77.39
C GLU A 221 12.56 -12.53 76.30
N TYR A 222 13.12 -12.79 75.14
CA TYR A 222 13.01 -11.93 73.98
C TYR A 222 12.35 -12.76 72.88
N VAL A 223 11.75 -12.09 71.89
CA VAL A 223 11.12 -12.78 70.78
C VAL A 223 11.85 -12.41 69.50
N GLY A 224 11.66 -13.23 68.47
CA GLY A 224 12.28 -13.00 67.18
C GLY A 224 13.37 -13.99 66.81
N GLY A 225 13.82 -14.84 67.73
CA GLY A 225 14.86 -15.79 67.36
C GLY A 225 16.16 -15.09 67.03
N LEU A 226 16.88 -15.64 66.03
CA LEU A 226 18.21 -15.13 65.69
C LEU A 226 18.16 -13.70 65.16
N SER A 227 17.06 -13.31 64.52
CA SER A 227 16.84 -11.92 64.09
C SER A 227 17.05 -10.95 65.24
N THR A 228 16.72 -11.38 66.45
CA THR A 228 16.86 -10.58 67.65
C THR A 228 18.17 -10.85 68.38
N SER A 229 18.55 -12.12 68.52
CA SER A 229 19.61 -12.48 69.44
C SER A 229 21.00 -12.39 68.80
N GLU A 230 21.11 -12.51 67.46
CA GLU A 230 22.44 -12.60 66.87
C GLU A 230 22.66 -11.74 65.63
N ILE A 231 21.68 -11.55 64.76
CA ILE A 231 21.94 -10.69 63.59
C ILE A 231 22.21 -9.26 64.08
N PRO A 232 23.33 -8.65 63.69
CA PRO A 232 23.70 -7.35 64.29
C PRO A 232 22.72 -6.24 63.98
N GLN A 233 22.58 -5.35 64.95
CA GLN A 233 21.74 -4.17 64.79
C GLN A 233 22.10 -3.36 63.56
N PHE A 234 23.38 -3.37 63.13
CA PHE A 234 23.78 -2.57 61.98
C PHE A 234 23.43 -3.21 60.65
N ARG A 235 22.83 -4.39 60.66
CA ARG A 235 22.15 -4.92 59.49
C ARG A 235 20.64 -5.02 59.68
N LEU A 236 20.18 -5.31 60.89
CA LEU A 236 18.76 -5.57 61.13
C LEU A 236 18.34 -4.87 62.42
N PRO A 237 17.78 -3.66 62.33
CA PRO A 237 17.35 -2.95 63.54
C PRO A 237 16.26 -3.75 64.24
N TYR A 238 16.37 -3.81 65.57
CA TYR A 238 15.42 -4.59 66.33
C TYR A 238 13.98 -4.09 66.15
N ASP A 239 13.78 -2.80 65.85
CA ASP A 239 12.41 -2.32 65.75
C ASP A 239 11.68 -2.90 64.54
N VAL A 240 12.43 -3.37 63.53
CA VAL A 240 11.83 -4.15 62.46
C VAL A 240 11.22 -5.44 63.00
N VAL A 241 12.01 -6.20 63.77
CA VAL A 241 11.53 -7.45 64.34
C VAL A 241 10.27 -7.20 65.16
N ASN A 242 10.30 -6.16 66.00
CA ASN A 242 9.15 -5.84 66.84
C ASN A 242 7.92 -5.49 65.99
N PHE A 243 8.12 -4.73 64.90
CA PHE A 243 7.03 -4.40 63.98
C PHE A 243 6.37 -5.64 63.40
N GLU A 244 7.17 -6.58 62.90
CA GLU A 244 6.59 -7.77 62.28
C GLU A 244 5.86 -8.63 63.30
N ILE A 245 6.39 -8.73 64.52
CA ILE A 245 5.70 -9.48 65.55
C ILE A 245 4.41 -8.78 65.99
N GLU A 246 4.40 -7.43 66.01
CA GLU A 246 3.17 -6.69 66.27
C GLU A 246 2.09 -7.03 65.25
N LEU A 247 2.45 -7.06 63.97
CA LEU A 247 1.47 -7.38 62.93
C LEU A 247 0.87 -8.75 63.15
N MET A 248 1.71 -9.75 63.45
CA MET A 248 1.22 -11.07 63.87
C MET A 248 0.21 -10.98 65.00
N LYS A 249 0.56 -10.26 66.07
CA LYS A 249 -0.31 -10.23 67.24
C LYS A 249 -1.67 -9.61 66.92
N ASP A 250 -1.74 -8.74 65.90
CA ASP A 250 -3.03 -8.21 65.43
C ASP A 250 -3.98 -9.33 65.03
N LEU A 251 -3.45 -10.49 64.60
CA LEU A 251 -4.30 -11.62 64.25
C LEU A 251 -4.67 -12.47 65.45
N GLY A 252 -4.20 -12.12 66.64
CA GLY A 252 -4.60 -12.82 67.84
C GLY A 252 -3.65 -13.90 68.31
N VAL A 253 -2.53 -14.11 67.61
CA VAL A 253 -1.53 -15.05 68.10
C VAL A 253 -1.04 -14.62 69.46
N LYS A 254 -0.88 -15.59 70.36
CA LYS A 254 -0.34 -15.37 71.69
C LYS A 254 1.10 -15.87 71.74
N ILE A 255 1.92 -15.20 72.55
CA ILE A 255 3.31 -15.57 72.73
C ILE A 255 3.56 -15.63 74.23
N ILE A 256 4.15 -16.73 74.69
CA ILE A 256 4.44 -16.91 76.11
C ILE A 256 5.93 -17.15 76.25
N CYS A 257 6.62 -16.21 76.87
CA CYS A 257 8.06 -16.30 77.06
C CYS A 257 8.39 -17.09 78.32
N GLY A 258 9.63 -17.56 78.40
CA GLY A 258 10.09 -18.39 79.51
C GLY A 258 9.53 -19.81 79.59
N LYS A 259 9.02 -20.35 78.48
CA LYS A 259 8.50 -21.72 78.45
C LYS A 259 9.31 -22.52 77.44
N SER A 260 9.97 -23.57 77.90
CA SER A 260 10.85 -24.35 77.03
C SER A 260 10.20 -25.66 76.63
N LEU A 261 10.46 -26.07 75.38
CA LEU A 261 10.33 -27.48 75.02
C LEU A 261 11.51 -28.21 75.62
N SER A 262 11.25 -28.97 76.69
CA SER A 262 12.31 -29.60 77.45
C SER A 262 11.62 -30.53 78.45
N GLU A 263 12.37 -31.53 78.92
CA GLU A 263 11.71 -32.75 79.38
C GLU A 263 10.83 -32.50 80.61
N ASN A 264 11.30 -31.73 81.58
CA ASN A 264 10.39 -31.43 82.70
C ASN A 264 9.65 -30.11 82.52
N GLU A 265 9.51 -29.65 81.28
CA GLU A 265 8.70 -28.48 80.97
C GLU A 265 7.69 -28.90 79.90
N ILE A 266 7.73 -28.28 78.72
CA ILE A 266 6.80 -28.65 77.65
C ILE A 266 7.38 -29.83 76.88
N THR A 267 6.60 -30.89 76.72
CA THR A 267 6.94 -32.00 75.83
C THR A 267 5.75 -32.26 74.90
N LEU A 268 6.02 -33.03 73.83
CA LEU A 268 4.92 -33.42 72.96
C LEU A 268 3.84 -34.14 73.77
N ASN A 269 4.25 -35.00 74.72
CA ASN A 269 3.31 -35.73 75.55
C ASN A 269 2.44 -34.78 76.38
N THR A 270 3.06 -33.83 77.08
CA THR A 270 2.25 -32.95 77.91
C THR A 270 1.38 -32.03 77.07
N LEU A 271 1.84 -31.61 75.89
CA LEU A 271 0.93 -30.87 75.01
C LEU A 271 -0.27 -31.73 74.62
N LYS A 272 -0.04 -33.01 74.34
CA LYS A 272 -1.14 -33.91 74.00
C LYS A 272 -2.11 -34.05 75.17
N GLU A 273 -1.61 -34.40 76.36
CA GLU A 273 -2.51 -34.47 77.51
C GLU A 273 -3.16 -33.12 77.81
N GLU A 274 -2.49 -32.00 77.54
CA GLU A 274 -3.14 -30.71 77.78
C GLU A 274 -4.21 -30.37 76.74
N GLY A 275 -4.41 -31.18 75.70
CA GLY A 275 -5.46 -30.93 74.73
C GLY A 275 -5.03 -30.18 73.49
N TYR A 276 -3.73 -29.99 73.26
CA TYR A 276 -3.30 -29.34 72.04
C TYR A 276 -3.48 -30.29 70.86
N LYS A 277 -3.98 -29.78 69.74
CA LYS A 277 -4.28 -30.66 68.62
C LYS A 277 -3.18 -30.71 67.57
N ALA A 278 -2.27 -29.74 67.56
CA ALA A 278 -1.19 -29.73 66.60
C ALA A 278 -0.06 -28.92 67.20
N ALA A 279 1.17 -29.26 66.82
CA ALA A 279 2.36 -28.59 67.31
C ALA A 279 3.29 -28.33 66.13
N PHE A 280 3.84 -27.12 66.08
CA PHE A 280 4.92 -26.77 65.14
C PHE A 280 6.21 -26.56 65.92
N ILE A 281 7.27 -27.29 65.56
CA ILE A 281 8.58 -27.17 66.21
C ILE A 281 9.43 -26.20 65.41
N GLY A 282 9.64 -25.00 65.94
CA GLY A 282 10.53 -24.04 65.30
C GLY A 282 11.60 -23.50 66.24
N ILE A 283 12.31 -24.39 66.94
CA ILE A 283 13.26 -23.96 67.96
C ILE A 283 14.67 -23.75 67.40
N GLY A 284 14.84 -23.90 66.09
CA GLY A 284 16.16 -23.73 65.56
C GLY A 284 17.22 -24.67 66.13
N LEU A 285 18.47 -24.20 66.06
CA LEU A 285 19.66 -24.93 66.50
C LEU A 285 20.23 -24.20 67.70
N PRO A 286 19.88 -24.59 68.92
CA PRO A 286 20.10 -23.71 70.08
C PRO A 286 21.52 -23.69 70.62
N GLU A 287 22.38 -24.62 70.25
CA GLU A 287 23.68 -24.72 70.90
C GLU A 287 24.82 -24.55 69.89
N PRO A 288 25.96 -24.03 70.33
CA PRO A 288 27.08 -23.82 69.40
C PRO A 288 27.76 -25.13 69.03
N LYS A 289 28.27 -25.18 67.81
CA LYS A 289 29.17 -26.27 67.46
C LYS A 289 30.52 -26.05 68.15
N THR A 290 31.01 -27.07 68.83
CA THR A 290 32.16 -26.90 69.71
C THR A 290 33.38 -27.64 69.16
N ASP A 291 34.53 -27.26 69.70
CA ASP A 291 35.80 -27.92 69.43
C ASP A 291 36.41 -28.27 70.77
N ASP A 292 36.87 -29.52 70.91
CA ASP A 292 37.43 -29.98 72.17
C ASP A 292 38.66 -29.19 72.62
N ILE A 293 39.39 -28.58 71.70
CA ILE A 293 40.57 -27.81 72.09
C ILE A 293 40.23 -26.55 72.83
N PHE A 294 38.95 -26.20 72.95
CA PHE A 294 38.55 -24.99 73.66
C PHE A 294 37.97 -25.30 75.03
N GLN A 295 38.00 -26.56 75.44
CA GLN A 295 37.35 -27.00 76.66
C GLN A 295 37.97 -26.33 77.87
N GLY A 296 37.12 -25.79 78.74
CA GLY A 296 37.57 -25.11 79.94
C GLY A 296 37.88 -23.64 79.75
N LEU A 297 37.97 -23.16 78.52
CA LEU A 297 38.21 -21.73 78.33
C LEU A 297 36.95 -20.95 78.67
N THR A 298 37.14 -19.80 79.30
CA THR A 298 36.06 -18.99 79.85
C THR A 298 36.03 -17.63 79.18
N GLN A 299 34.89 -16.95 79.33
CA GLN A 299 34.77 -15.59 78.83
C GLN A 299 35.77 -14.66 79.50
N ASP A 300 36.04 -14.90 80.78
CA ASP A 300 37.00 -14.08 81.50
C ASP A 300 38.39 -14.15 80.87
N GLN A 301 38.76 -15.29 80.28
CA GLN A 301 40.03 -15.42 79.60
C GLN A 301 40.01 -14.87 78.18
N GLY A 302 38.82 -14.61 77.63
CA GLY A 302 38.70 -14.08 76.30
C GLY A 302 38.11 -15.01 75.28
N PHE A 303 37.58 -16.16 75.70
CA PHE A 303 36.98 -17.12 74.78
C PHE A 303 35.47 -16.97 74.76
N TYR A 304 34.90 -17.00 73.55
CA TYR A 304 33.47 -16.98 73.31
C TYR A 304 33.15 -17.94 72.18
N THR A 305 31.97 -18.56 72.26
CA THR A 305 31.33 -19.02 71.04
C THR A 305 30.52 -17.88 70.48
N SER A 306 30.19 -17.98 69.19
CA SER A 306 29.23 -17.05 68.61
C SER A 306 27.96 -17.00 69.43
N LYS A 307 27.54 -18.14 69.99
CA LYS A 307 26.35 -18.18 70.83
C LYS A 307 26.53 -17.41 72.13
N ASP A 308 27.77 -17.24 72.60
CA ASP A 308 27.99 -16.35 73.74
C ASP A 308 28.13 -14.90 73.29
N PHE A 309 28.86 -14.68 72.20
CA PHE A 309 29.30 -13.34 71.86
C PHE A 309 28.18 -12.51 71.25
N LEU A 310 27.58 -12.99 70.15
CA LEU A 310 26.61 -12.14 69.46
C LEU A 310 25.41 -11.78 70.32
N PRO A 311 24.88 -12.63 71.20
CA PRO A 311 23.80 -12.15 72.06
C PRO A 311 24.22 -11.06 73.03
N LEU A 312 25.47 -11.09 73.50
CA LEU A 312 25.97 -10.00 74.35
C LEU A 312 26.01 -8.67 73.61
N VAL A 313 26.46 -8.68 72.35
CA VAL A 313 26.51 -7.43 71.60
C VAL A 313 25.08 -6.98 71.27
N ALA A 314 24.21 -7.93 70.94
CA ALA A 314 22.81 -7.57 70.67
C ALA A 314 22.16 -6.93 71.89
N LYS A 315 22.40 -7.48 73.09
CA LYS A 315 21.79 -6.89 74.28
C LYS A 315 22.28 -5.46 74.52
N SER A 316 23.47 -5.11 74.01
CA SER A 316 23.97 -3.76 74.22
C SER A 316 23.46 -2.77 73.16
N SER A 317 23.18 -3.25 71.96
CA SER A 317 22.92 -2.35 70.84
C SER A 317 21.46 -2.29 70.40
N LYS A 318 20.59 -3.12 70.95
CA LYS A 318 19.19 -3.16 70.55
C LYS A 318 18.35 -2.66 71.71
N ALA A 319 17.84 -1.44 71.59
CA ALA A 319 17.04 -0.85 72.66
C ALA A 319 15.77 -1.69 72.87
N GLY A 320 15.66 -2.32 74.04
CA GLY A 320 14.44 -3.02 74.41
C GLY A 320 14.36 -4.47 73.99
N MET A 321 15.27 -4.96 73.13
CA MET A 321 15.43 -6.40 72.95
C MET A 321 15.43 -7.12 74.29
N CYS A 322 16.42 -6.77 75.12
CA CYS A 322 16.65 -7.29 76.47
C CYS A 322 17.07 -6.03 77.21
N ALA A 323 16.15 -5.47 77.98
CA ALA A 323 16.45 -4.26 78.73
C ALA A 323 17.71 -4.41 79.57
N CYS A 324 17.91 -5.58 80.18
CA CYS A 324 19.16 -5.90 80.87
C CYS A 324 20.33 -5.84 79.89
N HIS A 325 21.24 -4.89 80.11
CA HIS A 325 22.47 -4.82 79.33
C HIS A 325 23.66 -4.78 80.27
N SER A 326 24.61 -5.65 80.02
CA SER A 326 26.00 -5.36 80.32
C SER A 326 26.43 -4.31 79.29
N PRO A 327 27.51 -3.57 79.52
CA PRO A 327 28.06 -2.77 78.42
C PRO A 327 28.63 -3.70 77.35
N LEU A 328 29.03 -3.07 76.25
CA LEU A 328 29.68 -3.80 75.18
C LEU A 328 30.82 -4.64 75.74
N PRO A 329 30.93 -5.92 75.40
CA PRO A 329 32.03 -6.73 75.95
C PRO A 329 33.38 -6.09 75.64
N SER A 330 34.31 -6.25 76.60
CA SER A 330 35.60 -5.56 76.55
C SER A 330 36.53 -6.37 75.65
N ILE A 331 36.59 -5.96 74.39
CA ILE A 331 37.15 -6.81 73.34
C ILE A 331 38.25 -6.01 72.66
N ARG A 332 38.81 -5.03 73.38
CA ARG A 332 40.00 -4.35 72.88
C ARG A 332 41.17 -5.33 72.78
N GLY A 333 41.89 -5.29 71.66
CA GLY A 333 43.00 -6.16 71.37
C GLY A 333 42.82 -6.84 70.03
N ALA A 334 43.66 -7.83 69.76
CA ALA A 334 43.52 -8.59 68.53
C ALA A 334 42.48 -9.69 68.72
N VAL A 335 41.57 -9.82 67.77
CA VAL A 335 40.48 -10.78 67.86
C VAL A 335 40.64 -11.81 66.75
N ILE A 336 40.58 -13.08 67.13
CA ILE A 336 40.55 -14.19 66.19
C ILE A 336 39.12 -14.71 66.10
N VAL A 337 38.57 -14.72 64.91
CA VAL A 337 37.26 -15.30 64.66
C VAL A 337 37.49 -16.55 63.83
N LEU A 338 37.02 -17.68 64.33
CA LEU A 338 37.24 -18.97 63.69
C LEU A 338 36.02 -19.37 62.89
N GLY A 339 36.22 -19.71 61.63
CA GLY A 339 35.11 -20.10 60.78
C GLY A 339 34.99 -19.19 59.58
N ALA A 340 34.26 -19.65 58.56
CA ALA A 340 34.11 -18.89 57.33
C ALA A 340 32.66 -18.88 56.88
N GLY A 341 31.76 -19.36 57.71
CA GLY A 341 30.36 -19.17 57.45
C GLY A 341 29.99 -17.75 57.76
N ASP A 342 28.74 -17.44 57.45
CA ASP A 342 28.25 -16.10 57.66
C ASP A 342 28.11 -15.71 59.14
N THR A 343 28.09 -16.66 60.08
CA THR A 343 28.14 -16.27 61.49
C THR A 343 29.52 -15.70 61.85
N ALA A 344 30.58 -16.23 61.24
CA ALA A 344 31.91 -15.72 61.51
C ALA A 344 32.05 -14.27 61.08
N PHE A 345 31.49 -13.93 59.92
CA PHE A 345 31.66 -12.58 59.40
C PHE A 345 30.92 -11.55 60.25
N ASP A 346 29.75 -11.92 60.79
CA ASP A 346 29.05 -11.08 61.75
C ASP A 346 29.79 -10.96 63.06
N CYS A 347 30.49 -12.01 63.47
CA CYS A 347 31.32 -11.92 64.68
C CYS A 347 32.47 -10.95 64.46
N ALA A 348 33.04 -10.93 63.25
CA ALA A 348 34.16 -10.05 62.97
C ALA A 348 33.75 -8.57 63.00
N THR A 349 32.66 -8.24 62.28
CA THR A 349 32.21 -6.85 62.23
C THR A 349 31.65 -6.39 63.56
N SER A 350 31.05 -7.31 64.34
CA SER A 350 30.61 -6.95 65.69
C SER A 350 31.79 -6.70 66.62
N ALA A 351 32.86 -7.48 66.46
CA ALA A 351 34.03 -7.29 67.31
C ALA A 351 34.59 -5.87 67.14
N LEU A 352 34.59 -5.36 65.91
CA LEU A 352 35.03 -3.99 65.67
C LEU A 352 34.20 -2.99 66.45
N ARG A 353 32.89 -3.24 66.59
CA ARG A 353 32.07 -2.32 67.37
C ARG A 353 32.31 -2.44 68.86
N CYS A 354 32.97 -3.50 69.31
CA CYS A 354 33.35 -3.62 70.71
C CYS A 354 34.70 -2.97 71.01
N GLY A 355 35.36 -2.39 70.01
CA GLY A 355 36.66 -1.78 70.20
C GLY A 355 37.84 -2.64 69.83
N ALA A 356 37.64 -3.71 69.05
CA ALA A 356 38.76 -4.55 68.65
C ALA A 356 39.79 -3.75 67.88
N ARG A 357 41.07 -4.05 68.13
CA ARG A 357 42.15 -3.36 67.45
C ARG A 357 42.33 -3.89 66.04
N ARG A 358 42.34 -5.23 65.90
CA ARG A 358 42.40 -5.94 64.63
C ARG A 358 41.52 -7.17 64.74
N VAL A 359 41.01 -7.64 63.61
CA VAL A 359 40.22 -8.86 63.56
C VAL A 359 40.80 -9.77 62.49
N PHE A 360 41.08 -11.02 62.87
CA PHE A 360 41.47 -12.06 61.93
C PHE A 360 40.34 -13.07 61.84
N LEU A 361 39.78 -13.24 60.64
CA LEU A 361 38.97 -14.41 60.37
C LEU A 361 39.91 -15.50 59.90
N VAL A 362 39.85 -16.64 60.57
CA VAL A 362 40.74 -17.76 60.28
C VAL A 362 39.85 -18.95 59.91
N PHE A 363 40.09 -19.52 58.76
CA PHE A 363 39.32 -20.66 58.32
C PHE A 363 40.25 -21.73 57.78
N ARG A 364 39.77 -22.95 57.85
CA ARG A 364 40.60 -24.12 57.63
C ARG A 364 40.60 -24.58 56.19
N LYS A 365 39.83 -23.94 55.32
CA LYS A 365 39.89 -24.21 53.89
C LYS A 365 40.38 -22.95 53.20
N GLY A 366 40.23 -22.89 51.87
CA GLY A 366 40.70 -21.76 51.11
C GLY A 366 39.64 -20.68 50.91
N PHE A 367 40.04 -19.61 50.21
CA PHE A 367 39.06 -18.57 49.90
C PHE A 367 37.96 -19.09 49.00
N VAL A 368 38.30 -19.91 48.00
CA VAL A 368 37.29 -20.45 47.10
C VAL A 368 36.22 -21.25 47.84
N ASN A 369 36.54 -21.77 49.03
CA ASN A 369 35.64 -22.64 49.79
C ASN A 369 34.80 -21.89 50.79
N ILE A 370 34.96 -20.57 50.91
CA ILE A 370 34.10 -19.80 51.78
C ILE A 370 32.67 -19.91 51.27
N ARG A 371 31.77 -20.29 52.17
CA ARG A 371 30.36 -20.47 51.83
C ARG A 371 29.52 -19.28 52.26
N ALA A 372 30.13 -18.29 52.90
CA ALA A 372 29.47 -17.02 53.16
C ALA A 372 29.12 -16.33 51.85
N VAL A 373 28.01 -15.58 51.85
CA VAL A 373 27.55 -14.93 50.63
C VAL A 373 28.43 -13.70 50.39
N PRO A 374 28.78 -13.38 49.13
CA PRO A 374 29.69 -12.23 48.88
C PRO A 374 29.32 -10.92 49.55
N GLU A 375 28.03 -10.64 49.75
CA GLU A 375 27.66 -9.35 50.35
C GLU A 375 27.93 -9.32 51.85
N GLU A 376 27.87 -10.47 52.52
CA GLU A 376 28.39 -10.58 53.88
C GLU A 376 29.91 -10.42 53.92
N VAL A 377 30.61 -11.15 53.06
CA VAL A 377 32.07 -11.07 53.07
C VAL A 377 32.53 -9.65 52.78
N GLU A 378 31.82 -8.95 51.87
CA GLU A 378 32.28 -7.61 51.51
C GLU A 378 32.23 -6.65 52.70
N LEU A 379 31.29 -6.85 53.64
CA LEU A 379 31.21 -5.94 54.79
C LEU A 379 32.42 -6.11 55.72
N ALA A 380 32.87 -7.33 55.93
CA ALA A 380 34.07 -7.53 56.73
C ALA A 380 35.31 -7.04 55.97
N LYS A 381 35.33 -7.24 54.66
CA LYS A 381 36.46 -6.80 53.84
C LYS A 381 36.64 -5.29 53.90
N GLU A 382 35.57 -4.52 53.65
CA GLU A 382 35.68 -3.07 53.60
C GLU A 382 35.97 -2.48 54.98
N GLU A 383 35.65 -3.18 56.05
CA GLU A 383 36.01 -2.74 57.39
C GLU A 383 37.39 -3.22 57.79
N LYS A 384 38.16 -3.74 56.83
CA LYS A 384 39.58 -4.02 56.99
C LYS A 384 39.84 -5.16 57.96
N CYS A 385 38.95 -6.14 58.01
CA CYS A 385 39.28 -7.39 58.68
C CYS A 385 40.32 -8.12 57.85
N GLU A 386 41.13 -8.94 58.52
CA GLU A 386 42.13 -9.76 57.85
C GLU A 386 41.60 -11.19 57.72
N PHE A 387 42.07 -11.90 56.68
CA PHE A 387 41.59 -13.24 56.37
C PHE A 387 42.76 -14.21 56.22
N LEU A 388 42.78 -15.24 57.07
CA LEU A 388 43.84 -16.25 57.04
C LEU A 388 43.28 -17.61 56.63
N PRO A 389 43.57 -18.08 55.41
CA PRO A 389 43.05 -19.38 54.96
C PRO A 389 43.95 -20.53 55.40
N PHE A 390 43.44 -21.74 55.15
CA PHE A 390 44.24 -22.97 55.30
C PHE A 390 44.88 -23.08 56.68
N LEU A 391 44.12 -22.75 57.71
CA LEU A 391 44.61 -22.85 59.09
C LEU A 391 43.57 -23.52 59.96
N SER A 392 43.98 -24.55 60.69
CA SER A 392 43.11 -25.23 61.63
C SER A 392 43.67 -25.07 63.03
N PRO A 393 42.86 -24.67 64.00
CA PRO A 393 43.40 -24.37 65.34
C PRO A 393 43.76 -25.62 66.10
N ARG A 394 44.74 -25.47 67.00
CA ARG A 394 45.27 -26.62 67.72
C ARG A 394 45.38 -26.35 69.21
N LYS A 395 45.92 -25.18 69.58
CA LYS A 395 46.12 -24.86 70.99
C LYS A 395 45.83 -23.38 71.23
N VAL A 396 45.21 -23.09 72.37
CA VAL A 396 45.01 -21.73 72.84
C VAL A 396 45.95 -21.51 74.00
N ILE A 397 46.83 -20.52 73.86
CA ILE A 397 47.82 -20.21 74.88
C ILE A 397 47.21 -19.18 75.83
N VAL A 398 47.26 -19.48 77.13
CA VAL A 398 46.76 -18.60 78.19
C VAL A 398 47.93 -18.27 79.10
N LYS A 399 48.14 -16.97 79.35
CA LYS A 399 49.12 -16.50 80.32
C LYS A 399 48.53 -15.36 81.12
N GLY A 400 48.74 -15.38 82.43
CA GLY A 400 48.23 -14.33 83.27
C GLY A 400 46.73 -14.26 83.33
N GLY A 401 46.04 -15.39 83.11
CA GLY A 401 44.59 -15.46 83.16
C GLY A 401 43.88 -15.04 81.89
N ARG A 402 44.63 -14.80 80.82
CA ARG A 402 44.13 -14.23 79.58
C ARG A 402 44.70 -15.03 78.42
N ILE A 403 43.90 -15.19 77.36
CA ILE A 403 44.44 -15.72 76.12
C ILE A 403 45.48 -14.76 75.58
N VAL A 404 46.59 -15.30 75.08
CA VAL A 404 47.60 -14.49 74.42
C VAL A 404 47.90 -14.96 73.00
N ALA A 405 47.57 -16.18 72.64
CA ALA A 405 47.87 -16.69 71.31
C ALA A 405 47.05 -17.94 71.02
N VAL A 406 46.93 -18.25 69.73
CA VAL A 406 46.36 -19.49 69.23
C VAL A 406 47.36 -20.13 68.28
N GLN A 407 47.61 -21.41 68.45
CA GLN A 407 48.49 -22.14 67.56
C GLN A 407 47.68 -22.96 66.56
N PHE A 408 47.96 -22.76 65.28
CA PHE A 408 47.30 -23.45 64.18
C PHE A 408 48.29 -24.35 63.45
N VAL A 409 47.75 -25.33 62.73
CA VAL A 409 48.49 -26.09 61.73
C VAL A 409 47.92 -25.76 60.36
N ARG A 410 48.80 -25.73 59.37
CA ARG A 410 48.37 -25.52 57.99
C ARG A 410 47.59 -26.74 57.50
N THR A 411 46.56 -26.49 56.72
CA THR A 411 45.79 -27.51 56.05
C THR A 411 46.06 -27.48 54.55
N GLU A 412 45.78 -28.60 53.89
CA GLU A 412 45.95 -28.63 52.45
C GLU A 412 45.13 -29.77 51.85
N GLN A 413 44.72 -29.58 50.61
CA GLN A 413 44.13 -30.67 49.83
C GLN A 413 45.21 -31.36 49.02
N ASP A 414 45.08 -32.68 48.91
CA ASP A 414 45.89 -33.46 47.99
C ASP A 414 45.25 -33.41 46.61
N GLU A 415 45.08 -34.56 45.95
CA GLU A 415 44.35 -34.58 44.69
C GLU A 415 43.36 -35.73 44.66
N THR A 416 42.86 -36.14 45.82
CA THR A 416 41.59 -36.81 45.95
C THR A 416 40.55 -35.92 46.64
N GLY A 417 40.87 -34.65 46.84
CA GLY A 417 40.04 -33.77 47.61
C GLY A 417 40.14 -33.95 49.10
N LYS A 418 40.95 -34.91 49.56
CA LYS A 418 41.15 -35.09 51.00
C LYS A 418 41.80 -33.85 51.59
N TRP A 419 41.33 -33.44 52.76
CA TRP A 419 41.89 -32.31 53.47
C TRP A 419 42.84 -32.84 54.55
N ASN A 420 44.11 -32.46 54.46
CA ASN A 420 45.16 -32.97 55.35
C ASN A 420 45.61 -31.86 56.29
N GLU A 421 46.18 -32.26 57.42
CA GLU A 421 46.78 -31.33 58.38
C GLU A 421 48.28 -31.61 58.45
N ASP A 422 49.09 -30.58 58.17
CA ASP A 422 50.54 -30.70 58.13
C ASP A 422 51.12 -30.27 59.47
N GLU A 423 51.60 -31.25 60.26
CA GLU A 423 51.97 -31.00 61.64
C GLU A 423 53.24 -30.17 61.76
N ASP A 424 54.11 -30.21 60.75
CA ASP A 424 55.33 -29.43 60.80
C ASP A 424 55.16 -27.99 60.31
N GLN A 425 53.95 -27.61 59.89
CA GLN A 425 53.68 -26.27 59.36
C GLN A 425 52.70 -25.58 60.31
N ILE A 426 53.22 -24.71 61.18
CA ILE A 426 52.43 -24.13 62.27
C ILE A 426 52.41 -22.62 62.14
N VAL A 427 51.43 -22.02 62.81
CA VAL A 427 51.31 -20.57 62.97
C VAL A 427 51.03 -20.29 64.43
N HIS A 428 51.77 -19.33 64.99
CA HIS A 428 51.57 -18.84 66.35
C HIS A 428 51.04 -17.42 66.18
N LEU A 429 49.72 -17.25 66.32
CA LEU A 429 49.09 -15.96 66.09
C LEU A 429 48.70 -15.35 67.43
N LYS A 430 49.26 -14.19 67.72
CA LYS A 430 48.95 -13.51 68.97
C LYS A 430 47.53 -12.99 68.94
N ALA A 431 46.84 -13.08 70.06
CA ALA A 431 45.45 -12.63 70.14
C ALA A 431 45.05 -12.49 71.60
N ASP A 432 44.07 -11.64 71.84
CA ASP A 432 43.51 -11.44 73.17
C ASP A 432 42.12 -12.03 73.32
N VAL A 433 41.44 -12.31 72.21
CA VAL A 433 40.06 -12.78 72.19
C VAL A 433 39.92 -13.80 71.06
N VAL A 434 39.25 -14.91 71.34
CA VAL A 434 38.98 -15.93 70.34
C VAL A 434 37.47 -16.17 70.32
N ILE A 435 36.89 -16.17 69.13
CA ILE A 435 35.46 -16.40 68.95
C ILE A 435 35.30 -17.55 67.97
N SER A 436 34.72 -18.67 68.41
CA SER A 436 34.47 -19.75 67.48
C SER A 436 33.10 -19.58 66.87
N ALA A 437 33.04 -19.64 65.54
CA ALA A 437 31.82 -19.52 64.75
C ALA A 437 31.72 -20.70 63.82
N PHE A 438 31.79 -21.89 64.40
CA PHE A 438 31.71 -23.12 63.61
C PHE A 438 30.28 -23.51 63.27
N GLY A 439 29.29 -22.71 63.66
CA GLY A 439 27.90 -23.03 63.37
C GLY A 439 27.14 -23.44 64.61
N SER A 440 25.96 -24.01 64.39
CA SER A 440 25.07 -24.35 65.48
C SER A 440 24.51 -25.76 65.31
N VAL A 441 24.12 -26.37 66.42
CA VAL A 441 23.62 -27.75 66.47
C VAL A 441 22.51 -27.85 67.49
N LEU A 442 21.79 -28.98 67.45
CA LEU A 442 20.87 -29.36 68.51
C LEU A 442 21.46 -30.56 69.25
N ARG A 443 21.79 -30.38 70.53
CA ARG A 443 22.48 -31.39 71.32
C ARG A 443 21.90 -31.66 72.71
N ASP A 444 21.08 -30.77 73.26
CA ASP A 444 20.47 -30.93 74.57
C ASP A 444 19.63 -32.21 74.68
N PRO A 445 20.05 -33.19 75.50
CA PRO A 445 19.24 -34.41 75.65
C PRO A 445 17.83 -34.15 76.14
N LYS A 446 17.67 -33.18 77.04
CA LYS A 446 16.37 -32.89 77.60
C LYS A 446 15.43 -32.30 76.56
N VAL A 447 15.98 -31.55 75.60
CA VAL A 447 15.17 -31.03 74.49
C VAL A 447 14.78 -32.15 73.53
N LYS A 448 15.74 -33.00 73.13
CA LYS A 448 15.39 -34.07 72.21
C LYS A 448 14.42 -35.06 72.85
N GLU A 449 14.61 -35.34 74.14
CA GLU A 449 13.69 -36.23 74.85
C GLU A 449 12.26 -35.72 74.77
N ALA A 450 12.09 -34.39 74.83
CA ALA A 450 10.77 -33.78 74.79
C ALA A 450 10.08 -33.95 73.45
N LEU A 451 10.84 -34.29 72.40
CA LEU A 451 10.29 -34.50 71.07
C LEU A 451 9.93 -35.96 70.83
N SER A 452 10.05 -36.80 71.85
CA SER A 452 9.66 -38.19 71.73
C SER A 452 8.18 -38.28 71.37
N PRO A 453 7.80 -39.18 70.47
CA PRO A 453 8.62 -40.19 69.80
C PRO A 453 8.95 -39.88 68.34
N ILE A 454 9.09 -38.63 67.91
CA ILE A 454 9.29 -38.39 66.50
C ILE A 454 10.65 -38.92 66.08
N LYS A 455 10.76 -39.28 64.79
CA LYS A 455 11.98 -39.86 64.28
C LYS A 455 12.99 -38.78 63.94
N PHE A 456 14.25 -39.03 64.31
CA PHE A 456 15.37 -38.15 63.99
C PHE A 456 16.26 -38.83 62.96
N ASN A 457 16.92 -38.02 62.13
CA ASN A 457 17.79 -38.57 61.10
C ASN A 457 19.23 -38.67 61.60
N ARG A 458 20.10 -39.12 60.70
CA ARG A 458 21.57 -39.10 60.73
C ARG A 458 22.20 -37.94 61.51
N TRP A 459 21.69 -36.73 61.31
CA TRP A 459 22.28 -35.52 61.89
C TRP A 459 21.63 -35.16 63.22
N ASP A 460 20.85 -36.07 63.79
CA ASP A 460 20.09 -35.85 65.03
C ASP A 460 19.17 -34.63 64.88
N LEU A 461 18.59 -34.47 63.70
CA LEU A 461 17.53 -33.48 63.49
C LEU A 461 16.20 -34.18 63.21
N PRO A 462 15.07 -33.54 63.56
CA PRO A 462 13.78 -34.18 63.30
C PRO A 462 13.57 -34.37 61.81
N GLU A 463 13.07 -35.55 61.42
CA GLU A 463 12.75 -35.81 60.02
C GLU A 463 11.37 -35.29 59.70
N VAL A 464 11.25 -34.62 58.55
CA VAL A 464 9.95 -34.21 58.05
C VAL A 464 9.82 -34.68 56.61
N ASP A 465 8.57 -34.86 56.19
CA ASP A 465 8.23 -34.83 54.79
C ASP A 465 8.51 -33.43 54.22
N PRO A 466 9.39 -33.28 53.23
CA PRO A 466 9.75 -31.93 52.76
C PRO A 466 8.62 -31.22 52.03
N GLU A 467 7.57 -31.91 51.61
CA GLU A 467 6.42 -31.22 51.04
C GLU A 467 5.46 -30.70 52.11
N THR A 468 5.30 -31.41 53.22
CA THR A 468 4.24 -31.08 54.18
C THR A 468 4.76 -30.55 55.49
N MET A 469 6.04 -30.73 55.77
CA MET A 469 6.75 -30.38 56.99
C MET A 469 6.27 -31.23 58.17
N GLN A 470 5.53 -32.30 57.91
CA GLN A 470 5.05 -33.18 58.97
C GLN A 470 6.17 -34.09 59.44
N THR A 471 6.29 -34.25 60.76
CA THR A 471 7.20 -35.22 61.35
C THR A 471 6.58 -36.62 61.24
N SER A 472 7.19 -37.62 61.89
CA SER A 472 6.61 -38.95 61.89
C SER A 472 5.32 -39.00 62.70
N GLU A 473 5.08 -38.04 63.58
CA GLU A 473 3.81 -37.93 64.29
C GLU A 473 2.90 -36.99 63.52
N PRO A 474 1.73 -37.45 63.04
CA PRO A 474 0.95 -36.63 62.10
C PRO A 474 0.47 -35.31 62.66
N TRP A 475 0.40 -35.14 63.96
CA TRP A 475 -0.01 -33.86 64.55
C TRP A 475 1.16 -32.93 64.90
N VAL A 476 2.40 -33.31 64.60
CA VAL A 476 3.59 -32.54 64.94
C VAL A 476 4.33 -32.20 63.66
N PHE A 477 4.54 -30.91 63.41
CA PHE A 477 5.24 -30.40 62.25
C PHE A 477 6.50 -29.67 62.71
N ALA A 478 7.42 -29.41 61.78
CA ALA A 478 8.70 -28.79 62.11
C ALA A 478 9.21 -28.00 60.91
N GLY A 479 10.00 -26.95 61.17
CA GLY A 479 10.54 -26.17 60.07
C GLY A 479 11.59 -25.20 60.54
N GLY A 480 12.28 -24.62 59.59
CA GLY A 480 13.31 -23.65 59.89
C GLY A 480 14.64 -24.34 60.13
N ASP A 481 15.51 -23.66 60.87
CA ASP A 481 16.87 -24.18 61.09
C ASP A 481 16.84 -25.60 61.68
N ILE A 482 15.86 -25.89 62.55
CA ILE A 482 15.83 -27.18 63.27
C ILE A 482 15.80 -28.34 62.29
N VAL A 483 15.26 -28.13 61.08
CA VAL A 483 15.09 -29.21 60.12
C VAL A 483 16.34 -29.38 59.26
N GLY A 484 17.24 -28.39 59.28
CA GLY A 484 18.54 -28.54 58.64
C GLY A 484 18.53 -28.36 57.14
N MET A 485 17.44 -27.87 56.57
CA MET A 485 17.30 -27.58 55.15
C MET A 485 17.55 -26.10 54.89
N ALA A 486 16.88 -25.24 55.65
CA ALA A 486 16.97 -23.80 55.51
C ALA A 486 18.30 -23.25 56.04
N ASN A 487 18.84 -22.29 55.32
CA ASN A 487 20.01 -21.56 55.74
C ASN A 487 19.69 -20.12 56.12
N THR A 488 18.46 -19.68 55.82
CA THR A 488 18.14 -18.27 55.72
C THR A 488 16.82 -17.98 56.43
N THR A 489 16.65 -16.71 56.77
CA THR A 489 15.38 -16.25 57.32
C THR A 489 14.24 -16.57 56.37
N VAL A 490 14.42 -16.29 55.07
CA VAL A 490 13.28 -16.39 54.17
C VAL A 490 12.88 -17.85 53.94
N GLU A 491 13.87 -18.77 53.96
CA GLU A 491 13.56 -20.20 53.88
C GLU A 491 12.92 -20.72 55.16
N SER A 492 13.31 -20.18 56.33
CA SER A 492 12.61 -20.54 57.56
C SER A 492 11.18 -20.03 57.55
N VAL A 493 10.98 -18.77 57.13
CA VAL A 493 9.63 -18.26 56.92
C VAL A 493 8.82 -19.19 56.01
N ASN A 494 9.40 -19.56 54.86
CA ASN A 494 8.71 -20.44 53.93
C ASN A 494 8.35 -21.79 54.56
N ASP A 495 9.25 -22.36 55.36
CA ASP A 495 8.94 -23.62 56.05
C ASP A 495 7.66 -23.50 56.88
N GLY A 496 7.54 -22.42 57.67
CA GLY A 496 6.32 -22.25 58.47
C GLY A 496 5.09 -22.04 57.60
N LYS A 497 5.26 -21.33 56.49
CA LYS A 497 4.20 -21.15 55.51
C LYS A 497 3.73 -22.49 54.96
N GLN A 498 4.69 -23.30 54.49
CA GLN A 498 4.37 -24.62 53.96
C GLN A 498 3.68 -25.49 55.00
N ALA A 499 4.21 -25.49 56.23
CA ALA A 499 3.60 -26.27 57.30
C ALA A 499 2.17 -25.83 57.58
N SER A 500 1.91 -24.51 57.53
CA SER A 500 0.61 -24.01 57.95
C SER A 500 -0.53 -24.63 57.14
N TRP A 501 -0.32 -24.85 55.84
CA TRP A 501 -1.40 -25.43 55.05
C TRP A 501 -1.70 -26.86 55.47
N TYR A 502 -0.65 -27.65 55.75
CA TYR A 502 -0.84 -29.05 56.10
C TYR A 502 -1.22 -29.23 57.56
N ILE A 503 -0.84 -28.31 58.43
CA ILE A 503 -1.44 -28.29 59.76
C ILE A 503 -2.94 -28.05 59.65
N HIS A 504 -3.34 -27.10 58.82
CA HIS A 504 -4.75 -26.82 58.57
C HIS A 504 -5.48 -28.05 58.02
N LYS A 505 -4.88 -28.74 57.06
CA LYS A 505 -5.45 -29.99 56.56
C LYS A 505 -5.59 -31.04 57.68
N TYR A 506 -4.50 -31.26 58.42
CA TYR A 506 -4.52 -32.20 59.53
C TYR A 506 -5.65 -31.89 60.52
N ILE A 507 -5.76 -30.62 60.94
CA ILE A 507 -6.75 -30.25 61.96
C ILE A 507 -8.16 -30.43 61.43
N GLN A 508 -8.45 -29.92 60.23
CA GLN A 508 -9.80 -30.07 59.69
C GLN A 508 -10.16 -31.54 59.56
N ALA A 509 -9.24 -32.37 59.04
CA ALA A 509 -9.51 -33.80 58.98
C ALA A 509 -9.87 -34.35 60.36
N GLN A 510 -9.17 -33.90 61.38
CA GLN A 510 -9.46 -34.37 62.73
C GLN A 510 -10.86 -34.01 63.17
N TYR A 511 -11.43 -32.91 62.65
CA TYR A 511 -12.79 -32.55 62.98
C TYR A 511 -13.81 -33.06 61.96
N GLY A 512 -13.39 -33.89 61.01
CA GLY A 512 -14.29 -34.44 60.01
C GLY A 512 -14.50 -33.60 58.77
N ALA A 513 -13.62 -32.64 58.49
CA ALA A 513 -13.80 -31.72 57.38
C ALA A 513 -12.65 -31.89 56.41
N SER A 514 -12.92 -31.64 55.14
CA SER A 514 -11.88 -31.67 54.12
C SER A 514 -11.43 -30.24 53.81
N VAL A 515 -10.32 -30.12 53.09
CA VAL A 515 -9.86 -28.84 52.59
C VAL A 515 -9.64 -28.97 51.09
N SER A 516 -9.48 -27.81 50.44
CA SER A 516 -9.28 -27.79 49.00
C SER A 516 -8.09 -28.63 48.64
N ALA A 517 -8.19 -29.32 47.50
CA ALA A 517 -7.02 -30.04 47.01
C ALA A 517 -5.93 -29.07 46.59
N LYS A 518 -6.30 -27.89 46.11
CA LYS A 518 -5.30 -26.88 45.78
C LYS A 518 -5.05 -25.99 47.00
N PRO A 519 -3.81 -25.91 47.48
CA PRO A 519 -3.55 -25.06 48.65
C PRO A 519 -3.87 -23.59 48.40
N GLU A 520 -4.53 -22.96 49.40
CA GLU A 520 -5.09 -21.61 49.27
C GLU A 520 -4.77 -20.83 50.55
N LEU A 521 -3.53 -20.40 50.70
CA LEU A 521 -3.28 -19.57 51.86
C LEU A 521 -3.80 -18.16 51.59
N PRO A 522 -4.43 -17.52 52.57
CA PRO A 522 -4.96 -16.16 52.35
C PRO A 522 -3.85 -15.14 52.22
N LEU A 523 -4.22 -14.01 51.61
CA LEU A 523 -3.33 -12.87 51.48
C LEU A 523 -3.27 -12.09 52.80
N PHE A 524 -2.48 -11.03 52.79
CA PHE A 524 -2.31 -10.14 53.93
C PHE A 524 -3.26 -8.96 53.74
N TYR A 525 -3.97 -8.56 54.81
CA TYR A 525 -4.98 -7.53 54.72
C TYR A 525 -4.85 -6.52 55.87
N THR A 526 -5.25 -5.25 55.58
CA THR A 526 -5.32 -4.15 56.55
C THR A 526 -6.63 -3.40 56.34
N PRO A 527 -7.00 -2.43 57.19
CA PRO A 527 -8.25 -1.68 56.94
C PRO A 527 -8.24 -0.93 55.64
N VAL A 528 -7.06 -0.66 55.06
CA VAL A 528 -7.02 -0.02 53.74
C VAL A 528 -7.83 -0.82 52.75
N ASP A 529 -7.76 -2.15 52.84
CA ASP A 529 -8.42 -2.95 51.81
C ASP A 529 -9.93 -2.87 51.88
N LEU A 530 -10.49 -2.33 52.96
CA LEU A 530 -11.92 -2.17 53.07
C LEU A 530 -12.43 -0.87 52.46
N VAL A 531 -11.54 0.03 52.03
CA VAL A 531 -11.97 1.32 51.51
C VAL A 531 -12.78 1.13 50.24
N ASP A 532 -13.90 1.86 50.15
CA ASP A 532 -14.80 1.81 49.00
C ASP A 532 -14.30 2.76 47.91
N ILE A 533 -13.94 2.24 46.73
CA ILE A 533 -13.53 3.13 45.65
C ILE A 533 -14.50 3.11 44.47
N SER A 534 -15.77 2.82 44.72
CA SER A 534 -16.75 2.92 43.65
C SER A 534 -17.13 4.37 43.44
N VAL A 535 -17.74 4.64 42.28
CA VAL A 535 -18.16 5.99 41.95
C VAL A 535 -19.36 5.86 41.01
N GLU A 536 -20.27 6.82 41.11
CA GLU A 536 -21.39 6.89 40.18
C GLU A 536 -21.15 8.10 39.28
N MET A 537 -21.39 7.90 37.99
CA MET A 537 -21.30 8.99 37.04
C MET A 537 -22.31 8.74 35.92
N ALA A 538 -23.05 9.79 35.58
CA ALA A 538 -24.05 9.72 34.51
C ALA A 538 -25.04 8.57 34.72
N GLY A 539 -25.41 8.34 35.98
CA GLY A 539 -26.35 7.28 36.33
C GLY A 539 -25.78 5.88 36.32
N LEU A 540 -24.50 5.73 36.03
CA LEU A 540 -23.83 4.44 36.01
C LEU A 540 -23.06 4.25 37.32
N LYS A 541 -23.05 3.01 37.82
CA LYS A 541 -22.19 2.63 38.95
C LYS A 541 -20.94 1.94 38.43
N PHE A 542 -19.79 2.48 38.79
CA PHE A 542 -18.48 1.89 38.52
C PHE A 542 -17.96 1.28 39.82
N ILE A 543 -17.55 0.01 39.78
CA ILE A 543 -17.02 -0.62 40.98
C ILE A 543 -15.66 -0.05 41.36
N ASN A 544 -14.91 0.44 40.38
CA ASN A 544 -13.76 1.29 40.66
C ASN A 544 -13.61 2.20 39.46
N PRO A 545 -12.89 3.31 39.60
CA PRO A 545 -12.91 4.33 38.55
C PRO A 545 -11.92 4.10 37.40
N PHE A 546 -11.28 2.94 37.32
CA PHE A 546 -10.25 2.67 36.31
C PHE A 546 -10.81 1.83 35.16
N GLY A 547 -10.58 2.27 33.93
CA GLY A 547 -11.09 1.56 32.78
C GLY A 547 -10.09 1.56 31.65
N LEU A 548 -10.21 0.55 30.78
CA LEU A 548 -9.42 0.52 29.57
C LEU A 548 -10.00 1.51 28.56
N ALA A 549 -9.13 2.38 28.04
CA ALA A 549 -9.50 3.27 26.96
C ALA A 549 -9.75 2.48 25.68
N SER A 550 -10.39 3.13 24.72
CA SER A 550 -10.61 2.57 23.41
C SER A 550 -9.29 2.60 22.66
N ALA A 551 -8.59 1.46 22.59
CA ALA A 551 -7.20 1.48 22.17
C ALA A 551 -6.69 0.06 21.96
N ALA A 552 -5.38 -0.07 21.73
CA ALA A 552 -4.79 -1.40 21.51
C ALA A 552 -5.15 -2.42 22.59
N PRO A 553 -5.20 -2.06 23.88
CA PRO A 553 -5.58 -3.06 24.89
C PRO A 553 -7.02 -3.52 24.79
N THR A 554 -7.86 -2.87 23.99
CA THR A 554 -9.21 -3.38 23.74
C THR A 554 -9.37 -3.79 22.29
N THR A 555 -8.27 -4.22 21.65
CA THR A 555 -8.28 -4.73 20.28
C THR A 555 -9.29 -5.86 20.09
N SER A 556 -9.45 -6.72 21.10
CA SER A 556 -10.35 -7.86 21.04
C SER A 556 -11.18 -7.93 22.32
N SER A 557 -12.42 -8.41 22.20
CA SER A 557 -13.26 -8.52 23.39
C SER A 557 -12.77 -9.59 24.36
N SER A 558 -12.00 -10.56 23.89
CA SER A 558 -11.40 -11.53 24.81
C SER A 558 -10.38 -10.88 25.75
N MET A 559 -9.74 -9.79 25.32
CA MET A 559 -8.87 -9.06 26.26
C MET A 559 -9.68 -8.28 27.28
N ILE A 560 -10.81 -7.69 26.86
CA ILE A 560 -11.67 -7.02 27.84
C ILE A 560 -12.11 -8.00 28.92
N ARG A 561 -12.50 -9.22 28.51
CA ARG A 561 -12.88 -10.26 29.48
C ARG A 561 -11.75 -10.48 30.49
N ARG A 562 -10.53 -10.72 30.01
CA ARG A 562 -9.40 -10.90 30.91
C ARG A 562 -9.16 -9.65 31.76
N ALA A 563 -9.38 -8.46 31.21
CA ALA A 563 -9.24 -7.26 32.03
C ALA A 563 -10.27 -7.22 33.13
N PHE A 564 -11.53 -7.58 32.81
CA PHE A 564 -12.54 -7.62 33.86
C PHE A 564 -12.19 -8.68 34.90
N GLU A 565 -11.68 -9.84 34.46
CA GLU A 565 -11.25 -10.85 35.41
C GLU A 565 -10.10 -10.35 36.28
N ALA A 566 -9.24 -9.50 35.74
CA ALA A 566 -8.16 -8.95 36.54
C ALA A 566 -8.62 -7.85 37.49
N GLY A 567 -9.82 -7.28 37.29
CA GLY A 567 -10.38 -6.30 38.21
C GLY A 567 -10.67 -4.92 37.62
N TRP A 568 -10.53 -4.69 36.32
CA TRP A 568 -10.79 -3.36 35.77
C TRP A 568 -12.27 -2.99 35.91
N GLY A 569 -12.53 -1.75 36.33
CA GLY A 569 -13.91 -1.35 36.57
C GLY A 569 -14.74 -1.25 35.31
N PHE A 570 -14.14 -0.81 34.22
CA PHE A 570 -14.88 -0.66 32.99
C PHE A 570 -13.90 -0.78 31.83
N ALA A 571 -14.46 -0.81 30.63
CA ALA A 571 -13.68 -0.87 29.41
C ALA A 571 -14.46 -0.23 28.28
N LEU A 572 -13.73 0.45 27.39
CA LEU A 572 -14.23 0.82 26.08
C LEU A 572 -13.95 -0.30 25.09
N THR A 573 -14.84 -0.49 24.10
CA THR A 573 -14.43 -1.25 22.93
C THR A 573 -13.45 -0.43 22.08
N LYS A 574 -12.64 -1.10 21.26
CA LYS A 574 -12.02 -0.37 20.17
C LYS A 574 -13.13 0.30 19.35
N THR A 575 -12.87 1.50 18.86
CA THR A 575 -13.88 2.17 18.06
C THR A 575 -14.25 1.33 16.86
N PHE A 576 -15.55 1.16 16.60
CA PHE A 576 -16.01 0.41 15.45
C PHE A 576 -17.02 1.24 14.67
N SER A 577 -17.28 0.84 13.43
CA SER A 577 -18.11 1.58 12.50
C SER A 577 -19.06 0.65 11.77
N LEU A 578 -19.89 1.22 10.89
CA LEU A 578 -20.72 0.39 10.02
C LEU A 578 -19.85 -0.32 8.99
N ASP A 579 -20.40 -1.36 8.38
CA ASP A 579 -19.62 -2.23 7.49
C ASP A 579 -19.06 -1.44 6.32
N LYS A 580 -19.83 -0.50 5.79
CA LYS A 580 -19.38 0.31 4.66
C LYS A 580 -18.15 1.14 4.98
N ASP A 581 -17.81 1.31 6.26
CA ASP A 581 -16.71 2.16 6.68
C ASP A 581 -15.54 1.35 7.22
N ILE A 582 -15.56 0.03 7.05
CA ILE A 582 -14.53 -0.84 7.60
C ILE A 582 -13.15 -0.39 7.09
N VAL A 583 -12.13 -0.53 7.95
CA VAL A 583 -10.81 -0.01 7.65
C VAL A 583 -9.81 -1.15 7.61
N THR A 584 -8.61 -0.84 7.12
CA THR A 584 -7.49 -1.77 7.09
C THR A 584 -6.24 -1.06 7.59
N ASN A 585 -5.58 -1.64 8.57
CA ASN A 585 -4.42 -1.01 9.19
C ASN A 585 -3.18 -1.21 8.34
N VAL A 586 -2.21 -0.34 8.56
CA VAL A 586 -0.89 -0.53 8.02
C VAL A 586 0.02 -1.00 9.13
N SER A 587 1.22 -1.44 8.75
CA SER A 587 2.26 -1.75 9.71
C SER A 587 3.58 -1.32 9.11
N PRO A 588 4.55 -0.88 9.96
CA PRO A 588 4.46 -0.68 11.41
C PRO A 588 3.49 0.44 11.74
N ARG A 589 2.86 0.48 12.93
CA ARG A 589 1.96 1.59 13.24
C ARG A 589 1.98 2.11 14.68
N ILE A 590 2.63 1.44 15.64
CA ILE A 590 2.80 1.95 17.00
C ILE A 590 4.29 1.92 17.32
N VAL A 591 4.83 3.08 17.73
CA VAL A 591 6.26 3.22 18.00
C VAL A 591 6.46 3.84 19.37
N ARG A 592 7.63 3.57 19.94
CA ARG A 592 7.96 4.15 21.23
C ARG A 592 8.21 5.65 21.09
N GLY A 593 7.92 6.38 22.16
CA GLY A 593 8.20 7.81 22.17
C GLY A 593 9.68 8.10 22.29
N THR A 594 10.09 9.21 21.67
CA THR A 594 11.43 9.77 21.84
C THR A 594 11.43 10.91 22.84
N THR A 595 10.31 11.09 23.54
CA THR A 595 10.02 12.22 24.41
C THR A 595 10.87 12.26 25.66
N SER A 596 11.57 11.18 26.00
CA SER A 596 12.45 11.20 27.16
C SER A 596 13.82 10.59 26.84
N GLY A 597 14.25 10.65 25.59
CA GLY A 597 15.60 10.23 25.24
C GLY A 597 15.70 8.75 24.98
N PRO A 598 16.94 8.25 24.75
CA PRO A 598 17.15 6.84 24.38
C PRO A 598 17.12 5.90 25.58
N MET A 599 15.98 5.92 26.29
CA MET A 599 15.72 5.00 27.40
C MET A 599 14.79 3.94 26.85
N TYR A 600 15.21 2.67 26.87
CA TYR A 600 14.41 1.59 26.30
C TYR A 600 13.85 0.69 27.39
N GLY A 601 12.78 -0.04 27.07
CA GLY A 601 12.21 -0.98 28.02
C GLY A 601 11.05 -0.39 28.79
N PRO A 602 10.99 -0.69 30.08
CA PRO A 602 9.82 -0.27 30.86
C PRO A 602 9.64 1.24 30.88
N GLY A 603 8.39 1.67 31.05
CA GLY A 603 8.12 3.05 31.34
C GLY A 603 8.35 4.00 30.19
N GLN A 604 7.97 3.62 28.97
CA GLN A 604 8.05 4.55 27.85
C GLN A 604 7.19 5.78 28.18
N SER A 605 7.77 6.96 28.01
CA SER A 605 7.10 8.21 28.32
C SER A 605 6.06 8.60 27.28
N SER A 606 6.04 7.96 26.13
CA SER A 606 4.94 8.13 25.18
C SER A 606 4.97 7.01 24.16
N PHE A 607 3.88 6.93 23.41
CA PHE A 607 3.84 6.17 22.17
C PHE A 607 3.30 7.11 21.10
N LEU A 608 3.57 6.76 19.85
CA LEU A 608 2.90 7.41 18.73
C LEU A 608 2.31 6.30 17.88
N ASN A 609 1.03 6.44 17.53
CA ASN A 609 0.38 5.45 16.69
C ASN A 609 -0.20 6.11 15.45
N ILE A 610 -0.17 5.37 14.34
CA ILE A 610 -0.93 5.72 13.15
C ILE A 610 -1.98 4.62 12.94
N GLU A 611 -2.62 4.21 14.02
CA GLU A 611 -3.63 3.16 13.92
C GLU A 611 -4.94 3.80 13.48
N LEU A 612 -5.84 2.97 12.96
CA LEU A 612 -7.20 3.37 12.62
C LEU A 612 -8.15 2.89 13.71
N ILE A 613 -9.45 2.93 13.42
CA ILE A 613 -10.46 2.32 14.27
C ILE A 613 -10.36 0.79 14.12
N SER A 614 -11.17 0.05 14.87
CA SER A 614 -11.15 -1.41 14.82
C SER A 614 -11.27 -1.93 13.40
N GLU A 615 -10.45 -2.94 13.08
CA GLU A 615 -10.66 -3.73 11.87
C GLU A 615 -11.77 -4.77 12.03
N LYS A 616 -12.30 -4.95 13.24
CA LYS A 616 -13.33 -5.94 13.47
C LYS A 616 -14.70 -5.30 13.27
N THR A 617 -15.67 -6.12 12.84
CA THR A 617 -16.95 -5.60 12.39
C THR A 617 -17.83 -5.16 13.56
N ALA A 618 -18.83 -4.32 13.23
CA ALA A 618 -19.84 -3.95 14.22
C ALA A 618 -20.54 -5.16 14.78
N ALA A 619 -20.72 -6.20 13.97
CA ALA A 619 -21.41 -7.41 14.40
C ALA A 619 -20.59 -8.16 15.44
N TYR A 620 -19.28 -8.28 15.20
CA TYR A 620 -18.39 -8.83 16.23
C TYR A 620 -18.50 -8.05 17.52
N TRP A 621 -18.41 -6.72 17.44
CA TRP A 621 -18.38 -5.91 18.66
C TRP A 621 -19.71 -5.94 19.38
N CYS A 622 -20.82 -5.87 18.63
CA CYS A 622 -22.12 -5.87 19.29
C CYS A 622 -22.40 -7.20 19.97
N GLN A 623 -22.16 -8.32 19.26
CA GLN A 623 -22.25 -9.62 19.92
C GLN A 623 -21.32 -9.69 21.12
N SER A 624 -20.09 -9.18 20.99
CA SER A 624 -19.14 -9.25 22.09
C SER A 624 -19.64 -8.48 23.30
N VAL A 625 -20.23 -7.30 23.08
CA VAL A 625 -20.77 -6.53 24.19
C VAL A 625 -21.86 -7.30 24.90
N THR A 626 -22.77 -7.95 24.14
CA THR A 626 -23.81 -8.76 24.78
C THR A 626 -23.20 -9.85 25.66
N GLU A 627 -22.19 -10.58 25.14
CA GLU A 627 -21.52 -11.62 25.92
C GLU A 627 -20.86 -11.06 27.17
N LEU A 628 -20.13 -9.93 27.03
CA LEU A 628 -19.44 -9.34 28.17
C LEU A 628 -20.44 -8.84 29.21
N LYS A 629 -21.51 -8.21 28.75
CA LYS A 629 -22.49 -7.75 29.74
C LYS A 629 -23.21 -8.91 30.40
N ALA A 630 -23.41 -10.02 29.68
CA ALA A 630 -24.02 -11.19 30.30
C ALA A 630 -23.12 -11.75 31.40
N ASP A 631 -21.83 -11.87 31.13
CA ASP A 631 -20.90 -12.47 32.08
C ASP A 631 -20.35 -11.52 33.13
N PHE A 632 -20.38 -10.21 32.89
CA PHE A 632 -19.82 -9.21 33.82
C PHE A 632 -20.82 -8.08 34.01
N PRO A 633 -21.98 -8.37 34.62
CA PRO A 633 -23.02 -7.33 34.70
C PRO A 633 -22.59 -6.11 35.51
N ASP A 634 -21.68 -6.26 36.47
CA ASP A 634 -21.23 -5.15 37.29
C ASP A 634 -20.07 -4.37 36.69
N ASN A 635 -19.48 -4.85 35.60
CA ASN A 635 -18.43 -4.13 34.91
C ASN A 635 -19.06 -3.31 33.78
N ILE A 636 -18.67 -2.05 33.71
CA ILE A 636 -19.29 -1.13 32.76
C ILE A 636 -18.63 -1.30 31.41
N VAL A 637 -19.44 -1.48 30.37
CA VAL A 637 -18.95 -1.64 29.01
C VAL A 637 -19.47 -0.48 28.18
N ILE A 638 -18.56 0.30 27.61
CA ILE A 638 -18.91 1.46 26.81
C ILE A 638 -18.52 1.16 25.36
N ALA A 639 -19.49 1.26 24.44
CA ALA A 639 -19.22 1.04 23.03
C ALA A 639 -18.74 2.33 22.39
N SER A 640 -17.57 2.30 21.77
CA SER A 640 -17.00 3.45 21.09
C SER A 640 -17.29 3.32 19.60
N ILE A 641 -17.85 4.36 19.00
CA ILE A 641 -18.37 4.26 17.64
C ILE A 641 -17.98 5.51 16.85
N MET A 642 -17.89 5.33 15.54
CA MET A 642 -17.55 6.39 14.60
C MET A 642 -18.34 6.27 13.31
N CYS A 643 -18.92 7.36 12.87
CA CYS A 643 -19.47 7.46 11.53
C CYS A 643 -18.89 8.70 10.88
N SER A 644 -19.16 8.84 9.59
CA SER A 644 -18.90 10.12 8.94
C SER A 644 -20.00 11.09 9.32
N TYR A 645 -19.88 12.35 8.90
CA TYR A 645 -20.88 13.35 9.24
C TYR A 645 -22.20 13.09 8.50
N ASN A 646 -22.93 12.06 8.96
CA ASN A 646 -24.12 11.54 8.29
C ASN A 646 -25.12 11.15 9.37
N LYS A 647 -26.32 11.73 9.32
CA LYS A 647 -27.27 11.55 10.43
C LYS A 647 -27.80 10.11 10.51
N ASN A 648 -28.19 9.53 9.38
CA ASN A 648 -28.72 8.16 9.40
C ASN A 648 -27.68 7.17 9.91
N ASP A 649 -26.42 7.35 9.51
CA ASP A 649 -25.35 6.47 9.96
C ASP A 649 -25.19 6.54 11.48
N TRP A 650 -25.03 7.74 12.03
CA TRP A 650 -24.85 7.86 13.48
C TRP A 650 -26.04 7.29 14.23
N MET A 651 -27.26 7.52 13.75
CA MET A 651 -28.40 6.97 14.47
C MET A 651 -28.47 5.45 14.35
N GLU A 652 -28.17 4.91 13.15
CA GLU A 652 -28.16 3.46 12.96
C GLU A 652 -27.13 2.79 13.85
N LEU A 653 -25.89 3.30 13.85
CA LEU A 653 -24.81 2.62 14.55
C LEU A 653 -25.02 2.71 16.06
N SER A 654 -25.46 3.87 16.56
CA SER A 654 -25.68 4.02 17.99
C SER A 654 -26.84 3.15 18.46
N ARG A 655 -27.87 3.01 17.64
CA ARG A 655 -28.95 2.10 18.00
C ARG A 655 -28.47 0.65 18.03
N LYS A 656 -27.60 0.27 17.09
CA LYS A 656 -27.07 -1.08 17.10
C LYS A 656 -26.25 -1.35 18.36
N ALA A 657 -25.41 -0.39 18.77
CA ALA A 657 -24.62 -0.61 19.98
C ALA A 657 -25.51 -0.63 21.22
N GLU A 658 -26.56 0.20 21.24
CA GLU A 658 -27.45 0.21 22.38
C GLU A 658 -28.21 -1.11 22.50
N ALA A 659 -28.72 -1.61 21.37
CA ALA A 659 -29.43 -2.88 21.35
C ALA A 659 -28.53 -4.01 21.82
N SER A 660 -27.22 -3.87 21.61
CA SER A 660 -26.29 -4.90 22.07
C SER A 660 -26.15 -4.94 23.60
N GLY A 661 -26.62 -3.92 24.31
CA GLY A 661 -26.55 -3.92 25.76
C GLY A 661 -25.41 -3.08 26.33
N ALA A 662 -24.75 -2.27 25.51
CA ALA A 662 -23.74 -1.35 26.05
C ALA A 662 -24.37 -0.51 27.14
N ASP A 663 -23.61 -0.32 28.23
CA ASP A 663 -24.05 0.59 29.30
C ASP A 663 -24.11 2.03 28.79
N ALA A 664 -23.24 2.39 27.87
CA ALA A 664 -23.17 3.74 27.33
C ALA A 664 -22.41 3.69 26.02
N LEU A 665 -22.43 4.81 25.30
CA LEU A 665 -21.67 4.95 24.08
C LEU A 665 -20.61 6.03 24.26
N GLU A 666 -19.52 5.88 23.53
CA GLU A 666 -18.54 6.95 23.37
C GLU A 666 -18.44 7.29 21.88
N LEU A 667 -18.63 8.55 21.55
CA LEU A 667 -18.58 8.97 20.16
C LEU A 667 -17.16 9.39 19.85
N ASN A 668 -16.50 8.67 18.95
CA ASN A 668 -15.17 9.06 18.50
C ASN A 668 -15.33 10.14 17.44
N LEU A 669 -14.88 11.36 17.74
CA LEU A 669 -15.07 12.51 16.85
C LEU A 669 -13.89 12.74 15.91
N SER A 670 -13.16 11.68 15.55
CA SER A 670 -11.98 11.84 14.70
C SER A 670 -12.29 11.75 13.22
N SER A 671 -13.56 11.60 12.85
CA SER A 671 -13.90 11.43 11.45
C SER A 671 -13.63 12.71 10.65
N PRO A 672 -13.14 12.58 9.41
CA PRO A 672 -12.84 13.78 8.60
C PRO A 672 -14.03 14.35 7.81
N HIS A 673 -14.42 15.60 8.11
CA HIS A 673 -15.46 16.31 7.35
C HIS A 673 -14.86 17.50 6.61
N GLY A 681 -9.21 21.67 11.15
CA GLY A 681 -10.62 21.80 10.82
C GLY A 681 -11.16 20.54 10.18
N LEU A 682 -10.25 19.64 9.78
CA LEU A 682 -10.65 18.45 9.03
C LEU A 682 -11.49 17.49 9.87
N ALA A 683 -11.24 17.38 11.18
CA ALA A 683 -11.99 16.44 12.00
C ALA A 683 -13.28 17.05 12.55
N CYS A 684 -14.32 16.22 12.65
CA CYS A 684 -15.58 16.64 13.29
C CYS A 684 -15.36 17.19 14.68
N GLY A 685 -14.49 16.55 15.46
CA GLY A 685 -14.22 17.00 16.81
C GLY A 685 -13.54 18.37 16.91
N GLN A 686 -13.13 18.95 15.79
CA GLN A 686 -12.49 20.26 15.81
C GLN A 686 -13.47 21.39 15.54
N ASP A 687 -14.73 21.08 15.26
CA ASP A 687 -15.72 22.07 14.89
C ASP A 687 -16.92 21.96 15.83
N PRO A 688 -17.21 23.00 16.63
CA PRO A 688 -18.32 22.88 17.60
C PRO A 688 -19.67 22.64 16.97
N GLU A 689 -19.93 23.14 15.76
CA GLU A 689 -21.23 22.89 15.15
C GLU A 689 -21.37 21.43 14.73
N LEU A 690 -20.30 20.84 14.19
CA LEU A 690 -20.37 19.43 13.78
C LEU A 690 -20.62 18.52 14.99
N VAL A 691 -19.97 18.83 16.11
CA VAL A 691 -20.07 18.00 17.31
C VAL A 691 -21.47 18.08 17.90
N ARG A 692 -22.00 19.30 18.00
CA ARG A 692 -23.37 19.50 18.50
C ARG A 692 -24.38 18.68 17.70
N ASN A 693 -24.27 18.73 16.37
CA ASN A 693 -25.24 18.03 15.52
C ASN A 693 -25.10 16.52 15.69
N ILE A 694 -23.87 16.01 15.70
CA ILE A 694 -23.65 14.58 15.91
C ILE A 694 -24.27 14.16 17.24
N CYS A 695 -24.05 14.97 18.27
CA CYS A 695 -24.60 14.64 19.58
C CYS A 695 -26.13 14.68 19.59
N ARG A 696 -26.74 15.63 18.89
CA ARG A 696 -28.20 15.62 18.80
C ARG A 696 -28.70 14.38 18.08
N TRP A 697 -28.02 13.97 17.01
CA TRP A 697 -28.47 12.79 16.28
C TRP A 697 -28.48 11.57 17.17
N VAL A 698 -27.37 11.36 17.89
CA VAL A 698 -27.26 10.20 18.77
C VAL A 698 -28.25 10.32 19.91
N ARG A 699 -28.40 11.52 20.47
CA ARG A 699 -29.34 11.70 21.58
C ARG A 699 -30.75 11.32 21.16
N GLN A 700 -31.15 11.63 19.92
CA GLN A 700 -32.48 11.24 19.47
C GLN A 700 -32.59 9.74 19.29
N ALA A 701 -31.48 9.09 18.92
CA ALA A 701 -31.51 7.71 18.52
C ALA A 701 -31.56 6.76 19.71
N VAL A 702 -30.92 7.10 20.83
CA VAL A 702 -30.71 6.14 21.92
C VAL A 702 -31.16 6.73 23.25
N GLN A 703 -31.52 5.83 24.17
CA GLN A 703 -31.89 6.21 25.53
C GLN A 703 -30.74 6.15 26.53
N ILE A 704 -29.64 5.46 26.20
CA ILE A 704 -28.57 5.22 27.16
C ILE A 704 -27.66 6.45 27.23
N PRO A 705 -26.87 6.62 28.28
CA PRO A 705 -25.89 7.71 28.29
C PRO A 705 -24.88 7.56 27.16
N PHE A 706 -24.38 8.69 26.69
CA PHE A 706 -23.28 8.68 25.75
C PHE A 706 -22.36 9.86 26.04
N PHE A 707 -21.10 9.71 25.64
CA PHE A 707 -20.02 10.64 25.92
C PHE A 707 -19.29 10.98 24.63
N ALA A 708 -19.04 12.27 24.39
CA ALA A 708 -18.23 12.69 23.26
C ALA A 708 -16.75 12.62 23.63
N LYS A 709 -15.96 11.93 22.82
CA LYS A 709 -14.52 11.88 23.02
C LYS A 709 -13.89 13.04 22.24
N LEU A 710 -13.30 13.99 22.97
CA LEU A 710 -12.77 15.22 22.41
C LEU A 710 -11.32 15.06 22.00
N THR A 711 -10.96 15.67 20.87
CA THR A 711 -9.56 15.76 20.50
C THR A 711 -8.91 16.96 21.19
N PRO A 712 -7.65 16.83 21.63
CA PRO A 712 -6.95 17.99 22.19
C PRO A 712 -6.40 18.93 21.13
N ASN A 713 -6.39 18.51 19.87
CA ASN A 713 -5.85 19.31 18.77
C ASN A 713 -6.86 20.36 18.30
N VAL A 714 -7.20 21.27 19.23
CA VAL A 714 -8.18 22.32 18.99
C VAL A 714 -7.75 23.58 19.72
N THR A 715 -8.12 24.72 19.14
CA THR A 715 -7.81 25.98 19.80
C THR A 715 -8.54 26.10 21.13
N ASP A 716 -9.82 25.74 21.17
CA ASP A 716 -10.65 25.88 22.35
C ASP A 716 -11.42 24.60 22.65
N ILE A 717 -10.89 23.77 23.54
CA ILE A 717 -11.55 22.48 23.75
C ILE A 717 -12.82 22.68 24.56
N VAL A 718 -12.87 23.71 25.40
CA VAL A 718 -14.10 23.95 26.15
C VAL A 718 -15.27 24.20 25.21
N SER A 719 -15.04 24.89 24.08
CA SER A 719 -16.13 25.14 23.15
C SER A 719 -16.62 23.85 22.51
N ILE A 720 -15.75 22.86 22.34
CA ILE A 720 -16.21 21.55 21.87
C ILE A 720 -17.00 20.83 22.95
N ALA A 721 -16.55 20.88 24.20
CA ALA A 721 -17.29 20.20 25.27
C ALA A 721 -18.66 20.83 25.48
N ARG A 722 -18.72 22.17 25.45
CA ARG A 722 -20.01 22.86 25.55
C ARG A 722 -20.94 22.45 24.42
N ALA A 723 -20.41 22.29 23.20
CA ALA A 723 -21.25 21.93 22.06
C ALA A 723 -21.77 20.50 22.18
N ALA A 724 -20.92 19.56 22.62
CA ALA A 724 -21.40 18.23 22.96
C ALA A 724 -22.52 18.30 23.97
N LYS A 725 -22.33 19.08 25.04
CA LYS A 725 -23.36 19.17 26.06
C LYS A 725 -24.64 19.84 25.52
N GLU A 726 -24.50 20.82 24.62
CA GLU A 726 -25.69 21.41 24.00
C GLU A 726 -26.44 20.39 23.16
N GLY A 727 -25.69 19.50 22.48
CA GLY A 727 -26.30 18.44 21.68
C GLY A 727 -26.91 17.31 22.46
N GLY A 728 -26.77 17.30 23.78
CA GLY A 728 -27.35 16.25 24.59
C GLY A 728 -26.41 15.17 25.10
N ALA A 729 -25.10 15.32 24.92
CA ALA A 729 -24.18 14.36 25.50
C ALA A 729 -24.27 14.41 27.03
N ASP A 730 -24.09 13.24 27.65
CA ASP A 730 -24.12 13.13 29.10
C ASP A 730 -22.76 13.34 29.73
N GLY A 731 -21.72 13.47 28.92
CA GLY A 731 -20.42 13.81 29.43
C GLY A 731 -19.44 13.85 28.29
N VAL A 732 -18.19 14.09 28.63
CA VAL A 732 -17.17 14.06 27.60
C VAL A 732 -15.99 13.23 28.09
N THR A 733 -15.33 12.57 27.15
CA THR A 733 -14.04 11.95 27.37
C THR A 733 -12.96 12.93 26.95
N ALA A 734 -12.05 13.25 27.87
CA ALA A 734 -10.95 14.18 27.62
C ALA A 734 -9.64 13.48 27.99
N THR A 735 -8.81 13.20 27.00
CA THR A 735 -8.87 13.55 25.58
C THR A 735 -8.29 12.40 24.78
N ASN A 736 -8.44 12.49 23.45
CA ASN A 736 -7.79 11.57 22.54
C ASN A 736 -6.31 11.95 22.42
N THR A 737 -5.61 11.40 21.44
CA THR A 737 -4.17 11.60 21.33
C THR A 737 -3.85 12.98 20.73
N VAL A 738 -2.63 13.44 20.99
CA VAL A 738 -2.14 14.72 20.48
C VAL A 738 -1.45 14.47 19.15
N SER A 739 -1.82 15.23 18.12
CA SER A 739 -1.25 15.03 16.80
C SER A 739 0.25 15.36 16.80
N GLY A 740 1.05 14.47 16.21
CA GLY A 740 2.48 14.67 16.27
C GLY A 740 3.25 13.86 15.26
N LEU A 741 4.55 14.12 15.22
CA LEU A 741 5.46 13.37 14.40
C LEU A 741 6.59 12.97 15.34
N MET A 742 6.82 11.67 15.51
CA MET A 742 7.64 11.29 16.65
C MET A 742 9.12 11.51 16.38
N GLY A 743 9.56 11.38 15.14
CA GLY A 743 10.95 11.69 14.86
C GLY A 743 11.40 11.09 13.56
N LEU A 744 12.66 11.37 13.24
CA LEU A 744 13.27 10.95 11.99
C LEU A 744 14.59 10.25 12.28
N LYS A 745 14.92 9.25 11.47
CA LYS A 745 16.26 8.73 11.53
C LYS A 745 17.22 9.79 10.97
N ALA A 746 18.51 9.55 11.16
CA ALA A 746 19.51 10.53 10.70
C ALA A 746 19.52 10.69 9.18
N ASP A 747 19.05 9.69 8.44
CA ASP A 747 18.94 9.80 6.99
C ASP A 747 17.66 10.48 6.54
N GLY A 748 16.82 10.96 7.47
CA GLY A 748 15.63 11.69 7.13
C GLY A 748 14.37 10.87 7.02
N THR A 749 14.45 9.54 7.11
CA THR A 749 13.25 8.73 6.99
C THR A 749 12.50 8.70 8.33
N PRO A 750 11.18 8.61 8.30
CA PRO A 750 10.40 8.67 9.54
C PRO A 750 10.35 7.34 10.27
N TRP A 751 9.82 7.39 11.48
CA TRP A 751 9.47 6.19 12.23
C TRP A 751 8.16 6.46 12.96
N PRO A 752 7.06 5.69 12.69
CA PRO A 752 6.97 4.52 11.80
C PRO A 752 7.18 4.87 10.32
N ALA A 753 7.77 3.95 9.56
CA ALA A 753 7.99 4.09 8.13
C ALA A 753 7.35 2.90 7.45
N VAL A 754 6.43 3.16 6.53
CA VAL A 754 5.59 2.12 5.93
C VAL A 754 6.02 1.92 4.50
N GLY A 755 6.29 0.67 4.12
CA GLY A 755 6.60 0.32 2.75
C GLY A 755 8.06 0.59 2.39
N ALA A 756 8.41 0.13 1.18
CA ALA A 756 9.73 0.45 0.63
C ALA A 756 9.93 1.94 0.51
N GLY A 757 8.86 2.70 0.29
CA GLY A 757 8.96 4.16 0.19
C GLY A 757 9.24 4.87 1.50
N LYS A 758 9.25 4.14 2.62
CA LYS A 758 9.50 4.67 3.97
C LYS A 758 8.56 5.84 4.28
N ARG A 759 7.27 5.63 4.03
CA ARG A 759 6.33 6.75 4.17
C ARG A 759 5.73 6.76 5.56
N THR A 760 5.26 7.93 5.97
CA THR A 760 4.50 8.04 7.22
C THR A 760 3.42 9.10 7.05
N THR A 761 2.59 9.21 8.07
CA THR A 761 1.62 10.27 8.19
C THR A 761 1.64 10.71 9.64
N TYR A 762 0.99 11.84 9.94
CA TYR A 762 0.94 12.29 11.32
C TYR A 762 0.24 11.26 12.21
N GLY A 763 0.80 11.04 13.40
CA GLY A 763 0.25 10.11 14.34
C GLY A 763 -0.35 10.82 15.55
N GLY A 764 -0.85 10.02 16.47
CA GLY A 764 -1.33 10.51 17.76
C GLY A 764 -0.34 10.10 18.86
N VAL A 765 0.02 11.08 19.69
CA VAL A 765 0.92 10.83 20.82
C VAL A 765 0.05 10.54 22.04
N SER A 766 0.43 9.51 22.78
CA SER A 766 -0.27 9.05 23.98
C SER A 766 0.76 8.93 25.09
N GLY A 767 0.31 8.62 26.30
CA GLY A 767 1.24 8.35 27.38
C GLY A 767 1.53 9.56 28.25
N THR A 768 2.54 9.40 29.12
CA THR A 768 2.74 10.40 30.17
C THR A 768 3.20 11.74 29.61
N ALA A 769 3.78 11.75 28.40
CA ALA A 769 4.19 13.01 27.76
C ALA A 769 3.02 13.93 27.43
N ILE A 770 1.81 13.38 27.23
CA ILE A 770 0.65 14.23 26.98
C ILE A 770 -0.15 14.47 28.22
N ARG A 771 0.28 13.94 29.36
CA ARG A 771 -0.48 14.17 30.60
C ARG A 771 -0.73 15.64 30.89
N PRO A 772 0.25 16.56 30.77
CA PRO A 772 -0.05 17.98 31.04
C PRO A 772 -1.13 18.54 30.14
N ILE A 773 -1.17 18.09 28.88
CA ILE A 773 -2.18 18.55 27.94
C ILE A 773 -3.56 18.06 28.35
N ALA A 774 -3.65 16.78 28.74
CA ALA A 774 -4.94 16.20 29.13
C ALA A 774 -5.39 16.73 30.48
N LEU A 775 -4.47 16.93 31.42
CA LEU A 775 -4.83 17.55 32.68
C LEU A 775 -5.42 18.93 32.47
N ARG A 776 -4.79 19.73 31.61
CA ARG A 776 -5.28 21.08 31.33
C ARG A 776 -6.68 21.01 30.71
N ALA A 777 -6.89 20.08 29.78
CA ALA A 777 -8.20 19.94 29.16
C ALA A 777 -9.27 19.58 30.19
N VAL A 778 -8.99 18.57 31.03
CA VAL A 778 -9.98 18.15 32.02
C VAL A 778 -10.31 19.30 32.98
N THR A 779 -9.28 20.02 33.43
CA THR A 779 -9.52 21.10 34.39
C THR A 779 -10.25 22.28 33.76
N THR A 780 -9.89 22.66 32.52
CA THR A 780 -10.60 23.78 31.90
C THR A 780 -12.06 23.43 31.69
N ILE A 781 -12.33 22.18 31.26
CA ILE A 781 -13.73 21.78 31.06
C ILE A 781 -14.47 21.72 32.38
N ALA A 782 -13.81 21.20 33.43
CA ALA A 782 -14.50 21.04 34.69
C ALA A 782 -14.82 22.38 35.33
N ARG A 783 -13.96 23.39 35.13
CA ARG A 783 -14.21 24.74 35.63
C ARG A 783 -15.27 25.47 34.79
N ALA A 784 -15.25 25.30 33.47
CA ALA A 784 -16.21 25.99 32.62
C ALA A 784 -17.60 25.36 32.66
N LEU A 785 -17.71 24.08 32.98
CA LEU A 785 -18.98 23.34 32.96
C LEU A 785 -19.11 22.53 34.24
N PRO A 786 -19.23 23.21 35.38
CA PRO A 786 -19.22 22.51 36.67
C PRO A 786 -20.24 21.39 36.72
N GLY A 787 -19.78 20.21 37.15
CA GLY A 787 -20.67 19.07 37.32
C GLY A 787 -20.90 18.24 36.07
N PHE A 788 -20.39 18.65 34.93
CA PHE A 788 -20.56 17.86 33.72
C PHE A 788 -19.63 16.65 33.79
N PRO A 789 -20.14 15.42 33.64
CA PRO A 789 -19.27 14.25 33.80
C PRO A 789 -18.09 14.26 32.84
N ILE A 790 -16.89 13.97 33.36
CA ILE A 790 -15.69 13.88 32.54
C ILE A 790 -15.03 12.52 32.75
N LEU A 791 -14.78 11.80 31.65
CA LEU A 791 -13.94 10.61 31.63
C LEU A 791 -12.54 11.03 31.19
N ALA A 792 -11.55 10.89 32.07
CA ALA A 792 -10.20 11.38 31.77
C ALA A 792 -9.36 10.32 31.07
N THR A 793 -8.54 10.75 30.11
CA THR A 793 -7.58 9.85 29.48
C THR A 793 -6.40 10.66 29.00
N GLY A 794 -5.20 10.13 29.20
CA GLY A 794 -4.01 10.82 28.77
C GLY A 794 -2.93 10.74 29.81
N GLY A 795 -2.16 9.65 29.78
CA GLY A 795 -1.00 9.54 30.64
C GLY A 795 -1.28 9.09 32.04
N ILE A 796 -2.45 8.50 32.30
CA ILE A 796 -2.74 7.98 33.62
C ILE A 796 -2.03 6.64 33.76
N ASP A 797 -1.20 6.51 34.81
CA ASP A 797 -0.40 5.29 34.94
C ASP A 797 -0.18 4.88 36.40
N SER A 798 -1.04 5.31 37.32
CA SER A 798 -0.85 5.07 38.75
C SER A 798 -2.06 5.61 39.48
N ALA A 799 -2.26 5.14 40.71
CA ALA A 799 -3.36 5.66 41.51
C ALA A 799 -3.18 7.16 41.78
N GLU A 800 -1.95 7.62 41.99
CA GLU A 800 -1.78 9.03 42.32
C GLU A 800 -1.93 9.92 41.10
N SER A 801 -1.49 9.48 39.91
CA SER A 801 -1.82 10.28 38.74
C SER A 801 -3.31 10.25 38.44
N GLY A 802 -3.97 9.11 38.68
CA GLY A 802 -5.42 9.06 38.54
C GLY A 802 -6.12 10.02 39.49
N LEU A 803 -5.67 10.04 40.76
CA LEU A 803 -6.22 10.98 41.72
C LEU A 803 -6.01 12.44 41.30
N GLN A 804 -4.93 12.74 40.56
CA GLN A 804 -4.78 14.09 39.99
C GLN A 804 -5.94 14.40 39.06
N PHE A 805 -6.33 13.46 38.21
CA PHE A 805 -7.42 13.72 37.28
C PHE A 805 -8.77 13.81 38.01
N LEU A 806 -8.98 12.97 39.03
CA LEU A 806 -10.21 13.10 39.83
C LEU A 806 -10.29 14.47 40.50
N HIS A 807 -9.22 14.86 41.20
CA HIS A 807 -9.12 16.18 41.79
C HIS A 807 -9.36 17.28 40.78
N SER A 808 -9.04 17.03 39.50
CA SER A 808 -9.20 17.99 38.43
C SER A 808 -10.61 18.00 37.82
N GLY A 809 -11.52 17.16 38.30
CA GLY A 809 -12.88 17.17 37.80
C GLY A 809 -13.32 15.91 37.07
N ALA A 810 -12.45 14.92 36.89
CA ALA A 810 -12.90 13.72 36.22
C ALA A 810 -13.53 12.79 37.24
N SER A 811 -14.50 12.00 36.77
CA SER A 811 -15.14 10.98 37.61
C SER A 811 -14.56 9.59 37.40
N VAL A 812 -14.11 9.26 36.19
CA VAL A 812 -13.50 7.96 35.91
C VAL A 812 -12.26 8.18 35.05
N LEU A 813 -11.45 7.12 34.94
CA LEU A 813 -10.07 7.22 34.49
C LEU A 813 -9.80 6.13 33.46
N GLN A 814 -9.53 6.53 32.23
CA GLN A 814 -9.26 5.61 31.14
C GLN A 814 -7.76 5.48 30.94
N VAL A 815 -7.31 4.27 30.64
CA VAL A 815 -5.87 3.97 30.56
C VAL A 815 -5.58 3.23 29.26
N CYS A 816 -4.51 3.64 28.56
CA CYS A 816 -4.02 2.80 27.46
C CYS A 816 -2.52 2.57 27.58
N SER A 817 -1.74 3.64 27.50
CA SER A 817 -0.29 3.51 27.39
C SER A 817 0.32 2.77 28.58
N ALA A 818 -0.22 3.01 29.78
CA ALA A 818 0.33 2.33 30.95
C ALA A 818 0.20 0.81 30.83
N VAL A 819 -0.84 0.33 30.14
CA VAL A 819 -0.99 -1.10 29.93
C VAL A 819 -0.08 -1.56 28.80
N GLN A 820 0.06 -0.73 27.76
CA GLN A 820 0.99 -1.07 26.68
C GLN A 820 2.40 -1.24 27.24
N ASN A 821 2.76 -0.41 28.23
CA ASN A 821 4.07 -0.51 28.90
C ASN A 821 4.16 -1.73 29.81
N GLN A 822 3.05 -2.43 30.07
CA GLN A 822 3.05 -3.46 31.10
C GLN A 822 2.07 -4.59 30.77
N ASP A 823 0.94 -4.65 31.47
CA ASP A 823 -0.06 -5.72 31.30
C ASP A 823 -1.29 -5.34 32.13
N PHE A 824 -2.35 -6.17 32.03
CA PHE A 824 -3.63 -5.84 32.65
C PHE A 824 -3.57 -5.82 34.17
N THR A 825 -2.62 -6.54 34.79
CA THR A 825 -2.63 -6.61 36.25
C THR A 825 -2.24 -5.28 36.93
N VAL A 826 -1.86 -4.23 36.20
CA VAL A 826 -1.64 -2.95 36.89
C VAL A 826 -2.90 -2.51 37.64
N ILE A 827 -4.08 -3.03 37.27
CA ILE A 827 -5.32 -2.67 37.95
C ILE A 827 -5.23 -2.96 39.45
N GLN A 828 -4.56 -4.03 39.84
CA GLN A 828 -4.48 -4.29 41.27
C GLN A 828 -3.62 -3.25 41.97
N ASP A 829 -2.60 -2.74 41.29
CA ASP A 829 -1.83 -1.64 41.87
C ASP A 829 -2.68 -0.38 41.99
N TYR A 830 -3.44 -0.05 40.94
CA TYR A 830 -4.22 1.17 40.92
C TYR A 830 -5.27 1.15 42.02
N CYS A 831 -5.93 0.02 42.22
CA CYS A 831 -6.99 -0.06 43.23
C CYS A 831 -6.43 -0.01 44.65
N THR A 832 -5.39 -0.81 44.94
CA THR A 832 -4.83 -0.70 46.29
C THR A 832 -4.20 0.68 46.51
N GLY A 833 -3.60 1.28 45.48
CA GLY A 833 -3.02 2.60 45.64
C GLY A 833 -4.07 3.66 45.94
N LEU A 834 -5.20 3.60 45.24
CA LEU A 834 -6.24 4.58 45.47
C LEU A 834 -6.87 4.42 46.85
N LYS A 835 -7.10 3.17 47.27
CA LYS A 835 -7.62 2.92 48.61
C LYS A 835 -6.70 3.50 49.66
N ALA A 836 -5.38 3.30 49.50
CA ALA A 836 -4.43 3.80 50.48
C ALA A 836 -4.41 5.33 50.48
N LEU A 837 -4.42 5.96 49.30
CA LEU A 837 -4.42 7.41 49.26
C LEU A 837 -5.65 7.98 49.94
N LEU A 838 -6.82 7.32 49.75
CA LEU A 838 -8.03 7.76 50.44
C LEU A 838 -7.94 7.51 51.94
N TYR A 839 -7.49 6.32 52.35
CA TYR A 839 -7.39 5.99 53.76
C TYR A 839 -6.51 6.99 54.51
N LEU A 840 -5.37 7.35 53.91
CA LEU A 840 -4.42 8.25 54.56
C LEU A 840 -4.96 9.66 54.75
N LYS A 841 -5.91 10.10 53.94
CA LYS A 841 -6.51 11.39 54.15
C LYS A 841 -7.24 11.48 55.49
N SER A 842 -7.48 10.36 56.17
CA SER A 842 -8.20 10.33 57.42
C SER A 842 -7.28 10.24 58.65
N ILE A 843 -5.97 10.15 58.45
CA ILE A 843 -5.02 9.93 59.52
C ILE A 843 -4.38 11.26 59.88
N GLU A 844 -4.68 11.82 61.07
CA GLU A 844 -4.08 13.11 61.42
C GLU A 844 -2.57 13.03 61.48
N GLU A 845 -2.03 11.93 61.97
CA GLU A 845 -0.60 11.86 62.24
C GLU A 845 0.25 11.91 60.98
N LEU A 846 -0.34 11.78 59.80
CA LEU A 846 0.42 11.64 58.57
C LEU A 846 0.14 12.77 57.58
N GLN A 847 -0.38 13.90 58.05
CA GLN A 847 -0.74 14.95 57.11
C GLN A 847 0.48 15.65 56.51
N GLY A 848 1.64 15.58 57.17
CA GLY A 848 2.91 16.04 56.58
C GLY A 848 3.40 15.23 55.39
N TRP A 849 2.85 14.04 55.17
CA TRP A 849 3.16 13.25 53.99
C TRP A 849 2.56 13.88 52.74
N ASP A 850 3.13 13.53 51.58
CA ASP A 850 2.52 13.85 50.30
C ASP A 850 1.97 12.54 49.76
N GLY A 851 0.69 12.28 50.04
CA GLY A 851 0.10 10.99 49.68
C GLY A 851 0.81 9.89 50.45
N GLN A 852 1.41 8.93 49.73
CA GLN A 852 2.11 7.82 50.37
C GLN A 852 3.59 8.11 50.65
N SER A 853 4.07 9.31 50.34
CA SER A 853 5.48 9.65 50.51
C SER A 853 5.72 10.36 51.84
N PRO A 854 6.49 9.78 52.76
CA PRO A 854 6.83 10.52 53.99
C PRO A 854 7.55 11.83 53.67
N GLY A 855 7.44 12.78 54.59
CA GLY A 855 8.27 13.97 54.50
C GLY A 855 9.74 13.60 54.39
N THR A 856 10.47 14.27 53.51
CA THR A 856 11.86 13.91 53.23
C THR A 856 12.76 14.40 54.36
N GLU A 857 13.43 13.46 55.03
CA GLU A 857 14.41 13.76 56.07
C GLU A 857 15.78 13.99 55.45
N SER A 858 16.68 14.59 56.24
CA SER A 858 18.06 14.73 55.81
C SER A 858 18.69 13.35 55.65
N HIS A 859 19.24 13.08 54.46
CA HIS A 859 19.70 11.74 54.14
C HIS A 859 20.84 11.80 53.12
N GLN A 860 21.71 10.79 53.19
CA GLN A 860 22.73 10.54 52.17
C GLN A 860 22.68 9.06 51.86
N LYS A 861 22.56 8.70 50.58
CA LYS A 861 22.44 7.30 50.16
C LYS A 861 21.32 6.59 50.90
N GLY A 862 20.18 7.26 51.07
CA GLY A 862 19.04 6.67 51.73
C GLY A 862 19.19 6.45 53.23
N LYS A 863 20.32 6.82 53.83
CA LYS A 863 20.53 6.71 55.27
C LYS A 863 20.50 8.09 55.91
N PRO A 864 19.86 8.21 57.07
CA PRO A 864 19.72 9.55 57.68
C PRO A 864 21.05 10.08 58.21
N VAL A 865 21.21 11.38 58.09
CA VAL A 865 22.38 12.12 58.59
C VAL A 865 22.24 12.26 60.10
N PRO A 866 23.20 11.77 60.88
CA PRO A 866 23.11 11.94 62.34
C PRO A 866 22.94 13.40 62.71
N ARG A 867 21.99 13.66 63.62
CA ARG A 867 21.75 15.00 64.13
C ARG A 867 22.70 15.24 65.30
N ILE A 868 23.93 15.59 64.94
CA ILE A 868 24.98 15.98 65.89
C ILE A 868 25.24 17.46 65.72
N ALA A 869 25.38 18.18 66.84
CA ALA A 869 25.63 19.61 66.77
C ALA A 869 26.90 19.90 65.97
N GLU A 870 27.93 19.10 66.14
CA GLU A 870 29.24 19.42 65.59
C GLU A 870 29.35 19.06 64.10
N LEU A 871 28.33 18.43 63.52
CA LEU A 871 28.25 18.25 62.07
C LEU A 871 27.45 19.35 61.37
N MET A 872 26.55 20.01 62.10
CA MET A 872 25.50 20.83 61.50
C MET A 872 26.04 22.23 61.21
N GLY A 873 26.18 22.57 59.94
CA GLY A 873 26.55 23.90 59.54
C GLY A 873 28.04 24.19 59.49
N LYS A 874 28.88 23.20 59.76
CA LYS A 874 30.33 23.34 59.73
C LYS A 874 30.93 23.08 58.35
N LYS A 875 30.08 23.08 57.32
CA LYS A 875 30.49 23.07 55.92
C LYS A 875 31.44 21.90 55.62
N LEU A 876 30.95 20.70 55.94
CA LEU A 876 31.70 19.46 55.72
C LEU A 876 30.95 18.60 54.72
N PRO A 877 31.27 18.70 53.43
CA PRO A 877 30.70 17.77 52.46
C PRO A 877 31.26 16.37 52.64
N ASN A 878 30.61 15.41 51.99
CA ASN A 878 30.91 13.99 52.16
C ASN A 878 32.00 13.53 51.18
N PHE A 879 33.13 14.22 51.18
CA PHE A 879 34.25 13.74 50.39
C PHE A 879 35.54 14.30 50.96
N GLY A 880 36.66 13.71 50.52
CA GLY A 880 37.99 14.17 50.86
C GLY A 880 38.25 14.31 52.34
N PRO A 881 39.04 15.33 52.71
CA PRO A 881 39.36 15.52 54.12
C PRO A 881 38.18 15.97 54.94
N TYR A 882 37.14 16.55 54.31
CA TYR A 882 35.90 16.87 55.02
C TYR A 882 35.20 15.60 55.48
N LEU A 883 35.27 14.55 54.67
CA LEU A 883 34.63 13.30 55.04
C LEU A 883 35.37 12.62 56.19
N GLU A 884 36.70 12.72 56.21
CA GLU A 884 37.42 12.18 57.37
C GLU A 884 37.13 12.99 58.62
N GLN A 885 36.79 14.25 58.47
CA GLN A 885 36.46 15.01 59.66
C GLN A 885 35.05 14.63 60.15
N ARG A 886 34.12 14.44 59.22
CA ARG A 886 32.80 13.92 59.57
C ARG A 886 32.91 12.59 60.30
N LYS A 887 33.75 11.69 59.78
CA LYS A 887 33.85 10.37 60.40
C LYS A 887 34.40 10.47 61.81
N LYS A 888 35.40 11.34 62.02
CA LYS A 888 35.96 11.53 63.36
C LYS A 888 34.92 12.06 64.32
N ILE A 889 34.16 13.07 63.90
CA ILE A 889 33.10 13.65 64.72
C ILE A 889 32.10 12.58 65.11
N ILE A 890 31.64 11.81 64.13
CA ILE A 890 30.67 10.76 64.37
C ILE A 890 31.24 9.73 65.33
N ALA A 891 32.48 9.31 65.09
CA ALA A 891 33.10 8.31 65.94
C ALA A 891 33.18 8.78 67.39
N GLU A 892 33.47 10.07 67.59
CA GLU A 892 33.55 10.61 68.94
C GLU A 892 32.19 10.63 69.63
N GLU A 893 31.13 10.96 68.89
CA GLU A 893 29.79 10.95 69.47
C GLU A 893 29.36 9.55 69.90
N LYS A 894 29.79 8.51 69.17
CA LYS A 894 29.45 7.13 69.54
C LYS A 894 30.18 6.71 70.81
N MET A 895 31.44 7.13 70.97
CA MET A 895 32.14 6.90 72.24
C MET A 895 31.42 7.59 73.38
N ARG A 896 31.04 8.85 73.17
CA ARG A 896 30.37 9.64 74.19
C ARG A 896 29.01 9.03 74.54
N LEU A 897 28.34 8.38 73.58
CA LEU A 897 27.04 7.75 73.81
C LEU A 897 27.14 6.43 74.57
N LYS A 898 28.31 5.77 74.56
CA LYS A 898 28.49 4.55 75.35
C LYS A 898 28.01 4.73 76.78
N GLU A 899 28.11 5.95 77.31
CA GLU A 899 27.96 6.24 78.72
C GLU A 899 26.54 6.61 79.14
N GLN A 900 25.58 6.66 78.20
CA GLN A 900 24.30 7.28 78.48
C GLN A 900 23.14 6.34 78.18
N ASN A 901 22.03 6.57 78.89
CA ASN A 901 20.82 5.78 78.73
C ASN A 901 20.20 6.01 77.36
N ALA A 902 19.88 4.91 76.66
CA ALA A 902 19.06 4.96 75.46
C ALA A 902 17.62 4.61 75.83
N ALA A 903 16.67 5.39 75.32
CA ALA A 903 15.27 5.18 75.63
C ALA A 903 14.80 3.83 75.10
N PHE A 904 13.61 3.42 75.56
CA PHE A 904 12.93 2.24 75.07
C PHE A 904 11.85 2.66 74.07
N PRO A 905 11.60 1.88 73.02
CA PRO A 905 10.35 2.04 72.27
C PRO A 905 9.17 1.67 73.13
N PRO A 906 7.95 2.09 72.79
CA PRO A 906 6.78 1.60 73.53
C PRO A 906 6.80 0.09 73.54
N LEU A 907 6.34 -0.51 74.65
CA LEU A 907 6.34 -1.97 74.78
C LEU A 907 5.81 -2.56 73.48
N GLU A 908 4.75 -1.95 72.94
CA GLU A 908 4.41 -2.08 71.52
C GLU A 908 3.45 -0.97 71.12
N ARG A 909 3.61 -0.49 69.89
CA ARG A 909 3.00 0.72 69.37
C ARG A 909 1.48 0.57 69.24
N LYS A 910 0.78 1.72 69.16
CA LYS A 910 -0.64 1.72 68.83
C LYS A 910 -0.85 2.28 67.43
N PRO A 911 -1.68 1.63 66.62
CA PRO A 911 -1.87 2.10 65.23
C PRO A 911 -2.58 3.45 65.20
N PHE A 912 -2.34 4.19 64.13
CA PHE A 912 -3.06 5.44 63.94
C PHE A 912 -4.52 5.14 63.61
N ILE A 913 -5.42 5.92 64.18
CA ILE A 913 -6.87 5.70 64.07
C ILE A 913 -7.43 6.77 63.14
N PRO A 914 -8.19 6.39 62.11
CA PRO A 914 -8.92 7.38 61.31
C PRO A 914 -9.78 8.29 62.17
N LYS A 915 -9.66 9.59 61.93
CA LYS A 915 -10.38 10.61 62.70
C LYS A 915 -11.58 11.17 61.98
N LYS A 916 -11.82 10.75 60.74
CA LYS A 916 -13.05 11.05 60.02
C LYS A 916 -13.36 9.85 59.15
N PRO A 917 -14.57 9.76 58.58
CA PRO A 917 -14.83 8.69 57.62
C PRO A 917 -13.90 8.82 56.42
N ILE A 918 -13.51 7.67 55.87
CA ILE A 918 -12.65 7.68 54.69
C ILE A 918 -13.38 8.42 53.57
N PRO A 919 -12.76 9.40 52.92
CA PRO A 919 -13.45 10.05 51.78
C PRO A 919 -13.77 9.05 50.69
N ALA A 920 -14.95 9.23 50.09
CA ALA A 920 -15.31 8.50 48.89
C ALA A 920 -14.78 9.24 47.66
N ILE A 921 -14.75 8.54 46.53
CA ILE A 921 -14.33 9.17 45.29
C ILE A 921 -15.10 10.48 45.07
N LYS A 922 -16.39 10.46 45.38
CA LYS A 922 -17.21 11.65 45.17
C LYS A 922 -16.76 12.81 46.04
N ASP A 923 -16.05 12.55 47.14
CA ASP A 923 -15.55 13.61 47.99
C ASP A 923 -14.28 14.27 47.48
N VAL A 924 -13.60 13.67 46.50
CA VAL A 924 -12.36 14.25 46.00
C VAL A 924 -12.51 14.87 44.63
N ILE A 925 -13.62 14.63 43.93
CA ILE A 925 -13.73 15.09 42.56
C ILE A 925 -13.81 16.62 42.54
N GLY A 926 -12.97 17.24 41.72
CA GLY A 926 -12.96 18.68 41.53
C GLY A 926 -12.31 19.48 42.64
N LYS A 927 -11.73 18.83 43.66
CA LYS A 927 -11.29 19.59 44.82
C LYS A 927 -10.11 20.50 44.51
N ALA A 928 -9.33 20.23 43.46
CA ALA A 928 -8.20 21.08 43.12
C ALA A 928 -8.59 22.30 42.32
N LEU A 929 -9.82 22.32 41.77
CA LEU A 929 -10.22 23.43 40.92
C LEU A 929 -10.16 24.76 41.65
N GLN A 930 -10.36 24.74 42.97
CA GLN A 930 -10.32 25.97 43.75
C GLN A 930 -8.96 26.67 43.65
N TYR A 931 -7.89 25.92 43.41
CA TYR A 931 -6.57 26.54 43.32
C TYR A 931 -6.26 27.13 41.95
N LEU A 932 -7.04 26.78 40.93
CA LEU A 932 -6.76 27.29 39.60
C LEU A 932 -7.31 28.70 39.46
N GLY A 933 -6.70 29.47 38.56
CA GLY A 933 -7.28 30.75 38.21
C GLY A 933 -6.56 31.38 37.04
N THR A 934 -6.91 32.63 36.77
CA THR A 934 -6.13 33.36 35.79
C THR A 934 -4.82 33.78 36.41
N PHE A 935 -3.91 34.27 35.56
CA PHE A 935 -2.62 34.74 36.06
C PHE A 935 -2.80 35.92 37.02
N GLY A 936 -3.75 36.81 36.73
CA GLY A 936 -4.01 37.95 37.61
C GLY A 936 -4.45 37.59 39.01
N GLU A 937 -5.00 36.39 39.22
CA GLU A 937 -5.35 35.92 40.56
C GLU A 937 -4.14 35.41 41.36
N LEU A 938 -2.96 35.37 40.77
CA LEU A 938 -1.77 34.91 41.46
C LEU A 938 -1.08 36.11 42.12
N SER A 939 -0.72 35.97 43.39
CA SER A 939 0.05 37.00 44.08
C SER A 939 1.44 37.19 43.48
N ASN A 940 1.77 38.43 43.09
CA ASN A 940 3.14 38.74 42.73
C ASN A 940 3.90 39.45 43.85
N ILE A 941 3.31 39.57 45.04
CA ILE A 941 4.04 40.07 46.21
C ILE A 941 4.38 38.98 47.20
N GLU A 942 3.73 37.82 47.14
CA GLU A 942 4.11 36.70 47.99
C GLU A 942 5.06 35.81 47.19
N GLN A 943 6.33 36.23 47.19
CA GLN A 943 7.39 35.63 46.38
C GLN A 943 8.16 34.62 47.23
N VAL A 944 8.94 33.77 46.57
CA VAL A 944 9.76 32.79 47.29
C VAL A 944 11.19 32.89 46.80
N VAL A 945 12.08 32.26 47.56
CA VAL A 945 13.48 32.08 47.19
C VAL A 945 13.84 30.63 47.48
N ALA A 946 14.90 30.18 46.81
CA ALA A 946 15.41 28.84 47.01
C ALA A 946 16.33 28.79 48.21
N VAL A 947 16.29 27.69 48.95
CA VAL A 947 17.28 27.48 50.01
C VAL A 947 17.68 26.01 49.98
N ILE A 948 18.99 25.76 50.18
CA ILE A 948 19.59 24.46 49.94
C ILE A 948 19.95 23.82 51.28
N ASP A 949 19.56 22.55 51.45
CA ASP A 949 19.94 21.80 52.65
C ASP A 949 21.29 21.15 52.38
N GLU A 950 22.36 21.75 52.89
CA GLU A 950 23.71 21.28 52.59
C GLU A 950 23.95 19.83 53.00
N GLU A 951 23.19 19.30 53.96
CA GLU A 951 23.41 17.90 54.35
C GLU A 951 22.86 16.90 53.34
N MET A 952 21.96 17.31 52.45
CA MET A 952 21.45 16.39 51.44
C MET A 952 22.09 16.58 50.08
N CYS A 953 22.82 17.68 49.89
CA CYS A 953 23.44 18.02 48.63
C CYS A 953 24.51 17.00 48.25
N ILE A 954 24.61 16.71 46.95
CA ILE A 954 25.67 15.83 46.46
C ILE A 954 26.62 16.57 45.52
N ASN A 955 26.64 17.92 45.59
CA ASN A 955 27.79 18.73 45.21
C ASN A 955 28.00 18.82 43.71
N CYS A 956 26.93 18.59 42.94
CA CYS A 956 27.02 18.49 41.49
C CYS A 956 27.03 19.85 40.80
N GLY A 957 26.57 20.91 41.46
CA GLY A 957 26.55 22.23 40.84
C GLY A 957 25.52 22.43 39.75
N LYS A 958 24.51 21.55 39.62
CA LYS A 958 23.52 21.76 38.56
C LYS A 958 22.65 22.97 38.85
N CYS A 959 22.28 23.17 40.11
CA CYS A 959 21.59 24.39 40.50
C CYS A 959 22.39 25.63 40.06
N TYR A 960 23.69 25.59 40.32
CA TYR A 960 24.59 26.70 39.95
C TYR A 960 24.62 26.91 38.45
N MET A 961 24.80 25.82 37.67
CA MET A 961 24.83 25.99 36.21
C MET A 961 23.50 26.47 35.66
N THR A 962 22.40 25.96 36.18
CA THR A 962 21.10 26.39 35.68
C THR A 962 20.87 27.85 36.04
N CYS A 963 21.12 28.23 37.28
CA CYS A 963 20.97 29.64 37.63
C CYS A 963 21.92 30.53 36.83
N ASN A 964 23.11 30.04 36.49
CA ASN A 964 24.06 30.86 35.73
C ASN A 964 23.60 31.04 34.29
N ASP A 965 23.21 29.96 33.63
CA ASP A 965 22.97 30.08 32.20
C ASP A 965 21.50 30.09 31.87
N SER A 966 20.63 30.05 32.88
CA SER A 966 19.19 30.09 32.66
C SER A 966 18.49 30.89 33.73
N GLY A 967 19.21 31.65 34.56
CA GLY A 967 18.60 32.30 35.69
C GLY A 967 19.20 33.66 35.99
N TYR A 968 19.66 33.83 37.23
CA TYR A 968 19.95 35.14 37.81
C TYR A 968 21.32 35.17 38.48
N GLN A 969 22.19 34.19 38.18
CA GLN A 969 23.57 34.17 38.68
C GLN A 969 23.58 34.38 40.19
N ALA A 970 22.65 33.71 40.88
CA ALA A 970 22.32 33.99 42.26
C ALA A 970 22.93 32.99 43.23
N ILE A 971 23.60 31.95 42.74
CA ILE A 971 24.14 30.89 43.57
C ILE A 971 25.66 30.98 43.60
N GLN A 972 26.23 30.96 44.80
CA GLN A 972 27.67 30.81 44.98
C GLN A 972 27.98 29.33 45.09
N PHE A 973 28.95 28.86 44.32
CA PHE A 973 29.35 27.45 44.37
C PHE A 973 30.78 27.41 44.90
N ASP A 974 30.95 26.87 46.12
CA ASP A 974 32.25 26.96 46.79
C ASP A 974 33.32 26.14 46.06
N PRO A 975 34.46 26.74 45.70
CA PRO A 975 35.47 25.99 44.94
C PRO A 975 36.19 24.89 45.73
N GLU A 976 36.10 24.85 47.05
CA GLU A 976 36.74 23.78 47.81
C GLU A 976 35.78 22.68 48.24
N THR A 977 34.59 23.07 48.70
CA THR A 977 33.60 22.12 49.22
C THR A 977 32.54 21.74 48.19
N HIS A 978 32.46 22.43 47.05
CA HIS A 978 31.40 22.22 46.07
C HIS A 978 30.01 22.24 46.74
N LEU A 979 29.86 23.14 47.69
CA LEU A 979 28.57 23.40 48.32
C LEU A 979 28.00 24.70 47.77
N PRO A 980 26.77 24.67 47.28
CA PRO A 980 26.11 25.89 46.79
C PRO A 980 25.41 26.66 47.90
N THR A 981 25.34 27.98 47.71
CA THR A 981 24.59 28.88 48.59
C THR A 981 23.78 29.83 47.73
N VAL A 982 22.45 29.79 47.90
CA VAL A 982 21.57 30.75 47.26
C VAL A 982 21.69 32.10 47.97
N THR A 983 21.90 33.17 47.20
CA THR A 983 22.07 34.51 47.75
C THR A 983 20.81 35.34 47.57
N ASP A 984 20.87 36.59 48.02
CA ASP A 984 19.69 37.44 48.01
C ASP A 984 19.27 37.90 46.61
N THR A 985 20.09 37.71 45.59
CA THR A 985 19.63 38.00 44.22
C THR A 985 18.70 36.93 43.65
N CYS A 986 18.40 35.85 44.38
CA CYS A 986 17.42 34.86 43.90
C CYS A 986 16.10 35.55 43.60
N THR A 987 15.45 35.13 42.51
CA THR A 987 14.11 35.59 42.16
C THR A 987 13.05 34.50 42.33
N GLY A 988 13.41 33.34 42.88
CA GLY A 988 12.47 32.25 43.08
C GLY A 988 11.95 31.61 41.80
N CYS A 989 12.64 31.78 40.66
CA CYS A 989 12.16 31.19 39.42
C CYS A 989 11.90 29.69 39.54
N THR A 990 12.67 28.99 40.39
CA THR A 990 12.48 27.61 40.85
C THR A 990 13.19 26.62 39.90
N LEU A 991 13.95 27.14 38.93
CA LEU A 991 14.66 26.23 38.02
C LEU A 991 15.68 25.35 38.75
N CYS A 992 16.35 25.88 39.79
CA CYS A 992 17.38 25.09 40.46
C CYS A 992 16.78 23.88 41.17
N LEU A 993 15.66 24.08 41.86
CA LEU A 993 14.93 22.95 42.44
C LEU A 993 14.52 21.96 41.38
N SER A 994 14.06 22.47 40.24
CA SER A 994 13.57 21.61 39.17
C SER A 994 14.66 20.72 38.58
N VAL A 995 15.94 21.11 38.66
CA VAL A 995 17.01 20.29 38.08
C VAL A 995 17.83 19.56 39.13
N CYS A 996 17.60 19.80 40.41
CA CYS A 996 18.41 19.16 41.45
C CYS A 996 18.11 17.66 41.50
N PRO A 997 19.14 16.80 41.55
CA PRO A 997 18.89 15.35 41.55
C PRO A 997 18.33 14.82 42.86
N ILE A 998 18.41 15.57 43.95
CA ILE A 998 18.09 15.07 45.27
C ILE A 998 16.73 15.63 45.65
N ILE A 999 15.76 14.74 45.90
CA ILE A 999 14.41 15.18 46.17
C ILE A 999 14.39 16.02 47.43
N ASP A 1000 13.86 17.24 47.33
CA ASP A 1000 13.67 18.15 48.44
C ASP A 1000 14.98 18.61 49.07
N CYS A 1001 16.11 18.43 48.39
CA CYS A 1001 17.32 19.11 48.86
C CYS A 1001 17.13 20.63 48.76
N ILE A 1002 16.57 21.10 47.66
CA ILE A 1002 16.26 22.50 47.46
C ILE A 1002 14.79 22.71 47.79
N ARG A 1003 14.49 23.73 48.58
CA ARG A 1003 13.10 24.03 48.92
C ARG A 1003 12.83 25.49 48.63
N MET A 1004 11.61 25.76 48.16
CA MET A 1004 11.15 27.13 47.99
C MET A 1004 10.53 27.59 49.31
N VAL A 1005 11.10 28.65 49.90
CA VAL A 1005 10.62 29.22 51.15
C VAL A 1005 10.21 30.67 50.92
N SER A 1006 9.39 31.18 51.83
CA SER A 1006 8.86 32.53 51.69
C SER A 1006 9.99 33.56 51.80
N ARG A 1007 10.01 34.48 50.84
CA ARG A 1007 11.09 35.44 50.74
C ARG A 1007 10.96 36.46 51.85
N THR A 1008 12.03 36.62 52.64
CA THR A 1008 11.98 37.49 53.82
C THR A 1008 12.52 38.89 53.55
N THR A 1009 13.25 39.07 52.46
CA THR A 1009 13.87 40.35 52.16
C THR A 1009 13.08 41.09 51.11
N PRO A 1010 13.28 42.41 51.00
CA PRO A 1010 12.57 43.19 49.97
C PRO A 1010 12.91 42.66 48.58
N TYR A 1011 11.86 42.42 47.79
CA TYR A 1011 11.98 41.89 46.43
C TYR A 1011 11.70 42.95 45.40
N GLU A 1012 12.71 43.28 44.60
CA GLU A 1012 12.62 44.30 43.56
C GLU A 1012 12.85 43.66 42.20
N PRO A 1013 11.90 43.74 41.26
CA PRO A 1013 12.16 43.21 39.92
C PRO A 1013 13.33 43.93 39.28
N LYS A 1014 14.24 43.19 38.67
CA LYS A 1014 15.40 43.81 38.04
C LYS A 1014 14.96 44.34 36.68
N ARG A 1015 14.96 45.66 36.52
CA ARG A 1015 14.48 46.30 35.31
C ARG A 1015 15.58 46.53 34.28
N GLY A 1016 16.85 46.29 34.63
CA GLY A 1016 17.96 46.53 33.73
C GLY A 1016 18.35 47.99 33.59
N LEU A 1017 17.42 48.80 33.08
CA LEU A 1017 17.51 50.25 33.12
C LEU A 1017 16.21 50.73 33.76
N PRO A 1018 16.27 51.48 34.86
CA PRO A 1018 15.08 52.11 35.44
C PRO A 1018 14.09 52.66 34.42
N LEU A 1019 12.79 52.42 34.62
CA LEU A 1019 11.76 53.00 33.74
C LEU A 1019 11.77 54.53 33.84
N PRO B 3 -20.15 -19.10 18.05
CA PRO B 3 -19.04 -19.14 19.00
C PRO B 3 -19.07 -17.95 19.93
N VAL B 4 -18.48 -18.12 21.11
CA VAL B 4 -18.33 -17.04 22.07
C VAL B 4 -17.14 -16.20 21.59
N LEU B 5 -17.40 -15.05 20.98
CA LEU B 5 -16.30 -14.25 20.42
C LEU B 5 -15.37 -13.71 21.50
N SER B 6 -15.91 -13.38 22.67
CA SER B 6 -15.16 -12.69 23.72
C SER B 6 -14.40 -13.63 24.63
N LYS B 7 -14.07 -14.81 24.12
CA LYS B 7 -13.52 -15.89 24.91
C LYS B 7 -12.36 -16.48 24.12
N ASP B 8 -11.20 -16.61 24.76
CA ASP B 8 -10.05 -17.15 24.05
C ASP B 8 -10.28 -18.63 23.74
N VAL B 9 -9.96 -19.05 22.53
CA VAL B 9 -10.01 -20.47 22.18
C VAL B 9 -8.83 -21.18 22.86
N ALA B 10 -8.87 -22.52 22.91
CA ALA B 10 -7.90 -23.24 23.72
C ALA B 10 -6.47 -22.96 23.29
N ASP B 11 -6.23 -22.71 22.00
CA ASP B 11 -4.85 -22.51 21.58
C ASP B 11 -4.31 -21.14 22.03
N ILE B 12 -5.17 -20.13 22.12
CA ILE B 12 -4.76 -18.84 22.67
C ILE B 12 -4.65 -18.93 24.19
N GLU B 13 -5.57 -19.64 24.84
CA GLU B 13 -5.39 -19.90 26.27
C GLU B 13 -4.03 -20.52 26.54
N SER B 14 -3.57 -21.38 25.62
CA SER B 14 -2.26 -21.98 25.78
C SER B 14 -1.15 -20.96 25.58
N ILE B 15 -1.26 -20.10 24.56
CA ILE B 15 -0.18 -19.16 24.34
C ILE B 15 -0.09 -18.15 25.49
N LEU B 16 -1.24 -17.88 26.15
CA LEU B 16 -1.34 -16.99 27.31
C LEU B 16 -0.98 -17.65 28.63
N ALA B 17 -0.42 -18.86 28.62
CA ALA B 17 -0.23 -19.60 29.88
C ALA B 17 0.68 -18.86 30.86
N LEU B 18 1.71 -18.19 30.37
CA LEU B 18 2.64 -17.50 31.26
C LEU B 18 2.29 -16.03 31.44
N ASN B 19 1.17 -15.57 30.89
CA ASN B 19 0.77 -14.17 31.01
C ASN B 19 0.42 -13.85 32.46
N PRO B 20 0.85 -12.69 32.98
CA PRO B 20 0.60 -12.39 34.40
C PRO B 20 -0.88 -12.26 34.70
N ARG B 21 -1.26 -12.75 35.87
CA ARG B 21 -2.63 -12.62 36.34
C ARG B 21 -2.61 -12.22 37.80
N THR B 22 -3.62 -11.45 38.18
CA THR B 22 -3.90 -11.19 39.59
C THR B 22 -4.07 -12.49 40.38
N GLN B 23 -3.43 -12.57 41.54
CA GLN B 23 -3.59 -13.69 42.45
C GLN B 23 -4.49 -13.33 43.62
N SER B 24 -5.22 -14.32 44.11
CA SER B 24 -6.13 -14.16 45.22
C SER B 24 -5.65 -14.90 46.47
N HIS B 25 -4.51 -15.57 46.39
CA HIS B 25 -4.04 -16.40 47.48
C HIS B 25 -2.52 -16.40 47.49
N ALA B 26 -1.95 -16.57 48.69
CA ALA B 26 -0.52 -16.77 48.73
C ALA B 26 -0.16 -18.12 48.12
N ALA B 27 1.06 -18.23 47.63
CA ALA B 27 1.52 -19.38 46.86
C ALA B 27 2.29 -20.36 47.75
N LEU B 28 2.03 -21.65 47.58
CA LEU B 28 2.66 -22.68 48.39
C LEU B 28 3.73 -23.36 47.53
N HIS B 29 4.99 -23.25 47.96
CA HIS B 29 6.13 -23.86 47.27
C HIS B 29 7.10 -24.33 48.35
N SER B 30 7.44 -25.61 48.37
CA SER B 30 8.30 -26.09 49.45
C SER B 30 9.71 -25.51 49.34
N THR B 31 10.40 -25.41 50.49
CA THR B 31 11.78 -24.96 50.53
C THR B 31 12.69 -25.87 49.70
N LEU B 32 12.42 -27.17 49.72
CA LEU B 32 13.22 -28.11 48.93
C LEU B 32 12.95 -27.92 47.43
N ALA B 33 11.67 -27.85 47.04
CA ALA B 33 11.36 -27.55 45.64
C ALA B 33 12.00 -26.23 45.19
N LYS B 34 12.03 -25.23 46.07
CA LYS B 34 12.66 -23.96 45.69
C LYS B 34 14.17 -24.09 45.53
N LYS B 35 14.85 -24.84 46.41
CA LYS B 35 16.28 -25.05 46.25
C LYS B 35 16.60 -25.68 44.90
N LEU B 36 15.80 -26.67 44.48
CA LEU B 36 15.97 -27.32 43.19
C LEU B 36 15.72 -26.38 42.02
N ASP B 37 14.65 -25.57 42.08
CA ASP B 37 14.33 -24.73 40.92
C ASP B 37 15.26 -23.53 40.79
N LYS B 38 15.89 -23.11 41.88
CA LYS B 38 16.74 -21.93 41.85
C LYS B 38 17.84 -22.08 40.80
N LYS B 39 18.42 -23.28 40.69
CA LYS B 39 19.46 -23.53 39.71
C LYS B 39 18.98 -23.39 38.27
N HIS B 40 17.67 -23.50 38.02
CA HIS B 40 17.25 -23.44 36.62
C HIS B 40 17.38 -22.05 36.05
N TRP B 41 17.25 -21.00 36.87
CA TRP B 41 17.20 -19.61 36.41
C TRP B 41 18.50 -18.82 36.71
N LYS B 42 19.50 -19.47 37.28
CA LYS B 42 20.64 -18.77 37.88
C LYS B 42 21.45 -18.00 36.82
N ARG B 43 21.63 -16.70 37.03
CA ARG B 43 22.40 -15.86 36.12
C ARG B 43 23.83 -15.59 36.57
N ASN B 44 24.04 -15.28 37.85
CA ASN B 44 25.30 -14.80 38.41
C ASN B 44 26.13 -15.99 38.89
N PRO B 45 27.33 -15.79 39.43
CA PRO B 45 28.09 -16.95 39.91
C PRO B 45 27.43 -17.61 41.12
N ASP B 46 27.64 -18.92 41.23
CA ASP B 46 27.08 -19.73 42.30
C ASP B 46 28.12 -19.80 43.42
N LYS B 47 27.81 -19.20 44.57
CA LYS B 47 28.77 -19.14 45.68
C LYS B 47 29.12 -20.52 46.21
N ASN B 48 28.44 -21.57 45.78
CA ASN B 48 28.77 -22.94 46.16
C ASN B 48 29.73 -23.61 45.19
N CYS B 49 29.99 -22.99 44.03
CA CYS B 49 30.93 -23.53 43.05
C CYS B 49 32.36 -23.10 43.41
N PHE B 50 33.24 -24.09 43.64
CA PHE B 50 34.62 -23.86 44.04
C PHE B 50 35.57 -23.94 42.85
N HIS B 51 35.04 -23.99 41.64
CA HIS B 51 35.81 -24.32 40.45
C HIS B 51 35.07 -23.72 39.26
N CYS B 52 35.72 -22.84 38.51
CA CYS B 52 35.09 -22.19 37.37
C CYS B 52 35.52 -22.84 36.06
N GLU B 53 34.71 -22.62 35.02
CA GLU B 53 34.89 -23.24 33.70
C GLU B 53 36.33 -23.08 33.23
N LYS B 54 36.73 -24.02 32.36
CA LYS B 54 37.98 -23.89 31.64
C LYS B 54 38.07 -22.51 31.00
N LEU B 55 39.24 -21.88 31.14
CA LEU B 55 39.52 -20.62 30.47
C LEU B 55 40.73 -20.76 29.53
N GLU B 56 41.19 -21.98 29.29
CA GLU B 56 42.35 -22.19 28.46
C GLU B 56 42.14 -21.61 27.06
N ASN B 57 43.09 -20.79 26.63
CA ASN B 57 43.06 -20.11 25.33
C ASN B 57 41.83 -19.20 25.18
N ASN B 58 41.24 -18.74 26.27
CA ASN B 58 40.08 -17.85 26.18
C ASN B 58 40.55 -16.42 26.47
N PHE B 59 40.68 -15.62 25.42
CA PHE B 59 41.10 -14.23 25.54
C PHE B 59 39.96 -13.26 25.25
N ASP B 60 38.72 -13.71 25.40
CA ASP B 60 37.59 -12.79 25.32
C ASP B 60 37.67 -11.75 26.44
N ASP B 61 37.15 -10.56 26.14
CA ASP B 61 37.09 -9.43 27.05
C ASP B 61 36.42 -9.80 28.38
N ILE B 62 37.13 -9.59 29.49
CA ILE B 62 36.55 -9.84 30.82
C ILE B 62 36.22 -8.56 31.56
N LYS B 63 36.37 -7.41 30.93
CA LYS B 63 36.11 -6.15 31.66
C LYS B 63 34.64 -6.05 32.06
N HIS B 64 34.42 -5.76 33.35
CA HIS B 64 33.08 -5.48 33.84
C HIS B 64 32.58 -4.11 33.41
N THR B 65 33.42 -3.28 32.79
CA THR B 65 33.01 -1.91 32.47
C THR B 65 32.68 -1.73 31.00
N THR B 66 32.90 -2.74 30.16
CA THR B 66 32.64 -2.61 28.72
C THR B 66 31.16 -2.32 28.49
N LEU B 67 30.88 -1.41 27.56
CA LEU B 67 29.50 -0.99 27.26
C LEU B 67 29.20 -1.10 25.78
N GLY B 68 28.00 -1.58 25.46
CA GLY B 68 27.42 -1.38 24.13
C GLY B 68 26.66 -0.06 24.06
N GLU B 69 26.06 0.19 22.91
CA GLU B 69 25.42 1.49 22.73
C GLU B 69 24.25 1.68 23.70
N ARG B 70 23.40 0.66 23.84
CA ARG B 70 22.27 0.72 24.76
C ARG B 70 22.71 1.06 26.18
N GLY B 71 23.72 0.35 26.69
CA GLY B 71 24.19 0.62 28.04
C GLY B 71 24.92 1.95 28.17
N ALA B 72 25.66 2.35 27.13
CA ALA B 72 26.39 3.61 27.19
C ALA B 72 25.42 4.79 27.24
N LEU B 73 24.33 4.71 26.46
CA LEU B 73 23.36 5.81 26.44
C LEU B 73 22.67 5.92 27.79
N ARG B 74 22.36 4.79 28.38
CA ARG B 74 21.71 4.79 29.68
C ARG B 74 22.61 5.37 30.76
N GLU B 75 23.88 4.94 30.78
CA GLU B 75 24.81 5.45 31.78
C GLU B 75 25.21 6.89 31.53
N ALA B 76 25.35 7.29 30.27
CA ALA B 76 25.66 8.70 29.98
C ALA B 76 24.50 9.62 30.36
N MET B 77 23.26 9.11 30.29
CA MET B 77 22.13 9.92 30.74
C MET B 77 22.05 10.01 32.25
N ARG B 78 22.62 9.03 32.96
CA ARG B 78 22.61 9.07 34.41
C ARG B 78 23.57 10.12 34.96
N CYS B 79 24.70 10.35 34.27
CA CYS B 79 25.71 11.28 34.74
C CYS B 79 25.12 12.65 34.99
N LEU B 80 25.43 13.23 36.16
CA LEU B 80 24.93 14.57 36.47
C LEU B 80 25.55 15.67 35.63
N LYS B 81 26.63 15.39 34.90
CA LYS B 81 27.31 16.35 34.04
C LYS B 81 27.65 17.63 34.83
N CYS B 82 28.42 17.43 35.89
CA CYS B 82 28.60 18.38 37.00
C CYS B 82 29.48 19.57 36.65
N ALA B 83 29.24 20.69 37.34
CA ALA B 83 30.14 21.84 37.29
C ALA B 83 31.44 21.52 38.01
N ASP B 84 32.56 22.02 37.45
CA ASP B 84 33.86 21.93 38.10
C ASP B 84 34.13 20.51 38.57
N ALA B 85 33.86 19.55 37.67
CA ALA B 85 33.54 18.19 38.10
C ALA B 85 34.73 17.53 38.82
N PRO B 86 34.47 16.85 39.95
CA PRO B 86 35.56 16.19 40.70
C PRO B 86 36.16 14.99 39.99
N CYS B 87 35.40 14.36 39.10
CA CYS B 87 35.96 13.27 38.29
C CYS B 87 37.09 13.79 37.41
N GLN B 88 36.86 14.93 36.74
CA GLN B 88 37.90 15.56 35.93
C GLN B 88 39.10 15.97 36.79
N LYS B 89 38.85 16.53 38.00
CA LYS B 89 39.93 16.86 38.92
C LYS B 89 40.80 15.65 39.22
N SER B 90 40.16 14.49 39.34
CA SER B 90 40.79 13.22 39.72
C SER B 90 41.34 12.47 38.50
N CYS B 91 41.22 13.02 37.30
CA CYS B 91 41.77 12.42 36.10
C CYS B 91 43.15 12.99 35.84
N PRO B 92 44.21 12.16 35.79
CA PRO B 92 45.56 12.71 35.56
C PRO B 92 45.69 13.47 34.25
N THR B 93 44.97 13.09 33.19
CA THR B 93 45.02 13.92 31.97
C THR B 93 43.98 15.03 31.95
N HIS B 94 43.21 15.20 33.03
CA HIS B 94 42.23 16.29 33.12
C HIS B 94 41.16 16.23 32.03
N LEU B 95 40.67 15.02 31.71
CA LEU B 95 39.65 14.88 30.69
C LEU B 95 38.41 15.66 31.05
N ASP B 96 37.84 16.39 30.08
CA ASP B 96 36.58 17.08 30.34
C ASP B 96 35.47 16.05 30.28
N ILE B 97 35.32 15.34 31.40
CA ILE B 97 34.40 14.20 31.47
C ILE B 97 32.96 14.65 31.31
N LYS B 98 32.59 15.75 31.97
CA LYS B 98 31.25 16.33 31.81
C LYS B 98 30.91 16.52 30.33
N SER B 99 31.81 17.12 29.56
CA SER B 99 31.50 17.39 28.16
C SER B 99 31.47 16.12 27.32
N PHE B 100 32.39 15.19 27.55
CA PHE B 100 32.36 14.01 26.68
C PHE B 100 31.18 13.10 27.02
N ILE B 101 30.77 13.06 28.29
CA ILE B 101 29.59 12.25 28.61
C ILE B 101 28.32 12.95 28.13
N THR B 102 28.29 14.28 28.17
CA THR B 102 27.16 14.98 27.58
C THR B 102 27.03 14.64 26.09
N SER B 103 28.15 14.62 25.37
CA SER B 103 28.12 14.26 23.96
C SER B 103 27.56 12.86 23.74
N ILE B 104 28.03 11.88 24.52
CA ILE B 104 27.49 10.53 24.37
C ILE B 104 25.98 10.53 24.59
N SER B 105 25.51 11.24 25.62
CA SER B 105 24.10 11.21 25.95
C SER B 105 23.26 11.81 24.83
N ASN B 106 23.86 12.71 24.06
CA ASN B 106 23.23 13.28 22.88
C ASN B 106 23.56 12.50 21.62
N LYS B 107 24.10 11.28 21.74
CA LYS B 107 24.41 10.42 20.60
C LYS B 107 25.53 10.96 19.73
N ASN B 108 26.30 11.93 20.23
CA ASN B 108 27.36 12.53 19.43
C ASN B 108 28.67 11.86 19.81
N TYR B 109 28.89 10.67 19.23
CA TYR B 109 30.05 9.89 19.66
C TYR B 109 31.35 10.50 19.13
N TYR B 110 31.31 11.11 17.93
CA TYR B 110 32.48 11.81 17.43
C TYR B 110 32.92 12.90 18.40
N GLY B 111 31.97 13.75 18.82
CA GLY B 111 32.29 14.82 19.74
C GLY B 111 32.92 14.31 21.03
N ALA B 112 32.36 13.25 21.60
CA ALA B 112 32.94 12.63 22.80
C ALA B 112 34.37 12.19 22.55
N ALA B 113 34.61 11.45 21.47
CA ALA B 113 35.94 10.93 21.18
C ALA B 113 36.94 12.06 20.99
N LYS B 114 36.52 13.13 20.30
CA LYS B 114 37.39 14.27 20.07
C LYS B 114 37.81 14.91 21.38
N MET B 115 36.85 15.14 22.27
CA MET B 115 37.16 15.71 23.58
C MET B 115 38.05 14.76 24.39
N ILE B 116 37.80 13.45 24.30
CA ILE B 116 38.68 12.47 24.94
C ILE B 116 40.10 12.57 24.38
N PHE B 117 40.24 12.45 23.06
CA PHE B 117 41.57 12.41 22.49
C PHE B 117 42.27 13.76 22.50
N SER B 118 41.52 14.86 22.57
CA SER B 118 42.12 16.18 22.77
C SER B 118 43.02 16.24 24.00
N ASP B 119 42.59 15.62 25.10
CA ASP B 119 43.39 15.63 26.33
C ASP B 119 44.17 14.36 26.56
N ASN B 120 43.89 13.29 25.83
CA ASN B 120 44.55 12.01 26.08
C ASN B 120 44.66 11.25 24.77
N PRO B 121 45.84 11.26 24.14
CA PRO B 121 46.01 10.57 22.85
C PRO B 121 45.84 9.07 22.93
N LEU B 122 45.87 8.48 24.12
CA LEU B 122 45.62 7.06 24.32
C LEU B 122 44.25 6.86 24.97
N GLY B 123 43.26 7.65 24.52
CA GLY B 123 41.97 7.68 25.18
C GLY B 123 41.24 6.34 25.18
N LEU B 124 41.48 5.52 24.16
CA LEU B 124 40.75 4.25 24.14
C LEU B 124 41.42 3.24 25.06
N THR B 125 42.75 3.14 24.99
CA THR B 125 43.50 2.33 25.93
C THR B 125 43.11 2.67 27.36
N CYS B 126 43.11 3.96 27.69
CA CYS B 126 42.84 4.35 29.07
C CYS B 126 41.40 4.00 29.47
N GLY B 127 40.43 4.24 28.60
CA GLY B 127 39.07 3.84 28.93
C GLY B 127 39.00 2.38 29.33
N MET B 128 39.83 1.56 28.69
CA MET B 128 39.88 0.13 28.95
C MET B 128 40.63 -0.22 30.25
N VAL B 129 41.74 0.45 30.55
CA VAL B 129 42.63 -0.02 31.61
C VAL B 129 42.76 0.94 32.79
N CYS B 130 42.26 2.16 32.72
CA CYS B 130 42.43 3.06 33.85
C CYS B 130 41.84 2.42 35.11
N PRO B 131 42.58 2.40 36.21
CA PRO B 131 42.03 1.90 37.48
C PRO B 131 41.15 3.00 38.07
N THR B 132 39.94 3.14 37.51
CA THR B 132 39.16 4.34 37.74
C THR B 132 38.76 4.52 39.20
N SER B 133 38.57 3.41 39.94
CA SER B 133 38.20 3.54 41.35
C SER B 133 39.24 4.31 42.15
N ASP B 134 40.46 4.41 41.65
CA ASP B 134 41.51 5.18 42.30
C ASP B 134 41.78 6.48 41.57
N LEU B 135 41.02 6.77 40.51
CA LEU B 135 41.19 7.99 39.73
C LEU B 135 39.85 8.70 39.59
N CYS B 136 39.37 8.89 38.36
CA CYS B 136 38.19 9.73 38.09
C CYS B 136 36.96 9.27 38.88
N VAL B 137 36.65 7.97 38.81
CA VAL B 137 35.44 7.46 39.44
C VAL B 137 35.51 7.58 40.96
N GLY B 138 36.72 7.57 41.52
CA GLY B 138 36.89 7.76 42.95
C GLY B 138 36.43 9.12 43.44
N GLY B 139 36.36 10.11 42.55
CA GLY B 139 35.85 11.43 42.86
C GLY B 139 34.40 11.70 42.46
N CYS B 140 33.73 10.75 41.82
CA CYS B 140 32.41 10.99 41.21
C CYS B 140 31.35 11.34 42.24
N ASN B 141 30.61 12.43 42.00
CA ASN B 141 29.60 12.84 42.96
C ASN B 141 28.50 11.81 43.14
N LEU B 142 28.22 11.02 42.09
CA LEU B 142 27.17 10.01 42.23
C LEU B 142 27.57 8.85 43.14
N TYR B 143 28.81 8.82 43.65
CA TYR B 143 29.12 7.90 44.75
C TYR B 143 28.17 8.13 45.93
N ALA B 144 27.70 9.37 46.11
CA ALA B 144 26.78 9.71 47.18
C ALA B 144 25.34 9.25 46.92
N THR B 145 25.09 8.45 45.88
CA THR B 145 23.78 7.85 45.66
C THR B 145 23.84 6.33 45.75
N GLU B 146 22.71 5.72 46.09
CA GLU B 146 22.65 4.27 46.19
C GLU B 146 23.07 3.60 44.88
N GLU B 147 22.67 4.15 43.73
CA GLU B 147 23.05 3.50 42.48
C GLU B 147 24.54 3.70 42.14
N GLY B 148 25.22 4.61 42.81
CA GLY B 148 26.66 4.63 42.70
C GLY B 148 27.22 5.43 41.54
N SER B 149 28.55 5.48 41.53
CA SER B 149 29.34 6.29 40.62
C SER B 149 29.16 5.86 39.16
N ILE B 150 29.44 6.80 38.27
CA ILE B 150 29.35 6.59 36.82
C ILE B 150 30.50 5.70 36.35
N ASN B 151 30.21 4.86 35.37
CA ASN B 151 31.21 4.01 34.70
C ASN B 151 31.89 4.85 33.63
N ILE B 152 32.79 5.73 34.07
CA ILE B 152 33.45 6.69 33.17
C ILE B 152 34.32 5.97 32.16
N GLY B 153 35.06 4.94 32.61
CA GLY B 153 35.98 4.27 31.72
C GLY B 153 35.25 3.55 30.60
N GLY B 154 34.11 2.94 30.92
CA GLY B 154 33.34 2.27 29.88
C GLY B 154 32.76 3.25 28.88
N LEU B 155 32.28 4.40 29.36
CA LEU B 155 31.78 5.41 28.43
C LEU B 155 32.90 5.93 27.55
N GLN B 156 34.08 6.21 28.13
CA GLN B 156 35.22 6.65 27.35
C GLN B 156 35.58 5.59 26.30
N GLN B 157 35.61 4.33 26.72
CA GLN B 157 35.86 3.23 25.79
C GLN B 157 34.80 3.17 24.70
N PHE B 158 33.52 3.26 25.07
CA PHE B 158 32.47 3.13 24.06
C PHE B 158 32.63 4.19 22.98
N ALA B 159 32.71 5.46 23.38
CA ALA B 159 32.80 6.53 22.39
C ALA B 159 34.05 6.39 21.54
N SER B 160 35.17 6.02 22.17
CA SER B 160 36.40 5.89 21.42
C SER B 160 36.35 4.72 20.44
N GLU B 161 35.63 3.65 20.80
CA GLU B 161 35.43 2.51 19.90
C GLU B 161 34.62 2.92 18.69
N VAL B 162 33.56 3.69 18.89
CA VAL B 162 32.78 4.16 17.75
C VAL B 162 33.64 5.00 16.83
N PHE B 163 34.43 5.93 17.40
CA PHE B 163 35.27 6.75 16.55
C PHE B 163 36.28 5.90 15.79
N LYS B 164 36.86 4.91 16.47
CA LYS B 164 37.69 3.93 15.78
C LYS B 164 36.96 3.26 14.62
N ALA B 165 35.70 2.89 14.80
CA ALA B 165 34.96 2.27 13.71
C ALA B 165 34.68 3.25 12.58
N MET B 166 34.60 4.56 12.87
CA MET B 166 34.45 5.50 11.77
C MET B 166 35.66 5.56 10.85
N ASN B 167 36.82 5.04 11.24
CA ASN B 167 38.00 5.08 10.35
C ASN B 167 38.26 6.47 9.78
N ILE B 168 38.28 7.47 10.66
CA ILE B 168 38.56 8.86 10.32
C ILE B 168 39.96 9.19 10.82
N PRO B 169 40.82 9.81 10.03
CA PRO B 169 42.18 10.08 10.49
C PRO B 169 42.27 11.34 11.33
N GLN B 170 43.35 11.39 12.12
CA GLN B 170 43.76 12.66 12.70
C GLN B 170 44.38 13.55 11.61
N ILE B 171 44.16 14.85 11.75
CA ILE B 171 44.76 15.79 10.81
C ILE B 171 45.70 16.71 11.56
N ARG B 172 46.63 17.25 10.81
CA ARG B 172 47.47 18.33 11.28
C ARG B 172 46.60 19.47 11.81
N ASN B 173 47.01 20.01 12.95
CA ASN B 173 46.35 21.13 13.58
C ASN B 173 45.99 22.18 12.53
N PRO B 174 44.70 22.42 12.28
CA PRO B 174 44.33 23.31 11.17
C PRO B 174 44.52 24.78 11.48
N CYS B 175 44.90 25.12 12.69
CA CYS B 175 45.22 26.52 12.97
C CYS B 175 46.64 26.88 12.53
N LEU B 176 47.50 25.88 12.29
CA LEU B 176 48.89 26.17 11.95
C LEU B 176 49.02 26.71 10.54
N PRO B 177 50.04 27.54 10.29
CA PRO B 177 50.39 27.89 8.92
C PRO B 177 50.75 26.64 8.12
N SER B 178 50.71 26.78 6.80
CA SER B 178 51.18 25.70 5.94
C SER B 178 52.61 25.34 6.31
N GLN B 179 53.05 24.12 5.97
CA GLN B 179 54.32 23.64 6.50
C GLN B 179 55.50 24.47 6.01
N GLU B 180 55.44 24.99 4.79
CA GLU B 180 56.53 25.82 4.26
C GLU B 180 56.67 27.14 5.02
N LYS B 181 55.58 27.65 5.60
CA LYS B 181 55.61 28.92 6.33
C LYS B 181 55.91 28.75 7.81
N MET B 182 56.18 27.53 8.27
CA MET B 182 56.44 27.34 9.70
C MET B 182 57.86 27.82 10.00
N PRO B 183 58.07 28.50 11.13
CA PRO B 183 59.43 28.91 11.48
C PRO B 183 60.39 27.73 11.55
N GLU B 184 61.67 28.04 11.35
CA GLU B 184 62.71 27.02 11.27
C GLU B 184 62.81 26.22 12.57
N ALA B 185 62.45 26.81 13.71
CA ALA B 185 62.49 26.09 14.98
C ALA B 185 61.66 24.80 14.94
N TYR B 186 60.55 24.81 14.21
CA TYR B 186 59.71 23.63 14.20
C TYR B 186 60.29 22.48 13.38
N SER B 187 61.44 22.68 12.75
CA SER B 187 62.16 21.64 12.04
C SER B 187 63.25 21.00 12.87
N ALA B 188 63.36 21.39 14.15
CA ALA B 188 64.39 20.83 15.02
C ALA B 188 64.20 19.33 15.19
N LYS B 189 65.31 18.59 15.15
CA LYS B 189 65.26 17.13 15.27
C LYS B 189 64.94 16.77 16.72
N ILE B 190 63.86 16.02 16.92
CA ILE B 190 63.44 15.62 18.26
C ILE B 190 63.48 14.10 18.34
N ALA B 191 64.14 13.59 19.38
CA ALA B 191 64.26 12.16 19.61
C ALA B 191 63.46 11.77 20.84
N LEU B 192 62.76 10.65 20.75
CA LEU B 192 62.08 10.06 21.88
C LEU B 192 62.54 8.62 21.96
N LEU B 193 62.85 8.18 23.16
CA LEU B 193 63.37 6.84 23.38
C LEU B 193 62.25 5.99 23.97
N GLY B 194 61.83 4.96 23.24
CA GLY B 194 60.83 4.02 23.73
C GLY B 194 59.44 4.35 23.22
N ALA B 195 58.75 3.39 22.63
CA ALA B 195 57.42 3.61 22.06
C ALA B 195 56.30 3.20 23.01
N GLY B 196 56.30 3.69 24.24
CA GLY B 196 55.21 3.40 25.16
C GLY B 196 54.28 4.59 25.29
N PRO B 197 53.31 4.50 26.20
CA PRO B 197 52.38 5.63 26.41
C PRO B 197 53.02 6.99 26.60
N ALA B 198 54.13 7.08 27.35
CA ALA B 198 54.73 8.38 27.65
C ALA B 198 55.22 9.06 26.37
N SER B 199 56.01 8.35 25.57
CA SER B 199 56.56 8.94 24.35
C SER B 199 55.50 9.13 23.27
N ILE B 200 54.58 8.16 23.11
CA ILE B 200 53.50 8.33 22.14
C ILE B 200 52.72 9.62 22.44
N SER B 201 52.39 9.84 23.70
CA SER B 201 51.73 11.08 24.09
C SER B 201 52.61 12.29 23.80
N CYS B 202 53.85 12.28 24.31
CA CYS B 202 54.73 13.43 24.10
C CYS B 202 54.91 13.75 22.62
N ALA B 203 55.23 12.71 21.84
CA ALA B 203 55.39 12.90 20.39
C ALA B 203 54.12 13.43 19.73
N SER B 204 52.95 12.95 20.18
CA SER B 204 51.69 13.44 19.61
C SER B 204 51.51 14.93 19.87
N PHE B 205 51.70 15.37 21.11
CA PHE B 205 51.47 16.77 21.42
C PHE B 205 52.53 17.66 20.78
N LEU B 206 53.76 17.17 20.65
CA LEU B 206 54.75 17.95 19.90
C LEU B 206 54.36 18.07 18.44
N ALA B 207 53.80 17.00 17.86
CA ALA B 207 53.37 17.09 16.46
C ALA B 207 52.20 18.06 16.31
N ARG B 208 51.28 18.07 17.28
CA ARG B 208 50.17 19.02 17.24
C ARG B 208 50.69 20.46 17.20
N LEU B 209 51.73 20.73 17.96
CA LEU B 209 52.32 22.07 18.03
C LEU B 209 53.00 22.48 16.72
N GLY B 210 53.24 21.54 15.81
CA GLY B 210 53.77 21.83 14.49
C GLY B 210 55.15 21.26 14.22
N TYR B 211 55.75 20.53 15.14
CA TYR B 211 57.09 20.00 14.93
C TYR B 211 57.05 18.89 13.89
N SER B 212 57.93 18.98 12.91
CA SER B 212 57.87 18.16 11.70
C SER B 212 58.92 17.08 11.65
N ASP B 213 59.82 16.98 12.64
CA ASP B 213 60.94 16.04 12.57
C ASP B 213 61.05 15.35 13.93
N ILE B 214 60.13 14.40 14.16
CA ILE B 214 60.00 13.71 15.44
C ILE B 214 60.22 12.22 15.18
N THR B 215 61.08 11.60 15.98
CA THR B 215 61.38 10.19 15.80
C THR B 215 61.35 9.49 17.16
N ILE B 216 60.58 8.42 17.25
CA ILE B 216 60.61 7.54 18.41
C ILE B 216 61.52 6.37 18.10
N PHE B 217 62.54 6.17 18.93
CA PHE B 217 63.45 5.02 18.82
C PHE B 217 63.03 3.99 19.86
N GLU B 218 62.66 2.81 19.38
CA GLU B 218 62.08 1.78 20.21
C GLU B 218 62.96 0.55 20.15
N LYS B 219 63.29 -0.01 21.32
CA LYS B 219 64.23 -1.11 21.39
C LYS B 219 63.69 -2.36 20.68
N GLN B 220 62.40 -2.66 20.87
CA GLN B 220 61.83 -3.91 20.43
C GLN B 220 61.36 -3.83 18.98
N GLU B 221 60.91 -4.98 18.46
CA GLU B 221 60.26 -5.08 17.16
C GLU B 221 58.74 -5.03 17.28
N TYR B 222 58.23 -4.39 18.32
CA TYR B 222 56.82 -4.10 18.47
C TYR B 222 56.70 -2.74 19.16
N VAL B 223 55.53 -2.12 19.06
CA VAL B 223 55.32 -0.78 19.58
C VAL B 223 54.19 -0.81 20.60
N GLY B 224 54.17 0.21 21.46
CA GLY B 224 53.12 0.34 22.46
C GLY B 224 53.56 0.06 23.89
N GLY B 225 54.79 -0.41 24.11
CA GLY B 225 55.20 -0.59 25.48
C GLY B 225 54.41 -1.66 26.22
N LEU B 226 54.23 -1.45 27.53
CA LEU B 226 53.57 -2.46 28.35
C LEU B 226 52.12 -2.69 27.90
N SER B 227 51.48 -1.68 27.30
CA SER B 227 50.16 -1.84 26.69
C SER B 227 50.16 -3.01 25.73
N THR B 228 51.25 -3.19 25.00
CA THR B 228 51.38 -4.27 24.04
C THR B 228 52.01 -5.51 24.66
N SER B 229 53.12 -5.36 25.40
CA SER B 229 53.92 -6.52 25.80
C SER B 229 53.39 -7.24 27.05
N GLU B 230 52.62 -6.58 27.93
CA GLU B 230 52.26 -7.26 29.16
C GLU B 230 50.78 -7.19 29.52
N ILE B 231 50.10 -6.09 29.24
CA ILE B 231 48.68 -6.03 29.62
C ILE B 231 47.91 -7.06 28.79
N PRO B 232 47.13 -7.94 29.42
CA PRO B 232 46.57 -9.07 28.69
C PRO B 232 45.55 -8.62 27.65
N GLN B 233 45.48 -9.41 26.59
CA GLN B 233 44.54 -9.16 25.50
C GLN B 233 43.10 -9.16 25.98
N PHE B 234 42.79 -9.91 27.04
CA PHE B 234 41.42 -9.95 27.54
C PHE B 234 41.04 -8.72 28.39
N ARG B 235 41.98 -7.80 28.64
CA ARG B 235 41.68 -6.46 29.11
C ARG B 235 41.93 -5.39 28.05
N LEU B 236 43.01 -5.50 27.27
CA LEU B 236 43.33 -4.50 26.25
C LEU B 236 43.63 -5.18 24.91
N PRO B 237 42.66 -5.24 23.99
CA PRO B 237 42.95 -5.80 22.67
C PRO B 237 44.05 -5.02 21.97
N TYR B 238 44.94 -5.75 21.29
CA TYR B 238 46.05 -5.07 20.62
C TYR B 238 45.56 -4.11 19.53
N ASP B 239 44.40 -4.37 18.93
CA ASP B 239 43.98 -3.49 17.85
C ASP B 239 43.69 -2.08 18.36
N VAL B 240 43.49 -1.92 19.67
CA VAL B 240 43.37 -0.58 20.24
C VAL B 240 44.72 0.15 20.19
N VAL B 241 45.78 -0.52 20.62
CA VAL B 241 47.12 0.06 20.54
C VAL B 241 47.46 0.44 19.09
N ASN B 242 47.24 -0.48 18.16
CA ASN B 242 47.52 -0.19 16.75
C ASN B 242 46.73 1.04 16.27
N PHE B 243 45.48 1.17 16.71
CA PHE B 243 44.64 2.31 16.32
C PHE B 243 45.25 3.63 16.80
N GLU B 244 45.66 3.68 18.06
CA GLU B 244 46.17 4.92 18.62
C GLU B 244 47.54 5.31 18.05
N ILE B 245 48.37 4.33 17.71
CA ILE B 245 49.64 4.64 17.08
C ILE B 245 49.45 5.13 15.64
N GLU B 246 48.47 4.58 14.93
CA GLU B 246 48.22 5.08 13.58
C GLU B 246 47.67 6.50 13.61
N LEU B 247 46.90 6.86 14.64
CA LEU B 247 46.46 8.25 14.76
C LEU B 247 47.65 9.17 14.94
N MET B 248 48.62 8.76 15.76
CA MET B 248 49.84 9.54 15.94
C MET B 248 50.63 9.61 14.65
N LYS B 249 50.64 8.52 13.86
CA LYS B 249 51.39 8.53 12.60
C LYS B 249 50.77 9.49 11.60
N ASP B 250 49.44 9.71 11.69
CA ASP B 250 48.82 10.74 10.87
C ASP B 250 49.49 12.10 11.02
N LEU B 251 50.10 12.36 12.17
CA LEU B 251 50.73 13.65 12.39
C LEU B 251 52.16 13.70 11.88
N GLY B 252 52.65 12.62 11.29
CA GLY B 252 53.99 12.61 10.74
C GLY B 252 55.06 12.10 11.68
N VAL B 253 54.70 11.65 12.88
CA VAL B 253 55.70 11.12 13.82
C VAL B 253 56.27 9.83 13.26
N LYS B 254 57.59 9.68 13.38
CA LYS B 254 58.30 8.53 12.84
C LYS B 254 58.68 7.57 13.97
N ILE B 255 58.50 6.27 13.73
CA ILE B 255 58.94 5.25 14.68
C ILE B 255 60.00 4.37 14.02
N ILE B 256 61.10 4.15 14.72
CA ILE B 256 62.15 3.22 14.27
C ILE B 256 62.33 2.18 15.37
N CYS B 257 61.99 0.93 15.05
CA CYS B 257 62.10 -0.20 15.97
C CYS B 257 63.48 -0.84 15.91
N GLY B 258 63.81 -1.60 16.94
CA GLY B 258 65.10 -2.28 16.96
C GLY B 258 66.26 -1.34 17.13
N LYS B 259 66.07 -0.22 17.83
CA LYS B 259 67.11 0.75 18.14
C LYS B 259 67.03 1.04 19.64
N SER B 260 68.12 0.79 20.35
CA SER B 260 68.15 0.92 21.80
C SER B 260 68.93 2.15 22.23
N LEU B 261 68.41 2.84 23.23
CA LEU B 261 69.23 3.66 24.12
C LEU B 261 70.11 2.74 24.95
N SER B 262 71.42 2.80 24.71
CA SER B 262 72.40 1.94 25.37
C SER B 262 73.78 2.37 24.91
N GLU B 263 74.76 2.18 25.79
CA GLU B 263 76.15 2.45 25.42
C GLU B 263 76.51 1.63 24.18
N ASN B 264 77.29 2.23 23.29
CA ASN B 264 77.64 1.66 21.98
C ASN B 264 76.45 1.56 21.04
N GLU B 265 75.32 2.16 21.38
CA GLU B 265 74.23 2.38 20.43
C GLU B 265 73.78 3.82 20.57
N ILE B 266 72.49 4.05 20.84
CA ILE B 266 72.02 5.42 21.02
C ILE B 266 72.37 5.86 22.43
N THR B 267 73.06 7.00 22.53
CA THR B 267 73.32 7.66 23.80
C THR B 267 72.96 9.14 23.64
N LEU B 268 72.90 9.84 24.79
CA LEU B 268 72.65 11.27 24.73
C LEU B 268 73.77 11.97 23.95
N ASN B 269 75.01 11.50 24.10
CA ASN B 269 76.12 12.05 23.32
C ASN B 269 75.93 11.82 21.82
N THR B 270 75.64 10.59 21.40
CA THR B 270 75.43 10.37 19.96
C THR B 270 74.27 11.20 19.45
N LEU B 271 73.19 11.31 20.23
CA LEU B 271 72.06 12.15 19.86
C LEU B 271 72.50 13.59 19.66
N LYS B 272 73.18 14.17 20.65
CA LYS B 272 73.70 15.53 20.51
C LYS B 272 74.57 15.64 19.25
N GLU B 273 75.46 14.67 19.03
CA GLU B 273 76.41 14.77 17.95
C GLU B 273 75.73 14.80 16.59
N GLU B 274 74.57 14.16 16.48
CA GLU B 274 73.83 14.11 15.23
C GLU B 274 72.85 15.28 15.05
N GLY B 275 72.86 16.26 15.95
CA GLY B 275 72.04 17.44 15.76
C GLY B 275 70.64 17.41 16.34
N TYR B 276 70.27 16.35 17.07
CA TYR B 276 68.98 16.35 17.78
C TYR B 276 68.98 17.45 18.84
N LYS B 277 67.91 18.24 18.85
CA LYS B 277 67.83 19.40 19.75
C LYS B 277 67.13 19.09 21.08
N ALA B 278 66.32 18.03 21.13
CA ALA B 278 65.65 17.66 22.37
C ALA B 278 65.47 16.16 22.38
N ALA B 279 65.49 15.60 23.59
CA ALA B 279 65.30 14.16 23.75
C ALA B 279 64.35 13.91 24.91
N PHE B 280 63.43 12.96 24.70
CA PHE B 280 62.49 12.54 25.74
C PHE B 280 62.76 11.08 26.06
N ILE B 281 63.02 10.80 27.35
CA ILE B 281 63.31 9.45 27.80
C ILE B 281 62.02 8.82 28.28
N GLY B 282 61.52 7.82 27.53
CA GLY B 282 60.28 7.16 27.90
C GLY B 282 60.41 5.65 27.88
N ILE B 283 61.52 5.14 28.41
CA ILE B 283 61.86 3.73 28.22
C ILE B 283 61.22 2.83 29.27
N GLY B 284 60.47 3.40 30.21
CA GLY B 284 59.88 2.61 31.26
C GLY B 284 60.92 2.02 32.20
N LEU B 285 60.54 0.89 32.82
CA LEU B 285 61.38 0.14 33.76
C LEU B 285 61.62 -1.22 33.12
N PRO B 286 62.70 -1.39 32.35
CA PRO B 286 62.80 -2.55 31.46
C PRO B 286 63.14 -3.88 32.11
N GLU B 287 63.58 -3.91 33.36
CA GLU B 287 64.05 -5.17 33.93
C GLU B 287 63.20 -5.60 35.13
N PRO B 288 63.08 -6.91 35.37
CA PRO B 288 62.33 -7.38 36.53
C PRO B 288 63.07 -7.10 37.82
N LYS B 289 62.31 -6.89 38.89
CA LYS B 289 62.86 -6.87 40.23
C LYS B 289 63.04 -8.32 40.66
N THR B 290 64.25 -8.68 41.06
CA THR B 290 64.59 -10.08 41.30
C THR B 290 64.85 -10.34 42.77
N ASP B 291 64.97 -11.63 43.09
CA ASP B 291 65.26 -12.10 44.44
C ASP B 291 66.31 -13.21 44.36
N ASP B 292 67.26 -13.19 45.31
CA ASP B 292 68.39 -14.11 45.23
C ASP B 292 67.96 -15.57 45.31
N ILE B 293 66.83 -15.87 45.97
CA ILE B 293 66.41 -17.25 46.10
C ILE B 293 66.01 -17.88 44.77
N PHE B 294 65.88 -17.07 43.71
CA PHE B 294 65.54 -17.59 42.39
C PHE B 294 66.75 -17.70 41.44
N GLN B 295 67.95 -17.34 41.88
CA GLN B 295 69.08 -17.36 40.95
C GLN B 295 69.21 -18.71 40.26
N GLY B 296 69.53 -18.66 38.97
CA GLY B 296 69.79 -19.85 38.20
C GLY B 296 68.56 -20.63 37.75
N LEU B 297 67.37 -20.28 38.23
CA LEU B 297 66.18 -21.02 37.83
C LEU B 297 65.75 -20.58 36.45
N THR B 298 65.49 -21.53 35.56
CA THR B 298 65.12 -21.22 34.19
C THR B 298 63.65 -21.60 33.93
N GLN B 299 63.15 -21.19 32.76
CA GLN B 299 61.75 -21.41 32.44
C GLN B 299 61.42 -22.89 32.32
N ASP B 300 62.36 -23.72 31.87
CA ASP B 300 62.03 -25.13 31.70
C ASP B 300 62.01 -25.88 33.04
N GLN B 301 62.60 -25.33 34.10
CA GLN B 301 62.33 -25.84 35.44
C GLN B 301 61.00 -25.33 35.99
N GLY B 302 60.45 -24.27 35.41
CA GLY B 302 59.14 -23.78 35.82
C GLY B 302 59.14 -22.38 36.39
N PHE B 303 60.28 -21.67 36.33
CA PHE B 303 60.37 -20.33 36.90
C PHE B 303 60.32 -19.26 35.83
N TYR B 304 59.57 -18.20 36.12
CA TYR B 304 59.47 -17.01 35.27
C TYR B 304 59.40 -15.78 36.17
N THR B 305 59.98 -14.69 35.71
CA THR B 305 59.50 -13.42 36.23
C THR B 305 58.35 -12.94 35.37
N SER B 306 57.61 -11.96 35.86
CA SER B 306 56.55 -11.39 35.05
C SER B 306 57.07 -10.88 33.71
N LYS B 307 58.33 -10.43 33.66
CA LYS B 307 58.90 -9.94 32.42
C LYS B 307 59.20 -11.07 31.43
N ASP B 308 59.35 -12.30 31.90
CA ASP B 308 59.45 -13.44 30.99
C ASP B 308 58.08 -13.93 30.55
N PHE B 309 57.13 -13.98 31.48
CA PHE B 309 55.89 -14.73 31.26
C PHE B 309 54.85 -13.91 30.50
N LEU B 310 54.57 -12.70 30.96
CA LEU B 310 53.51 -11.94 30.31
C LEU B 310 53.83 -11.61 28.86
N PRO B 311 55.06 -11.26 28.47
CA PRO B 311 55.33 -11.12 27.03
C PRO B 311 55.13 -12.40 26.24
N LEU B 312 55.38 -13.57 26.83
CA LEU B 312 55.12 -14.81 26.10
C LEU B 312 53.63 -14.97 25.81
N VAL B 313 52.79 -14.73 26.81
CA VAL B 313 51.35 -14.85 26.60
C VAL B 313 50.87 -13.81 25.59
N ALA B 314 51.42 -12.60 25.66
CA ALA B 314 50.98 -11.52 24.78
C ALA B 314 51.37 -11.78 23.32
N LYS B 315 52.64 -12.12 23.08
CA LYS B 315 53.02 -12.52 21.71
C LYS B 315 52.14 -13.64 21.19
N SER B 316 51.64 -14.49 22.08
CA SER B 316 50.88 -15.65 21.65
C SER B 316 49.38 -15.38 21.57
N SER B 317 48.90 -14.26 22.09
CA SER B 317 47.48 -13.97 22.07
C SER B 317 47.12 -12.71 21.30
N LYS B 318 48.09 -11.91 20.89
CA LYS B 318 47.84 -10.66 20.18
C LYS B 318 48.32 -10.76 18.73
N ALA B 319 47.39 -10.99 17.81
CA ALA B 319 47.74 -10.95 16.40
C ALA B 319 48.08 -9.53 15.98
N GLY B 320 49.12 -9.39 15.17
CA GLY B 320 49.59 -8.09 14.73
C GLY B 320 50.66 -7.49 15.60
N MET B 321 50.80 -7.99 16.83
CA MET B 321 51.88 -7.55 17.73
C MET B 321 53.26 -7.63 17.09
N CYS B 322 53.56 -8.79 16.52
CA CYS B 322 54.92 -9.27 16.41
C CYS B 322 54.99 -10.13 15.15
N ALA B 323 56.14 -10.09 14.48
CA ALA B 323 56.28 -10.82 13.22
C ALA B 323 56.25 -12.33 13.44
N CYS B 324 56.72 -12.82 14.59
CA CYS B 324 56.69 -14.24 14.91
C CYS B 324 55.44 -14.59 15.68
N HIS B 325 54.74 -15.63 15.21
CA HIS B 325 53.62 -16.24 15.89
C HIS B 325 54.13 -17.31 16.83
N SER B 326 53.33 -17.63 17.85
CA SER B 326 53.75 -18.64 18.80
C SER B 326 52.53 -19.15 19.50
N PRO B 327 52.54 -20.40 19.96
CA PRO B 327 51.48 -20.90 20.83
C PRO B 327 51.69 -20.40 22.27
N LEU B 328 50.68 -20.63 23.09
CA LEU B 328 50.74 -20.26 24.49
C LEU B 328 51.77 -21.09 25.25
N PRO B 329 52.31 -20.55 26.35
CA PRO B 329 53.17 -21.36 27.23
C PRO B 329 52.44 -22.58 27.76
N SER B 330 53.19 -23.66 27.94
CA SER B 330 52.65 -24.87 28.53
C SER B 330 52.75 -24.74 30.04
N ILE B 331 51.68 -24.22 30.63
CA ILE B 331 51.58 -23.99 32.07
C ILE B 331 50.54 -24.95 32.62
N ARG B 332 50.93 -26.19 32.86
CA ARG B 332 50.05 -27.18 33.48
C ARG B 332 50.44 -27.37 34.94
N GLY B 333 49.45 -27.69 35.76
CA GLY B 333 49.70 -27.97 37.15
C GLY B 333 49.38 -26.79 38.05
N ALA B 334 50.04 -26.73 39.21
CA ALA B 334 49.76 -25.68 40.17
C ALA B 334 50.75 -24.52 39.94
N VAL B 335 50.21 -23.31 39.87
CA VAL B 335 51.02 -22.12 39.63
C VAL B 335 51.02 -21.23 40.87
N ILE B 336 52.21 -20.81 41.27
CA ILE B 336 52.39 -19.85 42.34
C ILE B 336 52.75 -18.53 41.68
N VAL B 337 51.99 -17.47 41.96
CA VAL B 337 52.33 -16.10 41.56
C VAL B 337 52.72 -15.34 42.81
N LEU B 338 53.91 -14.75 42.81
CA LEU B 338 54.45 -14.08 43.99
C LEU B 338 54.29 -12.57 43.86
N GLY B 339 53.63 -11.96 44.84
CA GLY B 339 53.36 -10.53 44.83
C GLY B 339 51.87 -10.24 44.76
N ALA B 340 51.56 -8.97 44.99
CA ALA B 340 50.15 -8.56 45.08
C ALA B 340 49.95 -7.16 44.49
N GLY B 341 50.80 -6.77 43.55
CA GLY B 341 50.49 -5.65 42.70
C GLY B 341 49.68 -6.13 41.54
N ASP B 342 49.27 -5.20 40.68
CA ASP B 342 48.45 -5.64 39.57
C ASP B 342 49.20 -6.50 38.55
N THR B 343 50.54 -6.45 38.50
CA THR B 343 51.23 -7.40 37.63
C THR B 343 50.95 -8.84 38.07
N ALA B 344 50.93 -9.08 39.39
CA ALA B 344 50.67 -10.43 39.88
C ALA B 344 49.29 -10.92 39.47
N PHE B 345 48.29 -10.02 39.48
CA PHE B 345 46.95 -10.45 39.16
C PHE B 345 46.80 -10.73 37.66
N ASP B 346 47.49 -9.96 36.82
CA ASP B 346 47.53 -10.31 35.39
C ASP B 346 48.29 -11.62 35.15
N CYS B 347 49.33 -11.90 35.93
CA CYS B 347 49.99 -13.20 35.79
C CYS B 347 49.05 -14.33 36.18
N ALA B 348 48.30 -14.15 37.27
CA ALA B 348 47.37 -15.19 37.72
C ALA B 348 46.34 -15.51 36.65
N THR B 349 45.59 -14.49 36.20
CA THR B 349 44.56 -14.73 35.19
C THR B 349 45.16 -15.22 33.88
N SER B 350 46.37 -14.76 33.54
CA SER B 350 46.96 -15.21 32.27
C SER B 350 47.43 -16.65 32.37
N ALA B 351 47.87 -17.08 33.56
CA ALA B 351 48.25 -18.48 33.73
C ALA B 351 47.05 -19.39 33.50
N LEU B 352 45.85 -18.95 33.89
CA LEU B 352 44.65 -19.75 33.62
C LEU B 352 44.41 -19.92 32.13
N ARG B 353 44.69 -18.89 31.33
CA ARG B 353 44.54 -19.01 29.88
C ARG B 353 45.50 -20.02 29.30
N CYS B 354 46.60 -20.30 30.01
CA CYS B 354 47.62 -21.22 29.53
C CYS B 354 47.36 -22.66 29.96
N GLY B 355 46.31 -22.91 30.73
CA GLY B 355 45.97 -24.25 31.14
C GLY B 355 46.31 -24.61 32.57
N ALA B 356 46.65 -23.62 33.42
CA ALA B 356 46.97 -23.93 34.80
C ALA B 356 45.79 -24.63 35.47
N ARG B 357 46.09 -25.70 36.22
CA ARG B 357 45.08 -26.38 37.02
C ARG B 357 44.65 -25.57 38.22
N ARG B 358 45.56 -24.75 38.76
CA ARG B 358 45.38 -24.08 40.03
C ARG B 358 46.37 -22.93 40.12
N VAL B 359 45.92 -21.77 40.58
CA VAL B 359 46.79 -20.62 40.74
C VAL B 359 46.72 -20.13 42.18
N PHE B 360 47.89 -19.86 42.75
CA PHE B 360 48.02 -19.32 44.09
C PHE B 360 48.68 -17.96 43.97
N LEU B 361 47.99 -16.93 44.43
CA LEU B 361 48.63 -15.64 44.64
C LEU B 361 49.15 -15.62 46.07
N VAL B 362 50.47 -15.49 46.22
CA VAL B 362 51.12 -15.53 47.52
C VAL B 362 51.86 -14.21 47.71
N PHE B 363 51.52 -13.49 48.79
CA PHE B 363 52.11 -12.19 49.07
C PHE B 363 52.59 -12.16 50.52
N ARG B 364 53.54 -11.25 50.78
CA ARG B 364 54.21 -11.26 52.08
C ARG B 364 53.53 -10.37 53.11
N LYS B 365 52.51 -9.62 52.74
CA LYS B 365 51.76 -8.87 53.73
C LYS B 365 50.33 -9.39 53.75
N GLY B 366 49.38 -8.58 54.22
CA GLY B 366 48.01 -9.01 54.35
C GLY B 366 47.11 -8.52 53.23
N PHE B 367 45.84 -8.94 53.30
CA PHE B 367 44.85 -8.49 52.32
C PHE B 367 44.70 -6.98 52.34
N VAL B 368 44.66 -6.38 53.53
CA VAL B 368 44.59 -4.95 53.69
C VAL B 368 45.76 -4.23 53.00
N ASN B 369 46.82 -4.95 52.62
CA ASN B 369 48.02 -4.35 52.05
C ASN B 369 48.15 -4.55 50.55
N ILE B 370 47.21 -5.25 49.92
CA ILE B 370 47.29 -5.52 48.49
C ILE B 370 47.38 -4.20 47.72
N ARG B 371 48.38 -4.09 46.83
CA ARG B 371 48.53 -2.87 46.02
C ARG B 371 47.38 -2.71 45.05
N ALA B 372 46.98 -3.81 44.43
CA ALA B 372 46.11 -3.79 43.27
C ALA B 372 44.82 -3.04 43.55
N VAL B 373 44.32 -2.36 42.52
CA VAL B 373 42.98 -1.78 42.60
C VAL B 373 41.96 -2.90 42.73
N PRO B 374 40.87 -2.69 43.47
CA PRO B 374 39.94 -3.79 43.74
C PRO B 374 39.38 -4.43 42.49
N GLU B 375 39.22 -3.68 41.40
CA GLU B 375 38.68 -4.24 40.17
C GLU B 375 39.64 -5.27 39.55
N GLU B 376 40.94 -5.00 39.61
CA GLU B 376 41.92 -6.00 39.16
C GLU B 376 41.87 -7.25 40.03
N VAL B 377 41.78 -7.08 41.34
CA VAL B 377 41.67 -8.20 42.27
C VAL B 377 40.44 -9.05 41.97
N GLU B 378 39.30 -8.40 41.70
CA GLU B 378 38.06 -9.14 41.51
C GLU B 378 38.12 -10.06 40.29
N LEU B 379 38.86 -9.67 39.25
CA LEU B 379 38.99 -10.56 38.09
C LEU B 379 39.62 -11.88 38.50
N ALA B 380 40.70 -11.84 39.29
CA ALA B 380 41.33 -13.07 39.78
C ALA B 380 40.40 -13.83 40.72
N LYS B 381 39.77 -13.11 41.66
CA LYS B 381 38.91 -13.75 42.63
C LYS B 381 37.76 -14.49 41.95
N GLU B 382 37.14 -13.87 40.95
CA GLU B 382 36.00 -14.51 40.32
C GLU B 382 36.43 -15.66 39.42
N GLU B 383 37.69 -15.71 39.00
CA GLU B 383 38.19 -16.84 38.26
C GLU B 383 38.79 -17.91 39.18
N LYS B 384 38.57 -17.77 40.50
CA LYS B 384 38.83 -18.81 41.49
C LYS B 384 40.33 -19.00 41.78
N CYS B 385 41.13 -17.94 41.68
CA CYS B 385 42.48 -18.00 42.21
C CYS B 385 42.43 -18.05 43.73
N GLU B 386 43.41 -18.74 44.30
CA GLU B 386 43.57 -18.80 45.74
C GLU B 386 44.53 -17.70 46.20
N PHE B 387 44.26 -17.15 47.38
CA PHE B 387 45.08 -16.08 47.95
C PHE B 387 45.68 -16.59 49.25
N LEU B 388 46.99 -16.42 49.40
CA LEU B 388 47.70 -16.83 50.61
C LEU B 388 48.45 -15.62 51.15
N PRO B 389 48.01 -15.02 52.24
CA PRO B 389 48.71 -13.86 52.79
C PRO B 389 49.81 -14.23 53.79
N PHE B 390 50.60 -13.21 54.15
CA PHE B 390 51.56 -13.31 55.25
C PHE B 390 52.59 -14.43 55.01
N LEU B 391 53.04 -14.56 53.77
CA LEU B 391 54.06 -15.54 53.43
C LEU B 391 55.14 -14.90 52.56
N SER B 392 56.39 -15.07 52.99
CA SER B 392 57.58 -14.61 52.29
C SER B 392 58.35 -15.81 51.75
N PRO B 393 58.73 -15.83 50.48
CA PRO B 393 59.45 -17.00 49.96
C PRO B 393 60.84 -17.10 50.56
N ARG B 394 61.22 -18.33 50.88
CA ARG B 394 62.52 -18.67 51.45
C ARG B 394 63.33 -19.63 50.60
N LYS B 395 62.71 -20.53 49.85
CA LYS B 395 63.46 -21.53 49.10
C LYS B 395 62.56 -22.18 48.05
N VAL B 396 63.09 -22.32 46.84
CA VAL B 396 62.44 -23.12 45.80
C VAL B 396 63.01 -24.53 45.88
N ILE B 397 62.12 -25.52 45.90
CA ILE B 397 62.50 -26.93 45.93
C ILE B 397 62.49 -27.46 44.51
N VAL B 398 63.66 -27.87 44.02
CA VAL B 398 63.83 -28.39 42.66
C VAL B 398 64.21 -29.86 42.75
N LYS B 399 63.43 -30.72 42.09
CA LYS B 399 63.73 -32.15 42.04
C LYS B 399 63.50 -32.68 40.63
N GLY B 400 64.44 -33.48 40.17
CA GLY B 400 64.37 -33.95 38.80
C GLY B 400 64.56 -32.82 37.81
N GLY B 401 65.32 -31.80 38.19
CA GLY B 401 65.50 -30.67 37.32
C GLY B 401 64.28 -29.80 37.09
N ARG B 402 63.28 -29.85 37.98
CA ARG B 402 62.23 -28.85 37.91
C ARG B 402 61.60 -28.61 39.26
N ILE B 403 60.86 -27.51 39.33
CA ILE B 403 60.30 -27.06 40.60
C ILE B 403 59.21 -28.03 41.03
N VAL B 404 59.21 -28.37 42.32
CA VAL B 404 58.14 -29.16 42.91
C VAL B 404 57.44 -28.45 44.07
N ALA B 405 58.07 -27.46 44.69
CA ALA B 405 57.47 -26.79 45.82
C ALA B 405 58.22 -25.49 46.05
N VAL B 406 57.59 -24.58 46.79
CA VAL B 406 58.25 -23.41 47.32
C VAL B 406 57.99 -23.37 48.81
N GLN B 407 59.07 -23.18 49.58
CA GLN B 407 58.99 -23.03 51.02
C GLN B 407 58.94 -21.55 51.37
N PHE B 408 57.92 -21.16 52.14
CA PHE B 408 57.75 -19.81 52.62
C PHE B 408 57.95 -19.77 54.14
N VAL B 409 58.18 -18.57 54.68
CA VAL B 409 58.07 -18.33 56.11
C VAL B 409 56.91 -17.39 56.35
N ARG B 410 56.28 -17.52 57.52
CA ARG B 410 55.19 -16.62 57.86
C ARG B 410 55.76 -15.27 58.27
N THR B 411 55.07 -14.19 57.87
CA THR B 411 55.41 -12.82 58.21
C THR B 411 54.38 -12.24 59.16
N GLU B 412 54.79 -11.20 59.89
CA GLU B 412 53.87 -10.48 60.77
C GLU B 412 54.46 -9.11 61.11
N GLN B 413 53.57 -8.18 61.43
CA GLN B 413 53.92 -6.79 61.68
C GLN B 413 54.05 -6.57 63.18
N ASP B 414 55.24 -6.17 63.62
CA ASP B 414 55.48 -6.03 65.06
C ASP B 414 54.64 -4.88 65.63
N GLU B 415 54.80 -4.64 66.92
CA GLU B 415 53.87 -3.75 67.62
C GLU B 415 53.86 -2.35 67.02
N THR B 416 55.05 -1.81 66.72
CA THR B 416 55.14 -0.50 66.06
C THR B 416 54.49 -0.57 64.68
N GLY B 417 55.18 -1.20 63.73
CA GLY B 417 54.62 -1.41 62.40
C GLY B 417 55.62 -1.99 61.43
N LYS B 418 56.70 -2.58 61.95
CA LYS B 418 57.73 -3.18 61.11
C LYS B 418 57.42 -4.65 60.87
N TRP B 419 57.90 -5.17 59.75
CA TRP B 419 57.52 -6.49 59.26
C TRP B 419 58.62 -7.51 59.56
N ASN B 420 58.29 -8.51 60.37
CA ASN B 420 59.23 -9.54 60.77
C ASN B 420 58.99 -10.84 60.02
N GLU B 421 59.93 -11.75 60.20
CA GLU B 421 59.85 -13.07 59.58
C GLU B 421 60.02 -14.11 60.67
N ASP B 422 59.09 -15.05 60.72
CA ASP B 422 59.05 -16.09 61.75
C ASP B 422 59.68 -17.35 61.17
N GLU B 423 60.98 -17.51 61.42
CA GLU B 423 61.77 -18.56 60.76
C GLU B 423 61.22 -19.94 61.07
N ASP B 424 60.56 -20.11 62.21
CA ASP B 424 60.05 -21.39 62.66
C ASP B 424 58.63 -21.71 62.16
N GLN B 425 57.96 -20.78 61.49
CA GLN B 425 56.60 -21.01 60.96
C GLN B 425 56.68 -21.02 59.44
N ILE B 426 56.65 -22.22 58.85
CA ILE B 426 56.99 -22.41 57.45
C ILE B 426 55.81 -23.05 56.74
N VAL B 427 55.74 -22.81 55.43
CA VAL B 427 54.76 -23.48 54.57
C VAL B 427 55.50 -24.14 53.42
N HIS B 428 55.16 -25.41 53.14
CA HIS B 428 55.72 -26.16 52.03
C HIS B 428 54.59 -26.33 51.02
N LEU B 429 54.56 -25.44 50.03
CA LEU B 429 53.45 -25.32 49.10
C LEU B 429 53.86 -25.95 47.77
N LYS B 430 53.23 -27.07 47.41
CA LYS B 430 53.53 -27.73 46.15
C LYS B 430 53.23 -26.82 44.97
N ALA B 431 54.13 -26.82 43.98
CA ALA B 431 53.92 -26.03 42.77
C ALA B 431 54.70 -26.64 41.63
N ASP B 432 54.17 -26.47 40.42
CA ASP B 432 54.88 -26.82 39.20
C ASP B 432 55.49 -25.61 38.50
N VAL B 433 54.93 -24.42 38.70
CA VAL B 433 55.37 -23.20 38.03
C VAL B 433 55.39 -22.09 39.07
N VAL B 434 56.39 -21.22 39.00
CA VAL B 434 56.49 -20.07 39.89
C VAL B 434 56.71 -18.84 39.03
N ILE B 435 55.91 -17.80 39.27
CA ILE B 435 56.00 -16.54 38.54
C ILE B 435 56.19 -15.43 39.57
N SER B 436 57.36 -14.80 39.57
CA SER B 436 57.61 -13.68 40.47
C SER B 436 57.11 -12.40 39.81
N ALA B 437 56.32 -11.63 40.57
CA ALA B 437 55.74 -10.35 40.14
C ALA B 437 56.08 -9.29 41.18
N PHE B 438 57.37 -9.11 41.39
CA PHE B 438 57.88 -8.19 42.40
C PHE B 438 58.04 -6.77 41.89
N GLY B 439 57.67 -6.50 40.64
CA GLY B 439 57.83 -5.18 40.08
C GLY B 439 58.96 -5.13 39.06
N SER B 440 59.30 -3.90 38.70
CA SER B 440 60.25 -3.66 37.64
C SER B 440 61.19 -2.54 38.06
N VAL B 441 62.41 -2.56 37.52
CA VAL B 441 63.46 -1.61 37.86
C VAL B 441 64.19 -1.26 36.58
N LEU B 442 65.01 -0.20 36.67
CA LEU B 442 66.05 0.09 35.68
C LEU B 442 67.40 -0.31 36.29
N ARG B 443 68.05 -1.30 35.67
CA ARG B 443 69.26 -1.86 36.27
C ARG B 443 70.43 -1.87 35.31
N ASP B 444 70.16 -2.05 34.02
CA ASP B 444 71.19 -2.32 33.02
C ASP B 444 72.20 -1.16 33.01
N PRO B 445 73.47 -1.43 33.34
CA PRO B 445 74.46 -0.34 33.36
C PRO B 445 74.73 0.25 31.97
N LYS B 446 74.55 -0.53 30.91
CA LYS B 446 74.75 0.01 29.56
C LYS B 446 73.71 1.08 29.24
N VAL B 447 72.48 0.91 29.74
CA VAL B 447 71.44 1.90 29.49
C VAL B 447 71.65 3.11 30.37
N LYS B 448 72.02 2.88 31.64
CA LYS B 448 72.24 3.99 32.54
C LYS B 448 73.40 4.85 32.05
N GLU B 449 74.43 4.20 31.52
CA GLU B 449 75.62 4.90 31.04
C GLU B 449 75.30 5.75 29.81
N ALA B 450 74.37 5.30 28.96
CA ALA B 450 73.92 6.11 27.83
C ALA B 450 73.18 7.38 28.26
N LEU B 451 72.71 7.47 29.50
CA LEU B 451 72.06 8.67 29.99
C LEU B 451 73.03 9.66 30.62
N SER B 452 74.33 9.38 30.54
CA SER B 452 75.30 10.34 31.05
C SER B 452 75.14 11.69 30.33
N PRO B 453 75.22 12.79 31.06
CA PRO B 453 75.47 12.88 32.49
C PRO B 453 74.26 13.35 33.29
N ILE B 454 73.03 12.90 33.01
CA ILE B 454 71.88 13.39 33.77
C ILE B 454 71.94 12.83 35.19
N LYS B 455 71.41 13.59 36.15
CA LYS B 455 71.49 13.09 37.52
C LYS B 455 70.36 12.10 37.81
N PHE B 456 70.69 11.11 38.66
CA PHE B 456 69.79 10.07 39.14
C PHE B 456 69.61 10.24 40.64
N ASN B 457 68.50 9.75 41.16
CA ASN B 457 68.15 9.93 42.56
C ASN B 457 68.40 8.64 43.33
N ARG B 458 68.18 8.72 44.64
CA ARG B 458 68.20 7.61 45.60
C ARG B 458 67.60 6.34 45.02
N TRP B 459 66.49 6.50 44.30
CA TRP B 459 65.71 5.43 43.70
C TRP B 459 66.36 4.87 42.43
N ASP B 460 67.57 5.30 42.09
CA ASP B 460 68.29 4.85 40.89
C ASP B 460 67.55 5.25 39.61
N LEU B 461 66.75 6.32 39.67
CA LEU B 461 65.94 6.73 38.54
C LEU B 461 66.29 8.16 38.14
N PRO B 462 66.08 8.54 36.88
CA PRO B 462 66.42 9.91 36.45
C PRO B 462 65.60 10.95 37.19
N GLU B 463 66.29 12.00 37.66
CA GLU B 463 65.62 13.09 38.34
C GLU B 463 65.04 14.09 37.34
N VAL B 464 63.84 14.58 37.63
CA VAL B 464 63.21 15.60 36.80
C VAL B 464 62.58 16.66 37.70
N ASP B 465 62.49 17.86 37.17
CA ASP B 465 61.54 18.85 37.67
C ASP B 465 60.13 18.31 37.43
N PRO B 466 59.35 18.01 38.48
CA PRO B 466 58.02 17.39 38.27
C PRO B 466 57.01 18.33 37.65
N GLU B 467 57.29 19.62 37.52
CA GLU B 467 56.42 20.47 36.74
C GLU B 467 56.80 20.55 35.28
N THR B 468 58.07 20.39 34.94
CA THR B 468 58.47 20.54 33.55
C THR B 468 58.92 19.24 32.88
N MET B 469 59.19 18.18 33.66
CA MET B 469 59.79 16.93 33.20
C MET B 469 61.23 17.08 32.67
N GLN B 470 61.90 18.21 32.91
CA GLN B 470 63.29 18.37 32.49
C GLN B 470 64.20 17.62 33.45
N THR B 471 65.19 16.89 32.89
CA THR B 471 66.24 16.30 33.69
C THR B 471 67.28 17.38 34.03
N SER B 472 68.42 16.98 34.60
CA SER B 472 69.50 17.94 34.87
C SER B 472 70.10 18.49 33.57
N GLU B 473 69.99 17.76 32.48
CA GLU B 473 70.38 18.28 31.18
C GLU B 473 69.21 19.06 30.59
N PRO B 474 69.38 20.35 30.27
CA PRO B 474 68.22 21.17 29.86
C PRO B 474 67.54 20.66 28.61
N TRP B 475 68.25 19.95 27.74
CA TRP B 475 67.65 19.46 26.51
C TRP B 475 67.05 18.06 26.64
N VAL B 476 67.13 17.43 27.81
CA VAL B 476 66.69 16.06 27.98
C VAL B 476 65.53 16.03 28.97
N PHE B 477 64.42 15.44 28.54
CA PHE B 477 63.24 15.29 29.37
C PHE B 477 62.95 13.80 29.58
N ALA B 478 62.22 13.49 30.64
CA ALA B 478 61.86 12.11 30.92
C ALA B 478 60.46 12.05 31.51
N GLY B 479 59.83 10.88 31.39
CA GLY B 479 58.45 10.73 31.85
C GLY B 479 58.00 9.30 31.77
N GLY B 480 56.92 9.01 32.51
CA GLY B 480 56.37 7.66 32.55
C GLY B 480 56.99 6.84 33.66
N ASP B 481 56.92 5.51 33.51
CA ASP B 481 57.46 4.63 34.54
C ASP B 481 58.90 4.96 34.92
N ILE B 482 59.74 5.38 33.95
CA ILE B 482 61.16 5.63 34.23
C ILE B 482 61.33 6.70 35.30
N VAL B 483 60.38 7.64 35.42
CA VAL B 483 60.52 8.71 36.40
C VAL B 483 60.07 8.26 37.79
N GLY B 484 59.27 7.20 37.86
CA GLY B 484 58.90 6.58 39.12
C GLY B 484 57.72 7.21 39.82
N MET B 485 57.02 8.14 39.18
CA MET B 485 55.84 8.80 39.73
C MET B 485 54.56 8.14 39.23
N ALA B 486 54.42 8.06 37.90
CA ALA B 486 53.32 7.35 37.25
C ALA B 486 53.26 5.88 37.68
N ASN B 487 52.04 5.45 38.00
CA ASN B 487 51.72 4.07 38.26
C ASN B 487 50.81 3.48 37.20
N THR B 488 50.45 4.26 36.19
CA THR B 488 49.31 3.99 35.32
C THR B 488 49.62 4.48 33.92
N THR B 489 48.87 3.94 32.95
CA THR B 489 48.93 4.42 31.58
C THR B 489 48.57 5.91 31.47
N VAL B 490 47.52 6.35 32.15
CA VAL B 490 47.08 7.74 31.98
C VAL B 490 48.10 8.72 32.60
N GLU B 491 48.70 8.36 33.73
CA GLU B 491 49.76 9.22 34.27
C GLU B 491 50.99 9.26 33.38
N SER B 492 51.33 8.15 32.72
CA SER B 492 52.45 8.18 31.77
C SER B 492 52.11 9.04 30.56
N VAL B 493 50.88 8.89 30.03
CA VAL B 493 50.42 9.80 28.98
C VAL B 493 50.52 11.24 29.45
N ASN B 494 50.14 11.49 30.70
CA ASN B 494 50.19 12.85 31.20
C ASN B 494 51.64 13.34 31.33
N ASP B 495 52.56 12.47 31.72
CA ASP B 495 53.97 12.88 31.77
C ASP B 495 54.45 13.38 30.41
N GLY B 496 54.07 12.68 29.33
CA GLY B 496 54.51 13.08 28.01
C GLY B 496 53.86 14.38 27.57
N LYS B 497 52.58 14.53 27.91
CA LYS B 497 51.85 15.75 27.63
C LYS B 497 52.48 16.94 28.36
N GLN B 498 52.75 16.77 29.65
CA GLN B 498 53.44 17.80 30.43
C GLN B 498 54.81 18.12 29.82
N ALA B 499 55.59 17.10 29.45
CA ALA B 499 56.91 17.33 28.89
C ALA B 499 56.85 18.09 27.57
N SER B 500 55.80 17.85 26.78
CA SER B 500 55.75 18.38 25.42
C SER B 500 55.70 19.89 25.42
N TRP B 501 55.00 20.50 26.38
CA TRP B 501 54.99 21.97 26.38
C TRP B 501 56.38 22.50 26.72
N TYR B 502 57.04 21.93 27.71
CA TYR B 502 58.34 22.48 28.10
C TYR B 502 59.46 22.07 27.14
N ILE B 503 59.30 20.99 26.39
CA ILE B 503 60.25 20.74 25.30
C ILE B 503 60.09 21.83 24.24
N HIS B 504 58.84 22.16 23.93
CA HIS B 504 58.52 23.25 23.01
C HIS B 504 59.14 24.57 23.47
N LYS B 505 58.93 24.94 24.74
CA LYS B 505 59.56 26.16 25.28
C LYS B 505 61.06 26.14 25.09
N TYR B 506 61.70 25.04 25.50
CA TYR B 506 63.15 24.94 25.38
C TYR B 506 63.60 25.06 23.92
N ILE B 507 62.96 24.32 23.01
CA ILE B 507 63.41 24.35 21.62
C ILE B 507 63.26 25.75 21.04
N GLN B 508 62.10 26.38 21.26
CA GLN B 508 61.86 27.71 20.71
C GLN B 508 62.92 28.70 21.19
N ALA B 509 63.21 28.69 22.49
CA ALA B 509 64.23 29.56 23.05
C ALA B 509 65.60 29.32 22.41
N GLN B 510 65.95 28.05 22.14
CA GLN B 510 67.19 27.78 21.43
C GLN B 510 67.23 28.49 20.08
N TYR B 511 66.07 28.65 19.44
CA TYR B 511 65.99 29.36 18.16
C TYR B 511 65.71 30.85 18.34
N GLY B 512 65.79 31.35 19.58
CA GLY B 512 65.61 32.77 19.84
C GLY B 512 64.17 33.24 19.85
N ALA B 513 63.24 32.36 20.20
CA ALA B 513 61.82 32.66 20.21
C ALA B 513 61.20 32.36 21.57
N SER B 514 60.23 33.16 21.97
CA SER B 514 59.51 32.94 23.22
C SER B 514 58.20 32.20 22.95
N VAL B 515 57.62 31.67 24.03
CA VAL B 515 56.30 31.04 24.00
C VAL B 515 55.47 31.72 25.08
N SER B 516 54.14 31.57 24.99
CA SER B 516 53.30 32.15 26.03
C SER B 516 53.63 31.54 27.38
N ALA B 517 53.51 32.36 28.42
CA ALA B 517 53.71 31.83 29.77
C ALA B 517 52.53 31.00 30.24
N LYS B 518 51.47 30.94 29.44
CA LYS B 518 50.29 30.11 29.70
C LYS B 518 50.30 28.95 28.72
N PRO B 519 50.59 27.73 29.16
CA PRO B 519 50.57 26.57 28.26
C PRO B 519 49.33 26.52 27.39
N GLU B 520 49.53 26.22 26.11
CA GLU B 520 48.48 26.18 25.10
C GLU B 520 48.72 24.94 24.23
N LEU B 521 48.47 23.75 24.74
CA LEU B 521 48.55 22.59 23.86
C LEU B 521 47.30 22.56 22.96
N PRO B 522 47.47 22.28 21.66
CA PRO B 522 46.31 22.23 20.77
C PRO B 522 45.41 21.04 21.09
N LEU B 523 44.15 21.15 20.68
CA LEU B 523 43.19 20.05 20.76
C LEU B 523 43.49 19.01 19.68
N PHE B 524 42.64 17.98 19.62
CA PHE B 524 42.74 16.89 18.65
C PHE B 524 41.76 17.20 17.53
N TYR B 525 42.20 17.05 16.27
CA TYR B 525 41.39 17.44 15.11
C TYR B 525 41.35 16.33 14.06
N THR B 526 40.23 16.25 13.34
CA THR B 526 40.02 15.37 12.21
C THR B 526 39.40 16.19 11.08
N PRO B 527 39.26 15.61 9.87
CA PRO B 527 38.60 16.38 8.81
C PRO B 527 37.15 16.75 9.12
N VAL B 528 36.48 16.04 10.05
CA VAL B 528 35.14 16.42 10.47
C VAL B 528 35.11 17.88 10.90
N ASP B 529 36.17 18.34 11.57
CA ASP B 529 36.15 19.66 12.15
C ASP B 529 36.15 20.77 11.10
N LEU B 530 36.48 20.45 9.86
CA LEU B 530 36.47 21.41 8.76
C LEU B 530 35.13 21.52 8.06
N VAL B 531 34.15 20.70 8.43
CA VAL B 531 32.84 20.76 7.77
C VAL B 531 32.13 22.07 8.07
N ASP B 532 31.57 22.69 7.03
CA ASP B 532 30.91 23.99 7.12
C ASP B 532 29.45 23.80 7.53
N ILE B 533 29.05 24.37 8.67
CA ILE B 533 27.66 24.25 9.12
C ILE B 533 26.99 25.61 9.20
N SER B 534 27.41 26.54 8.36
CA SER B 534 26.70 27.81 8.26
C SER B 534 25.45 27.65 7.40
N VAL B 535 24.53 28.61 7.51
CA VAL B 535 23.30 28.57 6.74
C VAL B 535 22.82 30.00 6.54
N GLU B 536 22.28 30.26 5.35
CA GLU B 536 21.67 31.54 5.06
C GLU B 536 20.15 31.40 5.13
N MET B 537 19.49 32.36 5.78
CA MET B 537 18.03 32.30 5.86
C MET B 537 17.49 33.71 5.91
N ALA B 538 16.46 33.98 5.09
CA ALA B 538 15.84 35.30 5.03
C ALA B 538 16.90 36.40 4.91
N GLY B 539 17.98 36.10 4.18
CA GLY B 539 19.03 37.05 3.91
C GLY B 539 20.03 37.24 5.02
N LEU B 540 19.89 36.50 6.12
CA LEU B 540 20.80 36.55 7.26
C LEU B 540 21.77 35.39 7.18
N LYS B 541 23.02 35.65 7.52
CA LYS B 541 24.08 34.63 7.50
C LYS B 541 24.27 34.12 8.92
N PHE B 542 24.05 32.83 9.12
CA PHE B 542 24.23 32.17 10.42
C PHE B 542 25.50 31.34 10.40
N ILE B 543 26.40 31.57 11.35
CA ILE B 543 27.67 30.84 11.32
C ILE B 543 27.45 29.39 11.71
N ASN B 544 26.43 29.11 12.50
CA ASN B 544 25.92 27.76 12.68
C ASN B 544 24.44 27.88 12.97
N PRO B 545 23.67 26.82 12.84
CA PRO B 545 22.20 26.97 12.90
C PRO B 545 21.63 26.96 14.32
N PHE B 546 22.45 26.93 15.36
CA PHE B 546 21.95 26.84 16.72
C PHE B 546 21.90 28.21 17.40
N GLY B 547 20.78 28.48 18.07
CA GLY B 547 20.60 29.73 18.76
C GLY B 547 19.74 29.57 19.99
N LEU B 548 19.83 30.57 20.86
CA LEU B 548 19.04 30.59 22.09
C LEU B 548 17.63 31.09 21.78
N ALA B 549 16.62 30.32 22.15
CA ALA B 549 15.25 30.81 22.09
C ALA B 549 15.08 31.98 23.06
N SER B 550 14.03 32.78 22.80
CA SER B 550 13.59 33.83 23.72
C SER B 550 13.00 33.18 24.96
N ALA B 551 13.76 33.18 26.06
CA ALA B 551 13.43 32.34 27.20
C ALA B 551 14.41 32.62 28.34
N ALA B 552 14.34 31.79 29.38
CA ALA B 552 15.16 32.01 30.56
C ALA B 552 16.66 32.08 30.26
N PRO B 553 17.23 31.25 29.39
CA PRO B 553 18.65 31.44 29.04
C PRO B 553 18.96 32.80 28.44
N THR B 554 17.97 33.59 28.02
CA THR B 554 18.22 34.95 27.54
C THR B 554 17.57 35.99 28.44
N THR B 555 17.45 35.67 29.73
CA THR B 555 16.96 36.62 30.72
C THR B 555 17.73 37.93 30.70
N SER B 556 19.04 37.86 30.52
CA SER B 556 19.92 39.03 30.56
C SER B 556 20.84 39.04 29.35
N SER B 557 21.15 40.24 28.86
CA SER B 557 22.02 40.34 27.69
C SER B 557 23.44 39.88 27.99
N SER B 558 23.87 39.96 29.26
CA SER B 558 25.17 39.44 29.64
C SER B 558 25.25 37.93 29.42
N MET B 559 24.09 37.28 29.47
CA MET B 559 24.01 35.85 29.28
C MET B 559 24.19 35.52 27.81
N ILE B 560 23.53 36.29 26.94
CA ILE B 560 23.72 36.18 25.50
C ILE B 560 25.18 36.38 25.14
N ARG B 561 25.81 37.39 25.73
CA ARG B 561 27.24 37.62 25.48
C ARG B 561 28.04 36.36 25.79
N ARG B 562 27.78 35.72 26.94
CA ARG B 562 28.53 34.50 27.25
C ARG B 562 28.15 33.36 26.32
N ALA B 563 26.91 33.31 25.84
CA ALA B 563 26.52 32.30 24.88
C ALA B 563 27.23 32.47 23.55
N PHE B 564 27.35 33.71 23.07
CA PHE B 564 28.11 33.94 21.83
C PHE B 564 29.58 33.59 22.05
N GLU B 565 30.13 33.92 23.22
CA GLU B 565 31.51 33.56 23.49
C GLU B 565 31.69 32.03 23.50
N ALA B 566 30.66 31.28 23.88
CA ALA B 566 30.77 29.81 23.90
C ALA B 566 30.64 29.19 22.52
N GLY B 567 30.06 29.90 21.54
CA GLY B 567 29.94 29.42 20.17
C GLY B 567 28.56 29.46 19.54
N TRP B 568 27.56 29.98 20.25
CA TRP B 568 26.20 29.94 19.75
C TRP B 568 26.06 30.84 18.53
N GLY B 569 25.33 30.34 17.50
CA GLY B 569 25.26 31.05 16.24
C GLY B 569 24.39 32.29 16.29
N PHE B 570 23.31 32.24 17.06
CA PHE B 570 22.41 33.37 17.18
C PHE B 570 21.72 33.32 18.52
N ALA B 571 21.00 34.40 18.84
CA ALA B 571 20.23 34.45 20.07
C ALA B 571 19.04 35.39 19.90
N LEU B 572 17.98 35.06 20.62
CA LEU B 572 16.79 35.87 20.75
C LEU B 572 16.93 36.66 22.04
N THR B 573 16.47 37.91 22.06
CA THR B 573 16.25 38.52 23.36
C THR B 573 15.03 37.88 24.01
N LYS B 574 15.03 37.86 25.34
CA LYS B 574 13.78 37.68 26.05
C LYS B 574 12.77 38.68 25.49
N THR B 575 11.52 38.26 25.35
CA THR B 575 10.51 39.13 24.75
C THR B 575 10.33 40.37 25.60
N PHE B 576 10.45 41.55 24.99
CA PHE B 576 10.28 42.79 25.74
C PHE B 576 9.17 43.63 25.13
N SER B 577 8.75 44.68 25.86
CA SER B 577 7.61 45.49 25.44
C SER B 577 7.87 46.96 25.72
N LEU B 578 6.94 47.80 25.29
CA LEU B 578 6.92 49.21 25.66
C LEU B 578 6.72 49.35 27.18
N ASP B 579 7.10 50.53 27.70
CA ASP B 579 7.11 50.72 29.14
C ASP B 579 5.71 50.60 29.75
N LYS B 580 4.69 51.06 29.04
CA LYS B 580 3.32 50.97 29.57
C LYS B 580 2.88 49.53 29.81
N ASP B 581 3.52 48.56 29.15
CA ASP B 581 3.16 47.15 29.21
C ASP B 581 4.06 46.33 30.12
N ILE B 582 4.80 46.99 31.01
CA ILE B 582 5.79 46.27 31.80
C ILE B 582 5.10 45.28 32.73
N VAL B 583 5.72 44.11 32.92
CA VAL B 583 5.15 43.02 33.69
C VAL B 583 5.97 42.78 34.96
N THR B 584 5.37 42.04 35.89
CA THR B 584 6.05 41.60 37.09
C THR B 584 5.78 40.11 37.28
N ASN B 585 6.84 39.31 37.40
CA ASN B 585 6.71 37.86 37.52
C ASN B 585 6.28 37.44 38.92
N VAL B 586 5.68 36.27 39.02
CA VAL B 586 5.47 35.61 40.29
C VAL B 586 6.50 34.52 40.48
N SER B 587 6.50 33.93 41.68
CA SER B 587 7.35 32.81 42.02
C SER B 587 6.61 31.91 43.00
N PRO B 588 6.79 30.59 42.93
CA PRO B 588 7.55 29.84 41.91
C PRO B 588 6.95 29.94 40.50
N ARG B 589 7.73 29.78 39.42
CA ARG B 589 7.13 29.90 38.10
C ARG B 589 7.70 28.98 37.04
N ILE B 590 8.72 28.17 37.33
CA ILE B 590 9.24 27.20 36.38
C ILE B 590 9.43 25.89 37.13
N VAL B 591 8.79 24.80 36.66
CA VAL B 591 8.87 23.54 37.39
C VAL B 591 9.34 22.42 36.47
N ARG B 592 9.84 21.34 37.08
CA ARG B 592 10.30 20.21 36.30
C ARG B 592 9.08 19.45 35.77
N GLY B 593 9.26 18.77 34.65
CA GLY B 593 8.18 18.02 34.08
C GLY B 593 7.97 16.71 34.81
N THR B 594 6.72 16.28 34.82
CA THR B 594 6.35 14.95 35.30
C THR B 594 6.12 14.01 34.14
N THR B 595 6.56 14.41 32.94
CA THR B 595 6.23 13.72 31.70
C THR B 595 6.95 12.39 31.53
N SER B 596 7.94 12.08 32.37
CA SER B 596 8.65 10.81 32.29
C SER B 596 8.87 10.20 33.67
N GLY B 597 8.06 10.59 34.63
CA GLY B 597 8.05 9.92 35.90
C GLY B 597 9.00 10.55 36.89
N PRO B 598 9.14 9.92 38.06
CA PRO B 598 9.95 10.47 39.17
C PRO B 598 11.46 10.25 38.95
N MET B 599 11.96 10.79 37.84
CA MET B 599 13.38 10.86 37.55
C MET B 599 13.86 12.30 37.67
N TYR B 600 14.73 12.52 38.64
CA TYR B 600 15.23 13.83 39.02
C TYR B 600 16.66 14.02 38.53
N GLY B 601 17.06 15.27 38.35
CA GLY B 601 18.41 15.54 37.95
C GLY B 601 18.51 15.80 36.46
N PRO B 602 19.54 15.24 35.84
CA PRO B 602 19.80 15.56 34.43
C PRO B 602 18.66 15.09 33.55
N GLY B 603 18.50 15.74 32.42
CA GLY B 603 17.65 15.19 31.38
C GLY B 603 16.16 15.25 31.65
N GLN B 604 15.67 16.28 32.36
CA GLN B 604 14.23 16.45 32.50
C GLN B 604 13.57 16.47 31.13
N SER B 605 12.51 15.67 30.97
CA SER B 605 11.82 15.55 29.69
C SER B 605 10.92 16.73 29.36
N SER B 606 10.68 17.62 30.32
CA SER B 606 9.97 18.85 30.03
C SER B 606 10.15 19.78 31.23
N PHE B 607 9.75 21.03 31.03
CA PHE B 607 9.45 21.94 32.11
C PHE B 607 8.09 22.57 31.83
N LEU B 608 7.51 23.12 32.87
CA LEU B 608 6.35 24.00 32.74
C LEU B 608 6.70 25.36 33.31
N ASN B 609 6.27 26.43 32.66
CA ASN B 609 6.49 27.75 33.21
C ASN B 609 5.21 28.56 33.18
N ILE B 610 5.10 29.45 34.16
CA ILE B 610 4.08 30.51 34.16
C ILE B 610 4.79 31.85 34.18
N GLU B 611 5.81 31.98 33.33
CA GLU B 611 6.62 33.19 33.33
C GLU B 611 6.02 34.12 32.27
N LEU B 612 6.17 35.42 32.47
CA LEU B 612 5.70 36.43 31.52
C LEU B 612 6.82 36.83 30.58
N ILE B 613 6.66 37.98 29.92
CA ILE B 613 7.72 38.50 29.06
C ILE B 613 8.81 39.04 29.97
N SER B 614 9.82 39.68 29.37
CA SER B 614 10.94 40.17 30.17
C SER B 614 10.47 41.26 31.12
N GLU B 615 10.97 41.21 32.35
CA GLU B 615 10.80 42.30 33.31
C GLU B 615 11.75 43.47 33.03
N LYS B 616 12.66 43.34 32.08
CA LYS B 616 13.60 44.39 31.78
C LYS B 616 13.02 45.31 30.71
N THR B 617 13.44 46.57 30.74
CA THR B 617 12.79 47.59 29.93
C THR B 617 13.27 47.53 28.48
N ALA B 618 12.44 48.06 27.57
CA ALA B 618 12.86 48.12 26.18
C ALA B 618 14.13 48.93 26.01
N ALA B 619 14.36 49.91 26.88
CA ALA B 619 15.61 50.66 26.80
C ALA B 619 16.81 49.78 27.16
N TYR B 620 16.67 48.94 28.19
CA TYR B 620 17.69 47.94 28.49
C TYR B 620 17.96 47.04 27.29
N TRP B 621 16.90 46.56 26.64
CA TRP B 621 17.09 45.58 25.58
C TRP B 621 17.64 46.21 24.32
N CYS B 622 17.18 47.42 23.98
CA CYS B 622 17.70 48.09 22.78
C CYS B 622 19.17 48.46 22.97
N GLN B 623 19.52 49.05 24.11
CA GLN B 623 20.92 49.31 24.37
C GLN B 623 21.74 48.02 24.35
N SER B 624 21.20 46.94 24.91
CA SER B 624 21.91 45.67 24.91
C SER B 624 22.12 45.12 23.51
N VAL B 625 21.09 45.23 22.65
CA VAL B 625 21.26 44.76 21.29
C VAL B 625 22.35 45.54 20.57
N THR B 626 22.39 46.87 20.77
CA THR B 626 23.48 47.66 20.18
C THR B 626 24.84 47.15 20.66
N GLU B 627 25.00 46.96 21.98
CA GLU B 627 26.29 46.51 22.52
C GLU B 627 26.66 45.13 21.98
N LEU B 628 25.68 44.23 21.89
CA LEU B 628 25.97 42.88 21.45
C LEU B 628 26.35 42.86 19.98
N LYS B 629 25.67 43.65 19.15
CA LYS B 629 25.97 43.66 17.73
C LYS B 629 27.28 44.39 17.45
N ALA B 630 27.61 45.39 18.29
CA ALA B 630 28.92 46.02 18.17
C ALA B 630 30.05 45.03 18.43
N ASP B 631 29.90 44.18 19.46
CA ASP B 631 30.96 43.25 19.85
C ASP B 631 30.90 41.91 19.12
N PHE B 632 29.74 41.51 18.60
CA PHE B 632 29.59 40.20 17.98
C PHE B 632 28.90 40.35 16.63
N PRO B 633 29.55 41.00 15.66
CA PRO B 633 28.87 41.29 14.40
C PRO B 633 28.52 40.06 13.57
N ASP B 634 29.19 38.93 13.81
CA ASP B 634 28.90 37.70 13.06
C ASP B 634 27.85 36.83 13.73
N ASN B 635 27.42 37.16 14.93
CA ASN B 635 26.36 36.44 15.61
C ASN B 635 25.06 37.19 15.38
N ILE B 636 24.02 36.46 14.99
CA ILE B 636 22.74 37.05 14.66
C ILE B 636 22.00 37.32 15.96
N VAL B 637 21.45 38.53 16.11
CA VAL B 637 20.65 38.88 17.28
C VAL B 637 19.25 39.25 16.80
N ILE B 638 18.26 38.58 17.33
CA ILE B 638 16.88 38.78 16.92
C ILE B 638 16.14 39.31 18.13
N ALA B 639 15.58 40.51 18.00
CA ALA B 639 14.84 41.10 19.12
C ALA B 639 13.43 40.54 19.14
N SER B 640 13.05 39.87 20.22
CA SER B 640 11.69 39.38 20.38
C SER B 640 10.87 40.45 21.09
N ILE B 641 9.70 40.78 20.53
CA ILE B 641 8.91 41.92 20.96
C ILE B 641 7.44 41.54 21.02
N MET B 642 6.70 42.20 21.90
CA MET B 642 5.27 41.95 22.08
C MET B 642 4.53 43.24 22.38
N CYS B 643 3.43 43.46 21.68
CA CYS B 643 2.49 44.52 22.00
C CYS B 643 1.09 43.92 22.10
N SER B 644 0.17 44.69 22.65
CA SER B 644 -1.23 44.37 22.46
C SER B 644 -1.61 44.66 21.01
N TYR B 645 -2.86 44.36 20.67
CA TYR B 645 -3.34 44.47 19.29
C TYR B 645 -3.61 45.94 18.98
N ASN B 646 -2.55 46.65 18.58
CA ASN B 646 -2.57 48.11 18.49
C ASN B 646 -1.52 48.50 17.45
N LYS B 647 -1.95 49.13 16.35
CA LYS B 647 -1.07 49.42 15.23
C LYS B 647 0.12 50.29 15.65
N ASN B 648 -0.16 51.38 16.37
CA ASN B 648 0.90 52.30 16.74
C ASN B 648 1.93 51.64 17.65
N ASP B 649 1.45 50.81 18.60
CA ASP B 649 2.37 50.14 19.52
C ASP B 649 3.34 49.23 18.76
N TRP B 650 2.81 48.40 17.86
CA TRP B 650 3.68 47.48 17.12
C TRP B 650 4.65 48.22 16.23
N MET B 651 4.20 49.32 15.60
CA MET B 651 5.12 50.04 14.72
C MET B 651 6.18 50.76 15.54
N GLU B 652 5.80 51.29 16.72
CA GLU B 652 6.77 51.96 17.59
C GLU B 652 7.81 50.98 18.11
N LEU B 653 7.35 49.84 18.65
CA LEU B 653 8.28 48.91 19.29
C LEU B 653 9.20 48.25 18.26
N SER B 654 8.68 47.88 17.09
CA SER B 654 9.54 47.28 16.08
C SER B 654 10.55 48.30 15.55
N ARG B 655 10.15 49.55 15.36
CA ARG B 655 11.09 50.57 14.89
C ARG B 655 12.19 50.81 15.92
N LYS B 656 11.84 50.79 17.21
CA LYS B 656 12.85 50.94 18.25
C LYS B 656 13.83 49.78 18.23
N ALA B 657 13.33 48.56 18.07
CA ALA B 657 14.22 47.41 18.00
C ALA B 657 15.06 47.44 16.74
N GLU B 658 14.46 47.81 15.60
CA GLU B 658 15.28 47.98 14.40
C GLU B 658 16.38 49.01 14.63
N ALA B 659 16.01 50.17 15.19
CA ALA B 659 16.98 51.25 15.36
C ALA B 659 18.19 50.80 16.18
N SER B 660 17.98 49.89 17.12
CA SER B 660 19.06 49.43 18.00
C SER B 660 20.03 48.49 17.29
N GLY B 661 19.70 48.01 16.09
CA GLY B 661 20.61 47.19 15.32
C GLY B 661 20.31 45.71 15.32
N ALA B 662 19.15 45.30 15.81
CA ALA B 662 18.72 43.92 15.66
C ALA B 662 18.85 43.47 14.21
N ASP B 663 19.36 42.26 14.00
CA ASP B 663 19.40 41.73 12.65
C ASP B 663 18.00 41.43 12.13
N ALA B 664 17.06 41.18 13.04
CA ALA B 664 15.71 40.77 12.69
C ALA B 664 14.87 40.88 13.94
N LEU B 665 13.55 40.75 13.75
CA LEU B 665 12.59 40.78 14.84
C LEU B 665 11.85 39.46 14.90
N GLU B 666 11.41 39.11 16.10
CA GLU B 666 10.51 37.99 16.31
C GLU B 666 9.29 38.53 17.04
N LEU B 667 8.11 38.34 16.44
CA LEU B 667 6.88 38.85 17.02
C LEU B 667 6.28 37.78 17.93
N ASN B 668 6.21 38.08 19.22
CA ASN B 668 5.60 37.19 20.19
C ASN B 668 4.10 37.42 20.18
N LEU B 669 3.34 36.43 19.70
CA LEU B 669 1.90 36.54 19.48
C LEU B 669 1.07 36.05 20.65
N SER B 670 1.61 36.10 21.88
CA SER B 670 0.92 35.56 23.05
C SER B 670 -0.02 36.57 23.71
N SER B 671 -0.08 37.80 23.21
CA SER B 671 -0.87 38.84 23.87
C SER B 671 -2.36 38.54 23.78
N PRO B 672 -3.09 38.52 24.90
CA PRO B 672 -4.54 38.29 24.85
C PRO B 672 -5.27 39.46 24.20
N HIS B 673 -6.12 39.15 23.22
CA HIS B 673 -6.83 40.19 22.47
C HIS B 673 -8.13 40.61 23.15
N GLY B 681 -9.87 31.88 20.04
CA GLY B 681 -9.19 31.78 21.32
C GLY B 681 -8.90 33.13 21.96
N LEU B 682 -7.99 33.14 22.92
CA LEU B 682 -7.67 34.37 23.63
C LEU B 682 -6.46 35.10 23.06
N ALA B 683 -5.49 34.39 22.49
CA ALA B 683 -4.22 34.99 22.11
C ALA B 683 -4.24 35.41 20.64
N CYS B 684 -3.44 36.44 20.33
CA CYS B 684 -3.37 36.94 18.97
C CYS B 684 -2.92 35.84 18.02
N GLY B 685 -1.91 35.07 18.41
CA GLY B 685 -1.44 33.98 17.58
C GLY B 685 -2.42 32.85 17.35
N GLN B 686 -3.59 32.90 17.98
CA GLN B 686 -4.63 31.91 17.74
C GLN B 686 -5.65 32.34 16.70
N ASP B 687 -5.48 33.51 16.09
CA ASP B 687 -6.44 34.08 15.16
C ASP B 687 -5.70 34.54 13.92
N PRO B 688 -5.98 33.96 12.75
CA PRO B 688 -5.22 34.33 11.54
C PRO B 688 -5.37 35.79 11.16
N GLU B 689 -6.56 36.37 11.33
CA GLU B 689 -6.76 37.77 10.94
C GLU B 689 -5.96 38.72 11.80
N LEU B 690 -5.88 38.45 13.11
CA LEU B 690 -5.04 39.28 13.96
C LEU B 690 -3.57 39.19 13.54
N VAL B 691 -3.09 37.97 13.30
CA VAL B 691 -1.69 37.78 12.92
C VAL B 691 -1.39 38.47 11.60
N ARG B 692 -2.29 38.34 10.63
CA ARG B 692 -2.05 38.98 9.34
C ARG B 692 -1.95 40.49 9.50
N ASN B 693 -2.76 41.07 10.39
CA ASN B 693 -2.69 42.52 10.55
C ASN B 693 -1.44 42.94 11.30
N ILE B 694 -1.02 42.14 12.30
CA ILE B 694 0.18 42.50 13.06
C ILE B 694 1.39 42.48 12.14
N CYS B 695 1.46 41.46 11.28
CA CYS B 695 2.58 41.38 10.35
C CYS B 695 2.51 42.49 9.30
N ARG B 696 1.30 42.88 8.89
CA ARG B 696 1.17 44.01 7.99
C ARG B 696 1.71 45.29 8.63
N TRP B 697 1.35 45.54 9.89
CA TRP B 697 1.82 46.73 10.60
C TRP B 697 3.34 46.76 10.70
N VAL B 698 3.93 45.64 11.14
CA VAL B 698 5.36 45.60 11.32
C VAL B 698 6.09 45.71 9.99
N ARG B 699 5.52 45.11 8.93
CA ARG B 699 6.18 45.17 7.63
C ARG B 699 6.25 46.60 7.11
N GLN B 700 5.21 47.38 7.41
CA GLN B 700 5.14 48.79 7.07
C GLN B 700 6.11 49.63 7.91
N ALA B 701 6.45 49.15 9.09
CA ALA B 701 7.27 49.90 10.04
C ALA B 701 8.77 49.70 9.87
N VAL B 702 9.23 48.50 9.45
CA VAL B 702 10.65 48.18 9.48
C VAL B 702 11.09 47.57 8.16
N GLN B 703 12.38 47.75 7.86
CA GLN B 703 12.97 47.14 6.68
C GLN B 703 13.65 45.82 6.97
N ILE B 704 14.06 45.56 8.20
CA ILE B 704 14.74 44.30 8.54
C ILE B 704 13.76 43.12 8.47
N PRO B 705 14.26 41.90 8.34
CA PRO B 705 13.35 40.74 8.37
C PRO B 705 12.70 40.60 9.73
N PHE B 706 11.51 39.98 9.73
CA PHE B 706 10.83 39.64 10.98
C PHE B 706 10.08 38.31 10.83
N PHE B 707 9.96 37.64 11.98
CA PHE B 707 9.43 36.29 12.05
C PHE B 707 8.29 36.28 13.05
N ALA B 708 7.16 35.69 12.68
CA ALA B 708 6.06 35.51 13.61
C ALA B 708 6.29 34.24 14.42
N LYS B 709 6.31 34.36 15.75
CA LYS B 709 6.45 33.19 16.60
C LYS B 709 5.05 32.59 16.83
N LEU B 710 4.87 31.35 16.37
CA LEU B 710 3.56 30.75 16.39
C LEU B 710 3.33 29.96 17.66
N THR B 711 2.07 29.92 18.09
CA THR B 711 1.70 29.04 19.17
C THR B 711 1.20 27.71 18.61
N PRO B 712 1.56 26.58 19.22
CA PRO B 712 1.00 25.31 18.77
C PRO B 712 -0.40 25.05 19.30
N ASN B 713 -0.93 25.93 20.13
CA ASN B 713 -2.23 25.73 20.79
C ASN B 713 -3.35 26.25 19.90
N VAL B 714 -3.36 25.77 18.66
CA VAL B 714 -4.34 26.18 17.65
C VAL B 714 -4.80 24.94 16.90
N THR B 715 -6.03 25.01 16.39
CA THR B 715 -6.56 23.93 15.56
C THR B 715 -5.73 23.75 14.29
N ASP B 716 -5.35 24.85 13.63
CA ASP B 716 -4.70 24.77 12.31
C ASP B 716 -3.55 25.77 12.28
N ILE B 717 -2.33 25.31 12.59
CA ILE B 717 -1.20 26.21 12.62
C ILE B 717 -0.83 26.70 11.22
N VAL B 718 -1.16 25.94 10.19
CA VAL B 718 -0.82 26.35 8.84
C VAL B 718 -1.56 27.64 8.47
N SER B 719 -2.80 27.78 8.94
CA SER B 719 -3.56 29.01 8.62
C SER B 719 -2.94 30.24 9.28
N ILE B 720 -2.34 30.10 10.46
CA ILE B 720 -1.65 31.22 11.10
C ILE B 720 -0.36 31.54 10.33
N ALA B 721 0.43 30.50 10.03
CA ALA B 721 1.62 30.67 9.21
C ALA B 721 1.31 31.35 7.89
N ARG B 722 0.24 30.91 7.22
CA ARG B 722 -0.13 31.52 5.96
C ARG B 722 -0.50 32.99 6.14
N ALA B 723 -1.20 33.29 7.23
CA ALA B 723 -1.61 34.67 7.48
C ALA B 723 -0.40 35.55 7.73
N ALA B 724 0.59 35.03 8.46
CA ALA B 724 1.81 35.80 8.70
C ALA B 724 2.53 36.06 7.38
N LYS B 725 2.65 35.04 6.54
CA LYS B 725 3.26 35.21 5.23
C LYS B 725 2.50 36.25 4.40
N GLU B 726 1.16 36.17 4.40
CA GLU B 726 0.36 37.11 3.64
C GLU B 726 0.52 38.53 4.16
N GLY B 727 0.68 38.70 5.47
CA GLY B 727 0.89 40.01 6.06
C GLY B 727 2.27 40.60 5.88
N GLY B 728 3.23 39.80 5.38
CA GLY B 728 4.55 40.32 5.09
C GLY B 728 5.68 39.76 5.94
N ALA B 729 5.41 38.78 6.80
CA ALA B 729 6.47 38.17 7.59
C ALA B 729 7.49 37.48 6.68
N ASP B 730 8.75 37.49 7.09
CA ASP B 730 9.77 36.82 6.31
C ASP B 730 9.97 35.37 6.72
N GLY B 731 9.27 34.91 7.75
CA GLY B 731 9.34 33.52 8.16
C GLY B 731 8.52 33.32 9.41
N VAL B 732 8.56 32.11 9.95
CA VAL B 732 7.84 31.82 11.17
C VAL B 732 8.75 31.05 12.11
N THR B 733 8.53 31.29 13.40
CA THR B 733 9.12 30.50 14.47
C THR B 733 8.05 29.54 14.97
N ALA B 734 8.34 28.25 14.88
CA ALA B 734 7.43 27.19 15.30
C ALA B 734 8.18 26.23 16.23
N THR B 735 7.75 26.15 17.48
CA THR B 735 6.61 26.81 18.09
C THR B 735 6.95 27.26 19.49
N ASN B 736 6.03 28.04 20.06
CA ASN B 736 6.02 28.37 21.48
C ASN B 736 5.61 27.14 22.30
N THR B 737 5.40 27.35 23.59
CA THR B 737 5.12 26.26 24.51
C THR B 737 3.67 25.78 24.35
N VAL B 738 3.43 24.53 24.76
CA VAL B 738 2.10 23.91 24.71
C VAL B 738 1.39 24.17 26.03
N SER B 739 0.12 24.55 25.96
CA SER B 739 -0.63 24.87 27.17
C SER B 739 -0.85 23.60 27.98
N GLY B 740 -0.56 23.67 29.28
CA GLY B 740 -0.64 22.49 30.10
C GLY B 740 -0.67 22.80 31.57
N LEU B 741 -0.86 21.75 32.36
CA LEU B 741 -0.74 21.77 33.81
C LEU B 741 0.13 20.59 34.19
N MET B 742 1.15 20.80 35.00
CA MET B 742 2.09 19.69 35.10
C MET B 742 1.79 18.76 36.25
N GLY B 743 0.84 19.11 37.10
CA GLY B 743 0.35 18.13 38.03
C GLY B 743 0.06 18.72 39.40
N LEU B 744 -0.51 17.87 40.27
CA LEU B 744 -0.93 18.25 41.60
C LEU B 744 -0.33 17.28 42.60
N LYS B 745 -0.12 17.77 43.82
CA LYS B 745 0.20 16.90 44.95
C LYS B 745 -1.04 16.10 45.34
N ALA B 746 -0.84 15.09 46.19
CA ALA B 746 -1.94 14.21 46.56
C ALA B 746 -3.00 14.91 47.38
N ASP B 747 -2.68 16.04 48.02
CA ASP B 747 -3.73 16.80 48.66
C ASP B 747 -4.45 17.74 47.69
N GLY B 748 -4.09 17.73 46.42
CA GLY B 748 -4.81 18.55 45.46
C GLY B 748 -4.18 19.90 45.18
N THR B 749 -3.11 20.27 45.89
CA THR B 749 -2.51 21.56 45.59
C THR B 749 -1.60 21.45 44.37
N PRO B 750 -1.54 22.49 43.55
CA PRO B 750 -0.74 22.43 42.33
C PRO B 750 0.74 22.64 42.58
N TRP B 751 1.50 22.43 41.50
CA TRP B 751 2.88 22.87 41.42
C TRP B 751 3.10 23.35 39.98
N PRO B 752 3.49 24.63 39.79
CA PRO B 752 3.85 25.62 40.81
C PRO B 752 2.66 26.05 41.68
N ALA B 753 2.91 26.38 42.94
CA ALA B 753 1.90 26.89 43.86
C ALA B 753 2.36 28.27 44.30
N VAL B 754 1.53 29.29 44.06
CA VAL B 754 1.92 30.68 44.29
C VAL B 754 1.12 31.26 45.44
N GLY B 755 1.81 31.93 46.36
CA GLY B 755 1.18 32.68 47.44
C GLY B 755 0.57 31.79 48.50
N ALA B 756 -0.09 32.46 49.45
CA ALA B 756 -0.73 31.76 50.57
C ALA B 756 -1.83 30.81 50.09
N GLY B 757 -2.52 31.15 49.00
CA GLY B 757 -3.59 30.33 48.49
C GLY B 757 -3.15 29.16 47.66
N LYS B 758 -1.84 28.97 47.49
CA LYS B 758 -1.28 27.86 46.75
C LYS B 758 -1.94 27.77 45.37
N ARG B 759 -2.00 28.92 44.69
CA ARG B 759 -2.73 29.03 43.44
C ARG B 759 -1.84 28.77 42.25
N THR B 760 -2.47 28.47 41.10
CA THR B 760 -1.71 28.34 39.87
C THR B 760 -2.56 28.78 38.69
N THR B 761 -1.94 28.81 37.52
CA THR B 761 -2.64 29.04 36.27
C THR B 761 -2.03 28.11 35.23
N TYR B 762 -2.69 28.02 34.08
CA TYR B 762 -2.17 27.16 33.01
C TYR B 762 -0.83 27.70 32.55
N GLY B 763 0.11 26.80 32.35
CA GLY B 763 1.46 27.20 32.00
C GLY B 763 1.84 26.63 30.65
N GLY B 764 3.11 26.78 30.28
CA GLY B 764 3.57 26.34 28.99
C GLY B 764 4.58 25.19 29.18
N VAL B 765 4.37 24.14 28.42
CA VAL B 765 5.22 22.96 28.48
C VAL B 765 6.29 23.11 27.41
N SER B 766 7.54 22.90 27.81
CA SER B 766 8.67 23.00 26.90
C SER B 766 9.46 21.70 27.02
N GLY B 767 10.41 21.51 26.12
CA GLY B 767 11.32 20.38 26.24
C GLY B 767 10.97 19.23 25.33
N THR B 768 11.65 18.10 25.58
CA THR B 768 11.56 17.01 24.62
C THR B 768 10.15 16.43 24.56
N ALA B 769 9.37 16.57 25.64
CA ALA B 769 8.00 16.09 25.66
C ALA B 769 7.15 16.73 24.57
N ILE B 770 7.48 17.95 24.14
CA ILE B 770 6.69 18.59 23.10
C ILE B 770 7.33 18.49 21.73
N ARG B 771 8.48 17.83 21.62
CA ARG B 771 9.10 17.68 20.31
C ARG B 771 8.17 17.10 19.25
N PRO B 772 7.38 16.05 19.50
CA PRO B 772 6.47 15.57 18.44
C PRO B 772 5.51 16.65 17.97
N ILE B 773 5.07 17.54 18.86
CA ILE B 773 4.14 18.59 18.49
C ILE B 773 4.83 19.62 17.62
N ALA B 774 6.06 19.99 17.99
CA ALA B 774 6.81 20.96 17.22
C ALA B 774 7.21 20.41 15.86
N LEU B 775 7.64 19.14 15.82
CA LEU B 775 8.02 18.55 14.54
C LEU B 775 6.84 18.52 13.58
N ARG B 776 5.65 18.19 14.09
CA ARG B 776 4.47 18.20 13.25
C ARG B 776 4.23 19.58 12.68
N ALA B 777 4.35 20.62 13.53
CA ALA B 777 4.10 21.97 13.08
C ALA B 777 5.10 22.41 12.02
N VAL B 778 6.40 22.17 12.26
CA VAL B 778 7.40 22.55 11.27
C VAL B 778 7.14 21.82 9.95
N THR B 779 6.96 20.49 10.01
CA THR B 779 6.75 19.72 8.77
C THR B 779 5.52 20.19 8.02
N THR B 780 4.43 20.45 8.75
CA THR B 780 3.18 20.79 8.07
C THR B 780 3.23 22.18 7.44
N ILE B 781 3.90 23.13 8.12
CA ILE B 781 4.15 24.44 7.53
C ILE B 781 5.08 24.32 6.33
N ALA B 782 6.11 23.49 6.44
CA ALA B 782 7.08 23.42 5.36
C ALA B 782 6.45 22.85 4.09
N ARG B 783 5.51 21.92 4.24
CA ARG B 783 4.83 21.33 3.09
C ARG B 783 3.78 22.27 2.52
N ALA B 784 3.07 22.99 3.39
CA ALA B 784 2.05 23.93 2.93
C ALA B 784 2.67 25.17 2.30
N LEU B 785 3.82 25.62 2.80
CA LEU B 785 4.44 26.87 2.34
C LEU B 785 5.88 26.60 1.93
N PRO B 786 6.08 25.96 0.77
CA PRO B 786 7.44 25.54 0.36
C PRO B 786 8.42 26.70 0.29
N GLY B 787 9.56 26.54 0.95
CA GLY B 787 10.59 27.55 0.92
C GLY B 787 10.43 28.69 1.91
N PHE B 788 9.32 28.79 2.61
CA PHE B 788 9.10 29.84 3.61
C PHE B 788 10.02 29.56 4.81
N PRO B 789 10.87 30.50 5.21
CA PRO B 789 11.81 30.21 6.31
C PRO B 789 11.09 29.85 7.60
N ILE B 790 11.58 28.80 8.25
CA ILE B 790 11.09 28.35 9.54
C ILE B 790 12.24 28.29 10.54
N LEU B 791 12.05 28.91 11.71
CA LEU B 791 12.92 28.74 12.85
C LEU B 791 12.25 27.74 13.81
N ALA B 792 12.91 26.62 14.08
CA ALA B 792 12.31 25.56 14.88
C ALA B 792 12.63 25.76 16.36
N THR B 793 11.62 25.55 17.23
CA THR B 793 11.89 25.44 18.66
C THR B 793 10.93 24.42 19.24
N GLY B 794 11.43 23.56 20.12
CA GLY B 794 10.58 22.56 20.75
C GLY B 794 11.28 21.24 20.96
N GLY B 795 12.00 21.10 22.07
CA GLY B 795 12.66 19.84 22.34
C GLY B 795 13.98 19.59 21.63
N ILE B 796 14.65 20.62 21.10
CA ILE B 796 15.94 20.42 20.44
C ILE B 796 17.03 20.33 21.50
N ASP B 797 17.75 19.19 21.53
CA ASP B 797 18.72 18.97 22.60
C ASP B 797 19.96 18.21 22.14
N SER B 798 20.29 18.25 20.87
CA SER B 798 21.37 17.47 20.29
C SER B 798 21.45 17.84 18.82
N ALA B 799 22.62 17.64 18.24
CA ALA B 799 22.71 17.76 16.79
C ALA B 799 21.77 16.78 16.10
N GLU B 800 21.57 15.59 16.68
CA GLU B 800 20.72 14.59 16.02
C GLU B 800 19.27 15.09 15.93
N SER B 801 18.74 15.58 17.05
CA SER B 801 17.40 16.14 17.04
C SER B 801 17.35 17.43 16.24
N GLY B 802 18.40 18.25 16.30
CA GLY B 802 18.47 19.40 15.41
C GLY B 802 18.37 19.02 13.94
N LEU B 803 19.10 17.98 13.53
CA LEU B 803 19.04 17.54 12.14
C LEU B 803 17.62 17.12 11.74
N GLN B 804 16.89 16.49 12.65
CA GLN B 804 15.48 16.14 12.38
C GLN B 804 14.67 17.37 11.99
N PHE B 805 14.83 18.48 12.71
CA PHE B 805 14.08 19.68 12.37
C PHE B 805 14.55 20.29 11.05
N LEU B 806 15.85 20.25 10.78
CA LEU B 806 16.35 20.72 9.50
C LEU B 806 15.76 19.88 8.37
N HIS B 807 15.85 18.54 8.49
CA HIS B 807 15.17 17.65 7.55
C HIS B 807 13.69 17.98 7.43
N SER B 808 13.09 18.49 8.49
CA SER B 808 11.66 18.78 8.46
C SER B 808 11.31 20.12 7.82
N GLY B 809 12.29 20.93 7.39
CA GLY B 809 12.01 22.19 6.72
C GLY B 809 12.52 23.44 7.44
N ALA B 810 13.04 23.33 8.66
CA ALA B 810 13.55 24.50 9.34
C ALA B 810 14.96 24.80 8.86
N SER B 811 15.32 26.08 8.90
CA SER B 811 16.67 26.49 8.55
C SER B 811 17.57 26.68 9.75
N VAL B 812 17.01 27.13 10.89
CA VAL B 812 17.80 27.33 12.10
C VAL B 812 17.00 26.79 13.28
N LEU B 813 17.68 26.64 14.42
CA LEU B 813 17.23 25.77 15.50
C LEU B 813 17.36 26.52 16.82
N GLN B 814 16.25 26.83 17.47
CA GLN B 814 16.29 27.56 18.73
C GLN B 814 16.21 26.60 19.90
N VAL B 815 16.89 26.94 20.99
CA VAL B 815 17.02 26.02 22.12
C VAL B 815 16.75 26.77 23.42
N CYS B 816 15.93 26.18 24.29
CA CYS B 816 15.80 26.65 25.66
C CYS B 816 16.01 25.52 26.66
N SER B 817 15.09 24.54 26.65
CA SER B 817 15.03 23.59 27.74
C SER B 817 16.31 22.77 27.86
N ALA B 818 16.99 22.47 26.74
CA ALA B 818 18.24 21.74 26.86
C ALA B 818 19.32 22.55 27.57
N VAL B 819 19.23 23.88 27.57
CA VAL B 819 20.22 24.66 28.31
C VAL B 819 19.83 24.74 29.77
N GLN B 820 18.52 24.87 30.04
CA GLN B 820 18.02 24.79 31.41
C GLN B 820 18.47 23.50 32.07
N ASN B 821 18.50 22.40 31.31
CA ASN B 821 18.93 21.08 31.77
C ASN B 821 20.46 21.00 31.93
N GLN B 822 21.20 22.00 31.47
CA GLN B 822 22.64 21.88 31.41
C GLN B 822 23.24 23.28 31.54
N ASP B 823 23.84 23.80 30.47
CA ASP B 823 24.51 25.10 30.46
C ASP B 823 24.86 25.42 29.01
N PHE B 824 25.45 26.60 28.78
CA PHE B 824 25.69 27.09 27.43
C PHE B 824 26.69 26.24 26.66
N THR B 825 27.53 25.46 27.33
CA THR B 825 28.56 24.78 26.55
C THR B 825 28.02 23.65 25.69
N VAL B 826 26.74 23.28 25.83
CA VAL B 826 26.18 22.25 24.94
C VAL B 826 26.35 22.63 23.47
N ILE B 827 26.56 23.94 23.18
CA ILE B 827 26.72 24.36 21.79
C ILE B 827 27.91 23.65 21.14
N GLN B 828 28.95 23.36 21.92
CA GLN B 828 30.10 22.68 21.31
C GLN B 828 29.76 21.24 20.94
N ASP B 829 28.94 20.58 21.75
CA ASP B 829 28.44 19.26 21.37
C ASP B 829 27.57 19.35 20.11
N TYR B 830 26.71 20.36 20.04
CA TYR B 830 25.81 20.47 18.89
C TYR B 830 26.59 20.68 17.60
N CYS B 831 27.62 21.54 17.63
CA CYS B 831 28.36 21.85 16.41
C CYS B 831 29.20 20.66 15.95
N THR B 832 29.97 20.04 16.85
CA THR B 832 30.73 18.86 16.41
C THR B 832 29.79 17.74 15.98
N GLY B 833 28.62 17.64 16.62
CA GLY B 833 27.68 16.60 16.24
C GLY B 833 27.14 16.82 14.86
N LEU B 834 26.75 18.05 14.55
CA LEU B 834 26.22 18.35 13.21
C LEU B 834 27.30 18.17 12.16
N LYS B 835 28.54 18.57 12.48
CA LYS B 835 29.64 18.34 11.55
C LYS B 835 29.82 16.83 11.28
N ALA B 836 29.75 16.01 12.33
CA ALA B 836 29.98 14.57 12.12
C ALA B 836 28.82 13.93 11.34
N LEU B 837 27.58 14.28 11.67
CA LEU B 837 26.44 13.76 10.92
C LEU B 837 26.56 14.09 9.44
N LEU B 838 26.93 15.32 9.12
CA LEU B 838 27.08 15.71 7.71
C LEU B 838 28.25 14.97 7.06
N TYR B 839 29.39 14.92 7.75
CA TYR B 839 30.57 14.27 7.18
C TYR B 839 30.29 12.81 6.86
N LEU B 840 29.61 12.11 7.75
CA LEU B 840 29.38 10.68 7.57
C LEU B 840 28.48 10.39 6.39
N LYS B 841 27.71 11.37 5.92
CA LYS B 841 26.92 11.14 4.71
C LYS B 841 27.78 11.03 3.46
N SER B 842 29.06 11.43 3.52
CA SER B 842 29.93 11.29 2.36
C SER B 842 30.67 9.96 2.33
N ILE B 843 30.56 9.14 3.37
CA ILE B 843 31.38 7.94 3.54
C ILE B 843 30.54 6.74 3.10
N GLU B 844 30.83 6.16 1.92
CA GLU B 844 30.04 5.03 1.43
C GLU B 844 30.14 3.83 2.37
N GLU B 845 31.30 3.62 2.99
CA GLU B 845 31.49 2.45 3.83
C GLU B 845 30.60 2.46 5.07
N LEU B 846 30.04 3.61 5.43
CA LEU B 846 29.22 3.75 6.62
C LEU B 846 27.74 3.95 6.29
N GLN B 847 27.31 3.55 5.09
CA GLN B 847 25.91 3.71 4.68
C GLN B 847 24.93 3.03 5.65
N GLY B 848 25.33 1.91 6.26
CA GLY B 848 24.43 1.16 7.13
C GLY B 848 24.32 1.66 8.57
N TRP B 849 25.08 2.67 8.95
CA TRP B 849 24.90 3.32 10.24
C TRP B 849 23.69 4.24 10.21
N ASP B 850 23.07 4.44 11.37
CA ASP B 850 22.06 5.48 11.53
C ASP B 850 22.74 6.68 12.17
N GLY B 851 23.17 7.64 11.36
CA GLY B 851 23.92 8.75 11.90
C GLY B 851 25.22 8.26 12.50
N GLN B 852 25.42 8.49 13.79
CA GLN B 852 26.66 8.07 14.44
C GLN B 852 26.56 6.68 15.08
N SER B 853 25.42 6.01 14.97
CA SER B 853 25.25 4.71 15.59
C SER B 853 25.65 3.59 14.64
N PRO B 854 26.61 2.75 15.00
CA PRO B 854 26.90 1.58 14.15
C PRO B 854 25.70 0.64 14.12
N GLY B 855 25.55 -0.07 13.00
CA GLY B 855 24.56 -1.14 12.94
C GLY B 855 24.71 -2.15 14.06
N THR B 856 23.64 -2.38 14.82
CA THR B 856 23.74 -3.21 16.02
C THR B 856 24.01 -4.66 15.64
N GLU B 857 24.95 -5.29 16.34
CA GLU B 857 25.25 -6.70 16.17
C GLU B 857 24.99 -7.45 17.46
N SER B 858 24.86 -8.77 17.33
CA SER B 858 24.52 -9.60 18.47
C SER B 858 25.53 -9.44 19.58
N HIS B 859 25.03 -9.10 20.76
CA HIS B 859 25.84 -8.80 21.92
C HIS B 859 25.06 -9.22 23.17
N GLN B 860 25.78 -9.56 24.22
CA GLN B 860 25.19 -9.69 25.55
C GLN B 860 26.10 -8.93 26.51
N LYS B 861 25.52 -8.03 27.30
CA LYS B 861 26.27 -7.06 28.12
C LYS B 861 27.23 -6.23 27.25
N GLY B 862 26.77 -5.84 26.07
CA GLY B 862 27.62 -5.07 25.17
C GLY B 862 28.86 -5.80 24.71
N LYS B 863 28.94 -7.11 24.94
CA LYS B 863 30.04 -7.89 24.39
C LYS B 863 29.49 -8.78 23.28
N PRO B 864 30.17 -8.83 22.12
CA PRO B 864 29.64 -9.61 21.00
C PRO B 864 29.49 -11.08 21.40
N VAL B 865 28.41 -11.71 20.93
CA VAL B 865 28.22 -13.14 21.18
C VAL B 865 29.12 -13.90 20.22
N PRO B 866 29.68 -15.04 20.62
CA PRO B 866 30.54 -15.81 19.70
C PRO B 866 29.74 -16.32 18.50
N ARG B 867 30.42 -16.37 17.35
CA ARG B 867 29.85 -16.95 16.13
C ARG B 867 30.30 -18.41 16.05
N ILE B 868 29.55 -19.27 16.73
CA ILE B 868 29.84 -20.69 16.85
C ILE B 868 28.60 -21.45 16.43
N ALA B 869 28.74 -22.35 15.44
CA ALA B 869 27.58 -23.07 14.93
C ALA B 869 26.86 -23.84 16.01
N GLU B 870 27.61 -24.46 16.93
CA GLU B 870 27.02 -25.26 18.00
C GLU B 870 26.25 -24.44 19.03
N LEU B 871 26.38 -23.11 19.04
CA LEU B 871 25.65 -22.25 19.97
C LEU B 871 24.34 -21.69 19.43
N MET B 872 24.26 -21.39 18.13
CA MET B 872 23.24 -20.51 17.57
C MET B 872 22.18 -21.30 16.83
N GLY B 873 20.93 -21.10 17.27
CA GLY B 873 19.81 -21.89 16.83
C GLY B 873 19.44 -22.99 17.80
N LYS B 874 20.21 -23.16 18.87
CA LYS B 874 20.07 -24.27 19.81
C LYS B 874 19.23 -23.93 21.05
N LYS B 875 18.63 -22.75 21.11
CA LYS B 875 17.79 -22.31 22.21
C LYS B 875 18.52 -22.49 23.53
N LEU B 876 19.68 -21.87 23.59
CA LEU B 876 20.45 -21.81 24.83
C LEU B 876 20.43 -20.36 25.30
N PRO B 877 19.54 -19.99 26.20
CA PRO B 877 19.60 -18.66 26.82
C PRO B 877 20.73 -18.57 27.84
N ASN B 878 20.99 -17.34 28.29
CA ASN B 878 22.18 -17.08 29.12
C ASN B 878 21.89 -17.24 30.61
N PHE B 879 21.29 -18.36 31.00
CA PHE B 879 21.11 -18.63 32.43
C PHE B 879 21.04 -20.14 32.65
N GLY B 880 21.18 -20.53 33.92
CA GLY B 880 20.88 -21.87 34.35
C GLY B 880 21.72 -22.91 33.62
N PRO B 881 21.15 -24.10 33.39
CA PRO B 881 21.92 -25.14 32.70
C PRO B 881 22.25 -24.78 31.26
N TYR B 882 21.44 -23.95 30.63
CA TYR B 882 21.74 -23.47 29.27
C TYR B 882 23.04 -22.68 29.24
N LEU B 883 23.25 -21.80 30.23
CA LEU B 883 24.50 -21.05 30.32
C LEU B 883 25.69 -22.00 30.49
N GLU B 884 25.55 -23.00 31.37
CA GLU B 884 26.63 -23.98 31.56
C GLU B 884 26.98 -24.66 30.25
N GLN B 885 25.96 -25.06 29.48
CA GLN B 885 26.22 -25.65 28.17
C GLN B 885 26.86 -24.64 27.22
N ARG B 886 26.44 -23.37 27.28
CA ARG B 886 27.09 -22.36 26.47
C ARG B 886 28.57 -22.26 26.79
N LYS B 887 28.93 -22.27 28.09
CA LYS B 887 30.32 -22.12 28.49
C LYS B 887 31.16 -23.32 28.05
N LYS B 888 30.59 -24.52 28.14
CA LYS B 888 31.27 -25.72 27.69
C LYS B 888 31.49 -25.69 26.17
N ILE B 889 30.48 -25.25 25.41
CA ILE B 889 30.64 -25.10 23.96
C ILE B 889 31.73 -24.07 23.64
N ILE B 890 31.69 -22.92 24.30
CA ILE B 890 32.69 -21.89 24.04
C ILE B 890 34.09 -22.39 24.39
N ALA B 891 34.23 -23.06 25.54
CA ALA B 891 35.53 -23.58 25.98
C ALA B 891 36.06 -24.65 25.04
N GLU B 892 35.18 -25.51 24.52
CA GLU B 892 35.61 -26.51 23.54
C GLU B 892 36.03 -25.86 22.23
N GLU B 893 35.36 -24.76 21.86
CA GLU B 893 35.74 -24.01 20.67
C GLU B 893 37.10 -23.31 20.85
N LYS B 894 37.41 -22.84 22.07
CA LYS B 894 38.72 -22.22 22.32
C LYS B 894 39.85 -23.24 22.20
N MET B 895 39.63 -24.48 22.67
CA MET B 895 40.57 -25.58 22.48
C MET B 895 40.82 -25.88 21.01
N ARG B 896 39.83 -25.63 20.16
CA ARG B 896 39.97 -25.89 18.73
C ARG B 896 40.69 -24.76 17.99
N LEU B 897 40.54 -23.51 18.46
CA LEU B 897 41.28 -22.39 17.86
C LEU B 897 42.77 -22.46 18.18
N LYS B 898 43.13 -23.05 19.31
CA LYS B 898 44.53 -23.39 19.57
C LYS B 898 45.02 -24.44 18.59
N GLU B 899 44.18 -25.41 18.23
CA GLU B 899 44.54 -26.56 17.42
C GLU B 899 44.14 -26.39 15.95
N GLN B 900 44.22 -25.17 15.42
CA GLN B 900 44.00 -24.97 13.99
C GLN B 900 44.77 -23.72 13.55
N ASN B 901 44.53 -23.30 12.31
CA ASN B 901 45.35 -22.37 11.53
C ASN B 901 45.23 -20.91 11.99
N ALA B 902 44.98 -20.67 13.28
CA ALA B 902 44.63 -19.34 13.76
C ALA B 902 45.87 -18.44 13.78
N ALA B 903 46.02 -17.61 12.74
CA ALA B 903 47.05 -16.56 12.70
C ALA B 903 46.96 -15.72 11.42
N PHE B 904 46.32 -14.56 11.51
CA PHE B 904 46.38 -13.55 10.46
C PHE B 904 46.26 -12.16 11.09
N PRO B 905 47.33 -11.37 11.09
CA PRO B 905 47.24 -10.03 11.66
C PRO B 905 46.18 -9.21 10.95
N PRO B 906 45.61 -8.22 11.61
CA PRO B 906 44.49 -7.49 11.03
C PRO B 906 44.90 -6.71 9.80
N LEU B 907 43.95 -6.60 8.86
CA LEU B 907 44.00 -5.58 7.82
C LEU B 907 44.42 -4.24 8.43
N GLU B 908 45.45 -3.61 7.85
CA GLU B 908 45.86 -2.33 8.39
C GLU B 908 44.92 -1.23 7.89
N ARG B 909 44.66 -0.26 8.77
CA ARG B 909 43.65 0.75 8.53
C ARG B 909 44.03 1.61 7.32
N LYS B 910 43.06 1.82 6.42
CA LYS B 910 43.18 2.90 5.44
C LYS B 910 41.96 3.80 5.60
N PRO B 911 42.15 5.06 5.99
CA PRO B 911 40.99 5.91 6.34
C PRO B 911 40.00 6.00 5.20
N PHE B 912 38.72 5.93 5.55
CA PHE B 912 37.68 6.13 4.56
C PHE B 912 37.77 7.54 3.97
N ILE B 913 37.55 7.61 2.67
CA ILE B 913 37.63 8.84 1.89
C ILE B 913 36.20 9.24 1.52
N PRO B 914 35.80 10.49 1.73
CA PRO B 914 34.49 10.93 1.21
C PRO B 914 34.40 10.68 -0.29
N LYS B 915 33.30 10.03 -0.70
CA LYS B 915 33.07 9.69 -2.10
C LYS B 915 31.89 10.46 -2.69
N LYS B 916 31.37 11.44 -1.96
CA LYS B 916 30.56 12.52 -2.54
C LYS B 916 30.81 13.75 -1.70
N PRO B 917 30.46 14.93 -2.21
CA PRO B 917 30.64 16.14 -1.41
C PRO B 917 29.94 16.04 -0.06
N ILE B 918 30.54 16.69 0.94
CA ILE B 918 29.90 16.81 2.25
C ILE B 918 28.68 17.69 2.04
N PRO B 919 27.48 17.23 2.41
CA PRO B 919 26.30 18.08 2.26
C PRO B 919 26.44 19.33 3.13
N ALA B 920 25.98 20.45 2.60
CA ALA B 920 25.80 21.65 3.40
C ALA B 920 24.41 21.64 4.03
N ILE B 921 24.20 22.54 5.01
CA ILE B 921 22.89 22.65 5.64
C ILE B 921 21.81 22.83 4.58
N LYS B 922 22.06 23.74 3.64
CA LYS B 922 21.05 23.99 2.61
C LYS B 922 20.69 22.72 1.86
N ASP B 923 21.59 21.73 1.84
CA ASP B 923 21.35 20.49 1.11
C ASP B 923 20.41 19.55 1.85
N VAL B 924 20.27 19.68 3.17
CA VAL B 924 19.45 18.74 3.93
C VAL B 924 18.10 19.32 4.32
N ILE B 925 17.92 20.64 4.20
CA ILE B 925 16.69 21.25 4.68
C ILE B 925 15.52 20.70 3.87
N GLY B 926 14.54 20.13 4.58
CA GLY B 926 13.32 19.66 3.97
C GLY B 926 13.39 18.32 3.29
N LYS B 927 14.49 17.57 3.42
CA LYS B 927 14.61 16.28 2.74
C LYS B 927 13.64 15.23 3.27
N ALA B 928 13.13 15.38 4.49
CA ALA B 928 12.20 14.39 5.02
C ALA B 928 10.79 14.57 4.47
N LEU B 929 10.49 15.73 3.90
CA LEU B 929 9.11 16.03 3.57
C LEU B 929 8.59 15.05 2.53
N GLN B 930 9.47 14.52 1.69
CA GLN B 930 9.03 13.60 0.64
C GLN B 930 8.37 12.35 1.21
N TYR B 931 8.72 11.97 2.45
CA TYR B 931 8.17 10.76 3.06
C TYR B 931 6.84 10.99 3.78
N LEU B 932 6.39 12.24 3.88
CA LEU B 932 5.17 12.57 4.61
C LEU B 932 3.99 12.72 3.67
N GLY B 933 2.82 12.37 4.18
CA GLY B 933 1.61 12.49 3.39
C GLY B 933 0.41 12.06 4.21
N THR B 934 -0.70 11.87 3.50
CA THR B 934 -1.93 11.40 4.11
C THR B 934 -1.87 9.90 4.36
N PHE B 935 -2.79 9.42 5.20
CA PHE B 935 -2.79 7.98 5.50
C PHE B 935 -3.04 7.17 4.25
N GLY B 936 -3.83 7.70 3.31
CA GLY B 936 -4.15 7.05 2.05
C GLY B 936 -2.97 6.87 1.13
N GLU B 937 -1.85 7.55 1.39
CA GLU B 937 -0.65 7.33 0.63
C GLU B 937 0.21 6.20 1.20
N LEU B 938 -0.24 5.54 2.26
CA LEU B 938 0.53 4.46 2.89
C LEU B 938 0.05 3.11 2.38
N SER B 939 1.00 2.26 2.02
CA SER B 939 0.68 0.93 1.51
C SER B 939 0.05 0.07 2.61
N ASN B 940 -1.03 -0.65 2.28
CA ASN B 940 -1.54 -1.65 3.20
C ASN B 940 -1.29 -3.08 2.73
N ILE B 941 -0.49 -3.25 1.68
CA ILE B 941 -0.05 -4.59 1.31
C ILE B 941 1.38 -4.79 1.82
N GLU B 942 2.15 -3.70 1.95
CA GLU B 942 3.53 -3.80 2.42
C GLU B 942 3.53 -3.90 3.94
N GLN B 943 3.05 -5.03 4.44
CA GLN B 943 2.95 -5.24 5.87
C GLN B 943 4.25 -5.85 6.39
N VAL B 944 4.44 -5.76 7.71
CA VAL B 944 5.62 -6.26 8.36
C VAL B 944 5.20 -7.17 9.50
N VAL B 945 6.15 -7.98 9.97
CA VAL B 945 6.00 -8.80 11.16
C VAL B 945 7.26 -8.58 11.96
N ALA B 946 7.15 -8.80 13.27
CA ALA B 946 8.29 -8.69 14.17
C ALA B 946 9.06 -10.01 14.15
N VAL B 947 10.38 -9.94 14.25
CA VAL B 947 11.18 -11.13 14.44
C VAL B 947 12.24 -10.84 15.48
N ILE B 948 12.49 -11.83 16.35
CA ILE B 948 13.31 -11.64 17.54
C ILE B 948 14.66 -12.32 17.32
N ASP B 949 15.73 -11.60 17.65
CA ASP B 949 17.07 -12.18 17.63
C ASP B 949 17.31 -12.78 19.00
N GLU B 950 17.29 -14.11 19.06
CA GLU B 950 17.32 -14.80 20.34
C GLU B 950 18.63 -14.60 21.07
N GLU B 951 19.71 -14.33 20.32
CA GLU B 951 21.01 -14.13 20.95
C GLU B 951 21.13 -12.80 21.69
N MET B 952 20.30 -11.80 21.33
CA MET B 952 20.30 -10.53 22.06
C MET B 952 19.23 -10.47 23.15
N CYS B 953 18.33 -11.44 23.21
CA CYS B 953 17.22 -11.40 24.13
C CYS B 953 17.68 -11.58 25.57
N ILE B 954 17.11 -10.79 26.49
CA ILE B 954 17.42 -10.96 27.91
C ILE B 954 16.22 -11.50 28.67
N ASN B 955 15.24 -12.07 27.96
CA ASN B 955 14.28 -13.06 28.47
C ASN B 955 13.22 -12.48 29.38
N CYS B 956 12.98 -11.17 29.25
CA CYS B 956 12.09 -10.46 30.17
C CYS B 956 10.62 -10.69 29.86
N GLY B 957 10.29 -11.09 28.64
CA GLY B 957 8.91 -11.38 28.30
C GLY B 957 8.03 -10.15 28.12
N LYS B 958 8.62 -8.95 27.97
CA LYS B 958 7.80 -7.75 27.81
C LYS B 958 7.11 -7.75 26.46
N CYS B 959 7.81 -8.20 25.41
CA CYS B 959 7.16 -8.36 24.12
C CYS B 959 5.91 -9.21 24.26
N TYR B 960 6.01 -10.29 25.02
CA TYR B 960 4.92 -11.24 25.24
C TYR B 960 3.75 -10.58 25.99
N MET B 961 4.03 -9.93 27.11
CA MET B 961 3.01 -9.22 27.88
C MET B 961 2.30 -8.15 27.05
N THR B 962 3.08 -7.40 26.29
CA THR B 962 2.50 -6.34 25.48
C THR B 962 1.66 -6.91 24.34
N CYS B 963 2.14 -7.96 23.68
CA CYS B 963 1.29 -8.54 22.64
C CYS B 963 0.04 -9.18 23.25
N ASN B 964 0.16 -9.68 24.48
CA ASN B 964 -0.99 -10.34 25.09
C ASN B 964 -2.08 -9.36 25.51
N ASP B 965 -1.69 -8.25 26.14
CA ASP B 965 -2.68 -7.36 26.74
C ASP B 965 -2.82 -6.07 25.98
N SER B 966 -2.07 -5.90 24.89
CA SER B 966 -2.19 -4.72 24.02
C SER B 966 -2.11 -5.08 22.55
N GLY B 967 -2.25 -6.36 22.19
CA GLY B 967 -1.96 -6.76 20.84
C GLY B 967 -2.76 -7.96 20.40
N TYR B 968 -2.08 -8.96 19.83
CA TYR B 968 -2.75 -9.99 19.05
C TYR B 968 -2.40 -11.39 19.54
N GLN B 969 -1.83 -11.50 20.74
CA GLN B 969 -1.55 -12.80 21.37
C GLN B 969 -0.70 -13.66 20.46
N ALA B 970 0.31 -13.04 19.84
CA ALA B 970 1.01 -13.63 18.71
C ALA B 970 2.37 -14.19 19.07
N ILE B 971 2.78 -14.08 20.33
CA ILE B 971 4.13 -14.49 20.73
C ILE B 971 4.02 -15.68 21.65
N GLN B 972 4.76 -16.76 21.33
CA GLN B 972 4.99 -17.84 22.27
C GLN B 972 6.16 -17.47 23.19
N PHE B 973 5.98 -17.66 24.49
CA PHE B 973 7.05 -17.42 25.47
C PHE B 973 7.35 -18.76 26.14
N ASP B 974 8.53 -19.30 25.88
CA ASP B 974 8.85 -20.66 26.31
C ASP B 974 8.99 -20.74 27.84
N PRO B 975 8.30 -21.67 28.50
CA PRO B 975 8.35 -21.72 29.98
C PRO B 975 9.68 -22.21 30.55
N GLU B 976 10.52 -22.89 29.76
CA GLU B 976 11.80 -23.36 30.25
C GLU B 976 12.94 -22.39 29.95
N THR B 977 12.95 -21.82 28.76
CA THR B 977 14.06 -20.96 28.35
C THR B 977 13.74 -19.47 28.42
N HIS B 978 12.47 -19.10 28.66
CA HIS B 978 12.04 -17.71 28.59
C HIS B 978 12.51 -17.04 27.31
N LEU B 979 12.44 -17.77 26.21
CA LEU B 979 12.69 -17.20 24.90
C LEU B 979 11.39 -16.99 24.15
N PRO B 980 11.21 -15.82 23.56
CA PRO B 980 10.00 -15.54 22.80
C PRO B 980 10.14 -15.90 21.32
N THR B 981 9.03 -16.35 20.73
CA THR B 981 8.95 -16.52 19.29
C THR B 981 7.68 -15.86 18.75
N VAL B 982 7.84 -15.03 17.71
CA VAL B 982 6.69 -14.43 17.04
C VAL B 982 6.11 -15.44 16.06
N THR B 983 4.79 -15.65 16.12
CA THR B 983 4.10 -16.58 15.25
C THR B 983 3.48 -15.83 14.06
N ASP B 984 2.80 -16.58 13.19
CA ASP B 984 2.24 -15.98 11.99
C ASP B 984 0.97 -15.15 12.25
N THR B 985 0.47 -15.09 13.48
CA THR B 985 -0.67 -14.20 13.72
C THR B 985 -0.23 -12.75 13.96
N CYS B 986 1.07 -12.47 13.92
CA CYS B 986 1.56 -11.11 14.07
C CYS B 986 0.95 -10.18 13.02
N THR B 987 0.56 -8.98 13.45
CA THR B 987 0.02 -7.99 12.53
C THR B 987 1.01 -6.85 12.24
N GLY B 988 2.21 -6.91 12.81
CA GLY B 988 3.19 -5.85 12.63
C GLY B 988 2.86 -4.55 13.33
N CYS B 989 2.00 -4.58 14.34
CA CYS B 989 1.64 -3.36 15.05
C CYS B 989 2.88 -2.63 15.59
N THR B 990 3.92 -3.38 16.00
CA THR B 990 5.27 -2.93 16.36
C THR B 990 5.39 -2.56 17.84
N LEU B 991 4.36 -2.87 18.64
CA LEU B 991 4.43 -2.57 20.07
C LEU B 991 5.53 -3.37 20.77
N CYS B 992 5.69 -4.66 20.41
CA CYS B 992 6.72 -5.46 21.08
C CYS B 992 8.11 -4.85 20.87
N LEU B 993 8.42 -4.42 19.64
CA LEU B 993 9.70 -3.74 19.41
C LEU B 993 9.80 -2.47 20.24
N SER B 994 8.68 -1.75 20.37
CA SER B 994 8.65 -0.47 21.05
C SER B 994 8.89 -0.59 22.55
N VAL B 995 8.59 -1.75 23.16
CA VAL B 995 8.83 -1.91 24.60
C VAL B 995 10.07 -2.74 24.90
N CYS B 996 10.71 -3.35 23.90
CA CYS B 996 11.84 -4.23 24.18
C CYS B 996 13.02 -3.42 24.73
N PRO B 997 13.64 -3.85 25.83
CA PRO B 997 14.77 -3.09 26.40
C PRO B 997 16.05 -3.15 25.60
N ILE B 998 16.16 -4.06 24.64
CA ILE B 998 17.40 -4.29 23.90
C ILE B 998 17.24 -3.69 22.51
N ILE B 999 18.02 -2.64 22.21
CA ILE B 999 17.98 -1.98 20.91
C ILE B 999 18.23 -3.00 19.80
N ASP B 1000 17.27 -3.11 18.87
CA ASP B 1000 17.38 -3.92 17.65
C ASP B 1000 17.39 -5.43 17.92
N CYS B 1001 16.97 -5.88 19.09
CA CYS B 1001 16.74 -7.32 19.30
C CYS B 1001 15.54 -7.78 18.48
N ILE B 1002 14.48 -7.03 18.52
CA ILE B 1002 13.33 -7.21 17.65
C ILE B 1002 13.50 -6.32 16.44
N ARG B 1003 13.19 -6.85 15.27
CA ARG B 1003 13.21 -6.06 14.06
C ARG B 1003 11.93 -6.36 13.29
N MET B 1004 11.43 -5.38 12.56
CA MET B 1004 10.29 -5.62 11.69
C MET B 1004 10.78 -5.91 10.28
N VAL B 1005 10.28 -7.01 9.71
CA VAL B 1005 10.69 -7.50 8.40
C VAL B 1005 9.43 -7.70 7.57
N SER B 1006 9.61 -7.68 6.24
CA SER B 1006 8.48 -7.84 5.34
C SER B 1006 7.74 -9.14 5.61
N ARG B 1007 6.41 -9.07 5.61
CA ARG B 1007 5.60 -10.27 5.50
C ARG B 1007 5.97 -11.03 4.24
N THR B 1008 6.15 -12.34 4.39
CA THR B 1008 6.27 -13.27 3.28
C THR B 1008 4.97 -14.00 2.95
N THR B 1009 4.10 -14.21 3.96
CA THR B 1009 2.80 -14.89 3.88
C THR B 1009 1.68 -13.86 3.75
N PRO B 1010 0.50 -14.26 3.25
CA PRO B 1010 -0.55 -13.26 2.96
C PRO B 1010 -1.03 -12.55 4.22
N TYR B 1011 -1.31 -11.25 4.09
CA TYR B 1011 -1.80 -10.47 5.21
C TYR B 1011 -3.32 -10.41 5.14
N GLU B 1012 -3.97 -11.03 6.11
CA GLU B 1012 -5.44 -11.05 6.18
C GLU B 1012 -5.90 -10.28 7.41
N PRO B 1013 -6.61 -9.16 7.26
CA PRO B 1013 -7.12 -8.44 8.43
C PRO B 1013 -8.05 -9.32 9.25
N LYS B 1014 -7.81 -9.34 10.56
CA LYS B 1014 -8.66 -10.06 11.51
C LYS B 1014 -9.97 -9.29 11.68
N ARG B 1015 -11.10 -9.86 11.27
CA ARG B 1015 -12.34 -9.09 11.27
C ARG B 1015 -13.39 -9.58 12.27
N GLY B 1016 -13.14 -10.68 12.97
CA GLY B 1016 -13.97 -11.08 14.09
C GLY B 1016 -15.17 -11.93 13.72
N LEU B 1017 -16.10 -11.34 12.98
CA LEU B 1017 -17.19 -12.01 12.28
C LEU B 1017 -17.13 -11.62 10.82
N PRO B 1018 -17.63 -12.49 9.91
CA PRO B 1018 -17.64 -12.14 8.49
C PRO B 1018 -18.42 -10.85 8.24
N LEU B 1019 -18.02 -10.14 7.18
CA LEU B 1019 -18.48 -8.76 6.97
C LEU B 1019 -20.01 -8.68 6.89
N ALA B 1020 -20.62 -9.40 5.94
CA ALA B 1020 -22.07 -9.36 5.67
C ALA B 1020 -22.53 -8.03 5.07
N VAL B 1021 -23.62 -8.05 4.30
CA VAL B 1021 -24.06 -6.86 3.57
C VAL B 1021 -25.46 -6.43 4.00
N PRO C 3 -35.42 -42.52 -9.61
CA PRO C 3 -35.81 -41.84 -10.84
C PRO C 3 -34.66 -41.81 -11.86
N VAL C 4 -34.92 -41.34 -13.07
CA VAL C 4 -33.89 -41.22 -14.08
C VAL C 4 -33.21 -39.86 -13.87
N LEU C 5 -31.98 -39.88 -13.36
CA LEU C 5 -31.32 -38.63 -12.96
C LEU C 5 -30.96 -37.77 -14.17
N SER C 6 -30.63 -38.40 -15.30
CA SER C 6 -30.18 -37.71 -16.51
C SER C 6 -31.31 -37.27 -17.44
N LYS C 7 -32.57 -37.30 -16.99
CA LYS C 7 -33.68 -36.73 -17.75
C LYS C 7 -34.28 -35.54 -17.01
N ASP C 8 -34.69 -34.53 -17.78
CA ASP C 8 -35.37 -33.37 -17.21
C ASP C 8 -36.77 -33.75 -16.77
N VAL C 9 -37.14 -33.36 -15.55
CA VAL C 9 -38.51 -33.54 -15.10
C VAL C 9 -39.41 -32.60 -15.90
N ALA C 10 -40.72 -32.73 -15.72
CA ALA C 10 -41.67 -32.04 -16.60
C ALA C 10 -41.51 -30.52 -16.54
N ASP C 11 -41.36 -29.95 -15.35
CA ASP C 11 -41.27 -28.49 -15.31
C ASP C 11 -39.97 -27.97 -15.91
N ILE C 12 -38.90 -28.77 -15.93
CA ILE C 12 -37.71 -28.30 -16.63
C ILE C 12 -37.88 -28.44 -18.13
N GLU C 13 -38.53 -29.53 -18.60
CA GLU C 13 -38.81 -29.66 -20.03
C GLU C 13 -39.59 -28.45 -20.50
N SER C 14 -40.54 -28.00 -19.68
CA SER C 14 -41.35 -26.84 -19.99
C SER C 14 -40.50 -25.57 -20.03
N ILE C 15 -39.58 -25.39 -19.07
CA ILE C 15 -38.72 -24.22 -19.12
C ILE C 15 -37.87 -24.25 -20.38
N LEU C 16 -37.48 -25.44 -20.82
CA LEU C 16 -36.65 -25.63 -22.01
C LEU C 16 -37.42 -25.52 -23.33
N ALA C 17 -38.70 -25.14 -23.32
CA ALA C 17 -39.53 -25.24 -24.53
C ALA C 17 -38.94 -24.47 -25.70
N LEU C 18 -38.36 -23.30 -25.44
CA LEU C 18 -37.85 -22.45 -26.49
C LEU C 18 -36.35 -22.60 -26.72
N ASN C 19 -35.71 -23.54 -26.06
CA ASN C 19 -34.29 -23.73 -26.23
C ASN C 19 -34.02 -24.25 -27.65
N PRO C 20 -32.98 -23.75 -28.32
CA PRO C 20 -32.66 -24.26 -29.66
C PRO C 20 -32.44 -25.76 -29.69
N ARG C 21 -32.89 -26.39 -30.78
CA ARG C 21 -32.62 -27.80 -31.02
C ARG C 21 -32.24 -27.96 -32.48
N THR C 22 -31.41 -28.95 -32.76
CA THR C 22 -31.06 -29.30 -34.13
C THR C 22 -32.29 -29.85 -34.86
N GLN C 23 -32.51 -29.44 -36.09
CA GLN C 23 -33.67 -29.86 -36.86
C GLN C 23 -33.29 -30.95 -37.86
N SER C 24 -34.15 -31.97 -37.99
CA SER C 24 -33.92 -33.05 -38.93
C SER C 24 -34.82 -32.97 -40.15
N HIS C 25 -35.75 -32.01 -40.19
CA HIS C 25 -36.61 -31.83 -41.34
C HIS C 25 -36.80 -30.33 -41.58
N ALA C 26 -37.31 -30.01 -42.77
CA ALA C 26 -37.70 -28.65 -43.11
C ALA C 26 -39.07 -28.33 -42.53
N ALA C 27 -39.28 -27.06 -42.20
CA ALA C 27 -40.44 -26.62 -41.43
C ALA C 27 -41.58 -26.17 -42.34
N LEU C 28 -42.78 -26.69 -42.10
CA LEU C 28 -43.95 -26.33 -42.87
C LEU C 28 -44.74 -25.22 -42.15
N HIS C 29 -44.82 -24.05 -42.78
CA HIS C 29 -45.59 -22.92 -42.27
C HIS C 29 -46.26 -22.25 -43.46
N SER C 30 -47.59 -22.21 -43.47
CA SER C 30 -48.28 -21.66 -44.64
C SER C 30 -48.00 -20.17 -44.79
N THR C 31 -48.00 -19.70 -46.04
CA THR C 31 -47.78 -18.28 -46.32
C THR C 31 -48.80 -17.40 -45.61
N LEU C 32 -50.02 -17.89 -45.43
CA LEU C 32 -51.01 -17.11 -44.72
C LEU C 32 -50.68 -17.02 -43.24
N ALA C 33 -50.30 -18.15 -42.63
CA ALA C 33 -49.93 -18.11 -41.22
C ALA C 33 -48.73 -17.20 -41.01
N LYS C 34 -47.78 -17.24 -41.94
CA LYS C 34 -46.60 -16.37 -41.82
C LYS C 34 -47.00 -14.91 -41.88
N LYS C 35 -47.87 -14.55 -42.83
CA LYS C 35 -48.32 -13.16 -42.95
C LYS C 35 -48.93 -12.67 -41.64
N LEU C 36 -49.72 -13.49 -40.96
CA LEU C 36 -50.29 -13.01 -39.71
C LEU C 36 -49.23 -12.92 -38.62
N ASP C 37 -48.24 -13.81 -38.64
CA ASP C 37 -47.32 -13.91 -37.53
C ASP C 37 -46.33 -12.74 -37.53
N LYS C 38 -46.03 -12.23 -38.73
CA LYS C 38 -45.05 -11.16 -38.92
C LYS C 38 -45.33 -9.97 -38.01
N LYS C 39 -46.61 -9.56 -37.95
CA LYS C 39 -47.02 -8.40 -37.17
C LYS C 39 -46.61 -8.50 -35.71
N HIS C 40 -46.53 -9.72 -35.17
CA HIS C 40 -46.26 -9.86 -33.75
C HIS C 40 -44.82 -9.44 -33.38
N TRP C 41 -43.86 -9.61 -34.29
CA TRP C 41 -42.46 -9.39 -33.95
C TRP C 41 -41.90 -8.10 -34.50
N LYS C 42 -42.71 -7.33 -35.22
CA LYS C 42 -42.21 -6.23 -36.03
C LYS C 42 -41.52 -5.16 -35.17
N ARG C 43 -40.26 -4.85 -35.50
CA ARG C 43 -39.47 -3.83 -34.82
C ARG C 43 -39.45 -2.48 -35.53
N ASN C 44 -39.39 -2.51 -36.86
CA ASN C 44 -39.11 -1.31 -37.65
C ASN C 44 -40.41 -0.73 -38.19
N PRO C 45 -40.39 0.42 -38.88
CA PRO C 45 -41.64 0.97 -39.40
C PRO C 45 -42.30 0.04 -40.41
N ASP C 46 -43.62 0.05 -40.39
CA ASP C 46 -44.41 -0.82 -41.26
C ASP C 46 -44.69 -0.09 -42.56
N LYS C 47 -44.19 -0.64 -43.69
CA LYS C 47 -44.35 0.07 -44.96
C LYS C 47 -45.81 0.30 -45.31
N ASN C 48 -46.74 -0.33 -44.60
CA ASN C 48 -48.16 -0.29 -44.93
C ASN C 48 -48.99 0.62 -44.01
N CYS C 49 -48.39 1.32 -43.05
CA CYS C 49 -49.16 2.30 -42.28
C CYS C 49 -48.84 3.69 -42.80
N PHE C 50 -49.90 4.45 -43.10
CA PHE C 50 -49.82 5.75 -43.75
C PHE C 50 -50.03 6.93 -42.81
N HIS C 51 -50.44 6.67 -41.57
CA HIS C 51 -50.82 7.72 -40.65
C HIS C 51 -49.69 8.03 -39.69
N CYS C 52 -49.56 9.32 -39.35
CA CYS C 52 -48.58 9.75 -38.36
C CYS C 52 -48.90 9.13 -36.99
N GLU C 53 -47.86 8.68 -36.30
CA GLU C 53 -48.03 8.44 -34.86
C GLU C 53 -48.35 9.77 -34.18
N LYS C 54 -48.91 9.70 -32.96
CA LYS C 54 -49.25 10.93 -32.25
C LYS C 54 -48.01 11.51 -31.57
N LEU C 55 -47.71 12.77 -31.87
CA LEU C 55 -46.49 13.42 -31.41
C LEU C 55 -46.76 14.70 -30.65
N GLU C 56 -48.03 15.03 -30.40
CA GLU C 56 -48.35 16.32 -29.80
C GLU C 56 -47.69 16.46 -28.44
N ASN C 57 -46.98 17.56 -28.25
CA ASN C 57 -46.22 17.86 -27.03
C ASN C 57 -45.14 16.82 -26.72
N ASN C 58 -44.67 16.08 -27.72
CA ASN C 58 -43.62 15.07 -27.52
C ASN C 58 -42.30 15.65 -28.01
N PHE C 59 -41.46 16.12 -27.08
CA PHE C 59 -40.19 16.72 -27.45
C PHE C 59 -39.01 15.81 -27.16
N ASP C 60 -39.25 14.50 -27.08
CA ASP C 60 -38.18 13.54 -26.88
C ASP C 60 -37.22 13.51 -28.06
N ASP C 61 -35.97 13.21 -27.77
CA ASP C 61 -34.92 13.12 -28.78
C ASP C 61 -35.32 12.15 -29.90
N ILE C 62 -35.25 12.63 -31.14
CA ILE C 62 -35.55 11.79 -32.29
C ILE C 62 -34.33 11.51 -33.16
N LYS C 63 -33.14 11.96 -32.75
CA LYS C 63 -31.94 11.77 -33.56
C LYS C 63 -31.62 10.28 -33.71
N HIS C 64 -31.32 9.86 -34.93
CA HIS C 64 -30.89 8.48 -35.11
C HIS C 64 -29.44 8.27 -34.67
N THR C 65 -28.70 9.34 -34.39
CA THR C 65 -27.27 9.23 -34.12
C THR C 65 -26.94 9.18 -32.63
N THR C 66 -27.90 9.43 -31.75
CA THR C 66 -27.65 9.40 -30.32
C THR C 66 -27.17 8.01 -29.88
N LEU C 67 -26.14 7.98 -29.04
CA LEU C 67 -25.50 6.77 -28.58
C LEU C 67 -25.51 6.70 -27.05
N GLY C 68 -25.63 5.48 -26.51
CA GLY C 68 -25.31 5.21 -25.13
C GLY C 68 -23.90 4.66 -25.05
N GLU C 69 -23.47 4.31 -23.83
CA GLU C 69 -22.08 3.90 -23.68
C GLU C 69 -21.79 2.62 -24.45
N ARG C 70 -22.66 1.62 -24.31
CA ARG C 70 -22.50 0.36 -25.04
C ARG C 70 -22.33 0.62 -26.53
N GLY C 71 -23.26 1.37 -27.13
CA GLY C 71 -23.17 1.65 -28.55
C GLY C 71 -21.98 2.51 -28.94
N ALA C 72 -21.61 3.46 -28.08
CA ALA C 72 -20.46 4.31 -28.42
C ALA C 72 -19.18 3.50 -28.38
N LEU C 73 -19.04 2.63 -27.38
CA LEU C 73 -17.85 1.80 -27.31
C LEU C 73 -17.72 0.93 -28.56
N ARG C 74 -18.82 0.31 -28.99
CA ARG C 74 -18.74 -0.57 -30.16
C ARG C 74 -18.36 0.22 -31.40
N GLU C 75 -18.98 1.38 -31.61
CA GLU C 75 -18.68 2.20 -32.77
C GLU C 75 -17.28 2.82 -32.69
N ALA C 76 -16.82 3.18 -31.49
CA ALA C 76 -15.45 3.73 -31.39
C ALA C 76 -14.39 2.68 -31.72
N MET C 77 -14.61 1.44 -31.30
CA MET C 77 -13.69 0.36 -31.66
C MET C 77 -13.71 0.08 -33.15
N ARG C 78 -14.83 0.36 -33.82
CA ARG C 78 -14.94 0.10 -35.26
C ARG C 78 -14.11 1.08 -36.07
N CYS C 79 -13.97 2.31 -35.61
CA CYS C 79 -13.25 3.33 -36.36
C CYS C 79 -11.80 2.91 -36.60
N LEU C 80 -11.32 3.14 -37.84
CA LEU C 80 -9.96 2.75 -38.17
C LEU C 80 -8.92 3.68 -37.60
N LYS C 81 -9.33 4.84 -37.08
CA LYS C 81 -8.41 5.80 -36.46
C LYS C 81 -7.27 6.10 -37.43
N CYS C 82 -7.69 6.60 -38.60
CA CYS C 82 -6.83 6.71 -39.76
C CYS C 82 -5.77 7.80 -39.65
N ALA C 83 -4.68 7.61 -40.37
CA ALA C 83 -3.65 8.65 -40.49
C ALA C 83 -4.18 9.73 -41.40
N ASP C 84 -3.88 10.99 -41.05
CA ASP C 84 -4.20 12.14 -41.92
C ASP C 84 -5.68 12.12 -42.30
N ALA C 85 -6.54 11.85 -41.30
CA ALA C 85 -7.85 11.28 -41.60
C ALA C 85 -8.69 12.22 -42.45
N PRO C 86 -9.42 11.69 -43.43
CA PRO C 86 -10.25 12.56 -44.27
C PRO C 86 -11.49 13.07 -43.56
N CYS C 87 -11.97 12.39 -42.52
CA CYS C 87 -13.07 12.93 -41.74
C CYS C 87 -12.68 14.27 -41.12
N GLN C 88 -11.44 14.38 -40.60
CA GLN C 88 -10.97 15.64 -40.04
C GLN C 88 -10.80 16.69 -41.14
N LYS C 89 -10.26 16.29 -42.28
CA LYS C 89 -10.16 17.21 -43.40
C LYS C 89 -11.52 17.79 -43.77
N SER C 90 -12.58 17.00 -43.59
CA SER C 90 -13.93 17.43 -43.97
C SER C 90 -14.69 18.07 -42.82
N CYS C 91 -14.08 18.21 -41.62
CA CYS C 91 -14.74 18.92 -40.51
C CYS C 91 -14.37 20.40 -40.55
N PRO C 92 -15.34 21.32 -40.63
CA PRO C 92 -14.98 22.74 -40.73
C PRO C 92 -14.19 23.27 -39.55
N THR C 93 -14.28 22.66 -38.37
CA THR C 93 -13.44 23.07 -37.25
C THR C 93 -12.19 22.21 -37.11
N HIS C 94 -11.96 21.30 -38.06
CA HIS C 94 -10.75 20.47 -38.06
C HIS C 94 -10.58 19.62 -36.80
N LEU C 95 -11.68 19.10 -36.21
CA LEU C 95 -11.57 18.23 -35.04
C LEU C 95 -10.65 17.06 -35.29
N ASP C 96 -9.80 16.73 -34.31
CA ASP C 96 -8.96 15.54 -34.39
C ASP C 96 -9.84 14.33 -34.04
N ILE C 97 -10.60 13.91 -35.05
CA ILE C 97 -11.57 12.82 -34.89
C ILE C 97 -10.87 11.51 -34.52
N LYS C 98 -9.76 11.19 -35.23
CA LYS C 98 -8.97 10.02 -34.88
C LYS C 98 -8.64 9.97 -33.39
N SER C 99 -8.13 11.08 -32.86
CA SER C 99 -7.74 11.08 -31.45
C SER C 99 -8.96 10.97 -30.54
N PHE C 100 -10.03 11.71 -30.80
CA PHE C 100 -11.07 11.70 -29.77
C PHE C 100 -11.83 10.36 -29.81
N ILE C 101 -11.95 9.74 -30.99
CA ILE C 101 -12.60 8.42 -31.05
C ILE C 101 -11.70 7.35 -30.45
N THR C 102 -10.38 7.45 -30.70
CA THR C 102 -9.44 6.59 -29.98
C THR C 102 -9.67 6.69 -28.47
N SER C 103 -9.83 7.92 -27.95
CA SER C 103 -10.08 8.06 -26.52
C SER C 103 -11.38 7.39 -26.10
N ILE C 104 -12.44 7.52 -26.92
CA ILE C 104 -13.69 6.86 -26.56
C ILE C 104 -13.50 5.36 -26.49
N SER C 105 -12.80 4.78 -27.46
CA SER C 105 -12.60 3.35 -27.47
C SER C 105 -11.83 2.86 -26.26
N ASN C 106 -10.96 3.72 -25.70
CA ASN C 106 -10.21 3.41 -24.49
C ASN C 106 -10.94 3.80 -23.22
N LYS C 107 -12.22 4.17 -23.32
CA LYS C 107 -13.09 4.54 -22.19
C LYS C 107 -12.71 5.88 -21.57
N ASN C 108 -11.90 6.69 -22.25
CA ASN C 108 -11.43 7.97 -21.74
C ASN C 108 -12.29 9.08 -22.33
N TYR C 109 -13.47 9.27 -21.74
CA TYR C 109 -14.42 10.21 -22.33
C TYR C 109 -14.00 11.66 -22.06
N TYR C 110 -13.34 11.92 -20.93
CA TYR C 110 -12.79 13.24 -20.69
C TYR C 110 -11.76 13.62 -21.76
N GLY C 111 -10.82 12.71 -22.03
CA GLY C 111 -9.85 12.95 -23.09
C GLY C 111 -10.49 13.24 -24.43
N ALA C 112 -11.54 12.49 -24.79
CA ALA C 112 -12.26 12.76 -26.02
C ALA C 112 -12.92 14.13 -26.00
N ALA C 113 -13.69 14.42 -24.94
CA ALA C 113 -14.34 15.72 -24.84
C ALA C 113 -13.33 16.86 -24.89
N LYS C 114 -12.19 16.68 -24.23
CA LYS C 114 -11.18 17.73 -24.22
C LYS C 114 -10.70 18.02 -25.63
N MET C 115 -10.47 16.97 -26.41
CA MET C 115 -9.96 17.17 -27.75
C MET C 115 -11.05 17.79 -28.64
N ILE C 116 -12.32 17.40 -28.41
CA ILE C 116 -13.46 17.98 -29.12
C ILE C 116 -13.55 19.49 -28.84
N PHE C 117 -13.66 19.86 -27.57
CA PHE C 117 -13.81 21.28 -27.26
C PHE C 117 -12.56 22.10 -27.54
N SER C 118 -11.37 21.47 -27.60
CA SER C 118 -10.18 22.25 -27.96
C SER C 118 -10.36 22.89 -29.32
N ASP C 119 -11.03 22.21 -30.24
CA ASP C 119 -11.16 22.81 -31.55
C ASP C 119 -12.57 23.32 -31.84
N ASN C 120 -13.54 23.03 -30.96
CA ASN C 120 -14.92 23.43 -31.19
C ASN C 120 -15.58 23.70 -29.84
N PRO C 121 -15.68 24.97 -29.45
CA PRO C 121 -16.30 25.29 -28.16
C PRO C 121 -17.78 24.94 -28.07
N LEU C 122 -18.44 24.66 -29.20
CA LEU C 122 -19.81 24.13 -29.18
C LEU C 122 -19.80 22.66 -29.57
N GLY C 123 -18.90 21.88 -28.98
CA GLY C 123 -18.73 20.50 -29.40
C GLY C 123 -19.95 19.61 -29.20
N LEU C 124 -20.69 19.83 -28.11
CA LEU C 124 -21.86 18.99 -27.85
C LEU C 124 -23.00 19.35 -28.81
N THR C 125 -23.27 20.65 -28.99
CA THR C 125 -24.27 21.08 -29.97
C THR C 125 -23.96 20.51 -31.35
N CYS C 126 -22.73 20.69 -31.81
CA CYS C 126 -22.39 20.22 -33.16
C CYS C 126 -22.55 18.72 -33.28
N GLY C 127 -22.13 17.95 -32.28
CA GLY C 127 -22.29 16.51 -32.34
C GLY C 127 -23.74 16.12 -32.54
N MET C 128 -24.66 16.87 -31.94
CA MET C 128 -26.07 16.60 -32.17
C MET C 128 -26.61 17.10 -33.50
N VAL C 129 -26.12 18.21 -34.05
CA VAL C 129 -26.81 18.83 -35.18
C VAL C 129 -25.97 18.94 -36.44
N CYS C 130 -24.69 18.60 -36.40
CA CYS C 130 -23.89 18.69 -37.62
C CYS C 130 -24.52 17.82 -38.71
N PRO C 131 -24.71 18.35 -39.93
CA PRO C 131 -25.13 17.48 -41.05
C PRO C 131 -23.95 16.66 -41.56
N THR C 132 -23.57 15.66 -40.75
CA THR C 132 -22.29 14.97 -40.94
C THR C 132 -22.12 14.42 -42.35
N SER C 133 -23.21 13.97 -42.99
CA SER C 133 -23.10 13.35 -44.30
C SER C 133 -22.58 14.34 -45.34
N ASP C 134 -22.76 15.64 -45.12
CA ASP C 134 -22.18 16.65 -45.98
C ASP C 134 -20.86 17.19 -45.44
N LEU C 135 -20.36 16.59 -44.35
CA LEU C 135 -19.18 17.10 -43.67
C LEU C 135 -18.26 15.93 -43.35
N CYS C 136 -17.96 15.73 -42.06
CA CYS C 136 -16.94 14.76 -41.67
C CYS C 136 -17.28 13.35 -42.15
N VAL C 137 -18.51 12.90 -41.92
CA VAL C 137 -18.87 11.53 -42.27
C VAL C 137 -18.81 11.32 -43.78
N GLY C 138 -18.99 12.38 -44.56
CA GLY C 138 -18.90 12.26 -46.01
C GLY C 138 -17.51 11.92 -46.51
N GLY C 139 -16.48 12.18 -45.70
CA GLY C 139 -15.12 11.81 -46.03
C GLY C 139 -14.65 10.53 -45.39
N CYS C 140 -15.49 9.84 -44.61
CA CYS C 140 -15.00 8.73 -43.81
C CYS C 140 -14.56 7.57 -44.69
N ASN C 141 -13.36 7.05 -44.45
CA ASN C 141 -12.82 5.94 -45.24
C ASN C 141 -13.69 4.68 -45.16
N LEU C 142 -14.34 4.45 -44.01
CA LEU C 142 -15.15 3.25 -43.82
C LEU C 142 -16.42 3.27 -44.65
N TYR C 143 -16.74 4.38 -45.30
CA TYR C 143 -17.72 4.36 -46.37
C TYR C 143 -17.41 3.29 -47.41
N ALA C 144 -16.12 2.99 -47.63
CA ALA C 144 -15.76 1.98 -48.61
C ALA C 144 -15.97 0.56 -48.09
N THR C 145 -16.62 0.38 -46.96
CA THR C 145 -16.98 -0.95 -46.46
C THR C 145 -18.50 -1.08 -46.40
N GLU C 146 -18.95 -2.35 -46.49
CA GLU C 146 -20.37 -2.61 -46.54
C GLU C 146 -21.07 -2.08 -45.29
N GLU C 147 -20.40 -2.18 -44.14
CA GLU C 147 -21.03 -1.71 -42.92
C GLU C 147 -21.05 -0.18 -42.82
N GLY C 148 -20.21 0.51 -43.60
CA GLY C 148 -20.37 1.94 -43.79
C GLY C 148 -19.62 2.81 -42.79
N SER C 149 -19.83 4.10 -42.97
CA SER C 149 -19.04 5.13 -42.29
C SER C 149 -19.34 5.16 -40.80
N ILE C 150 -18.45 5.80 -40.07
CA ILE C 150 -18.54 5.92 -38.63
C ILE C 150 -19.58 6.98 -38.28
N ASN C 151 -20.34 6.75 -37.21
CA ASN C 151 -21.28 7.73 -36.66
C ASN C 151 -20.47 8.73 -35.82
N ILE C 152 -19.80 9.66 -36.53
CA ILE C 152 -18.88 10.57 -35.85
C ILE C 152 -19.63 11.51 -34.92
N GLY C 153 -20.79 12.00 -35.37
CA GLY C 153 -21.51 12.98 -34.56
C GLY C 153 -22.04 12.39 -33.27
N GLY C 154 -22.60 11.18 -33.33
CA GLY C 154 -23.07 10.52 -32.13
C GLY C 154 -21.97 10.18 -31.16
N LEU C 155 -20.78 9.85 -31.68
CA LEU C 155 -19.63 9.65 -30.78
C LEU C 155 -19.21 10.96 -30.13
N GLN C 156 -19.17 12.04 -30.91
CA GLN C 156 -18.85 13.34 -30.34
C GLN C 156 -19.88 13.75 -29.30
N GLN C 157 -21.17 13.54 -29.63
CA GLN C 157 -22.25 13.78 -28.68
C GLN C 157 -22.05 12.99 -27.39
N PHE C 158 -21.73 11.70 -27.50
CA PHE C 158 -21.61 10.87 -26.30
C PHE C 158 -20.50 11.37 -25.39
N ALA C 159 -19.27 11.49 -25.92
CA ALA C 159 -18.17 11.98 -25.09
C ALA C 159 -18.51 13.32 -24.43
N SER C 160 -19.10 14.23 -25.19
CA SER C 160 -19.42 15.53 -24.64
C SER C 160 -20.54 15.45 -23.60
N GLU C 161 -21.46 14.48 -23.73
CA GLU C 161 -22.50 14.34 -22.73
C GLU C 161 -21.93 13.81 -21.42
N VAL C 162 -21.00 12.85 -21.52
CA VAL C 162 -20.34 12.36 -20.31
C VAL C 162 -19.57 13.49 -19.64
N PHE C 163 -18.82 14.27 -20.43
CA PHE C 163 -18.09 15.38 -19.84
C PHE C 163 -19.03 16.38 -19.18
N LYS C 164 -20.15 16.71 -19.84
CA LYS C 164 -21.14 17.59 -19.23
C LYS C 164 -21.61 17.02 -17.89
N ALA C 165 -21.90 15.72 -17.83
CA ALA C 165 -22.32 15.10 -16.57
C ALA C 165 -21.23 15.15 -15.50
N MET C 166 -19.95 15.17 -15.87
CA MET C 166 -18.94 15.29 -14.82
C MET C 166 -19.00 16.65 -14.12
N ASN C 167 -19.54 17.67 -14.77
CA ASN C 167 -19.75 18.96 -14.14
C ASN C 167 -18.41 19.57 -13.73
N ILE C 168 -17.49 19.59 -14.68
CA ILE C 168 -16.14 20.10 -14.49
C ILE C 168 -16.03 21.41 -15.24
N PRO C 169 -15.48 22.47 -14.64
CA PRO C 169 -15.41 23.76 -15.32
C PRO C 169 -14.22 23.85 -16.26
N GLN C 170 -14.36 24.73 -17.23
CA GLN C 170 -13.22 25.18 -18.02
C GLN C 170 -12.40 26.13 -17.17
N ILE C 171 -11.08 26.05 -17.29
CA ILE C 171 -10.20 26.98 -16.58
C ILE C 171 -9.45 27.85 -17.56
N ARG C 172 -9.07 29.04 -17.08
CA ARG C 172 -8.10 29.87 -17.75
C ARG C 172 -6.93 29.05 -18.24
N ASN C 173 -6.53 29.27 -19.48
CA ASN C 173 -5.33 28.72 -20.11
C ASN C 173 -4.17 28.70 -19.10
N PRO C 174 -3.76 27.54 -18.59
CA PRO C 174 -2.74 27.52 -17.54
C PRO C 174 -1.34 27.81 -18.06
N CYS C 175 -1.16 27.93 -19.37
CA CYS C 175 0.11 28.35 -19.94
C CYS C 175 0.30 29.85 -19.82
N LEU C 176 -0.76 30.60 -19.46
CA LEU C 176 -0.76 32.05 -19.41
C LEU C 176 -0.10 32.54 -18.12
N PRO C 177 0.55 33.70 -18.18
CA PRO C 177 0.99 34.34 -16.93
C PRO C 177 -0.23 34.73 -16.10
N SER C 178 0.01 35.05 -14.83
CA SER C 178 -1.08 35.47 -13.98
C SER C 178 -1.68 36.77 -14.54
N GLN C 179 -2.97 36.98 -14.27
CA GLN C 179 -3.68 38.10 -14.89
C GLN C 179 -2.96 39.41 -14.68
N GLU C 180 -2.35 39.61 -13.50
CA GLU C 180 -1.69 40.88 -13.25
C GLU C 180 -0.45 41.06 -14.11
N LYS C 181 0.23 39.98 -14.49
CA LYS C 181 1.44 40.10 -15.29
C LYS C 181 1.18 40.10 -16.78
N MET C 182 -0.11 40.18 -17.21
CA MET C 182 -0.47 40.21 -18.63
C MET C 182 -0.19 41.59 -19.20
N PRO C 183 0.36 41.67 -20.41
CA PRO C 183 0.54 42.98 -21.06
C PRO C 183 -0.78 43.72 -21.18
N GLU C 184 -0.67 45.06 -21.14
CA GLU C 184 -1.84 45.92 -21.13
C GLU C 184 -2.76 45.65 -22.33
N ALA C 185 -2.19 45.22 -23.45
CA ALA C 185 -2.98 44.92 -24.64
C ALA C 185 -4.11 43.94 -24.35
N TYR C 186 -3.89 42.99 -23.45
CA TYR C 186 -4.91 41.98 -23.21
C TYR C 186 -6.12 42.52 -22.46
N SER C 187 -6.04 43.74 -21.94
CA SER C 187 -7.20 44.36 -21.32
C SER C 187 -7.98 45.26 -22.29
N ALA C 188 -7.64 45.23 -23.58
CA ALA C 188 -8.41 45.96 -24.58
C ALA C 188 -9.87 45.56 -24.53
N LYS C 189 -10.75 46.56 -24.56
CA LYS C 189 -12.19 46.33 -24.56
C LYS C 189 -12.61 45.75 -25.90
N ILE C 190 -13.22 44.58 -25.87
CA ILE C 190 -13.63 43.86 -27.09
C ILE C 190 -15.14 43.68 -27.05
N ALA C 191 -15.79 43.99 -28.16
CA ALA C 191 -17.24 43.85 -28.27
C ALA C 191 -17.55 42.80 -29.31
N LEU C 192 -18.52 41.93 -29.00
CA LEU C 192 -19.13 41.05 -29.98
C LEU C 192 -20.63 41.29 -30.00
N LEU C 193 -21.22 41.23 -31.19
CA LEU C 193 -22.62 41.55 -31.38
C LEU C 193 -23.35 40.28 -31.76
N GLY C 194 -24.32 39.88 -30.93
CA GLY C 194 -25.07 38.66 -31.14
C GLY C 194 -24.48 37.52 -30.36
N ALA C 195 -25.28 36.83 -29.56
CA ALA C 195 -24.77 35.70 -28.77
C ALA C 195 -25.17 34.35 -29.39
N GLY C 196 -24.83 34.15 -30.66
CA GLY C 196 -25.03 32.86 -31.27
C GLY C 196 -23.73 32.08 -31.33
N PRO C 197 -23.73 30.98 -32.08
CA PRO C 197 -22.50 30.17 -32.23
C PRO C 197 -21.24 30.95 -32.66
N ALA C 198 -21.36 31.88 -33.61
CA ALA C 198 -20.17 32.56 -34.11
C ALA C 198 -19.51 33.38 -33.03
N SER C 199 -20.29 34.17 -32.27
CA SER C 199 -19.70 35.03 -31.25
C SER C 199 -19.27 34.23 -30.02
N ILE C 200 -20.03 33.20 -29.65
CA ILE C 200 -19.62 32.37 -28.51
C ILE C 200 -18.26 31.74 -28.80
N SER C 201 -18.07 31.25 -30.02
CA SER C 201 -16.79 30.68 -30.43
C SER C 201 -15.69 31.75 -30.45
N CYS C 202 -15.96 32.88 -31.09
CA CYS C 202 -14.97 33.95 -31.14
C CYS C 202 -14.58 34.40 -29.74
N ALA C 203 -15.57 34.64 -28.87
CA ALA C 203 -15.27 35.13 -27.52
C ALA C 203 -14.47 34.10 -26.73
N SER C 204 -14.84 32.83 -26.87
CA SER C 204 -14.12 31.76 -26.18
C SER C 204 -12.64 31.77 -26.54
N PHE C 205 -12.34 31.78 -27.85
CA PHE C 205 -10.93 31.66 -28.24
C PHE C 205 -10.16 32.91 -27.86
N LEU C 206 -10.81 34.08 -27.88
CA LEU C 206 -10.17 35.30 -27.39
C LEU C 206 -9.86 35.20 -25.91
N ALA C 207 -10.81 34.71 -25.11
CA ALA C 207 -10.56 34.52 -23.69
C ALA C 207 -9.41 33.56 -23.47
N ARG C 208 -9.37 32.48 -24.24
CA ARG C 208 -8.25 31.53 -24.16
C ARG C 208 -6.92 32.23 -24.35
N LEU C 209 -6.86 33.14 -25.32
CA LEU C 209 -5.64 33.88 -25.59
C LEU C 209 -5.24 34.78 -24.42
N GLY C 210 -6.17 35.11 -23.53
CA GLY C 210 -5.86 35.92 -22.37
C GLY C 210 -6.61 37.24 -22.26
N TYR C 211 -7.44 37.60 -23.25
CA TYR C 211 -8.18 38.87 -23.19
C TYR C 211 -9.18 38.84 -22.04
N SER C 212 -9.17 39.89 -21.22
CA SER C 212 -9.91 39.87 -19.97
C SER C 212 -11.13 40.79 -19.95
N ASP C 213 -11.46 41.45 -21.06
CA ASP C 213 -12.58 42.37 -21.09
C ASP C 213 -13.32 42.14 -22.40
N ILE C 214 -14.12 41.08 -22.44
CA ILE C 214 -14.83 40.67 -23.64
C ILE C 214 -16.32 40.70 -23.32
N THR C 215 -17.09 41.43 -24.11
CA THR C 215 -18.52 41.56 -23.92
C THR C 215 -19.28 41.18 -25.18
N ILE C 216 -20.21 40.25 -25.05
CA ILE C 216 -21.18 39.94 -26.09
C ILE C 216 -22.45 40.74 -25.80
N PHE C 217 -22.86 41.56 -26.77
CA PHE C 217 -24.10 42.33 -26.69
C PHE C 217 -25.16 41.58 -27.49
N GLU C 218 -26.19 41.09 -26.80
CA GLU C 218 -27.22 40.28 -27.41
C GLU C 218 -28.53 41.05 -27.44
N LYS C 219 -29.18 41.05 -28.61
CA LYS C 219 -30.44 41.75 -28.78
C LYS C 219 -31.54 41.16 -27.91
N GLN C 220 -31.72 39.84 -27.94
CA GLN C 220 -32.84 39.20 -27.26
C GLN C 220 -32.58 39.08 -25.77
N GLU C 221 -33.59 38.60 -25.05
CA GLU C 221 -33.45 38.26 -23.63
C GLU C 221 -32.78 36.91 -23.41
N TYR C 222 -32.77 36.04 -24.40
CA TYR C 222 -32.18 34.70 -24.29
C TYR C 222 -30.85 34.68 -25.04
N VAL C 223 -30.05 33.64 -24.78
CA VAL C 223 -28.75 33.53 -25.41
C VAL C 223 -28.66 32.20 -26.17
N GLY C 224 -27.72 32.14 -27.11
CA GLY C 224 -27.49 30.94 -27.89
C GLY C 224 -27.87 31.07 -29.35
N GLY C 225 -28.57 32.15 -29.71
CA GLY C 225 -28.93 32.35 -31.11
C GLY C 225 -29.87 31.28 -31.60
N LEU C 226 -29.65 30.82 -32.84
CA LEU C 226 -30.59 29.90 -33.46
C LEU C 226 -30.62 28.56 -32.73
N SER C 227 -29.51 28.19 -32.09
CA SER C 227 -29.49 26.99 -31.26
C SER C 227 -30.59 27.02 -30.22
N THR C 228 -30.93 28.21 -29.72
CA THR C 228 -31.94 28.45 -28.71
C THR C 228 -33.31 28.72 -29.33
N SER C 229 -33.36 29.69 -30.24
CA SER C 229 -34.63 30.23 -30.72
C SER C 229 -35.34 29.36 -31.75
N GLU C 230 -34.63 28.48 -32.47
CA GLU C 230 -35.35 27.77 -33.54
C GLU C 230 -35.04 26.28 -33.69
N ILE C 231 -33.81 25.84 -33.46
CA ILE C 231 -33.58 24.40 -33.61
C ILE C 231 -34.43 23.65 -32.57
N PRO C 232 -35.23 22.66 -32.97
CA PRO C 232 -36.16 22.08 -32.00
C PRO C 232 -35.48 21.37 -30.84
N GLN C 233 -36.18 21.43 -29.70
CA GLN C 233 -35.75 20.74 -28.49
C GLN C 233 -35.54 19.25 -28.71
N PHE C 234 -36.31 18.64 -29.64
CA PHE C 234 -36.19 17.21 -29.88
C PHE C 234 -35.02 16.85 -30.81
N ARG C 235 -34.31 17.83 -31.33
CA ARG C 235 -32.99 17.62 -31.90
C ARG C 235 -31.88 18.18 -31.02
N LEU C 236 -32.12 19.31 -30.35
CA LEU C 236 -31.08 19.97 -29.55
C LEU C 236 -31.67 20.44 -28.21
N PRO C 237 -31.52 19.66 -27.15
CA PRO C 237 -32.03 20.10 -25.83
C PRO C 237 -31.39 21.42 -25.39
N TYR C 238 -32.20 22.30 -24.78
CA TYR C 238 -31.70 23.61 -24.37
C TYR C 238 -30.56 23.49 -23.36
N ASP C 239 -30.57 22.44 -22.54
CA ASP C 239 -29.53 22.32 -21.51
C ASP C 239 -28.15 22.19 -22.14
N VAL C 240 -28.07 21.71 -23.39
CA VAL C 240 -26.81 21.66 -24.12
C VAL C 240 -26.28 23.05 -24.36
N VAL C 241 -27.13 23.93 -24.90
CA VAL C 241 -26.75 25.33 -25.13
C VAL C 241 -26.27 25.97 -23.84
N ASN C 242 -27.05 25.78 -22.76
CA ASN C 242 -26.71 26.41 -21.49
C ASN C 242 -25.34 25.96 -21.00
N PHE C 243 -25.05 24.67 -21.18
CA PHE C 243 -23.79 24.07 -20.74
C PHE C 243 -22.61 24.69 -21.48
N GLU C 244 -22.72 24.83 -22.80
CA GLU C 244 -21.62 25.43 -23.57
C GLU C 244 -21.42 26.90 -23.23
N ILE C 245 -22.49 27.64 -22.97
CA ILE C 245 -22.32 29.05 -22.62
C ILE C 245 -21.70 29.19 -21.24
N GLU C 246 -22.07 28.29 -20.32
CA GLU C 246 -21.41 28.27 -19.01
C GLU C 246 -19.92 28.03 -19.13
N LEU C 247 -19.50 27.12 -20.01
CA LEU C 247 -18.07 26.91 -20.19
C LEU C 247 -17.38 28.19 -20.67
N MET C 248 -17.99 28.88 -21.62
CA MET C 248 -17.55 30.22 -21.98
C MET C 248 -17.45 31.14 -20.78
N LYS C 249 -18.53 31.25 -20.00
CA LYS C 249 -18.54 32.20 -18.90
C LYS C 249 -17.45 31.89 -17.88
N ASP C 250 -17.00 30.63 -17.80
CA ASP C 250 -15.90 30.28 -16.92
C ASP C 250 -14.63 31.04 -17.26
N LEU C 251 -14.49 31.44 -18.52
CA LEU C 251 -13.33 32.16 -18.99
C LEU C 251 -13.50 33.67 -18.80
N GLY C 252 -14.56 34.09 -18.10
CA GLY C 252 -14.78 35.49 -17.82
C GLY C 252 -15.46 36.30 -18.90
N VAL C 253 -15.92 35.67 -19.99
CA VAL C 253 -16.67 36.41 -21.01
C VAL C 253 -17.96 36.94 -20.39
N LYS C 254 -18.30 38.19 -20.70
CA LYS C 254 -19.56 38.78 -20.25
C LYS C 254 -20.57 38.85 -21.38
N ILE C 255 -21.85 38.68 -21.02
CA ILE C 255 -22.95 38.75 -21.96
C ILE C 255 -23.95 39.76 -21.44
N ILE C 256 -24.28 40.75 -22.24
CA ILE C 256 -25.27 41.76 -21.89
C ILE C 256 -26.42 41.67 -22.89
N CYS C 257 -27.59 41.29 -22.40
CA CYS C 257 -28.82 41.17 -23.18
C CYS C 257 -29.60 42.48 -23.18
N GLY C 258 -30.45 42.65 -24.20
CA GLY C 258 -31.27 43.85 -24.34
C GLY C 258 -30.69 44.97 -25.16
N LYS C 259 -29.47 44.79 -25.71
CA LYS C 259 -28.73 45.86 -26.37
C LYS C 259 -28.49 45.43 -27.81
N SER C 260 -29.01 46.19 -28.76
CA SER C 260 -28.90 45.82 -30.16
C SER C 260 -27.92 46.68 -30.91
N LEU C 261 -27.26 46.06 -31.90
CA LEU C 261 -26.56 46.78 -32.96
C LEU C 261 -27.63 47.38 -33.87
N SER C 262 -27.84 48.69 -33.73
CA SER C 262 -28.94 49.38 -34.39
C SER C 262 -28.75 50.87 -34.17
N GLU C 263 -29.32 51.68 -35.08
CA GLU C 263 -28.87 53.07 -35.22
C GLU C 263 -29.00 53.87 -33.93
N ASN C 264 -30.09 53.72 -33.21
CA ASN C 264 -30.24 54.49 -31.97
C ASN C 264 -29.81 53.69 -30.75
N GLU C 265 -29.08 52.59 -30.97
CA GLU C 265 -28.53 51.82 -29.86
C GLU C 265 -27.02 51.67 -30.04
N ILE C 266 -26.53 50.44 -30.21
CA ILE C 266 -25.09 50.23 -30.43
C ILE C 266 -24.79 50.38 -31.92
N THR C 267 -23.80 51.21 -32.24
CA THR C 267 -23.32 51.34 -33.61
C THR C 267 -21.81 51.23 -33.59
N LEU C 268 -21.21 51.01 -34.77
CA LEU C 268 -19.76 50.97 -34.80
C LEU C 268 -19.16 52.26 -34.21
N ASN C 269 -19.84 53.40 -34.40
CA ASN C 269 -19.31 54.67 -33.90
C ASN C 269 -19.46 54.80 -32.39
N THR C 270 -20.58 54.36 -31.81
CA THR C 270 -20.69 54.39 -30.36
C THR C 270 -19.68 53.46 -29.70
N LEU C 271 -19.43 52.30 -30.32
CA LEU C 271 -18.39 51.41 -29.80
C LEU C 271 -17.04 52.11 -29.82
N LYS C 272 -16.69 52.73 -30.95
CA LYS C 272 -15.40 53.39 -31.07
C LYS C 272 -15.25 54.49 -30.03
N GLU C 273 -16.26 55.34 -29.86
CA GLU C 273 -16.10 56.41 -28.91
C GLU C 273 -16.26 55.96 -27.46
N GLU C 274 -16.85 54.79 -27.21
CA GLU C 274 -16.83 54.22 -25.86
C GLU C 274 -15.50 53.54 -25.54
N GLY C 275 -14.57 53.44 -26.49
CA GLY C 275 -13.28 52.86 -26.22
C GLY C 275 -13.08 51.40 -26.59
N TYR C 276 -14.04 50.76 -27.25
CA TYR C 276 -13.84 49.40 -27.71
C TYR C 276 -12.78 49.39 -28.81
N LYS C 277 -11.84 48.45 -28.74
CA LYS C 277 -10.73 48.39 -29.68
C LYS C 277 -10.98 47.43 -30.84
N ALA C 278 -11.91 46.49 -30.68
CA ALA C 278 -12.22 45.55 -31.75
C ALA C 278 -13.66 45.10 -31.59
N ALA C 279 -14.30 44.83 -32.72
CA ALA C 279 -15.69 44.40 -32.71
C ALA C 279 -15.85 43.20 -33.64
N PHE C 280 -16.65 42.22 -33.20
CA PHE C 280 -16.98 41.08 -34.04
C PHE C 280 -18.49 41.05 -34.22
N ILE C 281 -18.91 41.00 -35.48
CA ILE C 281 -20.33 41.01 -35.84
C ILE C 281 -20.79 39.57 -36.04
N GLY C 282 -21.63 39.09 -35.13
CA GLY C 282 -22.23 37.77 -35.30
C GLY C 282 -23.73 37.76 -35.11
N ILE C 283 -24.44 38.66 -35.78
CA ILE C 283 -25.86 38.85 -35.55
C ILE C 283 -26.70 37.96 -36.45
N GLY C 284 -26.06 37.09 -37.22
CA GLY C 284 -26.84 36.19 -38.05
C GLY C 284 -27.66 36.91 -39.14
N LEU C 285 -28.71 36.21 -39.58
CA LEU C 285 -29.68 36.74 -40.52
C LEU C 285 -30.99 36.91 -39.77
N PRO C 286 -31.30 38.10 -39.27
CA PRO C 286 -32.34 38.21 -38.24
C PRO C 286 -33.78 38.23 -38.76
N GLU C 287 -34.00 38.38 -40.06
CA GLU C 287 -35.35 38.55 -40.58
C GLU C 287 -35.72 37.45 -41.58
N PRO C 288 -37.00 37.11 -41.68
CA PRO C 288 -37.42 36.08 -42.65
C PRO C 288 -37.38 36.57 -44.08
N LYS C 289 -37.05 35.67 -45.00
CA LYS C 289 -37.32 35.91 -46.42
C LYS C 289 -38.83 35.90 -46.61
N THR C 290 -39.34 36.92 -47.29
CA THR C 290 -40.78 37.11 -47.43
C THR C 290 -41.19 36.92 -48.89
N ASP C 291 -42.47 36.66 -49.07
CA ASP C 291 -43.06 36.53 -50.39
C ASP C 291 -44.24 37.48 -50.42
N ASP C 292 -44.27 38.37 -51.43
CA ASP C 292 -45.30 39.40 -51.48
C ASP C 292 -46.71 38.83 -51.44
N ILE C 293 -46.89 37.59 -51.90
CA ILE C 293 -48.26 37.04 -51.89
C ILE C 293 -48.81 36.84 -50.49
N PHE C 294 -47.97 36.92 -49.44
CA PHE C 294 -48.41 36.71 -48.07
C PHE C 294 -48.66 38.00 -47.31
N GLN C 295 -48.56 39.15 -47.99
CA GLN C 295 -48.68 40.44 -47.32
C GLN C 295 -50.04 40.59 -46.64
N GLY C 296 -50.02 41.07 -45.41
CA GLY C 296 -51.26 41.29 -44.68
C GLY C 296 -51.79 40.09 -43.92
N LEU C 297 -51.26 38.89 -44.18
CA LEU C 297 -51.73 37.69 -43.49
C LEU C 297 -51.18 37.68 -42.07
N THR C 298 -51.99 37.22 -41.12
CA THR C 298 -51.68 37.32 -39.70
C THR C 298 -51.64 35.95 -39.06
N GLN C 299 -51.01 35.86 -37.88
CA GLN C 299 -51.04 34.61 -37.12
C GLN C 299 -52.47 34.19 -36.77
N ASP C 300 -53.37 35.15 -36.66
CA ASP C 300 -54.74 34.84 -36.29
C ASP C 300 -55.42 34.06 -37.40
N GLN C 301 -55.10 34.40 -38.65
CA GLN C 301 -55.63 33.67 -39.78
C GLN C 301 -54.90 32.34 -40.01
N GLY C 302 -53.82 32.07 -39.30
CA GLY C 302 -53.04 30.86 -39.50
C GLY C 302 -51.77 31.01 -40.32
N PHE C 303 -51.24 32.22 -40.47
CA PHE C 303 -50.02 32.41 -41.23
C PHE C 303 -48.84 32.69 -40.30
N TYR C 304 -47.69 32.06 -40.59
CA TYR C 304 -46.46 32.22 -39.83
C TYR C 304 -45.27 32.26 -40.78
N THR C 305 -44.26 33.05 -40.47
CA THR C 305 -42.96 32.77 -41.05
C THR C 305 -42.26 31.82 -40.08
N SER C 306 -41.23 31.15 -40.56
CA SER C 306 -40.39 30.34 -39.66
C SER C 306 -39.88 31.19 -38.49
N LYS C 307 -39.63 32.48 -38.72
CA LYS C 307 -39.13 33.37 -37.68
C LYS C 307 -40.20 33.73 -36.66
N ASP C 308 -41.48 33.52 -36.99
CA ASP C 308 -42.61 33.65 -36.08
C ASP C 308 -42.87 32.35 -35.33
N PHE C 309 -42.83 31.22 -36.04
CA PHE C 309 -43.33 29.94 -35.53
C PHE C 309 -42.30 29.21 -34.67
N LEU C 310 -41.07 29.05 -35.16
CA LEU C 310 -40.13 28.23 -34.40
C LEU C 310 -39.79 28.81 -33.04
N PRO C 311 -39.60 30.13 -32.87
CA PRO C 311 -39.39 30.64 -31.50
C PRO C 311 -40.59 30.48 -30.59
N LEU C 312 -41.81 30.52 -31.13
CA LEU C 312 -42.99 30.21 -30.31
C LEU C 312 -42.92 28.79 -29.77
N VAL C 313 -42.58 27.83 -30.62
CA VAL C 313 -42.45 26.47 -30.15
C VAL C 313 -41.29 26.34 -29.18
N ALA C 314 -40.17 27.01 -29.49
CA ALA C 314 -39.01 26.91 -28.61
C ALA C 314 -39.33 27.45 -27.22
N LYS C 315 -40.06 28.58 -27.15
CA LYS C 315 -40.35 29.20 -25.85
C LYS C 315 -41.20 28.30 -24.98
N SER C 316 -42.12 27.54 -25.58
CA SER C 316 -42.94 26.64 -24.79
C SER C 316 -42.21 25.38 -24.39
N SER C 317 -41.26 24.90 -25.22
CA SER C 317 -40.68 23.59 -24.98
C SER C 317 -39.29 23.63 -24.34
N LYS C 318 -38.66 24.80 -24.23
CA LYS C 318 -37.31 24.90 -23.72
C LYS C 318 -37.33 25.55 -22.34
N ALA C 319 -37.30 24.72 -21.30
CA ALA C 319 -37.39 25.21 -19.94
C ALA C 319 -36.19 26.10 -19.64
N GLY C 320 -36.47 27.34 -19.24
CA GLY C 320 -35.41 28.27 -18.96
C GLY C 320 -34.86 29.01 -20.15
N MET C 321 -35.51 28.92 -21.31
CA MET C 321 -35.08 29.72 -22.44
C MET C 321 -35.71 31.11 -22.32
N CYS C 322 -36.99 31.25 -22.65
CA CYS C 322 -37.77 32.42 -22.27
C CYS C 322 -38.78 31.95 -21.23
N ALA C 323 -38.61 32.38 -19.97
CA ALA C 323 -39.56 32.00 -18.93
C ALA C 323 -41.00 32.36 -19.30
N CYS C 324 -41.17 33.27 -20.26
CA CYS C 324 -42.45 33.60 -20.85
C CYS C 324 -42.78 32.55 -21.91
N HIS C 325 -43.76 31.69 -21.63
CA HIS C 325 -44.27 30.78 -22.63
C HIS C 325 -45.77 30.94 -22.70
N SER C 326 -46.29 31.11 -23.90
CA SER C 326 -47.70 30.80 -24.11
C SER C 326 -47.76 29.28 -24.01
N PRO C 327 -48.93 28.66 -24.11
CA PRO C 327 -48.93 27.23 -24.45
C PRO C 327 -48.26 27.03 -25.80
N LEU C 328 -48.10 25.79 -26.20
CA LEU C 328 -47.77 25.50 -27.59
C LEU C 328 -48.83 26.13 -28.49
N PRO C 329 -48.43 26.76 -29.59
CA PRO C 329 -49.43 27.26 -30.54
C PRO C 329 -50.39 26.16 -30.99
N SER C 330 -51.68 26.49 -30.99
CA SER C 330 -52.73 25.61 -31.48
C SER C 330 -52.60 25.49 -32.99
N ILE C 331 -52.16 24.33 -33.47
CA ILE C 331 -51.82 24.20 -34.87
C ILE C 331 -52.55 22.95 -35.37
N ARG C 332 -53.84 22.87 -35.09
CA ARG C 332 -54.62 21.73 -35.55
C ARG C 332 -55.14 21.93 -36.96
N GLY C 333 -55.34 20.83 -37.66
CA GLY C 333 -55.71 20.86 -39.05
C GLY C 333 -54.57 20.51 -39.97
N ALA C 334 -54.72 20.90 -41.23
CA ALA C 334 -53.72 20.67 -42.25
C ALA C 334 -52.74 21.86 -42.25
N VAL C 335 -51.44 21.55 -42.27
CA VAL C 335 -50.39 22.57 -42.25
C VAL C 335 -49.56 22.48 -43.53
N ILE C 336 -49.44 23.60 -44.23
CA ILE C 336 -48.57 23.75 -45.38
C ILE C 336 -47.28 24.44 -44.94
N VAL C 337 -46.14 23.77 -45.12
CA VAL C 337 -44.85 24.41 -44.90
C VAL C 337 -44.21 24.67 -46.26
N LEU C 338 -43.83 25.92 -46.52
CA LEU C 338 -43.27 26.30 -47.81
C LEU C 338 -41.75 26.41 -47.71
N GLY C 339 -41.06 25.65 -48.54
CA GLY C 339 -39.61 25.64 -48.60
C GLY C 339 -39.05 24.24 -48.58
N ALA C 340 -37.75 24.17 -48.85
CA ALA C 340 -37.07 22.90 -49.00
C ALA C 340 -35.71 22.87 -48.32
N GLY C 341 -35.32 23.95 -47.65
CA GLY C 341 -34.14 23.95 -46.83
C GLY C 341 -34.47 23.35 -45.49
N ASP C 342 -33.48 23.33 -44.63
CA ASP C 342 -33.76 22.49 -43.50
C ASP C 342 -34.57 23.23 -42.41
N THR C 343 -34.79 24.55 -42.56
CA THR C 343 -35.76 25.24 -41.73
C THR C 343 -37.18 24.71 -41.95
N ALA C 344 -37.52 24.44 -43.21
CA ALA C 344 -38.84 23.88 -43.52
C ALA C 344 -39.05 22.56 -42.79
N PHE C 345 -38.03 21.70 -42.75
CA PHE C 345 -38.23 20.39 -42.14
C PHE C 345 -38.41 20.49 -40.63
N ASP C 346 -37.77 21.49 -39.99
CA ASP C 346 -38.00 21.69 -38.56
C ASP C 346 -39.38 22.27 -38.31
N CYS C 347 -39.87 23.11 -39.22
CA CYS C 347 -41.23 23.62 -39.11
C CYS C 347 -42.23 22.48 -39.26
N ALA C 348 -41.96 21.55 -40.17
CA ALA C 348 -42.84 20.41 -40.36
C ALA C 348 -42.90 19.54 -39.11
N THR C 349 -41.75 19.08 -38.62
CA THR C 349 -41.72 18.26 -37.42
C THR C 349 -42.24 19.02 -36.18
N SER C 350 -41.95 20.31 -36.08
CA SER C 350 -42.45 21.08 -34.95
C SER C 350 -43.98 21.22 -35.00
N ALA C 351 -44.54 21.38 -36.21
CA ALA C 351 -46.00 21.47 -36.36
C ALA C 351 -46.71 20.24 -35.80
N LEU C 352 -46.16 19.05 -36.06
CA LEU C 352 -46.73 17.83 -35.49
C LEU C 352 -46.78 17.89 -33.97
N ARG C 353 -45.76 18.49 -33.34
CA ARG C 353 -45.77 18.59 -31.88
C ARG C 353 -46.81 19.56 -31.37
N CYS C 354 -47.28 20.47 -32.22
CA CYS C 354 -48.33 21.41 -31.85
C CYS C 354 -49.74 20.89 -32.12
N GLY C 355 -49.87 19.68 -32.66
CA GLY C 355 -51.17 19.07 -32.87
C GLY C 355 -51.63 18.99 -34.31
N ALA C 356 -50.76 19.26 -35.28
CA ALA C 356 -51.15 19.18 -36.68
C ALA C 356 -51.68 17.81 -37.03
N ARG C 357 -52.79 17.78 -37.78
CA ARG C 357 -53.33 16.54 -38.32
C ARG C 357 -52.48 16.03 -39.48
N ARG C 358 -52.09 16.92 -40.40
CA ARG C 358 -51.24 16.56 -41.52
C ARG C 358 -50.33 17.74 -41.83
N VAL C 359 -49.17 17.44 -42.38
CA VAL C 359 -48.19 18.44 -42.79
C VAL C 359 -47.81 18.17 -44.22
N PHE C 360 -47.88 19.21 -45.06
CA PHE C 360 -47.40 19.20 -46.43
C PHE C 360 -46.16 20.08 -46.53
N LEU C 361 -45.04 19.49 -46.95
CA LEU C 361 -43.89 20.25 -47.40
C LEU C 361 -44.04 20.49 -48.89
N VAL C 362 -44.09 21.76 -49.28
CA VAL C 362 -44.29 22.14 -50.67
C VAL C 362 -43.08 22.95 -51.11
N PHE C 363 -42.47 22.55 -52.21
CA PHE C 363 -41.33 23.30 -52.72
C PHE C 363 -41.47 23.50 -54.22
N ARG C 364 -40.77 24.55 -54.70
CA ARG C 364 -40.97 24.97 -56.07
C ARG C 364 -40.08 24.21 -57.05
N LYS C 365 -39.14 23.41 -56.57
CA LYS C 365 -38.45 22.52 -57.50
C LYS C 365 -38.78 21.07 -57.15
N GLY C 366 -37.91 20.15 -57.56
CA GLY C 366 -38.16 18.73 -57.40
C GLY C 366 -37.46 18.16 -56.17
N PHE C 367 -37.64 16.84 -56.02
CA PHE C 367 -36.91 16.11 -54.97
C PHE C 367 -35.42 16.15 -55.19
N VAL C 368 -34.97 16.01 -56.44
CA VAL C 368 -33.53 16.07 -56.74
C VAL C 368 -32.96 17.37 -56.21
N ASN C 369 -33.74 18.45 -56.23
CA ASN C 369 -33.27 19.80 -55.92
C ASN C 369 -33.37 20.13 -54.43
N ILE C 370 -33.81 19.20 -53.59
CA ILE C 370 -33.90 19.48 -52.16
C ILE C 370 -32.49 19.67 -51.63
N ARG C 371 -32.24 20.81 -50.99
CA ARG C 371 -30.91 21.07 -50.49
C ARG C 371 -30.80 20.83 -48.99
N ALA C 372 -31.87 20.35 -48.35
CA ALA C 372 -31.75 19.84 -47.01
C ALA C 372 -30.96 18.53 -47.00
N VAL C 373 -30.23 18.30 -45.91
CA VAL C 373 -29.37 17.12 -45.81
C VAL C 373 -30.27 15.89 -45.68
N PRO C 374 -29.88 14.73 -46.21
CA PRO C 374 -30.79 13.56 -46.14
C PRO C 374 -31.20 13.18 -44.73
N GLU C 375 -30.33 13.35 -43.72
CA GLU C 375 -30.70 13.06 -42.33
C GLU C 375 -31.88 13.90 -41.87
N GLU C 376 -31.87 15.21 -42.18
CA GLU C 376 -32.99 16.08 -41.85
C GLU C 376 -34.29 15.65 -42.56
N VAL C 377 -34.18 15.31 -43.85
CA VAL C 377 -35.36 14.88 -44.60
C VAL C 377 -35.98 13.63 -43.96
N GLU C 378 -35.16 12.67 -43.56
CA GLU C 378 -35.69 11.43 -43.05
C GLU C 378 -36.52 11.62 -41.78
N LEU C 379 -36.23 12.66 -40.98
CA LEU C 379 -37.04 12.88 -39.79
C LEU C 379 -38.46 13.30 -40.13
N ALA C 380 -38.62 14.15 -41.16
CA ALA C 380 -39.96 14.50 -41.62
C ALA C 380 -40.63 13.31 -42.31
N LYS C 381 -39.87 12.55 -43.10
CA LYS C 381 -40.41 11.40 -43.82
C LYS C 381 -40.96 10.34 -42.87
N GLU C 382 -40.16 9.91 -41.89
CA GLU C 382 -40.62 8.83 -41.00
C GLU C 382 -41.79 9.26 -40.14
N GLU C 383 -41.99 10.57 -39.98
CA GLU C 383 -43.14 11.08 -39.25
C GLU C 383 -44.32 11.38 -40.18
N LYS C 384 -44.23 10.92 -41.43
CA LYS C 384 -45.35 10.87 -42.36
C LYS C 384 -45.80 12.25 -42.84
N CYS C 385 -44.92 13.25 -42.86
CA CYS C 385 -45.24 14.43 -43.64
C CYS C 385 -45.38 14.04 -45.11
N GLU C 386 -46.17 14.82 -45.86
CA GLU C 386 -46.27 14.65 -47.30
C GLU C 386 -45.35 15.64 -47.98
N PHE C 387 -44.92 15.30 -49.19
CA PHE C 387 -43.98 16.12 -49.96
C PHE C 387 -44.61 16.42 -51.31
N LEU C 388 -44.72 17.70 -51.63
CA LEU C 388 -45.28 18.15 -52.91
C LEU C 388 -44.23 18.96 -53.67
N PRO C 389 -43.68 18.43 -54.76
CA PRO C 389 -42.67 19.17 -55.52
C PRO C 389 -43.30 19.98 -56.65
N PHE C 390 -42.50 20.90 -57.21
CA PHE C 390 -42.88 21.62 -58.43
C PHE C 390 -44.14 22.45 -58.25
N LEU C 391 -44.25 23.15 -57.12
CA LEU C 391 -45.39 24.01 -56.84
C LEU C 391 -44.90 25.36 -56.33
N SER C 392 -45.43 26.43 -56.92
CA SER C 392 -45.13 27.76 -56.47
C SER C 392 -46.41 28.41 -55.96
N PRO C 393 -46.40 28.97 -54.75
CA PRO C 393 -47.63 29.52 -54.18
C PRO C 393 -48.04 30.80 -54.88
N ARG C 394 -49.35 30.99 -55.01
CA ARG C 394 -49.89 32.13 -55.76
C ARG C 394 -50.94 32.89 -54.94
N LYS C 395 -51.90 32.19 -54.34
CA LYS C 395 -52.93 32.82 -53.55
C LYS C 395 -53.13 32.04 -52.25
N VAL C 396 -53.37 32.78 -51.17
CA VAL C 396 -53.80 32.21 -49.90
C VAL C 396 -55.24 32.61 -49.69
N ILE C 397 -56.15 31.62 -49.67
CA ILE C 397 -57.58 31.87 -49.56
C ILE C 397 -57.97 31.92 -48.09
N VAL C 398 -58.69 32.97 -47.69
CA VAL C 398 -59.13 33.18 -46.32
C VAL C 398 -60.65 33.31 -46.34
N LYS C 399 -61.32 32.51 -45.50
CA LYS C 399 -62.76 32.62 -45.31
C LYS C 399 -63.07 32.50 -43.82
N GLY C 400 -64.00 33.32 -43.35
CA GLY C 400 -64.33 33.30 -41.93
C GLY C 400 -63.17 33.63 -41.03
N GLY C 401 -62.26 34.51 -41.47
CA GLY C 401 -61.12 34.89 -40.66
C GLY C 401 -60.00 33.88 -40.59
N ARG C 402 -60.10 32.77 -41.30
CA ARG C 402 -59.10 31.71 -41.27
C ARG C 402 -58.65 31.37 -42.68
N ILE C 403 -57.37 31.02 -42.81
CA ILE C 403 -56.90 30.38 -44.03
C ILE C 403 -57.64 29.07 -44.21
N VAL C 404 -58.13 28.82 -45.42
CA VAL C 404 -58.80 27.55 -45.70
C VAL C 404 -58.14 26.82 -46.87
N ALA C 405 -57.25 27.51 -47.61
CA ALA C 405 -56.65 26.92 -48.81
C ALA C 405 -55.50 27.78 -49.33
N VAL C 406 -54.59 27.14 -50.05
CA VAL C 406 -53.55 27.83 -50.80
C VAL C 406 -53.58 27.33 -52.24
N GLN C 407 -53.51 28.26 -53.18
CA GLN C 407 -53.52 27.93 -54.59
C GLN C 407 -52.10 28.11 -55.15
N PHE C 408 -51.62 27.08 -55.87
CA PHE C 408 -50.28 27.03 -56.45
C PHE C 408 -50.38 26.93 -57.96
N VAL C 409 -49.29 27.31 -58.65
CA VAL C 409 -49.09 26.95 -60.05
C VAL C 409 -47.96 25.94 -60.14
N ARG C 410 -48.02 25.09 -61.16
CA ARG C 410 -46.97 24.11 -61.38
C ARG C 410 -45.74 24.80 -61.95
N THR C 411 -44.56 24.40 -61.46
CA THR C 411 -43.28 24.88 -61.96
C THR C 411 -42.58 23.78 -62.74
N GLU C 412 -41.80 24.18 -63.74
CA GLU C 412 -41.05 23.20 -64.51
C GLU C 412 -39.79 23.84 -65.10
N GLN C 413 -38.83 22.98 -65.42
CA GLN C 413 -37.65 23.35 -66.17
C GLN C 413 -37.86 23.05 -67.66
N ASP C 414 -37.39 23.96 -68.51
CA ASP C 414 -37.30 23.68 -69.93
C ASP C 414 -36.05 22.87 -70.21
N GLU C 415 -35.22 23.29 -71.16
CA GLU C 415 -33.92 22.62 -71.28
C GLU C 415 -32.79 23.61 -71.47
N THR C 416 -33.01 24.89 -71.13
CA THR C 416 -31.93 25.81 -70.82
C THR C 416 -31.71 25.94 -69.31
N GLY C 417 -32.36 25.07 -68.51
CA GLY C 417 -32.29 25.22 -67.08
C GLY C 417 -33.07 26.39 -66.54
N LYS C 418 -33.96 26.98 -67.35
CA LYS C 418 -34.85 28.02 -66.88
C LYS C 418 -36.04 27.39 -66.18
N TRP C 419 -36.43 27.97 -65.04
CA TRP C 419 -37.58 27.51 -64.27
C TRP C 419 -38.80 28.33 -64.63
N ASN C 420 -39.83 27.66 -65.14
CA ASN C 420 -41.04 28.27 -65.66
C ASN C 420 -42.22 27.94 -64.76
N GLU C 421 -43.16 28.88 -64.65
CA GLU C 421 -44.45 28.63 -64.04
C GLU C 421 -45.50 28.44 -65.13
N ASP C 422 -46.31 27.40 -65.01
CA ASP C 422 -47.37 27.11 -65.96
C ASP C 422 -48.68 27.60 -65.38
N GLU C 423 -49.18 28.72 -65.91
CA GLU C 423 -50.35 29.38 -65.33
C GLU C 423 -51.61 28.53 -65.43
N ASP C 424 -51.73 27.72 -66.47
CA ASP C 424 -52.92 26.90 -66.63
C ASP C 424 -52.89 25.63 -65.80
N GLN C 425 -51.86 25.40 -65.01
CA GLN C 425 -51.72 24.16 -64.26
C GLN C 425 -51.65 24.51 -62.78
N ILE C 426 -52.81 24.40 -62.12
CA ILE C 426 -52.96 24.95 -60.78
C ILE C 426 -53.29 23.82 -59.81
N VAL C 427 -52.94 24.04 -58.55
CA VAL C 427 -53.31 23.18 -57.44
C VAL C 427 -54.00 24.04 -56.41
N HIS C 428 -55.17 23.59 -55.97
CA HIS C 428 -55.94 24.16 -54.88
C HIS C 428 -55.77 23.19 -53.71
N LEU C 429 -55.01 23.59 -52.70
CA LEU C 429 -54.68 22.68 -51.61
C LEU C 429 -55.30 23.20 -50.32
N LYS C 430 -56.17 22.40 -49.70
CA LYS C 430 -56.88 22.81 -48.49
C LYS C 430 -55.93 22.80 -47.30
N ALA C 431 -55.95 23.88 -46.51
CA ALA C 431 -55.07 23.95 -45.35
C ALA C 431 -55.60 24.97 -44.35
N ASP C 432 -55.24 24.76 -43.08
CA ASP C 432 -55.59 25.69 -42.01
C ASP C 432 -54.41 26.56 -41.54
N VAL C 433 -53.18 26.13 -41.79
CA VAL C 433 -52.01 26.86 -41.32
C VAL C 433 -51.00 26.84 -42.45
N VAL C 434 -50.36 27.99 -42.68
CA VAL C 434 -49.32 28.13 -43.69
C VAL C 434 -48.09 28.68 -43.00
N ILE C 435 -46.94 28.03 -43.19
CA ILE C 435 -45.68 28.45 -42.59
C ILE C 435 -44.67 28.63 -43.72
N SER C 436 -44.26 29.87 -43.96
CA SER C 436 -43.21 30.06 -44.98
C SER C 436 -41.85 29.87 -44.32
N ALA C 437 -41.05 29.00 -44.92
CA ALA C 437 -39.70 28.68 -44.45
C ALA C 437 -38.74 28.83 -45.62
N PHE C 438 -38.74 30.03 -46.20
CA PHE C 438 -37.97 30.35 -47.40
C PHE C 438 -36.53 30.72 -47.10
N GLY C 439 -36.18 30.88 -45.84
CA GLY C 439 -34.85 31.29 -45.45
C GLY C 439 -34.88 32.61 -44.72
N SER C 440 -33.68 33.17 -44.53
CA SER C 440 -33.50 34.35 -43.70
C SER C 440 -32.57 35.33 -44.40
N VAL C 441 -32.69 36.59 -44.01
CA VAL C 441 -31.98 37.70 -44.66
C VAL C 441 -31.66 38.76 -43.62
N LEU C 442 -30.85 39.74 -44.02
CA LEU C 442 -30.63 40.96 -43.26
C LEU C 442 -31.24 42.11 -44.05
N ARG C 443 -32.33 42.70 -43.54
CA ARG C 443 -33.00 43.79 -44.24
C ARG C 443 -33.13 45.08 -43.45
N ASP C 444 -33.00 45.04 -42.14
CA ASP C 444 -33.30 46.17 -41.27
C ASP C 444 -32.37 47.34 -41.60
N PRO C 445 -32.91 48.45 -42.13
CA PRO C 445 -32.03 49.59 -42.45
C PRO C 445 -31.30 50.15 -41.25
N LYS C 446 -31.91 50.07 -40.06
CA LYS C 446 -31.28 50.64 -38.88
C LYS C 446 -30.11 49.78 -38.42
N VAL C 447 -30.17 48.48 -38.69
CA VAL C 447 -29.07 47.58 -38.39
C VAL C 447 -27.92 47.77 -39.38
N LYS C 448 -28.22 47.85 -40.68
CA LYS C 448 -27.16 48.10 -41.64
C LYS C 448 -26.56 49.48 -41.42
N GLU C 449 -27.40 50.46 -41.09
CA GLU C 449 -26.90 51.78 -40.76
C GLU C 449 -25.92 51.73 -39.59
N ALA C 450 -26.15 50.85 -38.61
CA ALA C 450 -25.25 50.81 -37.47
C ALA C 450 -23.88 50.24 -37.84
N LEU C 451 -23.74 49.61 -39.00
CA LEU C 451 -22.47 49.06 -39.44
C LEU C 451 -21.70 50.03 -40.33
N SER C 452 -22.17 51.24 -40.50
CA SER C 452 -21.45 52.21 -41.30
C SER C 452 -20.07 52.46 -40.69
N PRO C 453 -19.03 52.56 -41.50
CA PRO C 453 -19.03 52.55 -42.96
C PRO C 453 -18.53 51.26 -43.60
N ILE C 454 -18.74 50.07 -43.06
CA ILE C 454 -18.12 48.90 -43.67
C ILE C 454 -18.77 48.63 -45.02
N LYS C 455 -17.98 48.05 -45.93
CA LYS C 455 -18.48 47.70 -47.24
C LYS C 455 -19.39 46.49 -47.21
N PHE C 456 -20.51 46.58 -47.91
CA PHE C 456 -21.48 45.52 -48.12
C PHE C 456 -21.42 45.05 -49.57
N ASN C 457 -21.62 43.76 -49.78
CA ASN C 457 -21.58 43.22 -51.12
C ASN C 457 -22.97 43.19 -51.76
N ARG C 458 -23.01 42.57 -52.94
CA ARG C 458 -24.13 42.32 -53.83
C ARG C 458 -25.39 41.83 -53.11
N TRP C 459 -25.16 41.01 -52.09
CA TRP C 459 -26.21 40.34 -51.36
C TRP C 459 -26.59 41.10 -50.11
N ASP C 460 -26.14 42.35 -50.00
CA ASP C 460 -26.40 43.22 -48.84
C ASP C 460 -25.95 42.55 -47.54
N LEU C 461 -24.82 41.85 -47.63
CA LEU C 461 -24.13 41.29 -46.48
C LEU C 461 -22.77 41.95 -46.33
N PRO C 462 -22.25 42.06 -45.11
CA PRO C 462 -20.92 42.64 -44.91
C PRO C 462 -19.85 41.80 -45.60
N GLU C 463 -18.95 42.48 -46.32
CA GLU C 463 -17.84 41.79 -46.95
C GLU C 463 -16.71 41.56 -45.98
N VAL C 464 -16.13 40.37 -46.04
CA VAL C 464 -14.95 40.05 -45.25
C VAL C 464 -13.88 39.45 -46.15
N ASP C 465 -12.65 39.60 -45.72
CA ASP C 465 -11.56 38.75 -46.18
C ASP C 465 -11.84 37.34 -45.66
N PRO C 466 -12.00 36.35 -46.53
CA PRO C 466 -12.40 35.01 -46.07
C PRO C 466 -11.32 34.29 -45.27
N GLU C 467 -10.08 34.77 -45.30
CA GLU C 467 -9.01 34.20 -44.49
C GLU C 467 -8.94 34.82 -43.11
N THR C 468 -9.29 36.09 -42.98
CA THR C 468 -9.10 36.77 -41.71
C THR C 468 -10.41 37.14 -41.03
N MET C 469 -11.54 37.08 -41.73
CA MET C 469 -12.84 37.56 -41.27
C MET C 469 -12.88 39.06 -41.06
N GLN C 470 -11.86 39.82 -41.52
CA GLN C 470 -11.85 41.27 -41.38
C GLN C 470 -12.78 41.94 -42.40
N THR C 471 -13.57 42.91 -41.94
CA THR C 471 -14.36 43.74 -42.83
C THR C 471 -13.47 44.82 -43.42
N SER C 472 -14.06 45.78 -44.15
CA SER C 472 -13.29 46.89 -44.70
C SER C 472 -12.77 47.84 -43.63
N GLU C 473 -13.28 47.76 -42.41
CA GLU C 473 -12.68 48.44 -41.28
C GLU C 473 -11.75 47.47 -40.55
N PRO C 474 -10.48 47.82 -40.35
CA PRO C 474 -9.54 46.84 -39.77
C PRO C 474 -9.88 46.44 -38.34
N TRP C 475 -10.66 47.21 -37.60
CA TRP C 475 -10.97 46.83 -36.22
C TRP C 475 -12.26 46.04 -36.10
N VAL C 476 -12.93 45.77 -37.22
CA VAL C 476 -14.24 45.13 -37.23
C VAL C 476 -14.18 43.83 -38.01
N PHE C 477 -14.64 42.76 -37.38
CA PHE C 477 -14.66 41.45 -37.99
C PHE C 477 -16.11 40.94 -38.02
N ALA C 478 -16.36 39.91 -38.83
CA ALA C 478 -17.69 39.34 -38.94
C ALA C 478 -17.62 37.85 -39.25
N GLY C 479 -18.65 37.12 -38.87
CA GLY C 479 -18.62 35.70 -39.13
C GLY C 479 -19.95 35.08 -38.80
N GLY C 480 -20.15 33.88 -39.34
CA GLY C 480 -21.38 33.16 -39.14
C GLY C 480 -22.36 33.47 -40.27
N ASP C 481 -23.64 33.27 -39.97
CA ASP C 481 -24.68 33.43 -40.97
C ASP C 481 -24.61 34.78 -41.67
N ILE C 482 -24.22 35.83 -40.93
CA ILE C 482 -24.27 37.20 -41.46
C ILE C 482 -23.34 37.36 -42.67
N VAL C 483 -22.25 36.59 -42.72
CA VAL C 483 -21.33 36.66 -43.86
C VAL C 483 -21.88 35.91 -45.09
N GLY C 484 -22.85 35.02 -44.93
CA GLY C 484 -23.45 34.37 -46.08
C GLY C 484 -22.67 33.20 -46.62
N MET C 485 -21.58 32.82 -45.97
CA MET C 485 -20.78 31.66 -46.33
C MET C 485 -21.24 30.42 -45.56
N ALA C 486 -21.24 30.53 -44.23
CA ALA C 486 -21.64 29.43 -43.36
C ALA C 486 -23.13 29.13 -43.48
N ASN C 487 -23.47 27.85 -43.49
CA ASN C 487 -24.83 27.35 -43.49
C ASN C 487 -25.14 26.54 -42.24
N THR C 488 -24.16 26.34 -41.36
CA THR C 488 -24.23 25.33 -40.32
C THR C 488 -23.64 25.90 -39.04
N THR C 489 -23.99 25.27 -37.93
CA THR C 489 -23.46 25.70 -36.64
C THR C 489 -21.94 25.60 -36.62
N VAL C 490 -21.40 24.48 -37.12
CA VAL C 490 -19.96 24.26 -37.03
C VAL C 490 -19.19 25.24 -37.90
N GLU C 491 -19.75 25.65 -39.05
CA GLU C 491 -19.07 26.65 -39.84
C GLU C 491 -19.15 28.02 -39.20
N SER C 492 -20.24 28.30 -38.47
CA SER C 492 -20.33 29.57 -37.74
C SER C 492 -19.31 29.62 -36.61
N VAL C 493 -19.17 28.50 -35.89
CA VAL C 493 -18.15 28.36 -34.86
C VAL C 493 -16.77 28.58 -35.46
N ASN C 494 -16.52 27.95 -36.62
CA ASN C 494 -15.21 28.08 -37.22
C ASN C 494 -14.94 29.52 -37.64
N ASP C 495 -15.97 30.23 -38.11
CA ASP C 495 -15.78 31.65 -38.47
C ASP C 495 -15.30 32.46 -37.27
N GLY C 496 -15.89 32.22 -36.09
CA GLY C 496 -15.44 32.94 -34.91
C GLY C 496 -14.06 32.53 -34.47
N LYS C 497 -13.75 31.24 -34.62
CA LYS C 497 -12.40 30.72 -34.36
C LYS C 497 -11.39 31.39 -35.27
N GLN C 498 -11.70 31.43 -36.57
CA GLN C 498 -10.81 32.07 -37.53
C GLN C 498 -10.62 33.55 -37.19
N ALA C 499 -11.72 34.24 -36.86
CA ALA C 499 -11.64 35.67 -36.54
C ALA C 499 -10.78 35.94 -35.31
N SER C 500 -10.89 35.10 -34.29
CA SER C 500 -10.24 35.38 -33.02
C SER C 500 -8.73 35.55 -33.19
N TRP C 501 -8.11 34.76 -34.07
CA TRP C 501 -6.66 34.91 -34.23
C TRP C 501 -6.31 36.27 -34.82
N TYR C 502 -7.07 36.72 -35.81
CA TYR C 502 -6.70 37.96 -36.47
C TYR C 502 -7.14 39.18 -35.69
N ILE C 503 -8.22 39.06 -34.90
CA ILE C 503 -8.53 40.10 -33.91
C ILE C 503 -7.36 40.23 -32.93
N HIS C 504 -6.89 39.09 -32.41
CA HIS C 504 -5.68 39.07 -31.58
C HIS C 504 -4.51 39.75 -32.29
N LYS C 505 -4.23 39.35 -33.53
CA LYS C 505 -3.20 40.01 -34.33
C LYS C 505 -3.41 41.51 -34.39
N TYR C 506 -4.63 41.93 -34.73
CA TYR C 506 -4.92 43.36 -34.87
C TYR C 506 -4.72 44.11 -33.55
N ILE C 507 -5.27 43.59 -32.46
CA ILE C 507 -5.19 44.32 -31.18
C ILE C 507 -3.75 44.43 -30.70
N GLN C 508 -2.99 43.34 -30.83
CA GLN C 508 -1.60 43.38 -30.41
C GLN C 508 -0.81 44.41 -31.21
N ALA C 509 -1.07 44.54 -32.50
CA ALA C 509 -0.38 45.55 -33.30
C ALA C 509 -0.78 46.96 -32.87
N GLN C 510 -2.05 47.17 -32.52
CA GLN C 510 -2.49 48.46 -32.03
C GLN C 510 -1.77 48.85 -30.74
N TYR C 511 -1.34 47.87 -29.95
CA TYR C 511 -0.54 48.14 -28.76
C TYR C 511 0.94 48.01 -29.01
N GLY C 512 1.36 47.92 -30.28
CA GLY C 512 2.76 47.88 -30.61
C GLY C 512 3.43 46.55 -30.39
N ALA C 513 2.67 45.46 -30.35
CA ALA C 513 3.24 44.15 -30.16
C ALA C 513 2.90 43.26 -31.34
N SER C 514 3.78 42.31 -31.62
CA SER C 514 3.56 41.39 -32.72
C SER C 514 3.07 40.06 -32.19
N VAL C 515 2.62 39.22 -33.12
CA VAL C 515 2.20 37.87 -32.79
C VAL C 515 3.00 36.91 -33.67
N SER C 516 2.94 35.63 -33.31
CA SER C 516 3.63 34.62 -34.10
C SER C 516 3.16 34.64 -35.55
N ALA C 517 4.05 34.23 -36.45
CA ALA C 517 3.64 34.13 -37.86
C ALA C 517 2.76 32.91 -38.08
N LYS C 518 2.91 31.88 -37.26
CA LYS C 518 2.02 30.73 -37.36
C LYS C 518 0.88 30.90 -36.36
N PRO C 519 -0.37 30.91 -36.82
CA PRO C 519 -1.52 30.92 -35.88
C PRO C 519 -1.43 29.82 -34.83
N GLU C 520 -1.76 30.18 -33.59
CA GLU C 520 -1.48 29.36 -32.38
C GLU C 520 -2.57 29.61 -31.34
N LEU C 521 -3.79 29.15 -31.64
CA LEU C 521 -4.88 29.26 -30.68
C LEU C 521 -4.73 28.19 -29.60
N PRO C 522 -4.97 28.52 -28.33
CA PRO C 522 -4.76 27.53 -27.28
C PRO C 522 -5.84 26.44 -27.30
N LEU C 523 -5.50 25.32 -26.66
CA LEU C 523 -6.43 24.22 -26.47
C LEU C 523 -7.39 24.53 -25.32
N PHE C 524 -8.30 23.58 -25.05
CA PHE C 524 -9.32 23.69 -24.03
C PHE C 524 -8.81 22.97 -22.78
N TYR C 525 -8.93 23.60 -21.62
CA TYR C 525 -8.35 23.09 -20.39
C TYR C 525 -9.37 23.10 -19.25
N THR C 526 -9.21 22.14 -18.33
CA THR C 526 -9.99 22.03 -17.11
C THR C 526 -9.03 21.72 -15.96
N PRO C 527 -9.51 21.73 -14.71
CA PRO C 527 -8.62 21.31 -13.59
C PRO C 527 -8.05 19.89 -13.74
N VAL C 528 -8.63 19.05 -14.60
CA VAL C 528 -8.11 17.70 -14.77
C VAL C 528 -6.69 17.73 -15.31
N ASP C 529 -6.39 18.69 -16.18
CA ASP C 529 -5.08 18.76 -16.83
C ASP C 529 -3.96 19.16 -15.88
N LEU C 530 -4.31 19.59 -14.66
CA LEU C 530 -3.34 19.93 -13.63
C LEU C 530 -3.04 18.76 -12.70
N VAL C 531 -3.67 17.61 -12.91
CA VAL C 531 -3.41 16.45 -12.06
C VAL C 531 -1.99 15.94 -12.29
N ASP C 532 -1.25 15.70 -11.21
CA ASP C 532 0.12 15.19 -11.24
C ASP C 532 0.09 13.68 -11.45
N ILE C 533 0.70 13.20 -12.52
CA ILE C 533 0.70 11.76 -12.73
C ILE C 533 2.12 11.22 -12.76
N SER C 534 3.05 11.93 -12.11
CA SER C 534 4.39 11.40 -11.97
C SER C 534 4.43 10.32 -10.89
N VAL C 535 5.49 9.50 -10.93
CA VAL C 535 5.65 8.42 -9.96
C VAL C 535 7.14 8.19 -9.79
N GLU C 536 7.55 7.82 -8.57
CA GLU C 536 8.92 7.44 -8.29
C GLU C 536 8.99 5.93 -8.10
N MET C 537 10.02 5.30 -8.69
CA MET C 537 10.20 3.86 -8.55
C MET C 537 11.69 3.54 -8.63
N ALA C 538 12.18 2.74 -7.68
CA ALA C 538 13.59 2.32 -7.66
C ALA C 538 14.52 3.52 -7.72
N GLY C 539 14.13 4.59 -7.04
CA GLY C 539 14.89 5.80 -7.08
C GLY C 539 14.81 6.58 -8.36
N LEU C 540 14.00 6.16 -9.33
CA LEU C 540 13.86 6.93 -10.57
C LEU C 540 12.57 7.73 -10.54
N LYS C 541 12.59 8.89 -11.17
CA LYS C 541 11.42 9.75 -11.31
C LYS C 541 10.90 9.69 -12.74
N PHE C 542 9.66 9.23 -12.90
CA PHE C 542 9.01 9.14 -14.20
C PHE C 542 8.00 10.28 -14.27
N ILE C 543 8.02 11.03 -15.37
CA ILE C 543 7.07 12.14 -15.45
C ILE C 543 5.65 11.66 -15.69
N ASN C 544 5.50 10.47 -16.26
CA ASN C 544 4.22 9.77 -16.21
C ASN C 544 4.53 8.29 -16.25
N PRO C 545 3.58 7.43 -15.91
CA PRO C 545 3.94 6.02 -15.72
C PRO C 545 3.93 5.17 -16.97
N PHE C 546 3.77 5.75 -18.16
CA PHE C 546 3.65 4.99 -19.40
C PHE C 546 4.98 5.00 -20.15
N GLY C 547 5.41 3.83 -20.61
CA GLY C 547 6.64 3.72 -21.36
C GLY C 547 6.51 2.71 -22.48
N LEU C 548 7.47 2.77 -23.40
CA LEU C 548 7.52 1.79 -24.47
C LEU C 548 8.27 0.56 -23.99
N ALA C 549 7.66 -0.61 -24.14
CA ALA C 549 8.37 -1.85 -23.84
C ALA C 549 9.50 -2.06 -24.84
N SER C 550 10.44 -2.94 -24.48
CA SER C 550 11.48 -3.36 -25.43
C SER C 550 10.81 -4.23 -26.49
N ALA C 551 10.56 -3.68 -27.68
CA ALA C 551 9.76 -4.40 -28.67
C ALA C 551 9.84 -3.66 -30.00
N ALA C 552 8.96 -4.03 -30.92
CA ALA C 552 8.99 -3.41 -32.24
C ALA C 552 8.88 -1.89 -32.20
N PRO C 553 8.03 -1.27 -31.37
CA PRO C 553 8.02 0.21 -31.33
C PRO C 553 9.34 0.83 -30.88
N THR C 554 10.29 0.06 -30.36
CA THR C 554 11.61 0.59 -30.03
C THR C 554 12.71 -0.04 -30.91
N THR C 555 12.32 -0.39 -32.15
CA THR C 555 13.24 -0.97 -33.13
C THR C 555 14.43 -0.05 -33.37
N SER C 556 14.20 1.28 -33.35
CA SER C 556 15.24 2.27 -33.61
C SER C 556 15.14 3.40 -32.60
N SER C 557 16.28 4.03 -32.30
CA SER C 557 16.27 5.07 -31.30
C SER C 557 15.56 6.32 -31.78
N SER C 558 15.50 6.52 -33.11
CA SER C 558 14.73 7.63 -33.68
C SER C 558 13.25 7.52 -33.35
N MET C 559 12.72 6.29 -33.25
CA MET C 559 11.35 6.17 -32.80
C MET C 559 11.22 6.44 -31.31
N ILE C 560 12.22 6.05 -30.49
CA ILE C 560 12.19 6.49 -29.10
C ILE C 560 12.17 8.00 -29.00
N ARG C 561 12.99 8.68 -29.82
CA ARG C 561 13.00 10.14 -29.80
C ARG C 561 11.62 10.70 -30.08
N ARG C 562 10.98 10.23 -31.15
CA ARG C 562 9.65 10.73 -31.49
C ARG C 562 8.62 10.37 -30.41
N ALA C 563 8.82 9.25 -29.70
CA ALA C 563 7.88 8.91 -28.62
C ALA C 563 8.03 9.86 -27.44
N PHE C 564 9.26 10.17 -27.04
CA PHE C 564 9.47 11.17 -26.01
C PHE C 564 8.89 12.50 -26.45
N GLU C 565 9.04 12.85 -27.73
CA GLU C 565 8.44 14.08 -28.20
C GLU C 565 6.91 14.05 -28.11
N ALA C 566 6.30 12.87 -28.23
CA ALA C 566 4.84 12.78 -28.14
C ALA C 566 4.34 12.83 -26.71
N GLY C 567 5.14 12.38 -25.74
CA GLY C 567 4.75 12.48 -24.36
C GLY C 567 5.12 11.28 -23.51
N TRP C 568 5.70 10.24 -24.12
CA TRP C 568 5.92 9.02 -23.36
C TRP C 568 6.88 9.26 -22.21
N GLY C 569 6.58 8.64 -21.07
CA GLY C 569 7.35 8.90 -19.89
C GLY C 569 8.71 8.24 -19.91
N PHE C 570 8.76 7.02 -20.45
CA PHE C 570 10.00 6.28 -20.52
C PHE C 570 9.98 5.38 -21.73
N ALA C 571 11.09 4.68 -21.93
CA ALA C 571 11.20 3.78 -23.06
C ALA C 571 12.36 2.83 -22.78
N LEU C 572 12.18 1.61 -23.23
CA LEU C 572 13.20 0.58 -23.27
C LEU C 572 13.86 0.58 -24.65
N THR C 573 15.14 0.26 -24.71
CA THR C 573 15.71 -0.12 -25.99
C THR C 573 15.19 -1.51 -26.39
N LYS C 574 15.13 -1.78 -27.70
CA LYS C 574 15.14 -3.17 -28.13
C LYS C 574 16.30 -3.86 -27.43
N THR C 575 16.09 -5.10 -27.02
CA THR C 575 17.16 -5.85 -26.35
C THR C 575 18.38 -5.94 -27.27
N PHE C 576 19.55 -5.56 -26.76
CA PHE C 576 20.77 -5.67 -27.55
C PHE C 576 21.80 -6.52 -26.82
N SER C 577 22.80 -6.99 -27.58
CA SER C 577 23.79 -7.93 -27.07
C SER C 577 25.18 -7.55 -27.55
N LEU C 578 26.18 -8.27 -27.05
CA LEU C 578 27.55 -8.12 -27.51
C LEU C 578 27.65 -8.49 -28.98
N ASP C 579 28.73 -8.03 -29.62
CA ASP C 579 28.91 -8.25 -31.06
C ASP C 579 28.92 -9.73 -31.41
N LYS C 580 29.52 -10.57 -30.55
CA LYS C 580 29.56 -12.00 -30.84
C LYS C 580 28.17 -12.63 -30.88
N ASP C 581 27.17 -11.97 -30.30
CA ASP C 581 25.84 -12.53 -30.17
C ASP C 581 24.85 -11.95 -31.19
N ILE C 582 25.35 -11.28 -32.23
CA ILE C 582 24.46 -10.60 -33.17
C ILE C 582 23.55 -11.61 -33.88
N VAL C 583 22.29 -11.23 -34.06
CA VAL C 583 21.26 -12.12 -34.60
C VAL C 583 20.83 -11.62 -35.98
N THR C 584 20.08 -12.48 -36.69
CA THR C 584 19.52 -12.16 -38.00
C THR C 584 18.07 -12.62 -38.03
N ASN C 585 17.14 -11.68 -38.18
CA ASN C 585 15.73 -12.02 -38.15
C ASN C 585 15.32 -12.77 -39.41
N VAL C 586 14.27 -13.57 -39.29
CA VAL C 586 13.59 -14.14 -40.45
C VAL C 586 12.37 -13.29 -40.79
N SER C 587 11.75 -13.58 -41.94
CA SER C 587 10.49 -12.94 -42.27
C SER C 587 9.63 -13.93 -43.06
N PRO C 588 8.30 -13.93 -42.86
CA PRO C 588 7.49 -13.08 -41.97
C PRO C 588 7.73 -13.38 -40.50
N ARG C 589 7.42 -12.47 -39.57
CA ARG C 589 7.73 -12.77 -38.17
C ARG C 589 6.77 -12.17 -37.14
N ILE C 590 5.88 -11.28 -37.53
CA ILE C 590 4.88 -10.76 -36.60
C ILE C 590 3.53 -10.87 -37.28
N VAL C 591 2.59 -11.60 -36.64
CA VAL C 591 1.29 -11.86 -37.25
C VAL C 591 0.21 -11.42 -36.28
N ARG C 592 -0.98 -11.20 -36.83
CA ARG C 592 -2.13 -10.83 -36.03
C ARG C 592 -2.63 -12.01 -35.22
N GLY C 593 -3.29 -11.70 -34.10
CA GLY C 593 -3.89 -12.74 -33.29
C GLY C 593 -5.21 -13.21 -33.85
N THR C 594 -5.47 -14.50 -33.66
CA THR C 594 -6.75 -15.13 -33.95
C THR C 594 -7.63 -15.26 -32.71
N THR C 595 -7.20 -14.67 -31.59
CA THR C 595 -7.78 -14.85 -30.27
C THR C 595 -9.17 -14.24 -30.11
N SER C 596 -9.61 -13.38 -31.05
CA SER C 596 -10.95 -12.81 -31.00
C SER C 596 -11.67 -12.95 -32.35
N GLY C 597 -11.28 -13.94 -33.14
CA GLY C 597 -12.00 -14.27 -34.34
C GLY C 597 -11.53 -13.47 -35.53
N PRO C 598 -12.26 -13.57 -36.64
CA PRO C 598 -11.86 -12.92 -37.90
C PRO C 598 -12.27 -11.44 -37.94
N MET C 599 -11.70 -10.67 -37.03
CA MET C 599 -11.99 -9.25 -36.92
C MET C 599 -10.68 -8.57 -37.33
N TYR C 600 -10.68 -7.86 -38.45
CA TYR C 600 -9.45 -7.30 -39.00
C TYR C 600 -9.41 -5.79 -38.77
N GLY C 601 -8.19 -5.23 -38.75
CA GLY C 601 -8.03 -3.80 -38.57
C GLY C 601 -7.75 -3.40 -37.14
N PRO C 602 -8.41 -2.33 -36.67
CA PRO C 602 -8.02 -1.77 -35.37
C PRO C 602 -8.31 -2.74 -34.24
N GLY C 603 -7.52 -2.64 -33.18
CA GLY C 603 -7.85 -3.36 -31.97
C GLY C 603 -7.63 -4.87 -32.02
N GLN C 604 -6.59 -5.33 -32.72
CA GLN C 604 -6.23 -6.74 -32.66
C GLN C 604 -6.04 -7.14 -31.21
N SER C 605 -6.65 -8.26 -30.81
CA SER C 605 -6.61 -8.72 -29.43
C SER C 605 -5.29 -9.38 -29.07
N SER C 606 -4.44 -9.68 -30.05
CA SER C 606 -3.12 -10.19 -29.79
C SER C 606 -2.26 -10.09 -31.05
N PHE C 607 -0.97 -10.28 -30.86
CA PHE C 607 -0.04 -10.56 -31.94
C PHE C 607 0.78 -11.76 -31.50
N LEU C 608 1.34 -12.45 -32.48
CA LEU C 608 2.41 -13.40 -32.21
C LEU C 608 3.64 -13.00 -32.99
N ASN C 609 4.79 -13.10 -32.36
CA ASN C 609 6.04 -12.76 -33.04
C ASN C 609 7.05 -13.88 -32.86
N ILE C 610 7.86 -14.09 -33.89
CA ILE C 610 9.04 -14.93 -33.77
C ILE C 610 10.23 -14.02 -33.99
N GLU C 611 10.17 -12.82 -33.43
CA GLU C 611 11.31 -11.92 -33.51
C GLU C 611 12.40 -12.32 -32.51
N LEU C 612 13.63 -11.97 -32.85
CA LEU C 612 14.78 -12.11 -31.96
C LEU C 612 15.04 -10.78 -31.27
N ILE C 613 16.23 -10.62 -30.66
CA ILE C 613 16.63 -9.35 -30.08
C ILE C 613 17.09 -8.44 -31.21
N SER C 614 17.43 -7.19 -30.89
CA SER C 614 17.77 -6.18 -31.89
C SER C 614 18.80 -6.70 -32.88
N GLU C 615 18.62 -6.34 -34.14
CA GLU C 615 19.67 -6.57 -35.13
C GLU C 615 20.74 -5.49 -35.11
N LYS C 616 20.49 -4.39 -34.39
CA LYS C 616 21.41 -3.25 -34.34
C LYS C 616 22.41 -3.50 -33.22
N THR C 617 23.60 -2.89 -33.37
CA THR C 617 24.71 -3.27 -32.52
C THR C 617 24.64 -2.58 -31.16
N ALA C 618 25.40 -3.15 -30.22
CA ALA C 618 25.58 -2.51 -28.93
C ALA C 618 26.14 -1.11 -29.08
N ALA C 619 27.04 -0.90 -30.04
CA ALA C 619 27.58 0.44 -30.25
C ALA C 619 26.49 1.41 -30.66
N TYR C 620 25.63 1.00 -31.61
CA TYR C 620 24.49 1.83 -31.98
C TYR C 620 23.64 2.17 -30.77
N TRP C 621 23.34 1.16 -29.94
CA TRP C 621 22.39 1.38 -28.85
C TRP C 621 23.00 2.24 -27.74
N CYS C 622 24.27 2.04 -27.43
CA CYS C 622 24.88 2.85 -26.37
C CYS C 622 25.04 4.30 -26.79
N GLN C 623 25.49 4.54 -28.02
CA GLN C 623 25.54 5.91 -28.52
C GLN C 623 24.15 6.55 -28.54
N SER C 624 23.13 5.79 -28.98
CA SER C 624 21.75 6.28 -29.00
C SER C 624 21.26 6.67 -27.61
N VAL C 625 21.53 5.81 -26.62
CA VAL C 625 21.11 6.12 -25.26
C VAL C 625 21.75 7.41 -24.76
N THR C 626 23.05 7.59 -25.03
CA THR C 626 23.70 8.85 -24.67
C THR C 626 23.00 10.04 -25.34
N GLU C 627 22.71 9.91 -26.64
CA GLU C 627 22.00 11.00 -27.33
C GLU C 627 20.62 11.24 -26.73
N LEU C 628 19.84 10.18 -26.55
CA LEU C 628 18.50 10.36 -26.03
C LEU C 628 18.54 10.98 -24.63
N LYS C 629 19.46 10.52 -23.78
CA LYS C 629 19.53 11.07 -22.44
C LYS C 629 19.99 12.53 -22.44
N ALA C 630 20.85 12.90 -23.38
CA ALA C 630 21.30 14.29 -23.47
C ALA C 630 20.15 15.22 -23.86
N ASP C 631 19.29 14.76 -24.77
CA ASP C 631 18.20 15.57 -25.31
C ASP C 631 16.93 15.49 -24.49
N PHE C 632 16.73 14.42 -23.73
CA PHE C 632 15.52 14.22 -22.94
C PHE C 632 15.89 13.79 -21.52
N PRO C 633 16.50 14.69 -20.73
CA PRO C 633 16.97 14.28 -19.40
C PRO C 633 15.87 13.86 -18.44
N ASP C 634 14.62 14.29 -18.64
CA ASP C 634 13.55 13.92 -17.72
C ASP C 634 12.78 12.67 -18.17
N ASN C 635 13.10 12.12 -19.34
CA ASN C 635 12.50 10.88 -19.82
C ASN C 635 13.41 9.71 -19.46
N ILE C 636 12.86 8.71 -18.79
CA ILE C 636 13.68 7.57 -18.36
C ILE C 636 14.00 6.71 -19.58
N VAL C 637 15.27 6.36 -19.74
CA VAL C 637 15.71 5.44 -20.78
C VAL C 637 16.28 4.22 -20.08
N ILE C 638 15.74 3.05 -20.40
CA ILE C 638 16.18 1.79 -19.82
C ILE C 638 16.77 0.96 -20.94
N ALA C 639 18.03 0.56 -20.80
CA ALA C 639 18.67 -0.29 -21.80
C ALA C 639 18.33 -1.75 -21.51
N SER C 640 17.75 -2.43 -22.50
CA SER C 640 17.46 -3.84 -22.33
C SER C 640 18.60 -4.64 -22.96
N ILE C 641 19.11 -5.63 -22.22
CA ILE C 641 20.33 -6.33 -22.63
C ILE C 641 20.15 -7.84 -22.44
N MET C 642 20.88 -8.60 -23.25
CA MET C 642 20.85 -10.06 -23.21
C MET C 642 22.24 -10.62 -23.44
N CYS C 643 22.65 -11.54 -22.58
CA CYS C 643 23.83 -12.38 -22.81
C CYS C 643 23.47 -13.84 -22.62
N SER C 644 24.35 -14.73 -23.10
CA SER C 644 24.25 -16.12 -22.69
C SER C 644 24.68 -16.25 -21.23
N TYR C 645 24.58 -17.46 -20.68
CA TYR C 645 24.82 -17.65 -19.24
C TYR C 645 26.33 -17.65 -18.99
N ASN C 646 26.88 -16.43 -18.88
CA ASN C 646 28.32 -16.22 -18.88
C ASN C 646 28.55 -14.95 -18.07
N LYS C 647 29.30 -15.07 -16.97
CA LYS C 647 29.44 -13.95 -16.04
C LYS C 647 30.18 -12.78 -16.69
N ASN C 648 31.28 -13.06 -17.40
CA ASN C 648 32.03 -11.98 -18.05
C ASN C 648 31.16 -11.19 -19.01
N ASP C 649 30.42 -11.89 -19.88
CA ASP C 649 29.52 -11.24 -20.84
C ASP C 649 28.54 -10.31 -20.14
N TRP C 650 27.80 -10.84 -19.15
CA TRP C 650 26.80 -10.02 -18.47
C TRP C 650 27.42 -8.79 -17.80
N MET C 651 28.61 -8.96 -17.24
CA MET C 651 29.26 -7.82 -16.58
C MET C 651 29.76 -6.82 -17.62
N GLU C 652 30.35 -7.32 -18.70
CA GLU C 652 30.83 -6.43 -19.75
C GLU C 652 29.70 -5.65 -20.38
N LEU C 653 28.63 -6.34 -20.80
CA LEU C 653 27.55 -5.66 -21.50
C LEU C 653 26.80 -4.68 -20.59
N SER C 654 26.53 -5.08 -19.34
CA SER C 654 25.80 -4.17 -18.45
C SER C 654 26.62 -2.92 -18.14
N ARG C 655 27.93 -3.07 -17.97
CA ARG C 655 28.79 -1.90 -17.73
C ARG C 655 28.81 -0.98 -18.93
N LYS C 656 28.81 -1.54 -20.14
CA LYS C 656 28.79 -0.72 -21.33
C LYS C 656 27.47 0.04 -21.42
N ALA C 657 26.36 -0.63 -21.14
CA ALA C 657 25.06 0.04 -21.13
C ALA C 657 24.99 1.10 -20.04
N GLU C 658 25.54 0.81 -18.86
CA GLU C 658 25.59 1.80 -17.80
C GLU C 658 26.41 3.02 -18.18
N ALA C 659 27.57 2.82 -18.79
CA ALA C 659 28.44 3.93 -19.18
C ALA C 659 27.76 4.81 -20.22
N SER C 660 26.85 4.27 -21.01
CA SER C 660 26.14 5.06 -22.00
C SER C 660 25.24 6.09 -21.37
N GLY C 661 24.96 5.96 -20.08
CA GLY C 661 24.06 6.87 -19.41
C GLY C 661 22.64 6.36 -19.23
N ALA C 662 22.39 5.06 -19.44
CA ALA C 662 21.05 4.52 -19.20
C ALA C 662 20.66 4.80 -17.76
N ASP C 663 19.39 5.18 -17.56
CA ASP C 663 18.90 5.35 -16.19
C ASP C 663 18.86 4.02 -15.45
N ALA C 664 18.63 2.93 -16.17
CA ALA C 664 18.53 1.61 -15.57
C ALA C 664 18.72 0.58 -16.67
N LEU C 665 18.83 -0.68 -16.26
CA LEU C 665 18.91 -1.80 -17.19
C LEU C 665 17.74 -2.74 -16.98
N GLU C 666 17.36 -3.40 -18.06
CA GLU C 666 16.39 -4.48 -18.00
C GLU C 666 17.09 -5.69 -18.56
N LEU C 667 17.13 -6.76 -17.78
CA LEU C 667 17.82 -7.98 -18.17
C LEU C 667 16.80 -8.88 -18.83
N ASN C 668 16.98 -9.12 -20.12
CA ASN C 668 16.15 -10.07 -20.85
C ASN C 668 16.61 -11.48 -20.51
N LEU C 669 15.75 -12.27 -19.87
CA LEU C 669 16.07 -13.62 -19.42
C LEU C 669 15.64 -14.70 -20.41
N SER C 670 15.56 -14.38 -21.70
CA SER C 670 15.10 -15.31 -22.72
C SER C 670 16.22 -16.17 -23.32
N SER C 671 17.47 -15.95 -22.94
CA SER C 671 18.54 -16.73 -23.57
C SER C 671 18.42 -18.20 -23.14
N PRO C 672 18.61 -19.13 -24.07
CA PRO C 672 18.54 -20.55 -23.69
C PRO C 672 19.78 -21.02 -22.94
N HIS C 673 19.56 -21.89 -21.96
CA HIS C 673 20.64 -22.47 -21.17
C HIS C 673 20.34 -23.94 -20.90
N GLY C 674 21.31 -24.80 -21.20
CA GLY C 674 21.25 -26.24 -20.93
C GLY C 674 20.11 -26.98 -21.61
N MET C 675 19.88 -28.19 -21.11
CA MET C 675 18.82 -29.09 -21.56
C MET C 675 17.79 -29.27 -20.44
N GLY C 676 16.91 -30.25 -20.63
CA GLY C 676 15.89 -30.54 -19.64
C GLY C 676 16.43 -31.08 -18.32
N GLU C 677 17.71 -31.47 -18.28
CA GLU C 677 18.41 -32.05 -17.13
C GLU C 677 17.89 -31.55 -15.78
N ARG C 678 18.36 -30.38 -15.34
CA ARG C 678 17.67 -29.67 -14.27
C ARG C 678 16.26 -29.34 -14.77
N GLY C 679 15.25 -30.07 -14.27
CA GLY C 679 13.90 -29.99 -14.80
C GLY C 679 13.22 -28.64 -14.63
N MET C 680 13.65 -27.65 -15.41
CA MET C 680 13.15 -26.28 -15.37
C MET C 680 13.29 -25.63 -16.75
N GLY C 681 12.64 -26.20 -17.78
CA GLY C 681 12.66 -25.61 -19.11
C GLY C 681 14.05 -25.34 -19.69
N LEU C 682 14.14 -24.35 -20.59
CA LEU C 682 15.37 -24.11 -21.33
C LEU C 682 15.89 -22.68 -21.23
N ALA C 683 15.02 -21.68 -21.11
CA ALA C 683 15.46 -20.29 -20.99
C ALA C 683 15.97 -19.99 -19.59
N CYS C 684 16.95 -19.07 -19.51
CA CYS C 684 17.48 -18.67 -18.21
C CYS C 684 16.36 -18.23 -17.27
N GLY C 685 15.39 -17.45 -17.78
CA GLY C 685 14.28 -16.95 -16.97
C GLY C 685 13.33 -18.01 -16.43
N GLN C 686 13.49 -19.26 -16.84
CA GLN C 686 12.64 -20.33 -16.33
C GLN C 686 13.28 -21.07 -15.14
N ASP C 687 14.47 -20.70 -14.71
CA ASP C 687 15.15 -21.40 -13.61
C ASP C 687 15.55 -20.40 -12.54
N PRO C 688 15.00 -20.48 -11.33
CA PRO C 688 15.42 -19.55 -10.27
C PRO C 688 16.92 -19.45 -10.05
N GLU C 689 17.65 -20.57 -10.09
CA GLU C 689 19.09 -20.52 -9.80
C GLU C 689 19.84 -19.70 -10.84
N LEU C 690 19.49 -19.86 -12.12
CA LEU C 690 20.17 -19.11 -13.16
C LEU C 690 19.88 -17.61 -13.03
N VAL C 691 18.64 -17.27 -12.68
CA VAL C 691 18.26 -15.87 -12.56
C VAL C 691 18.98 -15.23 -11.38
N ARG C 692 19.05 -15.93 -10.25
CA ARG C 692 19.76 -15.39 -9.10
C ARG C 692 21.20 -15.05 -9.45
N ASN C 693 21.87 -15.93 -10.20
CA ASN C 693 23.29 -15.72 -10.49
C ASN C 693 23.49 -14.59 -11.50
N ILE C 694 22.67 -14.55 -12.55
CA ILE C 694 22.76 -13.44 -13.50
C ILE C 694 22.58 -12.12 -12.78
N CYS C 695 21.62 -12.08 -11.85
CA CYS C 695 21.38 -10.84 -11.14
C CYS C 695 22.53 -10.51 -10.19
N ARG C 696 23.16 -11.50 -9.54
CA ARG C 696 24.34 -11.15 -8.76
C ARG C 696 25.45 -10.66 -9.66
N TRP C 697 25.59 -11.24 -10.86
CA TRP C 697 26.65 -10.83 -11.76
C TRP C 697 26.48 -9.37 -12.14
N VAL C 698 25.28 -8.99 -12.61
CA VAL C 698 25.01 -7.62 -12.99
C VAL C 698 25.14 -6.69 -11.80
N ARG C 699 24.74 -7.16 -10.62
CA ARG C 699 24.77 -6.31 -9.43
C ARG C 699 26.20 -5.91 -9.07
N GLN C 700 27.16 -6.85 -9.13
CA GLN C 700 28.56 -6.48 -8.91
C GLN C 700 29.09 -5.57 -10.00
N ALA C 701 28.47 -5.55 -11.19
CA ALA C 701 29.07 -4.85 -12.31
C ALA C 701 28.69 -3.38 -12.33
N VAL C 702 27.44 -3.06 -11.98
CA VAL C 702 26.89 -1.73 -12.19
C VAL C 702 26.35 -1.21 -10.86
N GLN C 703 26.23 0.11 -10.78
CA GLN C 703 25.60 0.79 -9.66
C GLN C 703 24.19 1.28 -9.96
N ILE C 704 23.78 1.30 -11.23
CA ILE C 704 22.47 1.82 -11.59
C ILE C 704 21.42 0.74 -11.30
N PRO C 705 20.16 1.11 -11.08
CA PRO C 705 19.12 0.09 -10.86
C PRO C 705 19.04 -0.86 -12.05
N PHE C 706 18.67 -2.10 -11.78
CA PHE C 706 18.33 -2.98 -12.89
C PHE C 706 17.17 -3.88 -12.52
N PHE C 707 16.45 -4.29 -13.55
CA PHE C 707 15.20 -5.00 -13.43
C PHE C 707 15.27 -6.26 -14.27
N ALA C 708 14.91 -7.38 -13.68
CA ALA C 708 14.85 -8.65 -14.38
C ALA C 708 13.51 -8.80 -15.09
N LYS C 709 13.54 -9.07 -16.39
CA LYS C 709 12.31 -9.25 -17.16
C LYS C 709 11.91 -10.73 -17.13
N LEU C 710 10.80 -11.01 -16.46
CA LEU C 710 10.35 -12.39 -16.22
C LEU C 710 9.55 -12.90 -17.41
N THR C 711 9.73 -14.18 -17.72
CA THR C 711 8.83 -14.87 -18.64
C THR C 711 7.60 -15.38 -17.88
N PRO C 712 6.39 -15.36 -18.48
CA PRO C 712 5.25 -15.97 -17.81
C PRO C 712 5.19 -17.47 -18.02
N ASN C 713 6.09 -18.01 -18.83
CA ASN C 713 6.08 -19.42 -19.19
C ASN C 713 6.83 -20.24 -18.15
N VAL C 714 6.34 -20.16 -16.92
CA VAL C 714 6.97 -20.80 -15.77
C VAL C 714 5.89 -21.30 -14.82
N THR C 715 6.23 -22.33 -14.05
CA THR C 715 5.26 -22.86 -13.10
C THR C 715 4.99 -21.87 -11.97
N ASP C 716 6.03 -21.18 -11.50
CA ASP C 716 5.89 -20.35 -10.30
C ASP C 716 6.71 -19.10 -10.57
N ILE C 717 6.05 -18.07 -11.11
CA ILE C 717 6.78 -16.86 -11.44
C ILE C 717 7.29 -16.17 -10.18
N VAL C 718 6.60 -16.35 -9.05
CA VAL C 718 7.03 -15.72 -7.81
C VAL C 718 8.42 -16.22 -7.42
N SER C 719 8.69 -17.51 -7.63
CA SER C 719 10.00 -18.03 -7.26
C SER C 719 11.10 -17.41 -8.11
N ILE C 720 10.79 -17.03 -9.34
CA ILE C 720 11.81 -16.41 -10.20
C ILE C 720 12.04 -14.95 -9.79
N ALA C 721 10.95 -14.24 -9.48
CA ALA C 721 11.07 -12.88 -8.96
C ALA C 721 11.83 -12.87 -7.64
N ARG C 722 11.58 -13.84 -6.78
CA ARG C 722 12.28 -13.91 -5.51
C ARG C 722 13.76 -14.14 -5.72
N ALA C 723 14.10 -14.97 -6.72
CA ALA C 723 15.50 -15.26 -7.03
C ALA C 723 16.20 -14.03 -7.56
N ALA C 724 15.51 -13.22 -8.38
CA ALA C 724 16.11 -11.98 -8.86
C ALA C 724 16.39 -11.03 -7.70
N LYS C 725 15.41 -10.87 -6.81
CA LYS C 725 15.59 -10.03 -5.65
C LYS C 725 16.74 -10.52 -4.78
N GLU C 726 16.82 -11.83 -4.55
CA GLU C 726 17.93 -12.38 -3.80
C GLU C 726 19.27 -12.05 -4.46
N GLY C 727 19.32 -12.05 -5.79
CA GLY C 727 20.56 -11.75 -6.45
C GLY C 727 20.88 -10.29 -6.61
N GLY C 728 19.99 -9.40 -6.16
CA GLY C 728 20.28 -7.98 -6.14
C GLY C 728 19.53 -7.13 -7.12
N ALA C 729 18.57 -7.68 -7.88
CA ALA C 729 17.79 -6.84 -8.78
C ALA C 729 16.96 -5.83 -8.00
N ASP C 730 16.72 -4.69 -8.62
CA ASP C 730 15.93 -3.63 -8.01
C ASP C 730 14.45 -3.71 -8.35
N GLY C 731 14.08 -4.61 -9.24
CA GLY C 731 12.67 -4.85 -9.50
C GLY C 731 12.55 -5.91 -10.57
N VAL C 732 11.31 -6.12 -11.03
CA VAL C 732 11.09 -7.04 -12.13
C VAL C 732 10.13 -6.41 -13.11
N THR C 733 10.33 -6.75 -14.37
CA THR C 733 9.36 -6.49 -15.42
C THR C 733 8.50 -7.74 -15.57
N ALA C 734 7.19 -7.60 -15.37
CA ALA C 734 6.25 -8.71 -15.50
C ALA C 734 5.21 -8.30 -16.53
N THR C 735 5.20 -8.97 -17.68
CA THR C 735 6.01 -10.11 -18.09
C THR C 735 6.34 -10.02 -19.57
N ASN C 736 7.19 -10.93 -20.03
CA ASN C 736 7.45 -11.08 -21.45
C ASN C 736 6.27 -11.79 -22.10
N THR C 737 6.42 -12.22 -23.34
CA THR C 737 5.32 -12.81 -24.07
C THR C 737 5.03 -14.23 -23.60
N VAL C 738 3.83 -14.69 -23.92
CA VAL C 738 3.38 -16.04 -23.62
C VAL C 738 3.67 -16.94 -24.80
N SER C 739 4.28 -18.09 -24.54
CA SER C 739 4.67 -18.98 -25.62
C SER C 739 3.42 -19.57 -26.29
N GLY C 740 3.30 -19.39 -27.62
CA GLY C 740 2.09 -19.84 -28.29
C GLY C 740 2.33 -20.28 -29.72
N LEU C 741 1.29 -20.87 -30.30
CA LEU C 741 1.19 -21.04 -31.74
C LEU C 741 -0.15 -20.43 -32.17
N MET C 742 -0.11 -19.44 -33.06
CA MET C 742 -1.31 -18.66 -33.35
C MET C 742 -2.33 -19.35 -34.25
N GLY C 743 -1.93 -20.33 -35.01
CA GLY C 743 -2.91 -21.04 -35.81
C GLY C 743 -2.28 -21.58 -37.08
N LEU C 744 -3.11 -22.30 -37.81
CA LEU C 744 -2.73 -22.97 -39.04
C LEU C 744 -3.77 -22.65 -40.10
N LYS C 745 -3.33 -22.63 -41.35
CA LYS C 745 -4.23 -22.62 -42.47
C LYS C 745 -4.95 -23.97 -42.53
N ALA C 746 -6.04 -24.01 -43.29
CA ALA C 746 -6.79 -25.25 -43.39
C ALA C 746 -5.97 -26.35 -44.03
N ASP C 747 -4.97 -26.02 -44.84
CA ASP C 747 -4.11 -27.05 -45.39
C ASP C 747 -3.02 -27.50 -44.42
N GLY C 748 -3.04 -27.00 -43.18
CA GLY C 748 -2.10 -27.43 -42.17
C GLY C 748 -0.84 -26.60 -42.07
N THR C 749 -0.61 -25.67 -42.98
CA THR C 749 0.63 -24.90 -42.86
C THR C 749 0.45 -23.75 -41.87
N PRO C 750 1.54 -23.31 -41.22
CA PRO C 750 1.44 -22.35 -40.14
C PRO C 750 1.45 -20.90 -40.63
N TRP C 751 1.20 -20.02 -39.69
CA TRP C 751 1.34 -18.59 -39.92
C TRP C 751 1.90 -17.97 -38.65
N PRO C 752 3.11 -17.36 -38.69
CA PRO C 752 3.96 -17.11 -39.86
C PRO C 752 4.50 -18.38 -40.48
N ALA C 753 4.72 -18.36 -41.79
CA ALA C 753 5.36 -19.44 -42.52
C ALA C 753 6.59 -18.87 -43.22
N VAL C 754 7.76 -19.42 -42.90
CA VAL C 754 9.04 -18.90 -43.36
C VAL C 754 9.59 -19.80 -44.47
N GLY C 755 9.96 -19.20 -45.61
CA GLY C 755 10.63 -19.92 -46.67
C GLY C 755 9.67 -20.70 -47.56
N ALA C 756 10.24 -21.30 -48.62
CA ALA C 756 9.47 -22.20 -49.46
C ALA C 756 8.98 -23.43 -48.69
N GLY C 757 9.65 -23.80 -47.59
CA GLY C 757 9.21 -24.90 -46.74
C GLY C 757 8.04 -24.58 -45.82
N LYS C 758 7.65 -23.31 -45.72
CA LYS C 758 6.51 -22.90 -44.90
C LYS C 758 6.70 -23.34 -43.45
N ARG C 759 7.87 -23.09 -42.90
CA ARG C 759 8.18 -23.56 -41.56
C ARG C 759 7.87 -22.48 -40.53
N THR C 760 7.75 -22.91 -39.28
CA THR C 760 7.58 -21.96 -38.19
C THR C 760 8.23 -22.53 -36.95
N THR C 761 8.18 -21.74 -35.87
CA THR C 761 8.57 -22.15 -34.55
C THR C 761 7.60 -21.51 -33.57
N TYR C 762 7.67 -21.93 -32.31
CA TYR C 762 6.83 -21.28 -31.30
C TYR C 762 7.24 -19.82 -31.16
N GLY C 763 6.23 -18.97 -30.98
CA GLY C 763 6.43 -17.55 -30.88
C GLY C 763 5.86 -17.01 -29.60
N GLY C 764 5.87 -15.68 -29.45
CA GLY C 764 5.38 -15.04 -28.25
C GLY C 764 4.08 -14.32 -28.54
N VAL C 765 3.07 -14.61 -27.75
CA VAL C 765 1.78 -13.94 -27.83
C VAL C 765 1.83 -12.68 -26.97
N SER C 766 1.35 -11.57 -27.53
CA SER C 766 1.31 -10.27 -26.83
C SER C 766 -0.08 -9.68 -26.96
N GLY C 767 -0.37 -8.61 -26.22
CA GLY C 767 -1.63 -7.92 -26.40
C GLY C 767 -2.67 -8.25 -25.34
N THR C 768 -3.88 -7.75 -25.58
CA THR C 768 -4.88 -7.83 -24.51
C THR C 768 -5.28 -9.27 -24.20
N ALA C 769 -5.04 -10.20 -25.12
CA ALA C 769 -5.39 -11.59 -24.86
C ALA C 769 -4.51 -12.19 -23.77
N ILE C 770 -3.31 -11.67 -23.54
CA ILE C 770 -2.49 -12.18 -22.43
C ILE C 770 -2.60 -11.30 -21.20
N ARG C 771 -3.43 -10.27 -21.23
CA ARG C 771 -3.57 -9.42 -20.05
C ARG C 771 -3.99 -10.15 -18.78
N PRO C 772 -4.92 -11.13 -18.81
CA PRO C 772 -5.22 -11.88 -17.57
C PRO C 772 -4.01 -12.61 -17.01
N ILE C 773 -3.12 -13.09 -17.88
CA ILE C 773 -1.88 -13.75 -17.43
C ILE C 773 -0.93 -12.73 -16.80
N ALA C 774 -0.67 -11.63 -17.50
CA ALA C 774 0.23 -10.60 -16.99
C ALA C 774 -0.31 -10.01 -15.70
N LEU C 775 -1.61 -9.73 -15.66
CA LEU C 775 -2.23 -9.18 -14.46
C LEU C 775 -2.12 -10.13 -13.28
N ARG C 776 -2.37 -11.43 -13.49
CA ARG C 776 -2.19 -12.39 -12.40
C ARG C 776 -0.73 -12.43 -11.94
N ALA C 777 0.21 -12.41 -12.89
CA ALA C 777 1.63 -12.42 -12.54
C ALA C 777 1.98 -11.23 -11.66
N VAL C 778 1.55 -10.03 -12.07
CA VAL C 778 1.85 -8.83 -11.29
C VAL C 778 1.25 -8.94 -9.90
N THR C 779 -0.01 -9.37 -9.80
CA THR C 779 -0.63 -9.43 -8.47
C THR C 779 0.04 -10.47 -7.58
N THR C 780 0.46 -11.61 -8.14
CA THR C 780 1.06 -12.64 -7.27
C THR C 780 2.44 -12.21 -6.79
N ILE C 781 3.20 -11.52 -7.64
CA ILE C 781 4.49 -10.97 -7.21
C ILE C 781 4.28 -9.88 -6.16
N ALA C 782 3.35 -8.97 -6.44
CA ALA C 782 3.10 -7.87 -5.52
C ALA C 782 2.62 -8.36 -4.17
N ARG C 783 1.90 -9.48 -4.13
CA ARG C 783 1.46 -10.03 -2.85
C ARG C 783 2.54 -10.87 -2.16
N ALA C 784 3.41 -11.53 -2.92
CA ALA C 784 4.43 -12.36 -2.28
C ALA C 784 5.67 -11.54 -1.90
N LEU C 785 5.95 -10.47 -2.62
CA LEU C 785 7.15 -9.66 -2.43
C LEU C 785 6.74 -8.20 -2.31
N PRO C 786 6.02 -7.84 -1.25
CA PRO C 786 5.36 -6.53 -1.24
C PRO C 786 6.40 -5.41 -1.28
N GLY C 787 6.16 -4.45 -2.17
CA GLY C 787 7.04 -3.32 -2.33
C GLY C 787 8.23 -3.54 -3.24
N PHE C 788 8.43 -4.75 -3.73
CA PHE C 788 9.45 -4.96 -4.73
C PHE C 788 8.96 -4.32 -6.02
N PRO C 789 9.68 -3.35 -6.60
CA PRO C 789 9.14 -2.62 -7.74
C PRO C 789 8.83 -3.52 -8.94
N ILE C 790 7.65 -3.29 -9.54
CA ILE C 790 7.17 -4.06 -10.68
C ILE C 790 6.90 -3.12 -11.84
N LEU C 791 7.54 -3.39 -12.99
CA LEU C 791 7.18 -2.75 -14.24
C LEU C 791 6.27 -3.71 -14.99
N ALA C 792 5.04 -3.30 -15.29
CA ALA C 792 4.05 -4.22 -15.84
C ALA C 792 4.04 -4.15 -17.36
N THR C 793 3.91 -5.30 -18.03
CA THR C 793 3.66 -5.31 -19.48
C THR C 793 2.78 -6.51 -19.81
N GLY C 794 1.88 -6.32 -20.75
CA GLY C 794 0.96 -7.37 -21.12
C GLY C 794 -0.44 -6.85 -21.35
N GLY C 795 -0.69 -6.26 -22.51
CA GLY C 795 -2.03 -5.86 -22.87
C GLY C 795 -2.49 -4.54 -22.31
N ILE C 796 -1.58 -3.64 -21.96
CA ILE C 796 -2.00 -2.33 -21.48
C ILE C 796 -2.33 -1.46 -22.68
N ASP C 797 -3.58 -0.99 -22.78
CA ASP C 797 -3.97 -0.26 -23.97
C ASP C 797 -4.85 0.94 -23.66
N SER C 798 -4.82 1.42 -22.42
CA SER C 798 -5.67 2.54 -22.00
C SER C 798 -5.29 2.98 -20.60
N ALA C 799 -5.74 4.17 -20.23
CA ALA C 799 -5.53 4.62 -18.85
C ALA C 799 -6.21 3.67 -17.87
N GLU C 800 -7.43 3.21 -18.19
CA GLU C 800 -8.12 2.38 -17.19
C GLU C 800 -7.43 1.03 -17.07
N SER C 801 -6.94 0.45 -18.18
CA SER C 801 -6.24 -0.82 -17.99
C SER C 801 -4.90 -0.60 -17.29
N GLY C 802 -4.25 0.53 -17.54
CA GLY C 802 -3.04 0.85 -16.78
C GLY C 802 -3.31 0.96 -15.28
N LEU C 803 -4.41 1.61 -14.92
CA LEU C 803 -4.76 1.75 -13.51
C LEU C 803 -5.07 0.39 -12.87
N GLN C 804 -5.60 -0.55 -13.64
CA GLN C 804 -5.77 -1.89 -13.08
C GLN C 804 -4.42 -2.47 -12.66
N PHE C 805 -3.39 -2.31 -13.50
CA PHE C 805 -2.06 -2.77 -13.14
C PHE C 805 -1.46 -1.98 -11.98
N LEU C 806 -1.69 -0.65 -11.94
CA LEU C 806 -1.19 0.12 -10.79
C LEU C 806 -1.87 -0.34 -9.51
N HIS C 807 -3.20 -0.48 -9.55
CA HIS C 807 -3.95 -1.05 -8.43
C HIS C 807 -3.42 -2.40 -8.01
N SER C 808 -2.78 -3.11 -8.93
CA SER C 808 -2.36 -4.47 -8.70
C SER C 808 -0.90 -4.56 -8.26
N GLY C 809 -0.25 -3.43 -8.01
CA GLY C 809 1.10 -3.43 -7.48
C GLY C 809 2.20 -3.00 -8.43
N ALA C 810 1.87 -2.69 -9.68
CA ALA C 810 2.86 -2.12 -10.58
C ALA C 810 3.03 -0.64 -10.33
N SER C 811 4.25 -0.14 -10.55
CA SER C 811 4.51 1.28 -10.45
C SER C 811 4.52 1.98 -11.79
N VAL C 812 4.95 1.30 -12.86
CA VAL C 812 5.02 1.86 -14.21
C VAL C 812 4.51 0.80 -15.18
N LEU C 813 4.26 1.26 -16.41
CA LEU C 813 3.41 0.52 -17.36
C LEU C 813 4.10 0.54 -18.71
N GLN C 814 4.62 -0.60 -19.14
CA GLN C 814 5.18 -0.75 -20.47
C GLN C 814 4.12 -1.21 -21.47
N VAL C 815 4.24 -0.71 -22.70
CA VAL C 815 3.24 -0.89 -23.74
C VAL C 815 3.96 -1.31 -25.01
N CYS C 816 3.46 -2.36 -25.68
CA CYS C 816 3.93 -2.66 -27.03
C CYS C 816 2.77 -2.79 -28.00
N SER C 817 1.86 -3.74 -27.77
CA SER C 817 0.88 -4.07 -28.79
C SER C 817 -0.10 -2.93 -29.06
N ALA C 818 -0.46 -2.16 -28.04
CA ALA C 818 -1.38 -1.05 -28.27
C ALA C 818 -0.78 0.00 -29.21
N VAL C 819 0.55 0.09 -29.27
CA VAL C 819 1.16 0.98 -30.25
C VAL C 819 1.22 0.32 -31.62
N GLN C 820 1.51 -0.98 -31.66
CA GLN C 820 1.46 -1.67 -32.95
C GLN C 820 0.06 -1.56 -33.56
N ASN C 821 -0.97 -1.60 -32.71
CA ASN C 821 -2.36 -1.42 -33.14
C ASN C 821 -2.66 0.03 -33.54
N GLN C 822 -1.78 0.99 -33.25
CA GLN C 822 -2.11 2.39 -33.49
C GLN C 822 -0.88 3.21 -33.86
N ASP C 823 -0.42 4.10 -32.97
CA ASP C 823 0.77 4.93 -33.18
C ASP C 823 1.15 5.53 -31.82
N PHE C 824 2.22 6.34 -31.81
CA PHE C 824 2.75 6.84 -30.54
C PHE C 824 1.81 7.83 -29.86
N THR C 825 0.84 8.40 -30.59
CA THR C 825 0.07 9.47 -29.96
C THR C 825 -0.97 8.95 -28.96
N VAL C 826 -1.14 7.63 -28.83
CA VAL C 826 -2.03 7.11 -27.78
C VAL C 826 -1.59 7.62 -26.42
N ILE C 827 -0.31 8.00 -26.28
CA ILE C 827 0.19 8.47 -24.99
C ILE C 827 -0.64 9.64 -24.49
N GLN C 828 -1.08 10.53 -25.39
CA GLN C 828 -1.89 11.65 -24.95
C GLN C 828 -3.23 11.18 -24.39
N ASP C 829 -3.83 10.19 -25.03
CA ASP C 829 -5.01 9.58 -24.46
C ASP C 829 -4.71 8.96 -23.10
N TYR C 830 -3.59 8.26 -22.96
CA TYR C 830 -3.31 7.61 -21.69
C TYR C 830 -3.11 8.62 -20.56
N CYS C 831 -2.41 9.73 -20.84
CA CYS C 831 -2.14 10.69 -19.77
C CYS C 831 -3.40 11.44 -19.36
N THR C 832 -4.18 11.92 -20.32
CA THR C 832 -5.43 12.59 -19.95
C THR C 832 -6.40 11.60 -19.31
N GLY C 833 -6.42 10.36 -19.77
CA GLY C 833 -7.28 9.37 -19.13
C GLY C 833 -6.92 9.12 -17.68
N LEU C 834 -5.63 9.04 -17.39
CA LEU C 834 -5.22 8.75 -16.02
C LEU C 834 -5.46 9.94 -15.12
N LYS C 835 -5.24 11.16 -15.63
CA LYS C 835 -5.57 12.36 -14.88
C LYS C 835 -7.05 12.40 -14.54
N ALA C 836 -7.90 12.12 -15.53
CA ALA C 836 -9.35 12.15 -15.30
C ALA C 836 -9.74 11.13 -14.24
N LEU C 837 -9.20 9.92 -14.34
CA LEU C 837 -9.57 8.87 -13.39
C LEU C 837 -9.17 9.24 -11.96
N LEU C 838 -7.98 9.85 -11.80
CA LEU C 838 -7.54 10.27 -10.47
C LEU C 838 -8.39 11.44 -9.98
N TYR C 839 -8.64 12.43 -10.84
CA TYR C 839 -9.47 13.57 -10.50
C TYR C 839 -10.85 13.13 -10.00
N LEU C 840 -11.51 12.23 -10.75
CA LEU C 840 -12.88 11.85 -10.43
C LEU C 840 -12.99 11.20 -9.06
N LYS C 841 -11.93 10.56 -8.58
CA LYS C 841 -11.94 9.98 -7.24
C LYS C 841 -12.08 11.03 -6.13
N SER C 842 -11.85 12.30 -6.43
CA SER C 842 -12.08 13.35 -5.44
C SER C 842 -13.49 13.93 -5.48
N ILE C 843 -14.32 13.52 -6.44
CA ILE C 843 -15.64 14.13 -6.64
C ILE C 843 -16.69 13.25 -5.97
N GLU C 844 -17.22 13.73 -4.84
CA GLU C 844 -18.20 12.96 -4.08
C GLU C 844 -19.46 12.67 -4.90
N GLU C 845 -19.89 13.62 -5.73
CA GLU C 845 -21.16 13.47 -6.44
C GLU C 845 -21.09 12.42 -7.54
N LEU C 846 -19.90 11.94 -7.89
CA LEU C 846 -19.77 10.94 -8.93
C LEU C 846 -19.33 9.58 -8.39
N GLN C 847 -19.61 9.29 -7.11
CA GLN C 847 -19.11 8.02 -6.58
C GLN C 847 -19.87 6.83 -7.13
N GLY C 848 -21.09 7.04 -7.63
CA GLY C 848 -21.82 5.97 -8.31
C GLY C 848 -21.29 5.59 -9.68
N TRP C 849 -20.27 6.29 -10.18
CA TRP C 849 -19.71 5.99 -11.49
C TRP C 849 -18.64 4.92 -11.36
N ASP C 850 -18.35 4.25 -12.46
CA ASP C 850 -17.20 3.35 -12.53
C ASP C 850 -16.15 4.05 -13.39
N GLY C 851 -15.16 4.65 -12.74
CA GLY C 851 -14.21 5.51 -13.43
C GLY C 851 -14.91 6.59 -14.21
N GLN C 852 -14.69 6.63 -15.51
CA GLN C 852 -15.35 7.64 -16.32
C GLN C 852 -16.73 7.21 -16.83
N SER C 853 -17.25 6.04 -16.40
CA SER C 853 -18.52 5.51 -16.89
C SER C 853 -19.67 5.89 -15.97
N PRO C 854 -20.63 6.71 -16.40
CA PRO C 854 -21.77 7.01 -15.53
C PRO C 854 -22.54 5.74 -15.21
N GLY C 855 -23.10 5.70 -14.00
CA GLY C 855 -24.03 4.64 -13.66
C GLY C 855 -25.07 4.46 -14.74
N THR C 856 -25.24 3.23 -15.22
CA THR C 856 -26.15 2.98 -16.33
C THR C 856 -27.58 3.38 -15.96
N GLU C 857 -28.29 3.94 -16.94
CA GLU C 857 -29.69 4.27 -16.80
C GLU C 857 -30.46 3.36 -17.74
N SER C 858 -31.69 3.02 -17.36
CA SER C 858 -32.49 2.15 -18.20
C SER C 858 -32.77 2.84 -19.53
N HIS C 859 -32.43 2.17 -20.64
CA HIS C 859 -32.36 2.82 -21.94
C HIS C 859 -32.71 1.83 -23.06
N GLN C 860 -33.03 2.40 -24.22
CA GLN C 860 -33.19 1.65 -25.47
C GLN C 860 -32.59 2.47 -26.59
N LYS C 861 -31.72 1.87 -27.40
CA LYS C 861 -30.96 2.57 -28.44
C LYS C 861 -30.31 3.84 -27.91
N GLY C 862 -29.73 3.75 -26.71
CA GLY C 862 -29.01 4.88 -26.15
C GLY C 862 -29.89 6.06 -25.83
N LYS C 863 -31.17 5.84 -25.60
CA LYS C 863 -32.08 6.89 -25.17
C LYS C 863 -32.80 6.39 -23.92
N PRO C 864 -32.91 7.20 -22.88
CA PRO C 864 -33.49 6.70 -21.63
C PRO C 864 -34.97 6.39 -21.78
N VAL C 865 -35.42 5.37 -21.06
CA VAL C 865 -36.83 4.97 -21.05
C VAL C 865 -37.63 5.99 -20.25
N PRO C 866 -38.86 6.32 -20.66
CA PRO C 866 -39.70 7.18 -19.82
C PRO C 866 -40.09 6.49 -18.52
N ARG C 867 -39.82 7.17 -17.40
CA ARG C 867 -40.29 6.74 -16.07
C ARG C 867 -41.76 7.11 -15.95
N ILE C 868 -42.61 6.29 -16.57
CA ILE C 868 -44.06 6.44 -16.49
C ILE C 868 -44.60 5.20 -15.79
N ALA C 869 -45.59 5.39 -14.91
CA ALA C 869 -46.12 4.29 -14.12
C ALA C 869 -46.66 3.16 -15.00
N GLU C 870 -47.45 3.52 -16.01
CA GLU C 870 -48.15 2.50 -16.78
C GLU C 870 -47.25 1.77 -17.76
N LEU C 871 -46.04 2.27 -18.04
CA LEU C 871 -45.06 1.50 -18.81
C LEU C 871 -44.27 0.51 -17.97
N MET C 872 -44.18 0.70 -16.66
CA MET C 872 -43.25 -0.06 -15.82
C MET C 872 -43.94 -1.31 -15.30
N GLY C 873 -43.36 -2.47 -15.62
CA GLY C 873 -43.85 -3.74 -15.15
C GLY C 873 -45.00 -4.33 -15.96
N LYS C 874 -45.57 -3.58 -16.90
CA LYS C 874 -46.73 -4.06 -17.64
C LYS C 874 -46.33 -4.94 -18.83
N LYS C 875 -45.14 -5.55 -18.76
CA LYS C 875 -44.69 -6.58 -19.72
C LYS C 875 -44.89 -6.16 -21.18
N LEU C 876 -44.26 -5.04 -21.53
CA LEU C 876 -44.41 -4.45 -22.86
C LEU C 876 -43.03 -4.33 -23.51
N PRO C 877 -42.56 -5.38 -24.19
CA PRO C 877 -41.33 -5.27 -24.98
C PRO C 877 -41.51 -4.30 -26.15
N ASN C 878 -40.38 -3.91 -26.74
CA ASN C 878 -40.34 -2.87 -27.78
C ASN C 878 -40.55 -3.39 -29.20
N PHE C 879 -41.57 -4.22 -29.41
CA PHE C 879 -41.86 -4.69 -30.76
C PHE C 879 -43.33 -5.06 -30.85
N GLY C 880 -43.79 -5.24 -32.09
CA GLY C 880 -45.12 -5.75 -32.37
C GLY C 880 -46.20 -4.92 -31.68
N PRO C 881 -47.27 -5.59 -31.24
CA PRO C 881 -48.39 -4.85 -30.64
C PRO C 881 -48.03 -4.22 -29.30
N TYR C 882 -47.02 -4.75 -28.60
CA TYR C 882 -46.58 -4.17 -27.34
C TYR C 882 -45.98 -2.78 -27.54
N LEU C 883 -45.23 -2.60 -28.63
CA LEU C 883 -44.62 -1.30 -28.88
C LEU C 883 -45.71 -0.28 -29.20
N GLU C 884 -46.76 -0.72 -29.90
CA GLU C 884 -47.89 0.18 -30.18
C GLU C 884 -48.60 0.60 -28.91
N GLN C 885 -48.70 -0.31 -27.94
CA GLN C 885 -49.24 0.08 -26.63
C GLN C 885 -48.33 1.09 -25.94
N ARG C 886 -47.02 0.85 -25.94
CA ARG C 886 -46.08 1.80 -25.34
C ARG C 886 -46.19 3.18 -25.97
N LYS C 887 -46.32 3.23 -27.30
CA LYS C 887 -46.48 4.52 -27.99
C LYS C 887 -47.75 5.23 -27.53
N LYS C 888 -48.87 4.49 -27.45
CA LYS C 888 -50.12 5.09 -26.99
C LYS C 888 -49.98 5.62 -25.57
N ILE C 889 -49.25 4.90 -24.71
CA ILE C 889 -49.12 5.29 -23.32
C ILE C 889 -48.24 6.54 -23.22
N ILE C 890 -47.14 6.58 -23.97
CA ILE C 890 -46.28 7.75 -23.96
C ILE C 890 -47.04 8.96 -24.50
N ALA C 891 -47.79 8.78 -25.59
CA ALA C 891 -48.56 9.88 -26.16
C ALA C 891 -49.56 10.44 -25.15
N GLU C 892 -50.28 9.56 -24.45
CA GLU C 892 -51.26 10.04 -23.47
C GLU C 892 -50.57 10.78 -22.33
N GLU C 893 -49.41 10.30 -21.90
CA GLU C 893 -48.70 10.99 -20.83
C GLU C 893 -48.17 12.35 -21.28
N LYS C 894 -47.85 12.51 -22.57
CA LYS C 894 -47.42 13.82 -23.08
C LYS C 894 -48.58 14.80 -23.14
N MET C 895 -49.78 14.32 -23.50
CA MET C 895 -50.98 15.14 -23.48
C MET C 895 -51.39 15.54 -22.07
N ARG C 896 -51.09 14.70 -21.10
CA ARG C 896 -51.40 14.98 -19.71
C ARG C 896 -50.36 15.89 -19.06
N LEU C 897 -49.17 15.98 -19.66
CA LEU C 897 -48.14 16.95 -19.29
C LEU C 897 -48.36 18.30 -19.96
N LYS C 898 -49.21 18.37 -20.99
CA LYS C 898 -49.52 19.63 -21.67
C LYS C 898 -50.27 20.60 -20.76
N GLU C 899 -50.52 20.21 -19.50
CA GLU C 899 -51.35 20.97 -18.58
C GLU C 899 -50.65 21.32 -17.29
N GLN C 900 -49.37 20.98 -17.14
CA GLN C 900 -48.67 21.08 -15.86
C GLN C 900 -47.36 21.84 -16.01
N ASN C 901 -46.85 22.33 -14.88
CA ASN C 901 -45.58 23.06 -14.85
C ASN C 901 -44.40 22.11 -15.05
N ALA C 902 -43.37 22.63 -15.70
CA ALA C 902 -42.07 21.97 -15.79
C ALA C 902 -41.05 22.80 -15.02
N ALA C 903 -40.28 22.12 -14.18
CA ALA C 903 -39.29 22.81 -13.36
C ALA C 903 -38.26 23.51 -14.23
N PHE C 904 -37.72 24.60 -13.70
CA PHE C 904 -36.54 25.22 -14.29
C PHE C 904 -35.29 24.45 -13.85
N PRO C 905 -34.26 24.39 -14.69
CA PRO C 905 -32.92 24.06 -14.19
C PRO C 905 -32.41 25.18 -13.30
N PRO C 906 -31.25 25.04 -12.66
CA PRO C 906 -30.65 26.21 -12.01
C PRO C 906 -30.45 27.31 -13.05
N LEU C 907 -30.54 28.57 -12.60
CA LEU C 907 -30.26 29.71 -13.48
C LEU C 907 -29.00 29.38 -14.27
N GLU C 908 -28.04 28.77 -13.57
CA GLU C 908 -27.02 27.94 -14.20
C GLU C 908 -26.36 27.07 -13.13
N ARG C 909 -26.09 25.81 -13.48
CA ARG C 909 -25.62 24.78 -12.57
C ARG C 909 -24.28 25.17 -11.92
N LYS C 910 -23.85 24.38 -10.92
CA LYS C 910 -22.56 24.69 -10.31
C LYS C 910 -21.61 23.51 -10.43
N PRO C 911 -20.32 23.77 -10.66
CA PRO C 911 -19.37 22.67 -10.83
C PRO C 911 -19.10 21.94 -9.51
N PHE C 912 -18.86 20.62 -9.62
CA PHE C 912 -18.52 19.84 -8.44
C PHE C 912 -17.12 20.22 -7.98
N ILE C 913 -16.90 20.22 -6.67
CA ILE C 913 -15.63 20.62 -6.07
C ILE C 913 -14.99 19.38 -5.47
N PRO C 914 -13.70 19.14 -5.68
CA PRO C 914 -13.01 18.05 -4.98
C PRO C 914 -13.18 18.16 -3.46
N LYS C 915 -13.64 17.08 -2.84
CA LYS C 915 -13.80 16.97 -1.39
C LYS C 915 -12.61 16.32 -0.70
N LYS C 916 -11.60 15.90 -1.44
CA LYS C 916 -10.32 15.50 -0.87
C LYS C 916 -9.25 15.83 -1.89
N PRO C 917 -7.98 15.86 -1.49
CA PRO C 917 -6.93 16.07 -2.50
C PRO C 917 -6.99 14.99 -3.57
N ILE C 918 -6.46 15.33 -4.74
CA ILE C 918 -6.44 14.38 -5.86
C ILE C 918 -5.45 13.26 -5.51
N PRO C 919 -5.83 11.99 -5.57
CA PRO C 919 -4.84 10.94 -5.36
C PRO C 919 -3.73 11.07 -6.40
N ALA C 920 -2.49 10.84 -5.95
CA ALA C 920 -1.35 10.66 -6.82
C ALA C 920 -1.17 9.16 -7.11
N ILE C 921 -0.32 8.86 -8.09
CA ILE C 921 -0.07 7.45 -8.42
C ILE C 921 0.32 6.67 -7.17
N LYS C 922 1.16 7.25 -6.30
CA LYS C 922 1.59 6.51 -5.12
C LYS C 922 0.41 6.10 -4.24
N ASP C 923 -0.70 6.86 -4.29
CA ASP C 923 -1.87 6.57 -3.46
C ASP C 923 -2.68 5.39 -3.97
N VAL C 924 -2.55 5.01 -5.24
CA VAL C 924 -3.37 3.91 -5.77
C VAL C 924 -2.59 2.61 -5.93
N ILE C 925 -1.25 2.64 -5.88
CA ILE C 925 -0.49 1.43 -6.17
C ILE C 925 -0.78 0.34 -5.15
N GLY C 926 -1.16 -0.85 -5.64
CA GLY C 926 -1.39 -1.98 -4.75
C GLY C 926 -2.68 -1.93 -3.94
N LYS C 927 -3.54 -0.93 -4.13
CA LYS C 927 -4.73 -0.82 -3.30
C LYS C 927 -5.79 -1.89 -3.57
N ALA C 928 -5.74 -2.58 -4.71
CA ALA C 928 -6.71 -3.65 -4.96
C ALA C 928 -6.27 -4.98 -4.36
N LEU C 929 -5.00 -5.09 -3.93
CA LEU C 929 -4.45 -6.38 -3.53
C LEU C 929 -5.13 -6.95 -2.31
N GLN C 930 -5.72 -6.09 -1.48
CA GLN C 930 -6.37 -6.57 -0.26
C GLN C 930 -7.57 -7.47 -0.57
N TYR C 931 -8.21 -7.29 -1.74
CA TYR C 931 -9.36 -8.10 -2.08
C TYR C 931 -9.00 -9.51 -2.52
N LEU C 932 -7.77 -9.72 -2.98
CA LEU C 932 -7.34 -11.08 -3.33
C LEU C 932 -7.23 -11.92 -2.07
N GLY C 933 -7.55 -13.20 -2.20
CA GLY C 933 -7.40 -14.14 -1.10
C GLY C 933 -7.34 -15.55 -1.65
N THR C 934 -7.11 -16.50 -0.75
CA THR C 934 -7.29 -17.89 -1.15
C THR C 934 -8.77 -18.17 -1.36
N PHE C 935 -9.06 -19.31 -2.00
CA PHE C 935 -10.46 -19.65 -2.21
C PHE C 935 -11.19 -19.86 -0.87
N GLY C 936 -10.48 -20.42 0.12
CA GLY C 936 -11.05 -20.52 1.46
C GLY C 936 -11.47 -19.19 2.06
N GLU C 937 -10.93 -18.08 1.59
CA GLU C 937 -11.32 -16.77 2.11
C GLU C 937 -12.59 -16.21 1.45
N LEU C 938 -13.10 -16.86 0.40
CA LEU C 938 -14.33 -16.41 -0.24
C LEU C 938 -15.55 -16.94 0.48
N SER C 939 -16.51 -16.06 0.74
CA SER C 939 -17.74 -16.46 1.41
C SER C 939 -18.60 -17.33 0.50
N ASN C 940 -18.97 -18.50 1.00
CA ASN C 940 -19.99 -19.31 0.35
C ASN C 940 -21.36 -19.15 1.01
N ILE C 941 -21.48 -18.27 2.01
CA ILE C 941 -22.79 -18.02 2.60
C ILE C 941 -23.45 -16.78 2.01
N GLU C 942 -22.67 -15.81 1.50
CA GLU C 942 -23.23 -14.65 0.83
C GLU C 942 -23.28 -14.91 -0.67
N GLN C 943 -24.31 -15.66 -1.08
CA GLN C 943 -24.56 -16.00 -2.48
C GLN C 943 -25.42 -14.95 -3.18
N VAL C 944 -25.27 -14.84 -4.50
CA VAL C 944 -26.04 -13.89 -5.29
C VAL C 944 -26.96 -14.63 -6.25
N VAL C 945 -27.90 -13.87 -6.82
CA VAL C 945 -28.74 -14.32 -7.93
C VAL C 945 -28.73 -13.22 -9.00
N ALA C 946 -29.10 -13.62 -10.21
CA ALA C 946 -29.25 -12.71 -11.34
C ALA C 946 -30.63 -12.08 -11.34
N VAL C 947 -30.71 -10.82 -11.77
CA VAL C 947 -32.00 -10.17 -11.94
C VAL C 947 -31.95 -9.30 -13.19
N ILE C 948 -32.99 -9.38 -14.01
CA ILE C 948 -32.99 -8.77 -15.33
C ILE C 948 -33.88 -7.54 -15.33
N ASP C 949 -33.36 -6.43 -15.87
CA ASP C 949 -34.11 -5.18 -16.04
C ASP C 949 -34.83 -5.24 -17.38
N GLU C 950 -36.13 -5.54 -17.33
CA GLU C 950 -36.84 -5.81 -18.57
C GLU C 950 -36.98 -4.57 -19.45
N GLU C 951 -36.79 -3.38 -18.89
CA GLU C 951 -36.81 -2.18 -19.74
C GLU C 951 -35.57 -2.05 -20.60
N MET C 952 -34.46 -2.69 -20.24
CA MET C 952 -33.25 -2.60 -21.05
C MET C 952 -33.05 -3.83 -21.93
N CYS C 953 -33.80 -4.91 -21.71
CA CYS C 953 -33.61 -6.15 -22.44
C CYS C 953 -33.97 -5.97 -23.91
N ILE C 954 -33.18 -6.58 -24.79
CA ILE C 954 -33.48 -6.58 -26.22
C ILE C 954 -33.88 -7.98 -26.73
N ASN C 955 -34.26 -8.89 -25.83
CA ASN C 955 -35.13 -10.02 -26.16
C ASN C 955 -34.43 -11.13 -26.96
N CYS C 956 -33.11 -11.17 -26.91
CA CYS C 956 -32.35 -12.14 -27.69
C CYS C 956 -32.37 -13.55 -27.09
N GLY C 957 -32.68 -13.71 -25.80
CA GLY C 957 -32.65 -15.06 -25.22
C GLY C 957 -31.28 -15.65 -24.95
N LYS C 958 -30.19 -14.86 -25.01
CA LYS C 958 -28.86 -15.42 -24.79
C LYS C 958 -28.66 -15.86 -23.35
N CYS C 959 -29.18 -15.09 -22.39
CA CYS C 959 -29.16 -15.51 -21.00
C CYS C 959 -29.83 -16.88 -20.84
N TYR C 960 -30.99 -17.02 -21.49
CA TYR C 960 -31.77 -18.25 -21.45
C TYR C 960 -31.00 -19.42 -22.04
N MET C 961 -30.37 -19.20 -23.21
CA MET C 961 -29.62 -20.26 -23.87
C MET C 961 -28.42 -20.68 -23.03
N THR C 962 -27.75 -19.70 -22.44
CA THR C 962 -26.55 -19.98 -21.66
C THR C 962 -26.90 -20.67 -20.35
N CYS C 963 -28.01 -20.26 -19.72
CA CYS C 963 -28.38 -20.99 -18.51
C CYS C 963 -28.91 -22.39 -18.85
N ASN C 964 -29.53 -22.56 -20.02
CA ASN C 964 -30.05 -23.87 -20.44
C ASN C 964 -28.94 -24.85 -20.73
N ASP C 965 -27.99 -24.45 -21.60
CA ASP C 965 -26.96 -25.39 -22.04
C ASP C 965 -25.62 -25.19 -21.32
N SER C 966 -25.54 -24.26 -20.37
CA SER C 966 -24.30 -24.07 -19.62
C SER C 966 -24.56 -23.75 -18.16
N GLY C 967 -25.79 -23.91 -17.69
CA GLY C 967 -26.11 -23.56 -16.32
C GLY C 967 -27.14 -24.46 -15.67
N TYR C 968 -28.22 -23.84 -15.19
CA TYR C 968 -29.09 -24.45 -14.20
C TYR C 968 -30.55 -24.39 -14.64
N GLN C 969 -30.80 -24.08 -15.91
CA GLN C 969 -32.14 -24.05 -16.50
C GLN C 969 -33.07 -23.19 -15.66
N ALA C 970 -32.59 -22.02 -15.24
CA ALA C 970 -33.28 -21.22 -14.23
C ALA C 970 -33.99 -20.00 -14.78
N ILE C 971 -33.99 -19.80 -16.10
CA ILE C 971 -34.61 -18.62 -16.70
C ILE C 971 -35.84 -19.03 -17.49
N GLN C 972 -36.95 -18.35 -17.22
CA GLN C 972 -38.15 -18.49 -18.05
C GLN C 972 -38.06 -17.46 -19.17
N PHE C 973 -38.23 -17.92 -20.39
CA PHE C 973 -38.20 -17.06 -21.56
C PHE C 973 -39.61 -17.05 -22.15
N ASP C 974 -40.29 -15.93 -22.07
CA ASP C 974 -41.70 -15.91 -22.43
C ASP C 974 -41.89 -16.10 -23.93
N PRO C 975 -42.75 -17.04 -24.38
CA PRO C 975 -42.89 -17.27 -25.83
C PRO C 975 -43.48 -16.12 -26.63
N GLU C 976 -44.26 -15.23 -26.02
CA GLU C 976 -44.94 -14.16 -26.74
C GLU C 976 -44.20 -12.82 -26.65
N THR C 977 -43.60 -12.49 -25.51
CA THR C 977 -42.89 -11.23 -25.32
C THR C 977 -41.37 -11.36 -25.43
N HIS C 978 -40.85 -12.59 -25.44
CA HIS C 978 -39.42 -12.85 -25.44
C HIS C 978 -38.72 -12.08 -24.32
N LEU C 979 -39.38 -12.03 -23.16
CA LEU C 979 -38.82 -11.45 -21.95
C LEU C 979 -38.37 -12.57 -21.03
N PRO C 980 -37.12 -12.52 -20.57
CA PRO C 980 -36.63 -13.53 -19.64
C PRO C 980 -36.91 -13.14 -18.20
N THR C 981 -37.13 -14.16 -17.37
CA THR C 981 -37.23 -13.98 -15.94
C THR C 981 -36.39 -15.03 -15.22
N VAL C 982 -35.49 -14.57 -14.37
CA VAL C 982 -34.68 -15.46 -13.53
C VAL C 982 -35.57 -16.00 -12.41
N THR C 983 -35.58 -17.32 -12.23
CA THR C 983 -36.34 -17.95 -11.17
C THR C 983 -35.43 -18.28 -9.98
N ASP C 984 -36.06 -18.83 -8.93
CA ASP C 984 -35.39 -19.13 -7.67
C ASP C 984 -34.36 -20.25 -7.77
N THR C 985 -34.34 -21.02 -8.87
CA THR C 985 -33.31 -22.04 -8.99
C THR C 985 -31.96 -21.45 -9.43
N CYS C 986 -31.89 -20.13 -9.60
CA CYS C 986 -30.62 -19.45 -9.92
C CYS C 986 -29.58 -19.70 -8.84
N THR C 987 -28.35 -20.07 -9.26
CA THR C 987 -27.22 -20.28 -8.36
C THR C 987 -26.22 -19.13 -8.37
N GLY C 988 -26.50 -18.05 -9.10
CA GLY C 988 -25.60 -16.91 -9.14
C GLY C 988 -24.32 -17.15 -9.90
N CYS C 989 -24.31 -18.10 -10.84
CA CYS C 989 -23.06 -18.47 -11.52
C CYS C 989 -22.50 -17.29 -12.29
N THR C 990 -23.37 -16.45 -12.87
CA THR C 990 -23.11 -15.16 -13.50
C THR C 990 -22.83 -15.32 -14.99
N LEU C 991 -23.01 -16.54 -15.54
CA LEU C 991 -22.86 -16.72 -16.98
C LEU C 991 -23.83 -15.85 -17.79
N CYS C 992 -25.10 -15.80 -17.39
CA CYS C 992 -26.08 -15.04 -18.18
C CYS C 992 -25.65 -13.56 -18.29
N LEU C 993 -25.35 -12.95 -17.15
CA LEU C 993 -24.81 -11.59 -17.17
C LEU C 993 -23.59 -11.48 -18.08
N SER C 994 -22.74 -12.50 -18.08
CA SER C 994 -21.52 -12.44 -18.89
C SER C 994 -21.78 -12.50 -20.39
N VAL C 995 -22.91 -13.07 -20.83
CA VAL C 995 -23.17 -13.14 -22.27
C VAL C 995 -24.17 -12.10 -22.74
N CYS C 996 -24.76 -11.33 -21.83
CA CYS C 996 -25.84 -10.42 -22.25
C CYS C 996 -25.26 -9.27 -23.05
N PRO C 997 -25.87 -8.89 -24.19
CA PRO C 997 -25.30 -7.81 -25.00
C PRO C 997 -25.50 -6.43 -24.43
N ILE C 998 -26.37 -6.25 -23.44
CA ILE C 998 -26.71 -4.93 -22.93
C ILE C 998 -25.99 -4.71 -21.61
N ILE C 999 -25.23 -3.62 -21.51
CA ILE C 999 -24.43 -3.40 -20.31
C ILE C 999 -25.36 -3.13 -19.13
N ASP C 1000 -25.24 -3.95 -18.07
CA ASP C 1000 -25.96 -3.78 -16.82
C ASP C 1000 -27.45 -4.00 -16.97
N CYS C 1001 -27.88 -4.66 -18.05
CA CYS C 1001 -29.26 -5.12 -18.10
C CYS C 1001 -29.51 -6.18 -17.04
N ILE C 1002 -28.56 -7.10 -16.87
CA ILE C 1002 -28.60 -8.13 -15.84
C ILE C 1002 -27.68 -7.72 -14.70
N ARG C 1003 -28.19 -7.78 -13.47
CA ARG C 1003 -27.39 -7.43 -12.31
C ARG C 1003 -27.38 -8.59 -11.33
N MET C 1004 -26.29 -8.71 -10.59
CA MET C 1004 -26.14 -9.77 -9.60
C MET C 1004 -26.54 -9.16 -8.26
N VAL C 1005 -27.52 -9.75 -7.57
CA VAL C 1005 -27.98 -9.18 -6.31
C VAL C 1005 -27.92 -10.22 -5.21
N SER C 1006 -27.81 -9.73 -3.98
CA SER C 1006 -27.81 -10.58 -2.81
C SER C 1006 -29.01 -11.51 -2.82
N ARG C 1007 -28.75 -12.79 -2.61
CA ARG C 1007 -29.83 -13.78 -2.55
C ARG C 1007 -30.62 -13.63 -1.25
N THR C 1008 -31.95 -13.49 -1.36
CA THR C 1008 -32.84 -13.31 -0.21
C THR C 1008 -33.54 -14.59 0.23
N THR C 1009 -33.70 -15.56 -0.65
CA THR C 1009 -34.32 -16.84 -0.34
C THR C 1009 -33.29 -17.85 0.13
N PRO C 1010 -33.70 -18.87 0.88
CA PRO C 1010 -32.73 -19.87 1.33
C PRO C 1010 -32.00 -20.52 0.16
N TYR C 1011 -30.70 -20.76 0.36
CA TYR C 1011 -29.87 -21.35 -0.67
C TYR C 1011 -29.50 -22.77 -0.30
N GLU C 1012 -29.44 -23.62 -1.30
CA GLU C 1012 -29.11 -25.02 -1.10
C GLU C 1012 -28.36 -25.48 -2.34
N PRO C 1013 -27.10 -25.92 -2.20
CA PRO C 1013 -26.42 -26.50 -3.36
C PRO C 1013 -27.24 -27.65 -3.94
N LYS C 1014 -27.22 -27.76 -5.26
CA LYS C 1014 -27.89 -28.89 -5.92
C LYS C 1014 -26.92 -30.06 -5.94
N ARG C 1015 -27.20 -31.08 -5.13
CA ARG C 1015 -26.33 -32.25 -5.02
C ARG C 1015 -26.75 -33.40 -5.92
N GLY C 1016 -27.89 -33.32 -6.59
CA GLY C 1016 -28.33 -34.38 -7.48
C GLY C 1016 -28.91 -35.61 -6.80
N LEU C 1017 -28.12 -36.25 -5.93
CA LEU C 1017 -28.53 -37.23 -4.93
C LEU C 1017 -27.93 -36.82 -3.58
N PRO C 1018 -28.58 -37.17 -2.47
CA PRO C 1018 -28.10 -36.72 -1.15
C PRO C 1018 -26.81 -37.42 -0.71
N LEU C 1019 -25.98 -36.68 0.03
CA LEU C 1019 -24.71 -37.19 0.53
C LEU C 1019 -24.93 -38.15 1.70
N ALA C 1020 -23.99 -39.09 1.85
CA ALA C 1020 -24.04 -40.04 2.95
C ALA C 1020 -22.70 -40.14 3.66
N PRO D 3 27.48 10.81 -36.81
CA PRO D 3 26.10 11.23 -37.04
C PRO D 3 25.23 11.05 -35.80
N VAL D 4 24.07 11.70 -35.75
CA VAL D 4 23.14 11.53 -34.65
C VAL D 4 22.32 10.27 -34.95
N LEU D 5 22.62 9.14 -34.28
CA LEU D 5 21.92 7.90 -34.62
C LEU D 5 20.44 7.94 -34.25
N SER D 6 20.07 8.65 -33.18
CA SER D 6 18.70 8.70 -32.71
C SER D 6 17.86 9.75 -33.40
N LYS D 7 18.20 10.17 -34.61
CA LYS D 7 17.48 11.24 -35.29
C LYS D 7 17.22 10.82 -36.73
N ASP D 8 16.02 11.09 -37.24
CA ASP D 8 15.71 10.75 -38.61
C ASP D 8 16.46 11.66 -39.56
N VAL D 9 17.09 11.06 -40.57
CA VAL D 9 17.63 11.82 -41.69
C VAL D 9 16.47 12.41 -42.49
N ALA D 10 16.78 13.28 -43.46
CA ALA D 10 15.76 14.09 -44.10
C ALA D 10 14.74 13.23 -44.84
N ASP D 11 15.21 12.22 -45.60
CA ASP D 11 14.26 11.46 -46.40
C ASP D 11 13.34 10.59 -45.55
N ILE D 12 13.77 10.21 -44.33
CA ILE D 12 12.85 9.54 -43.42
C ILE D 12 11.91 10.56 -42.76
N GLU D 13 12.40 11.75 -42.45
CA GLU D 13 11.51 12.82 -42.02
C GLU D 13 10.46 13.08 -43.10
N SER D 14 10.86 12.97 -44.36
CA SER D 14 9.94 13.16 -45.44
C SER D 14 8.91 12.03 -45.49
N ILE D 15 9.35 10.78 -45.35
CA ILE D 15 8.41 9.68 -45.43
C ILE D 15 7.40 9.74 -44.29
N LEU D 16 7.83 10.26 -43.14
CA LEU D 16 7.01 10.43 -41.93
C LEU D 16 6.12 11.68 -41.95
N ALA D 17 5.96 12.37 -43.07
CA ALA D 17 5.29 13.68 -43.06
C ALA D 17 3.83 13.59 -42.60
N LEU D 18 3.12 12.52 -42.97
CA LEU D 18 1.71 12.35 -42.62
C LEU D 18 1.52 11.54 -41.34
N ASN D 19 2.59 11.20 -40.64
CA ASN D 19 2.46 10.39 -39.43
C ASN D 19 1.87 11.24 -38.31
N PRO D 20 0.88 10.72 -37.56
CA PRO D 20 0.20 11.55 -36.56
C PRO D 20 1.15 12.04 -35.48
N ARG D 21 0.89 13.24 -35.00
CA ARG D 21 1.65 13.86 -33.93
C ARG D 21 0.70 14.51 -32.94
N THR D 22 1.14 14.54 -31.69
CA THR D 22 0.44 15.21 -30.61
C THR D 22 0.41 16.72 -30.86
N GLN D 23 -0.79 17.32 -30.88
CA GLN D 23 -0.92 18.75 -31.13
C GLN D 23 -0.96 19.56 -29.84
N SER D 24 -0.40 20.75 -29.91
CA SER D 24 -0.30 21.65 -28.78
C SER D 24 -1.22 22.86 -28.93
N HIS D 25 -1.92 22.98 -30.05
CA HIS D 25 -2.68 24.18 -30.38
C HIS D 25 -3.91 23.78 -31.19
N ALA D 26 -4.94 24.61 -31.09
CA ALA D 26 -6.07 24.49 -32.00
C ALA D 26 -5.67 24.93 -33.39
N ALA D 27 -6.28 24.31 -34.40
CA ALA D 27 -5.85 24.52 -35.78
C ALA D 27 -6.73 25.56 -36.47
N LEU D 28 -6.08 26.48 -37.18
CA LEU D 28 -6.75 27.50 -37.98
C LEU D 28 -6.92 27.03 -39.42
N HIS D 29 -8.17 26.99 -39.88
CA HIS D 29 -8.49 26.76 -41.28
C HIS D 29 -9.76 27.54 -41.57
N SER D 30 -9.72 28.46 -42.54
CA SER D 30 -10.89 29.26 -42.85
C SER D 30 -12.04 28.39 -43.35
N THR D 31 -13.27 28.89 -43.15
CA THR D 31 -14.45 28.17 -43.62
C THR D 31 -14.42 28.01 -45.14
N LEU D 32 -14.03 29.06 -45.87
CA LEU D 32 -13.93 28.95 -47.32
C LEU D 32 -12.92 27.89 -47.73
N ALA D 33 -11.76 27.84 -47.07
CA ALA D 33 -10.77 26.81 -47.39
C ALA D 33 -11.33 25.41 -47.15
N LYS D 34 -12.09 25.25 -46.06
CA LYS D 34 -12.69 23.96 -45.76
C LYS D 34 -13.76 23.59 -46.78
N LYS D 35 -14.51 24.56 -47.29
CA LYS D 35 -15.49 24.25 -48.34
C LYS D 35 -14.78 23.72 -49.59
N LEU D 36 -13.64 24.30 -49.96
CA LEU D 36 -12.96 23.81 -51.16
C LEU D 36 -12.32 22.45 -50.92
N ASP D 37 -11.74 22.25 -49.73
CA ASP D 37 -10.98 21.03 -49.48
C ASP D 37 -11.87 19.80 -49.27
N LYS D 38 -13.12 20.01 -48.85
CA LYS D 38 -14.03 18.89 -48.58
C LYS D 38 -14.27 18.06 -49.83
N LYS D 39 -14.38 18.74 -50.98
CA LYS D 39 -14.62 18.06 -52.25
C LYS D 39 -13.56 17.01 -52.52
N HIS D 40 -12.34 17.23 -52.01
CA HIS D 40 -11.24 16.34 -52.39
C HIS D 40 -11.37 14.94 -51.78
N TRP D 41 -12.04 14.83 -50.63
CA TRP D 41 -12.06 13.58 -49.87
C TRP D 41 -13.41 12.88 -49.93
N LYS D 42 -14.38 13.46 -50.65
CA LYS D 42 -15.77 13.03 -50.61
C LYS D 42 -15.92 11.58 -51.05
N ARG D 43 -16.63 10.80 -50.24
CA ARG D 43 -16.89 9.40 -50.56
C ARG D 43 -18.32 9.10 -50.97
N ASN D 44 -19.30 9.82 -50.41
CA ASN D 44 -20.71 9.47 -50.53
C ASN D 44 -21.38 10.45 -51.50
N PRO D 45 -22.68 10.32 -51.79
CA PRO D 45 -23.32 11.28 -52.71
C PRO D 45 -23.26 12.71 -52.18
N ASP D 46 -23.09 13.65 -53.10
CA ASP D 46 -23.17 15.07 -52.81
C ASP D 46 -24.65 15.49 -52.91
N LYS D 47 -25.19 16.01 -51.81
CA LYS D 47 -26.58 16.46 -51.77
C LYS D 47 -26.84 17.67 -52.66
N ASN D 48 -25.78 18.33 -53.14
CA ASN D 48 -25.90 19.46 -54.06
C ASN D 48 -25.85 19.03 -55.53
N CYS D 49 -25.58 17.74 -55.80
CA CYS D 49 -25.48 17.23 -57.17
C CYS D 49 -26.83 16.70 -57.61
N PHE D 50 -27.41 17.31 -58.65
CA PHE D 50 -28.76 17.00 -59.08
C PHE D 50 -28.78 15.99 -60.21
N HIS D 51 -27.61 15.49 -60.61
CA HIS D 51 -27.41 14.76 -61.86
C HIS D 51 -26.32 13.72 -61.62
N CYS D 52 -26.72 12.47 -61.44
CA CYS D 52 -25.74 11.41 -61.19
C CYS D 52 -25.24 10.82 -62.51
N GLU D 53 -24.10 10.12 -62.42
CA GLU D 53 -23.35 9.63 -63.57
C GLU D 53 -24.20 8.77 -64.52
N LYS D 54 -23.77 8.68 -65.77
CA LYS D 54 -24.50 7.92 -66.78
C LYS D 54 -24.47 6.44 -66.44
N LEU D 55 -25.62 5.79 -66.55
CA LEU D 55 -25.75 4.38 -66.23
C LEU D 55 -26.09 3.56 -67.46
N GLU D 56 -25.91 4.13 -68.66
CA GLU D 56 -26.33 3.46 -69.88
C GLU D 56 -25.56 2.15 -70.05
N ASN D 57 -26.30 1.07 -70.23
CA ASN D 57 -25.72 -0.27 -70.40
C ASN D 57 -24.90 -0.72 -69.20
N ASN D 58 -25.09 -0.12 -68.02
CA ASN D 58 -24.37 -0.54 -66.81
C ASN D 58 -25.28 -1.46 -66.00
N PHE D 59 -25.06 -2.77 -66.09
CA PHE D 59 -25.87 -3.74 -65.36
C PHE D 59 -25.13 -4.33 -64.16
N ASP D 60 -24.14 -3.62 -63.64
CA ASP D 60 -23.40 -4.03 -62.45
C ASP D 60 -24.28 -3.99 -61.20
N ASP D 61 -23.90 -4.80 -60.21
CA ASP D 61 -24.65 -4.95 -58.96
C ASP D 61 -24.76 -3.59 -58.23
N ILE D 62 -25.99 -3.16 -57.98
CA ILE D 62 -26.29 -1.93 -57.22
C ILE D 62 -26.85 -2.21 -55.83
N LYS D 63 -26.96 -3.46 -55.41
CA LYS D 63 -27.51 -3.77 -54.10
C LYS D 63 -26.59 -3.25 -53.01
N HIS D 64 -27.17 -2.56 -52.04
CA HIS D 64 -26.43 -2.13 -50.85
C HIS D 64 -26.15 -3.28 -49.89
N THR D 65 -26.77 -4.44 -50.08
CA THR D 65 -26.67 -5.54 -49.12
C THR D 65 -25.59 -6.56 -49.47
N THR D 66 -25.02 -6.51 -50.67
CA THR D 66 -24.00 -7.47 -51.07
C THR D 66 -22.76 -7.40 -50.16
N LEU D 67 -22.25 -8.57 -49.77
CA LEU D 67 -21.09 -8.64 -48.88
C LEU D 67 -20.00 -9.49 -49.53
N GLY D 68 -18.74 -9.12 -49.29
CA GLY D 68 -17.62 -10.02 -49.46
C GLY D 68 -17.33 -10.74 -48.15
N GLU D 69 -16.26 -11.54 -48.15
CA GLU D 69 -16.02 -12.39 -46.98
C GLU D 69 -15.68 -11.56 -45.74
N ARG D 70 -14.81 -10.55 -45.88
CA ARG D 70 -14.47 -9.68 -44.76
C ARG D 70 -15.72 -9.10 -44.11
N GLY D 71 -16.61 -8.51 -44.92
CA GLY D 71 -17.80 -7.87 -44.36
C GLY D 71 -18.78 -8.88 -43.84
N ALA D 72 -18.89 -10.03 -44.50
CA ALA D 72 -19.82 -11.06 -44.04
C ALA D 72 -19.40 -11.62 -42.70
N LEU D 73 -18.09 -11.80 -42.48
CA LEU D 73 -17.62 -12.31 -41.20
C LEU D 73 -17.91 -11.31 -40.09
N ARG D 74 -17.69 -10.02 -40.33
CA ARG D 74 -18.00 -9.02 -39.30
C ARG D 74 -19.48 -9.02 -38.97
N GLU D 75 -20.33 -9.06 -39.99
CA GLU D 75 -21.75 -9.00 -39.73
C GLU D 75 -22.24 -10.26 -39.04
N ALA D 76 -21.73 -11.44 -39.47
CA ALA D 76 -22.14 -12.69 -38.83
C ALA D 76 -21.72 -12.74 -37.37
N MET D 77 -20.55 -12.20 -37.03
CA MET D 77 -20.15 -12.19 -35.63
C MET D 77 -20.98 -11.22 -34.80
N ARG D 78 -21.58 -10.22 -35.45
CA ARG D 78 -22.38 -9.21 -34.76
C ARG D 78 -23.75 -9.76 -34.36
N CYS D 79 -24.28 -10.69 -35.15
CA CYS D 79 -25.59 -11.27 -34.89
C CYS D 79 -25.64 -11.95 -33.52
N LEU D 80 -26.70 -11.66 -32.76
CA LEU D 80 -26.80 -12.26 -31.43
C LEU D 80 -27.13 -13.74 -31.48
N LYS D 81 -27.57 -14.25 -32.63
CA LYS D 81 -27.84 -15.69 -32.78
C LYS D 81 -28.88 -16.11 -31.73
N CYS D 82 -30.03 -15.46 -31.84
CA CYS D 82 -31.04 -15.39 -30.79
C CYS D 82 -31.80 -16.70 -30.64
N ALA D 83 -32.35 -16.90 -29.44
CA ALA D 83 -33.26 -18.01 -29.20
C ALA D 83 -34.64 -17.70 -29.78
N ASP D 84 -35.30 -18.72 -30.31
CA ASP D 84 -36.66 -18.57 -30.83
C ASP D 84 -36.73 -17.33 -31.73
N ALA D 85 -35.74 -17.20 -32.63
CA ALA D 85 -35.39 -15.90 -33.18
C ALA D 85 -36.56 -15.28 -33.94
N PRO D 86 -36.82 -13.98 -33.73
CA PRO D 86 -37.93 -13.32 -34.42
C PRO D 86 -37.66 -13.09 -35.89
N CYS D 87 -36.41 -13.06 -36.31
CA CYS D 87 -36.13 -13.01 -37.75
C CYS D 87 -36.68 -14.25 -38.44
N GLN D 88 -36.43 -15.43 -37.87
CA GLN D 88 -36.94 -16.66 -38.45
C GLN D 88 -38.47 -16.68 -38.43
N LYS D 89 -39.09 -16.21 -37.35
CA LYS D 89 -40.54 -16.05 -37.31
C LYS D 89 -41.05 -15.23 -38.48
N SER D 90 -40.32 -14.17 -38.84
CA SER D 90 -40.73 -13.24 -39.89
C SER D 90 -40.24 -13.66 -41.27
N CYS D 91 -39.56 -14.79 -41.38
CA CYS D 91 -39.15 -15.30 -42.69
C CYS D 91 -40.20 -16.26 -43.22
N PRO D 92 -40.75 -16.03 -44.42
CA PRO D 92 -41.84 -16.90 -44.91
C PRO D 92 -41.44 -18.34 -45.13
N THR D 93 -40.18 -18.65 -45.42
CA THR D 93 -39.78 -20.06 -45.46
C THR D 93 -39.20 -20.54 -44.14
N HIS D 94 -39.25 -19.73 -43.07
CA HIS D 94 -38.84 -20.17 -41.74
C HIS D 94 -37.36 -20.61 -41.72
N LEU D 95 -36.50 -19.91 -42.45
CA LEU D 95 -35.07 -20.22 -42.38
C LEU D 95 -34.54 -20.14 -40.95
N ASP D 96 -33.73 -21.12 -40.58
CA ASP D 96 -33.05 -21.06 -39.28
C ASP D 96 -31.89 -20.08 -39.45
N ILE D 97 -32.23 -18.79 -39.35
CA ILE D 97 -31.25 -17.71 -39.51
C ILE D 97 -30.17 -17.79 -38.43
N LYS D 98 -30.58 -18.01 -37.18
CA LYS D 98 -29.61 -18.22 -36.11
C LYS D 98 -28.53 -19.21 -36.52
N SER D 99 -28.94 -20.38 -37.01
CA SER D 99 -27.95 -21.42 -37.32
C SER D 99 -27.11 -21.05 -38.55
N PHE D 100 -27.73 -20.55 -39.62
CA PHE D 100 -26.88 -20.29 -40.78
C PHE D 100 -25.94 -19.12 -40.52
N ILE D 101 -26.35 -18.12 -39.73
CA ILE D 101 -25.45 -17.03 -39.44
C ILE D 101 -24.33 -17.50 -38.50
N THR D 102 -24.66 -18.35 -37.53
CA THR D 102 -23.62 -18.95 -36.70
C THR D 102 -22.59 -19.67 -37.58
N SER D 103 -23.06 -20.40 -38.60
CA SER D 103 -22.12 -21.10 -39.47
C SER D 103 -21.19 -20.12 -40.18
N ILE D 104 -21.72 -19.03 -40.72
CA ILE D 104 -20.86 -18.04 -41.38
C ILE D 104 -19.83 -17.47 -40.40
N SER D 105 -20.24 -17.18 -39.16
CA SER D 105 -19.30 -16.63 -38.19
C SER D 105 -18.18 -17.62 -37.88
N ASN D 106 -18.44 -18.91 -38.03
CA ASN D 106 -17.43 -19.94 -37.83
C ASN D 106 -16.72 -20.33 -39.15
N LYS D 107 -16.90 -19.57 -40.22
CA LYS D 107 -16.28 -19.80 -41.53
C LYS D 107 -16.82 -21.05 -42.24
N ASN D 108 -17.96 -21.57 -41.82
CA ASN D 108 -18.51 -22.80 -42.38
C ASN D 108 -19.59 -22.41 -43.37
N TYR D 109 -19.15 -21.97 -44.54
CA TYR D 109 -20.10 -21.44 -45.51
C TYR D 109 -20.95 -22.54 -46.12
N TYR D 110 -20.39 -23.75 -46.26
CA TYR D 110 -21.19 -24.90 -46.69
C TYR D 110 -22.33 -25.17 -45.73
N GLY D 111 -22.02 -25.22 -44.42
CA GLY D 111 -23.06 -25.47 -43.44
C GLY D 111 -24.15 -24.42 -43.48
N ALA D 112 -23.77 -23.15 -43.69
CA ALA D 112 -24.77 -22.10 -43.79
C ALA D 112 -25.61 -22.26 -45.04
N ALA D 113 -24.99 -22.56 -46.18
CA ALA D 113 -25.78 -22.70 -47.40
C ALA D 113 -26.69 -23.92 -47.31
N LYS D 114 -26.20 -25.01 -46.72
CA LYS D 114 -27.04 -26.19 -46.59
C LYS D 114 -28.27 -25.89 -45.75
N MET D 115 -28.09 -25.09 -44.69
CA MET D 115 -29.22 -24.69 -43.86
C MET D 115 -30.18 -23.82 -44.66
N ILE D 116 -29.64 -22.87 -45.42
CA ILE D 116 -30.47 -21.98 -46.25
C ILE D 116 -31.26 -22.80 -47.28
N PHE D 117 -30.58 -23.67 -48.04
CA PHE D 117 -31.29 -24.40 -49.09
C PHE D 117 -32.18 -25.49 -48.54
N SER D 118 -31.93 -25.95 -47.32
CA SER D 118 -32.83 -26.91 -46.69
C SER D 118 -34.24 -26.36 -46.59
N ASP D 119 -34.39 -25.08 -46.28
CA ASP D 119 -35.72 -24.55 -46.13
C ASP D 119 -36.16 -23.70 -47.31
N ASN D 120 -35.24 -23.35 -48.20
CA ASN D 120 -35.53 -22.46 -49.32
C ASN D 120 -34.66 -22.88 -50.51
N PRO D 121 -35.23 -23.58 -51.50
CA PRO D 121 -34.43 -24.01 -52.66
C PRO D 121 -33.98 -22.88 -53.56
N LEU D 122 -34.47 -21.66 -53.35
CA LEU D 122 -34.03 -20.47 -54.08
C LEU D 122 -33.26 -19.54 -53.14
N GLY D 123 -32.41 -20.13 -52.29
CA GLY D 123 -31.79 -19.38 -51.22
C GLY D 123 -30.96 -18.22 -51.71
N LEU D 124 -30.26 -18.38 -52.84
CA LEU D 124 -29.40 -17.30 -53.31
C LEU D 124 -30.23 -16.17 -53.93
N THR D 125 -31.25 -16.52 -54.73
CA THR D 125 -32.16 -15.52 -55.26
C THR D 125 -32.78 -14.70 -54.14
N CYS D 126 -33.27 -15.40 -53.11
CA CYS D 126 -33.95 -14.71 -52.03
C CYS D 126 -32.98 -13.87 -51.21
N GLY D 127 -31.77 -14.39 -50.97
CA GLY D 127 -30.72 -13.54 -50.45
C GLY D 127 -30.61 -12.22 -51.19
N MET D 128 -30.67 -12.27 -52.52
CA MET D 128 -30.45 -11.00 -53.19
C MET D 128 -31.70 -10.13 -53.31
N VAL D 129 -32.91 -10.71 -53.37
CA VAL D 129 -34.09 -9.90 -53.70
C VAL D 129 -35.10 -9.80 -52.58
N CYS D 130 -35.00 -10.57 -51.49
CA CYS D 130 -36.00 -10.45 -50.43
C CYS D 130 -36.10 -9.01 -49.95
N PRO D 131 -37.30 -8.45 -49.86
CA PRO D 131 -37.48 -7.14 -49.22
C PRO D 131 -37.41 -7.33 -47.70
N THR D 132 -36.17 -7.40 -47.19
CA THR D 132 -35.97 -7.93 -45.84
C THR D 132 -36.54 -7.01 -44.78
N SER D 133 -36.61 -5.70 -45.04
CA SER D 133 -37.18 -4.78 -44.08
C SER D 133 -38.67 -5.06 -43.83
N ASP D 134 -39.35 -5.73 -44.76
CA ASP D 134 -40.74 -6.14 -44.55
C ASP D 134 -40.85 -7.62 -44.18
N LEU D 135 -39.72 -8.29 -43.98
CA LEU D 135 -39.72 -9.69 -43.61
C LEU D 135 -38.80 -9.91 -42.41
N CYS D 136 -37.76 -10.73 -42.58
CA CYS D 136 -36.92 -11.17 -41.47
C CYS D 136 -36.26 -10.01 -40.75
N VAL D 137 -35.64 -9.11 -41.51
CA VAL D 137 -34.88 -8.03 -40.87
C VAL D 137 -35.83 -7.11 -40.09
N GLY D 138 -37.07 -6.95 -40.55
CA GLY D 138 -38.04 -6.16 -39.79
C GLY D 138 -38.32 -6.68 -38.40
N GLY D 139 -38.02 -7.97 -38.14
CA GLY D 139 -38.18 -8.57 -36.83
C GLY D 139 -36.92 -8.69 -36.00
N CYS D 140 -35.78 -8.23 -36.53
CA CYS D 140 -34.48 -8.46 -35.90
C CYS D 140 -34.35 -7.73 -34.57
N ASN D 141 -33.90 -8.46 -33.55
CA ASN D 141 -33.74 -7.88 -32.21
C ASN D 141 -32.73 -6.75 -32.19
N LEU D 142 -31.71 -6.82 -33.05
CA LEU D 142 -30.69 -5.79 -33.01
C LEU D 142 -31.19 -4.45 -33.55
N TYR D 143 -32.43 -4.39 -34.04
CA TYR D 143 -33.05 -3.11 -34.31
C TYR D 143 -33.12 -2.26 -33.06
N ALA D 144 -33.14 -2.87 -31.88
CA ALA D 144 -33.17 -2.11 -30.65
C ALA D 144 -31.80 -1.52 -30.26
N THR D 145 -30.78 -1.67 -31.11
CA THR D 145 -29.48 -1.03 -30.88
C THR D 145 -29.25 0.07 -31.90
N GLU D 146 -28.44 1.04 -31.50
CA GLU D 146 -28.02 2.11 -32.41
C GLU D 146 -27.48 1.57 -33.72
N GLU D 147 -26.68 0.50 -33.67
CA GLU D 147 -26.04 0.01 -34.88
C GLU D 147 -27.01 -0.76 -35.78
N GLY D 148 -28.19 -1.11 -35.27
CA GLY D 148 -29.26 -1.56 -36.15
C GLY D 148 -29.26 -3.03 -36.47
N SER D 149 -30.28 -3.41 -37.22
CA SER D 149 -30.57 -4.80 -37.53
C SER D 149 -29.46 -5.41 -38.37
N ILE D 150 -29.44 -6.73 -38.42
CA ILE D 150 -28.46 -7.52 -39.15
C ILE D 150 -28.84 -7.56 -40.63
N ASN D 151 -27.84 -7.45 -41.50
CA ASN D 151 -28.02 -7.61 -42.94
C ASN D 151 -28.16 -9.10 -43.25
N ILE D 152 -29.35 -9.62 -42.98
CA ILE D 152 -29.58 -11.06 -43.11
C ILE D 152 -29.48 -11.50 -44.58
N GLY D 153 -30.12 -10.72 -45.48
CA GLY D 153 -30.12 -11.08 -46.89
C GLY D 153 -28.73 -11.13 -47.49
N GLY D 154 -27.88 -10.15 -47.16
CA GLY D 154 -26.52 -10.18 -47.65
C GLY D 154 -25.75 -11.37 -47.12
N LEU D 155 -25.96 -11.71 -45.85
CA LEU D 155 -25.35 -12.91 -45.28
C LEU D 155 -25.81 -14.17 -46.00
N GLN D 156 -27.11 -14.25 -46.30
CA GLN D 156 -27.63 -15.40 -47.05
C GLN D 156 -26.99 -15.45 -48.42
N GLN D 157 -26.93 -14.31 -49.09
CA GLN D 157 -26.33 -14.24 -50.42
C GLN D 157 -24.88 -14.69 -50.37
N PHE D 158 -24.11 -14.22 -49.38
CA PHE D 158 -22.69 -14.54 -49.36
C PHE D 158 -22.47 -16.03 -49.16
N ALA D 159 -23.15 -16.63 -48.19
CA ALA D 159 -22.95 -18.06 -47.96
C ALA D 159 -23.35 -18.87 -49.20
N SER D 160 -24.46 -18.48 -49.83
CA SER D 160 -24.96 -19.21 -51.01
C SER D 160 -24.05 -19.02 -52.21
N GLU D 161 -23.47 -17.82 -52.36
CA GLU D 161 -22.52 -17.57 -53.46
C GLU D 161 -21.24 -18.39 -53.30
N VAL D 162 -20.74 -18.52 -52.07
CA VAL D 162 -19.58 -19.42 -51.86
C VAL D 162 -19.95 -20.83 -52.27
N PHE D 163 -21.09 -21.33 -51.77
CA PHE D 163 -21.53 -22.68 -52.11
C PHE D 163 -21.65 -22.85 -53.62
N LYS D 164 -22.23 -21.86 -54.30
CA LYS D 164 -22.26 -21.86 -55.76
C LYS D 164 -20.87 -22.03 -56.35
N ALA D 165 -19.89 -21.23 -55.90
CA ALA D 165 -18.54 -21.34 -56.42
C ALA D 165 -17.91 -22.69 -56.12
N MET D 166 -18.45 -23.38 -55.13
CA MET D 166 -17.97 -24.68 -54.69
C MET D 166 -18.33 -25.74 -55.73
N ASN D 167 -19.41 -25.48 -56.50
CA ASN D 167 -19.80 -26.32 -57.63
C ASN D 167 -20.08 -27.74 -57.20
N ILE D 168 -20.73 -27.87 -56.07
CA ILE D 168 -21.09 -29.15 -55.48
C ILE D 168 -22.54 -29.43 -55.86
N PRO D 169 -22.87 -30.64 -56.31
CA PRO D 169 -24.25 -30.93 -56.71
C PRO D 169 -25.11 -31.34 -55.52
N GLN D 170 -26.40 -31.09 -55.67
CA GLN D 170 -27.36 -31.68 -54.76
C GLN D 170 -27.49 -33.18 -55.03
N ILE D 171 -27.68 -33.96 -53.98
CA ILE D 171 -27.89 -35.39 -54.16
C ILE D 171 -29.32 -35.75 -53.76
N ARG D 172 -29.76 -36.88 -54.28
CA ARG D 172 -30.99 -37.48 -53.84
C ARG D 172 -30.91 -37.74 -52.33
N ASN D 173 -32.01 -37.49 -51.65
CA ASN D 173 -32.16 -37.68 -50.22
C ASN D 173 -31.55 -39.01 -49.79
N PRO D 174 -30.42 -39.00 -49.08
CA PRO D 174 -29.75 -40.27 -48.77
C PRO D 174 -30.48 -41.12 -47.74
N CYS D 175 -31.50 -40.58 -47.07
CA CYS D 175 -32.33 -41.38 -46.17
C CYS D 175 -33.33 -42.24 -46.91
N LEU D 176 -33.41 -42.12 -48.23
CA LEU D 176 -34.39 -42.84 -49.01
C LEU D 176 -33.89 -44.23 -49.37
N PRO D 177 -34.79 -45.19 -49.53
CA PRO D 177 -34.41 -46.46 -50.17
C PRO D 177 -33.89 -46.24 -51.57
N SER D 178 -33.12 -47.22 -52.05
CA SER D 178 -32.83 -47.36 -53.48
C SER D 178 -34.08 -47.08 -54.32
N GLN D 179 -33.87 -46.46 -55.48
CA GLN D 179 -35.02 -46.16 -56.35
C GLN D 179 -35.82 -47.41 -56.67
N GLU D 180 -35.15 -48.54 -56.92
CA GLU D 180 -35.90 -49.76 -57.26
C GLU D 180 -36.75 -50.24 -56.09
N LYS D 181 -36.40 -49.88 -54.84
CA LYS D 181 -37.22 -50.28 -53.71
C LYS D 181 -38.26 -49.23 -53.30
N MET D 182 -38.39 -48.13 -54.02
CA MET D 182 -39.44 -47.17 -53.70
C MET D 182 -40.82 -47.77 -53.94
N PRO D 183 -41.78 -47.54 -53.04
CA PRO D 183 -43.17 -47.92 -53.35
C PRO D 183 -43.60 -47.29 -54.67
N GLU D 184 -44.51 -48.00 -55.36
CA GLU D 184 -44.93 -47.59 -56.70
C GLU D 184 -45.56 -46.22 -56.73
N ALA D 185 -46.15 -45.78 -55.61
CA ALA D 185 -46.75 -44.45 -55.51
C ALA D 185 -45.76 -43.34 -55.90
N TYR D 186 -44.47 -43.55 -55.65
CA TYR D 186 -43.53 -42.49 -55.95
C TYR D 186 -43.25 -42.38 -57.43
N SER D 187 -43.81 -43.29 -58.24
CA SER D 187 -43.72 -43.21 -59.69
C SER D 187 -44.84 -42.41 -60.31
N ALA D 188 -45.81 -41.92 -59.52
CA ALA D 188 -46.94 -41.16 -60.04
C ALA D 188 -46.46 -39.99 -60.90
N LYS D 189 -47.09 -39.83 -62.07
CA LYS D 189 -46.76 -38.72 -62.99
C LYS D 189 -47.25 -37.41 -62.39
N ILE D 190 -46.33 -36.48 -62.15
CA ILE D 190 -46.64 -35.20 -61.51
C ILE D 190 -46.38 -34.07 -62.51
N ALA D 191 -47.33 -33.15 -62.64
CA ALA D 191 -47.20 -32.03 -63.56
C ALA D 191 -47.18 -30.71 -62.80
N LEU D 192 -46.28 -29.83 -63.18
CA LEU D 192 -46.26 -28.48 -62.65
C LEU D 192 -46.29 -27.52 -63.82
N LEU D 193 -47.09 -26.48 -63.68
CA LEU D 193 -47.31 -25.53 -64.76
C LEU D 193 -46.61 -24.25 -64.38
N GLY D 194 -45.59 -23.87 -65.16
CA GLY D 194 -44.86 -22.64 -64.94
C GLY D 194 -43.55 -22.90 -64.22
N ALA D 195 -42.43 -22.49 -64.80
CA ALA D 195 -41.10 -22.75 -64.24
C ALA D 195 -40.58 -21.53 -63.46
N GLY D 196 -41.40 -21.01 -62.55
CA GLY D 196 -40.99 -19.93 -61.69
C GLY D 196 -40.70 -20.43 -60.29
N PRO D 197 -40.44 -19.49 -59.36
CA PRO D 197 -40.13 -19.87 -57.97
C PRO D 197 -41.10 -20.86 -57.33
N ALA D 198 -42.41 -20.69 -57.51
CA ALA D 198 -43.37 -21.57 -56.84
C ALA D 198 -43.19 -23.02 -57.29
N SER D 199 -43.16 -23.25 -58.59
CA SER D 199 -43.05 -24.62 -59.09
C SER D 199 -41.66 -25.19 -58.85
N ILE D 200 -40.61 -24.35 -58.96
CA ILE D 200 -39.27 -24.86 -58.72
C ILE D 200 -39.19 -25.38 -57.29
N SER D 201 -39.79 -24.64 -56.35
CA SER D 201 -39.75 -25.08 -54.96
C SER D 201 -40.57 -26.35 -54.79
N CYS D 202 -41.79 -26.35 -55.34
CA CYS D 202 -42.67 -27.51 -55.17
C CYS D 202 -42.01 -28.77 -55.73
N ALA D 203 -41.44 -28.66 -56.93
CA ALA D 203 -40.82 -29.83 -57.55
C ALA D 203 -39.58 -30.26 -56.78
N SER D 204 -38.84 -29.29 -56.23
CA SER D 204 -37.68 -29.63 -55.43
C SER D 204 -38.10 -30.45 -54.21
N PHE D 205 -39.13 -30.00 -53.51
CA PHE D 205 -39.50 -30.70 -52.29
C PHE D 205 -40.15 -32.05 -52.59
N LEU D 206 -40.86 -32.17 -53.73
CA LEU D 206 -41.41 -33.47 -54.10
C LEU D 206 -40.30 -34.46 -54.44
N ALA D 207 -39.27 -34.01 -55.18
CA ALA D 207 -38.14 -34.87 -55.51
C ALA D 207 -37.40 -35.33 -54.25
N ARG D 208 -37.18 -34.41 -53.30
CA ARG D 208 -36.65 -34.78 -52.00
C ARG D 208 -37.39 -35.95 -51.39
N LEU D 209 -38.73 -35.89 -51.38
CA LEU D 209 -39.56 -36.93 -50.82
C LEU D 209 -39.44 -38.24 -51.60
N GLY D 210 -38.81 -38.21 -52.77
CA GLY D 210 -38.55 -39.41 -53.52
C GLY D 210 -39.42 -39.65 -54.73
N TYR D 211 -40.21 -38.67 -55.15
CA TYR D 211 -40.97 -38.82 -56.38
C TYR D 211 -40.03 -38.78 -57.58
N SER D 212 -40.19 -39.74 -58.49
CA SER D 212 -39.23 -39.97 -59.57
C SER D 212 -39.73 -39.55 -60.95
N ASP D 213 -40.92 -38.95 -61.05
CA ASP D 213 -41.49 -38.60 -62.35
C ASP D 213 -42.19 -37.24 -62.21
N ILE D 214 -41.38 -36.19 -62.27
CA ILE D 214 -41.79 -34.81 -62.06
C ILE D 214 -41.43 -34.03 -63.30
N THR D 215 -42.42 -33.33 -63.85
CA THR D 215 -42.21 -32.53 -65.05
C THR D 215 -42.77 -31.15 -64.81
N ILE D 216 -41.93 -30.14 -65.04
CA ILE D 216 -42.38 -28.75 -65.13
C ILE D 216 -42.60 -28.41 -66.59
N PHE D 217 -43.79 -27.88 -66.91
CA PHE D 217 -44.13 -27.42 -68.25
C PHE D 217 -44.11 -25.89 -68.27
N GLU D 218 -43.22 -25.32 -69.07
CA GLU D 218 -43.03 -23.87 -69.10
C GLU D 218 -43.45 -23.32 -70.45
N LYS D 219 -44.21 -22.22 -70.42
CA LYS D 219 -44.69 -21.60 -71.64
C LYS D 219 -43.54 -21.07 -72.50
N GLN D 220 -42.58 -20.39 -71.88
CA GLN D 220 -41.55 -19.70 -72.62
C GLN D 220 -40.42 -20.65 -72.96
N GLU D 221 -39.44 -20.13 -73.69
CA GLU D 221 -38.22 -20.86 -73.98
C GLU D 221 -37.15 -20.66 -72.91
N TYR D 222 -37.40 -19.78 -71.93
CA TYR D 222 -36.52 -19.55 -70.79
C TYR D 222 -37.22 -20.02 -69.52
N VAL D 223 -36.43 -20.25 -68.47
CA VAL D 223 -36.94 -20.78 -67.21
C VAL D 223 -36.58 -19.80 -66.10
N GLY D 224 -37.33 -19.87 -65.00
CA GLY D 224 -37.07 -19.01 -63.86
C GLY D 224 -38.17 -18.00 -63.56
N GLY D 225 -39.14 -17.82 -64.46
CA GLY D 225 -40.21 -16.89 -64.16
C GLY D 225 -39.76 -15.45 -64.08
N LEU D 226 -40.35 -14.70 -63.14
CA LEU D 226 -40.06 -13.29 -63.05
C LEU D 226 -38.60 -13.04 -62.66
N SER D 227 -38.01 -13.93 -61.85
CA SER D 227 -36.57 -13.89 -61.59
C SER D 227 -35.74 -13.71 -62.86
N THR D 228 -36.14 -14.36 -63.95
CA THR D 228 -35.43 -14.28 -65.21
C THR D 228 -35.99 -13.16 -66.09
N SER D 229 -37.32 -13.12 -66.25
CA SER D 229 -37.93 -12.28 -67.26
C SER D 229 -38.06 -10.81 -66.84
N GLU D 230 -38.06 -10.48 -65.55
CA GLU D 230 -38.30 -9.08 -65.22
C GLU D 230 -37.38 -8.49 -64.15
N ILE D 231 -36.96 -9.24 -63.12
CA ILE D 231 -36.07 -8.67 -62.11
C ILE D 231 -34.76 -8.27 -62.77
N PRO D 232 -34.31 -7.01 -62.64
CA PRO D 232 -33.11 -6.58 -63.36
C PRO D 232 -31.87 -7.39 -63.02
N GLN D 233 -31.00 -7.53 -64.03
CA GLN D 233 -29.70 -8.15 -63.86
C GLN D 233 -28.85 -7.41 -62.82
N PHE D 234 -29.04 -6.10 -62.66
CA PHE D 234 -28.28 -5.40 -61.64
C PHE D 234 -28.80 -5.64 -60.22
N ARG D 235 -29.91 -6.36 -60.05
CA ARG D 235 -30.29 -6.87 -58.73
C ARG D 235 -30.15 -8.38 -58.61
N LEU D 236 -30.43 -9.12 -59.68
CA LEU D 236 -30.41 -10.58 -59.64
C LEU D 236 -29.72 -11.09 -60.91
N PRO D 237 -28.43 -11.41 -60.85
CA PRO D 237 -27.74 -11.91 -62.05
C PRO D 237 -28.37 -13.22 -62.50
N TYR D 238 -28.49 -13.38 -63.82
CA TYR D 238 -29.14 -14.58 -64.34
C TYR D 238 -28.41 -15.85 -63.96
N ASP D 239 -27.09 -15.81 -63.74
CA ASP D 239 -26.41 -17.06 -63.40
C ASP D 239 -26.85 -17.60 -62.04
N VAL D 240 -27.40 -16.76 -61.16
CA VAL D 240 -28.01 -17.26 -59.93
C VAL D 240 -29.21 -18.14 -60.24
N VAL D 241 -30.09 -17.67 -61.14
CA VAL D 241 -31.28 -18.45 -61.49
C VAL D 241 -30.86 -19.80 -62.06
N ASN D 242 -29.90 -19.79 -62.98
CA ASN D 242 -29.47 -21.03 -63.62
C ASN D 242 -28.87 -21.98 -62.59
N PHE D 243 -28.14 -21.44 -61.62
CA PHE D 243 -27.56 -22.27 -60.56
C PHE D 243 -28.65 -23.00 -59.76
N GLU D 244 -29.71 -22.30 -59.37
CA GLU D 244 -30.76 -22.97 -58.58
C GLU D 244 -31.57 -23.97 -59.42
N ILE D 245 -31.75 -23.69 -60.71
CA ILE D 245 -32.41 -24.65 -61.60
C ILE D 245 -31.60 -25.94 -61.69
N GLU D 246 -30.28 -25.83 -61.88
CA GLU D 246 -29.46 -27.03 -62.01
C GLU D 246 -29.44 -27.84 -60.73
N LEU D 247 -29.41 -27.17 -59.57
CA LEU D 247 -29.57 -27.88 -58.31
C LEU D 247 -30.85 -28.71 -58.33
N MET D 248 -31.94 -28.11 -58.80
CA MET D 248 -33.20 -28.85 -58.85
C MET D 248 -33.10 -30.00 -59.85
N LYS D 249 -32.52 -29.75 -61.03
CA LYS D 249 -32.35 -30.81 -62.02
C LYS D 249 -31.52 -31.97 -61.48
N ASP D 250 -30.60 -31.71 -60.55
CA ASP D 250 -29.81 -32.78 -59.92
C ASP D 250 -30.69 -33.84 -59.28
N LEU D 251 -31.88 -33.46 -58.85
CA LEU D 251 -32.81 -34.41 -58.23
C LEU D 251 -33.66 -35.14 -59.25
N GLY D 252 -33.50 -34.85 -60.54
CA GLY D 252 -34.24 -35.56 -61.56
C GLY D 252 -35.47 -34.87 -62.10
N VAL D 253 -35.79 -33.68 -61.60
CA VAL D 253 -36.94 -32.96 -62.12
C VAL D 253 -36.68 -32.63 -63.59
N LYS D 254 -37.69 -32.87 -64.43
CA LYS D 254 -37.60 -32.57 -65.86
C LYS D 254 -38.30 -31.24 -66.14
N ILE D 255 -37.76 -30.49 -67.11
CA ILE D 255 -38.41 -29.28 -67.57
C ILE D 255 -38.62 -29.39 -69.08
N ILE D 256 -39.83 -29.07 -69.53
CA ILE D 256 -40.14 -28.97 -70.95
C ILE D 256 -40.60 -27.54 -71.26
N CYS D 257 -39.81 -26.82 -72.05
CA CYS D 257 -40.18 -25.47 -72.44
C CYS D 257 -41.09 -25.52 -73.68
N GLY D 258 -41.74 -24.38 -73.94
CA GLY D 258 -42.65 -24.28 -75.06
C GLY D 258 -43.90 -25.11 -74.92
N LYS D 259 -44.39 -25.29 -73.69
CA LYS D 259 -45.62 -26.01 -73.40
C LYS D 259 -46.45 -25.18 -72.45
N SER D 260 -47.72 -24.95 -72.80
CA SER D 260 -48.55 -23.94 -72.18
C SER D 260 -49.80 -24.56 -71.57
N LEU D 261 -50.10 -24.18 -70.35
CA LEU D 261 -51.46 -24.37 -69.84
C LEU D 261 -52.35 -23.43 -70.65
N SER D 262 -53.23 -24.01 -71.48
CA SER D 262 -54.12 -23.25 -72.35
C SER D 262 -55.08 -24.21 -73.02
N GLU D 263 -56.33 -23.78 -73.19
CA GLU D 263 -57.18 -24.45 -74.17
C GLU D 263 -56.41 -24.53 -75.48
N ASN D 264 -56.40 -25.72 -76.08
CA ASN D 264 -55.72 -26.04 -77.34
C ASN D 264 -54.31 -26.54 -77.05
N GLU D 265 -53.92 -26.63 -75.77
CA GLU D 265 -52.64 -27.19 -75.37
C GLU D 265 -52.85 -27.93 -74.05
N ILE D 266 -52.10 -27.62 -72.99
CA ILE D 266 -52.23 -28.34 -71.74
C ILE D 266 -53.44 -27.83 -70.96
N THR D 267 -54.38 -28.74 -70.68
CA THR D 267 -55.52 -28.46 -69.82
C THR D 267 -55.56 -29.52 -68.72
N LEU D 268 -56.33 -29.26 -67.68
CA LEU D 268 -56.47 -30.26 -66.63
C LEU D 268 -57.03 -31.56 -67.20
N ASN D 269 -57.92 -31.47 -68.20
CA ASN D 269 -58.47 -32.67 -68.82
C ASN D 269 -57.40 -33.45 -69.59
N THR D 270 -56.57 -32.76 -70.38
CA THR D 270 -55.51 -33.46 -71.09
C THR D 270 -54.52 -34.08 -70.12
N LEU D 271 -54.22 -33.38 -69.02
CA LEU D 271 -53.32 -33.95 -68.01
C LEU D 271 -53.91 -35.23 -67.43
N LYS D 272 -55.17 -35.17 -67.01
CA LYS D 272 -55.85 -36.35 -66.50
C LYS D 272 -55.89 -37.46 -67.55
N GLU D 273 -56.14 -37.09 -68.81
CA GLU D 273 -56.22 -38.10 -69.87
C GLU D 273 -54.89 -38.76 -70.15
N GLU D 274 -53.76 -38.14 -69.78
CA GLU D 274 -52.46 -38.73 -70.03
C GLU D 274 -51.86 -39.41 -68.80
N GLY D 275 -52.64 -39.57 -67.74
CA GLY D 275 -52.18 -40.33 -66.59
C GLY D 275 -51.48 -39.53 -65.51
N TYR D 276 -51.59 -38.21 -65.54
CA TYR D 276 -50.97 -37.40 -64.50
C TYR D 276 -51.83 -37.43 -63.25
N LYS D 277 -51.21 -37.78 -62.11
CA LYS D 277 -51.97 -37.99 -60.88
C LYS D 277 -52.11 -36.74 -60.03
N ALA D 278 -51.27 -35.73 -60.24
CA ALA D 278 -51.41 -34.46 -59.55
C ALA D 278 -50.82 -33.36 -60.40
N ALA D 279 -51.33 -32.13 -60.21
CA ALA D 279 -50.85 -30.97 -60.93
C ALA D 279 -50.70 -29.80 -59.96
N PHE D 280 -49.64 -29.01 -60.16
CA PHE D 280 -49.42 -27.78 -59.41
C PHE D 280 -49.42 -26.62 -60.39
N ILE D 281 -50.27 -25.62 -60.14
CA ILE D 281 -50.40 -24.48 -61.02
C ILE D 281 -49.52 -23.37 -60.46
N GLY D 282 -48.47 -22.99 -61.20
CA GLY D 282 -47.57 -21.96 -60.74
C GLY D 282 -47.20 -21.02 -61.86
N ILE D 283 -48.21 -20.64 -62.65
CA ILE D 283 -48.03 -19.82 -63.85
C ILE D 283 -48.01 -18.33 -63.56
N GLY D 284 -48.16 -17.93 -62.29
CA GLY D 284 -48.08 -16.52 -61.96
C GLY D 284 -49.23 -15.72 -62.55
N LEU D 285 -48.98 -14.42 -62.76
CA LEU D 285 -49.95 -13.48 -63.32
C LEU D 285 -49.38 -12.97 -64.64
N PRO D 286 -49.70 -13.62 -65.77
CA PRO D 286 -48.90 -13.42 -66.98
C PRO D 286 -49.22 -12.14 -67.76
N GLU D 287 -50.30 -11.43 -67.42
CA GLU D 287 -50.72 -10.29 -68.22
C GLU D 287 -50.61 -8.98 -67.45
N PRO D 288 -50.27 -7.89 -68.12
CA PRO D 288 -50.20 -6.59 -67.45
C PRO D 288 -51.60 -6.05 -67.15
N LYS D 289 -51.71 -5.33 -66.05
CA LYS D 289 -52.88 -4.50 -65.80
C LYS D 289 -52.86 -3.31 -66.75
N THR D 290 -53.95 -3.12 -67.48
CA THR D 290 -54.02 -2.11 -68.51
C THR D 290 -54.99 -1.01 -68.12
N ASP D 291 -54.98 0.07 -68.90
CA ASP D 291 -55.85 1.21 -68.72
C ASP D 291 -56.44 1.57 -70.07
N ASP D 292 -57.70 2.02 -70.08
CA ASP D 292 -58.34 2.36 -71.35
C ASP D 292 -57.60 3.49 -72.06
N ILE D 293 -56.97 4.40 -71.32
CA ILE D 293 -56.34 5.55 -71.94
C ILE D 293 -55.11 5.21 -72.76
N PHE D 294 -54.57 4.00 -72.61
CA PHE D 294 -53.40 3.61 -73.39
C PHE D 294 -53.74 2.79 -74.62
N GLN D 295 -55.01 2.46 -74.82
CA GLN D 295 -55.34 1.48 -75.85
C GLN D 295 -54.96 2.01 -77.23
N GLY D 296 -54.44 1.11 -78.07
CA GLY D 296 -53.91 1.47 -79.38
C GLY D 296 -52.47 1.95 -79.41
N LEU D 297 -51.81 2.15 -78.28
CA LEU D 297 -50.46 2.69 -78.28
C LEU D 297 -49.44 1.57 -78.40
N THR D 298 -48.51 1.72 -79.32
CA THR D 298 -47.48 0.71 -79.56
C THR D 298 -46.17 1.13 -78.89
N GLN D 299 -45.24 0.18 -78.80
CA GLN D 299 -43.90 0.50 -78.29
C GLN D 299 -43.23 1.52 -79.18
N ASP D 300 -43.46 1.46 -80.48
CA ASP D 300 -42.74 2.37 -81.37
C ASP D 300 -43.29 3.79 -81.32
N GLN D 301 -44.44 4.01 -80.68
CA GLN D 301 -44.84 5.36 -80.31
C GLN D 301 -44.28 5.80 -78.97
N GLY D 302 -43.82 4.87 -78.15
CA GLY D 302 -43.18 5.21 -76.90
C GLY D 302 -43.86 4.60 -75.69
N PHE D 303 -44.87 3.75 -75.90
CA PHE D 303 -45.64 3.17 -74.81
C PHE D 303 -45.27 1.72 -74.53
N TYR D 304 -45.13 1.40 -73.26
CA TYR D 304 -44.89 0.04 -72.79
C TYR D 304 -45.67 -0.19 -71.51
N THR D 305 -46.16 -1.41 -71.34
CA THR D 305 -46.39 -1.89 -69.98
C THR D 305 -45.08 -2.51 -69.46
N SER D 306 -44.99 -2.63 -68.14
CA SER D 306 -43.85 -3.29 -67.53
C SER D 306 -43.65 -4.69 -68.07
N LYS D 307 -44.75 -5.38 -68.43
CA LYS D 307 -44.68 -6.68 -69.08
C LYS D 307 -44.08 -6.63 -70.49
N ASP D 308 -44.15 -5.48 -71.17
CA ASP D 308 -43.44 -5.37 -72.44
C ASP D 308 -42.00 -4.92 -72.25
N PHE D 309 -41.78 -4.01 -71.31
CA PHE D 309 -40.51 -3.30 -71.22
C PHE D 309 -39.47 -4.14 -70.49
N LEU D 310 -39.74 -4.54 -69.25
CA LEU D 310 -38.71 -5.24 -68.48
C LEU D 310 -38.24 -6.52 -69.16
N PRO D 311 -39.08 -7.33 -69.82
CA PRO D 311 -38.54 -8.50 -70.54
C PRO D 311 -37.58 -8.16 -71.68
N LEU D 312 -37.82 -7.07 -72.42
CA LEU D 312 -36.85 -6.66 -73.44
C LEU D 312 -35.51 -6.31 -72.81
N VAL D 313 -35.53 -5.60 -71.68
CA VAL D 313 -34.27 -5.26 -71.03
C VAL D 313 -33.59 -6.53 -70.53
N ALA D 314 -34.36 -7.44 -69.93
CA ALA D 314 -33.82 -8.70 -69.44
C ALA D 314 -33.23 -9.54 -70.57
N LYS D 315 -34.00 -9.71 -71.66
CA LYS D 315 -33.51 -10.51 -72.78
C LYS D 315 -32.19 -9.97 -73.31
N SER D 316 -32.00 -8.66 -73.28
CA SER D 316 -30.77 -8.09 -73.82
C SER D 316 -29.61 -8.09 -72.82
N SER D 317 -29.90 -8.03 -71.52
CA SER D 317 -28.85 -7.92 -70.52
C SER D 317 -28.48 -9.25 -69.87
N LYS D 318 -29.22 -10.32 -70.10
CA LYS D 318 -29.01 -11.56 -69.36
C LYS D 318 -28.53 -12.65 -70.32
N ALA D 319 -27.21 -12.80 -70.40
CA ALA D 319 -26.62 -13.75 -71.31
C ALA D 319 -27.00 -15.17 -70.89
N GLY D 320 -27.54 -15.93 -71.82
CA GLY D 320 -27.99 -17.27 -71.56
C GLY D 320 -29.49 -17.39 -71.36
N MET D 321 -30.18 -16.28 -71.08
CA MET D 321 -31.63 -16.33 -70.96
C MET D 321 -32.29 -16.66 -72.30
N CYS D 322 -31.81 -16.06 -73.39
CA CYS D 322 -32.53 -16.11 -74.65
C CYS D 322 -31.62 -16.63 -75.75
N ALA D 323 -32.22 -17.31 -76.72
CA ALA D 323 -31.48 -17.68 -77.93
C ALA D 323 -31.01 -16.43 -78.69
N CYS D 324 -31.96 -15.56 -79.03
CA CYS D 324 -31.65 -14.33 -79.74
C CYS D 324 -30.88 -13.36 -78.84
N HIS D 325 -29.72 -12.91 -79.28
CA HIS D 325 -29.19 -11.66 -78.77
C HIS D 325 -30.01 -10.50 -79.31
N SER D 326 -30.27 -9.51 -78.46
CA SER D 326 -31.07 -8.36 -78.83
C SER D 326 -30.50 -7.13 -78.15
N PRO D 327 -30.83 -5.94 -78.64
CA PRO D 327 -30.31 -4.74 -78.00
C PRO D 327 -31.30 -4.15 -77.01
N LEU D 328 -30.81 -3.19 -76.23
CA LEU D 328 -31.67 -2.52 -75.28
C LEU D 328 -32.70 -1.69 -76.03
N PRO D 329 -33.97 -1.70 -75.58
CA PRO D 329 -34.95 -0.73 -76.08
C PRO D 329 -34.34 0.65 -76.21
N SER D 330 -34.42 1.22 -77.40
CA SER D 330 -33.94 2.58 -77.61
C SER D 330 -34.81 3.51 -76.80
N ILE D 331 -34.36 3.86 -75.61
CA ILE D 331 -35.08 4.73 -74.70
C ILE D 331 -34.27 6.01 -74.64
N ARG D 332 -34.71 7.05 -75.33
CA ARG D 332 -34.03 8.33 -75.31
C ARG D 332 -35.01 9.42 -74.95
N GLY D 333 -34.57 10.32 -74.08
CA GLY D 333 -35.40 11.46 -73.74
C GLY D 333 -36.05 11.30 -72.39
N ALA D 334 -37.24 11.85 -72.23
CA ALA D 334 -37.92 11.84 -70.94
C ALA D 334 -38.82 10.61 -70.86
N VAL D 335 -38.73 9.91 -69.74
CA VAL D 335 -39.48 8.67 -69.51
C VAL D 335 -40.39 8.88 -68.30
N ILE D 336 -41.68 8.63 -68.48
CA ILE D 336 -42.64 8.62 -67.38
C ILE D 336 -42.91 7.17 -67.01
N VAL D 337 -42.75 6.83 -65.72
CA VAL D 337 -43.15 5.53 -65.20
C VAL D 337 -44.38 5.75 -64.32
N LEU D 338 -45.45 5.04 -64.62
CA LEU D 338 -46.73 5.17 -63.92
C LEU D 338 -46.91 4.06 -62.90
N GLY D 339 -47.18 4.46 -61.67
CA GLY D 339 -47.31 3.55 -60.56
C GLY D 339 -46.18 3.71 -59.56
N ALA D 340 -46.35 3.05 -58.41
CA ALA D 340 -45.38 3.13 -57.33
C ALA D 340 -45.35 1.83 -56.54
N GLY D 341 -45.61 0.71 -57.20
CA GLY D 341 -45.26 -0.58 -56.67
C GLY D 341 -43.79 -0.82 -56.93
N ASP D 342 -43.35 -2.05 -56.65
CA ASP D 342 -41.92 -2.28 -56.86
C ASP D 342 -41.58 -2.47 -58.33
N THR D 343 -42.53 -2.93 -59.14
CA THR D 343 -42.30 -2.98 -60.58
C THR D 343 -41.94 -1.60 -61.14
N ALA D 344 -42.65 -0.57 -60.67
CA ALA D 344 -42.41 0.79 -61.16
C ALA D 344 -40.96 1.22 -60.93
N PHE D 345 -40.42 0.89 -59.76
CA PHE D 345 -39.04 1.31 -59.47
C PHE D 345 -38.02 0.51 -60.26
N ASP D 346 -38.29 -0.76 -60.59
CA ASP D 346 -37.42 -1.49 -61.51
C ASP D 346 -37.49 -0.92 -62.91
N CYS D 347 -38.68 -0.48 -63.34
CA CYS D 347 -38.82 0.18 -64.64
C CYS D 347 -38.01 1.47 -64.69
N ALA D 348 -38.08 2.29 -63.64
CA ALA D 348 -37.35 3.56 -63.63
C ALA D 348 -35.85 3.32 -63.74
N THR D 349 -35.32 2.39 -62.94
CA THR D 349 -33.88 2.14 -62.95
C THR D 349 -33.45 1.48 -64.26
N SER D 350 -34.25 0.55 -64.76
CA SER D 350 -33.93 -0.09 -66.04
C SER D 350 -33.95 0.91 -67.17
N ALA D 351 -34.82 1.92 -67.06
CA ALA D 351 -34.92 2.95 -68.10
C ALA D 351 -33.62 3.73 -68.22
N LEU D 352 -32.95 3.96 -67.09
CA LEU D 352 -31.69 4.67 -67.15
C LEU D 352 -30.61 3.84 -67.83
N ARG D 353 -30.70 2.51 -67.77
CA ARG D 353 -29.74 1.66 -68.46
C ARG D 353 -29.93 1.72 -69.96
N CYS D 354 -31.17 1.96 -70.41
CA CYS D 354 -31.49 2.11 -71.82
C CYS D 354 -31.16 3.48 -72.37
N GLY D 355 -30.59 4.37 -71.55
CA GLY D 355 -30.22 5.69 -72.01
C GLY D 355 -31.25 6.77 -71.83
N ALA D 356 -32.17 6.61 -70.88
CA ALA D 356 -33.11 7.69 -70.60
C ALA D 356 -32.36 8.92 -70.10
N ARG D 357 -32.81 10.10 -70.54
CA ARG D 357 -32.25 11.37 -70.09
C ARG D 357 -32.87 11.83 -68.76
N ARG D 358 -34.12 11.44 -68.49
CA ARG D 358 -34.83 11.84 -67.29
C ARG D 358 -35.91 10.80 -67.03
N VAL D 359 -36.11 10.42 -65.77
CA VAL D 359 -37.17 9.48 -65.42
C VAL D 359 -38.03 10.11 -64.33
N PHE D 360 -39.34 10.17 -64.61
CA PHE D 360 -40.35 10.63 -63.65
C PHE D 360 -41.13 9.41 -63.22
N LEU D 361 -41.14 9.13 -61.92
CA LEU D 361 -42.11 8.19 -61.37
C LEU D 361 -43.33 8.98 -60.92
N VAL D 362 -44.49 8.65 -61.46
CA VAL D 362 -45.71 9.42 -61.23
C VAL D 362 -46.75 8.47 -60.63
N PHE D 363 -47.22 8.79 -59.44
CA PHE D 363 -48.20 7.93 -58.78
C PHE D 363 -49.40 8.74 -58.35
N ARG D 364 -50.53 8.04 -58.23
CA ARG D 364 -51.80 8.70 -58.02
C ARG D 364 -52.13 8.95 -56.55
N LYS D 365 -51.35 8.41 -55.62
CA LYS D 365 -51.51 8.81 -54.23
C LYS D 365 -50.24 9.51 -53.74
N GLY D 366 -50.08 9.63 -52.42
CA GLY D 366 -48.98 10.39 -51.86
C GLY D 366 -47.74 9.55 -51.61
N PHE D 367 -46.73 10.21 -51.05
CA PHE D 367 -45.51 9.50 -50.68
C PHE D 367 -45.78 8.49 -49.59
N VAL D 368 -46.64 8.87 -48.64
CA VAL D 368 -46.99 7.98 -47.53
C VAL D 368 -47.73 6.74 -48.00
N ASN D 369 -48.07 6.66 -49.28
CA ASN D 369 -48.90 5.59 -49.82
C ASN D 369 -48.13 4.65 -50.73
N ILE D 370 -46.80 4.82 -50.83
CA ILE D 370 -46.01 4.06 -51.79
C ILE D 370 -45.94 2.60 -51.34
N ARG D 371 -46.30 1.67 -52.24
CA ARG D 371 -46.20 0.24 -51.92
C ARG D 371 -44.78 -0.16 -51.58
N ALA D 372 -43.82 0.42 -52.29
CA ALA D 372 -42.52 -0.21 -52.43
C ALA D 372 -41.78 -0.26 -51.11
N VAL D 373 -41.02 -1.32 -50.91
CA VAL D 373 -40.13 -1.34 -49.75
C VAL D 373 -39.11 -0.21 -49.89
N PRO D 374 -38.72 0.45 -48.80
CA PRO D 374 -37.78 1.58 -48.92
C PRO D 374 -36.46 1.24 -49.59
N GLU D 375 -35.98 0.01 -49.48
CA GLU D 375 -34.71 -0.32 -50.12
C GLU D 375 -34.84 -0.23 -51.64
N GLU D 376 -35.99 -0.62 -52.18
CA GLU D 376 -36.23 -0.49 -53.62
C GLU D 376 -36.47 0.96 -54.02
N VAL D 377 -37.21 1.72 -53.20
CA VAL D 377 -37.34 3.16 -53.45
C VAL D 377 -35.98 3.83 -53.46
N GLU D 378 -35.10 3.47 -52.52
CA GLU D 378 -33.83 4.18 -52.41
C GLU D 378 -32.99 4.05 -53.66
N LEU D 379 -33.10 2.91 -54.36
CA LEU D 379 -32.31 2.72 -55.58
C LEU D 379 -32.67 3.74 -56.65
N ALA D 380 -33.97 4.00 -56.84
CA ALA D 380 -34.35 5.03 -57.81
C ALA D 380 -33.98 6.42 -57.32
N LYS D 381 -34.11 6.64 -56.01
CA LYS D 381 -33.77 7.93 -55.42
C LYS D 381 -32.30 8.27 -55.65
N GLU D 382 -31.42 7.33 -55.35
CA GLU D 382 -30.00 7.60 -55.50
C GLU D 382 -29.58 7.71 -56.95
N GLU D 383 -30.41 7.25 -57.89
CA GLU D 383 -30.14 7.43 -59.30
C GLU D 383 -30.90 8.63 -59.88
N LYS D 384 -31.39 9.51 -59.00
CA LYS D 384 -31.92 10.83 -59.37
C LYS D 384 -33.22 10.75 -60.20
N CYS D 385 -34.01 9.68 -60.05
CA CYS D 385 -35.36 9.70 -60.58
C CYS D 385 -36.19 10.76 -59.88
N GLU D 386 -37.11 11.37 -60.62
CA GLU D 386 -37.99 12.37 -60.05
C GLU D 386 -39.32 11.71 -59.69
N PHE D 387 -39.89 12.13 -58.56
CA PHE D 387 -41.09 11.51 -58.01
C PHE D 387 -42.20 12.55 -58.04
N LEU D 388 -43.33 12.19 -58.65
CA LEU D 388 -44.46 13.11 -58.74
C LEU D 388 -45.69 12.45 -58.14
N PRO D 389 -46.14 12.88 -56.96
CA PRO D 389 -47.31 12.28 -56.32
C PRO D 389 -48.62 12.92 -56.73
N PHE D 390 -49.72 12.31 -56.28
CA PHE D 390 -51.06 12.89 -56.39
C PHE D 390 -51.42 13.26 -57.84
N LEU D 391 -51.04 12.41 -58.77
CA LEU D 391 -51.34 12.62 -60.19
C LEU D 391 -51.87 11.32 -60.78
N SER D 392 -53.09 11.37 -61.33
CA SER D 392 -53.72 10.30 -62.10
C SER D 392 -53.66 10.62 -63.59
N PRO D 393 -53.32 9.65 -64.44
CA PRO D 393 -53.23 9.93 -65.88
C PRO D 393 -54.61 10.00 -66.53
N ARG D 394 -54.79 11.02 -67.37
CA ARG D 394 -56.03 11.22 -68.14
C ARG D 394 -55.90 10.94 -69.62
N LYS D 395 -54.83 11.38 -70.27
CA LYS D 395 -54.77 11.35 -71.73
C LYS D 395 -53.30 11.30 -72.14
N VAL D 396 -52.97 10.40 -73.06
CA VAL D 396 -51.63 10.39 -73.64
C VAL D 396 -51.70 11.20 -74.94
N ILE D 397 -50.79 12.17 -75.07
CA ILE D 397 -50.77 13.09 -76.20
C ILE D 397 -49.82 12.55 -77.26
N VAL D 398 -50.33 12.31 -78.47
CA VAL D 398 -49.56 11.73 -79.56
C VAL D 398 -49.52 12.73 -80.71
N LYS D 399 -48.32 13.10 -81.14
CA LYS D 399 -48.16 13.98 -82.29
C LYS D 399 -47.08 13.43 -83.20
N GLY D 400 -47.36 13.38 -84.49
CA GLY D 400 -46.34 12.97 -85.43
C GLY D 400 -45.91 11.53 -85.21
N GLY D 401 -46.83 10.68 -84.78
CA GLY D 401 -46.57 9.28 -84.67
C GLY D 401 -45.95 8.83 -83.35
N ARG D 402 -45.78 9.72 -82.39
CA ARG D 402 -45.15 9.30 -81.15
C ARG D 402 -45.66 10.14 -79.98
N ILE D 403 -45.48 9.59 -78.78
CA ILE D 403 -45.88 10.28 -77.56
C ILE D 403 -45.03 11.53 -77.35
N VAL D 404 -45.69 12.62 -76.98
CA VAL D 404 -45.01 13.86 -76.64
C VAL D 404 -45.36 14.34 -75.24
N ALA D 405 -46.48 13.89 -74.65
CA ALA D 405 -46.88 14.36 -73.33
C ALA D 405 -47.91 13.41 -72.75
N VAL D 406 -48.05 13.47 -71.44
CA VAL D 406 -49.16 12.84 -70.74
C VAL D 406 -49.88 13.93 -69.95
N GLN D 407 -51.20 13.95 -70.05
CA GLN D 407 -51.98 14.88 -69.24
C GLN D 407 -52.48 14.14 -68.01
N PHE D 408 -52.33 14.76 -66.84
CA PHE D 408 -52.77 14.20 -65.57
C PHE D 408 -53.77 15.14 -64.90
N VAL D 409 -54.50 14.59 -63.93
CA VAL D 409 -55.30 15.40 -63.02
C VAL D 409 -54.81 15.14 -61.60
N ARG D 410 -54.87 16.17 -60.76
CA ARG D 410 -54.47 16.00 -59.36
C ARG D 410 -55.50 15.16 -58.61
N THR D 411 -55.00 14.36 -57.67
CA THR D 411 -55.82 13.55 -56.78
C THR D 411 -55.70 14.05 -55.34
N GLU D 412 -56.71 13.73 -54.54
CA GLU D 412 -56.65 14.02 -53.11
C GLU D 412 -57.55 13.06 -52.38
N GLN D 413 -57.48 13.10 -51.05
CA GLN D 413 -58.27 12.24 -50.20
C GLN D 413 -59.31 13.09 -49.46
N ASP D 414 -60.57 12.71 -49.58
CA ASP D 414 -61.66 13.46 -48.95
C ASP D 414 -61.68 13.21 -47.44
N GLU D 415 -62.64 13.85 -46.77
CA GLU D 415 -62.59 13.95 -45.31
C GLU D 415 -62.70 12.58 -44.65
N THR D 416 -63.57 11.70 -45.17
CA THR D 416 -63.57 10.32 -44.70
C THR D 416 -62.25 9.65 -45.02
N GLY D 417 -61.94 9.51 -46.31
CA GLY D 417 -60.65 8.98 -46.72
C GLY D 417 -60.65 8.45 -48.14
N LYS D 418 -61.78 8.61 -48.84
CA LYS D 418 -61.86 8.15 -50.23
C LYS D 418 -61.04 9.08 -51.12
N TRP D 419 -60.64 8.55 -52.28
CA TRP D 419 -59.80 9.30 -53.19
C TRP D 419 -60.66 9.89 -54.30
N ASN D 420 -60.46 11.19 -54.55
CA ASN D 420 -61.16 11.96 -55.56
C ASN D 420 -60.20 12.35 -56.68
N GLU D 421 -60.74 12.98 -57.72
CA GLU D 421 -59.94 13.52 -58.80
C GLU D 421 -60.47 14.91 -59.12
N ASP D 422 -59.55 15.85 -59.31
CA ASP D 422 -59.86 17.27 -59.52
C ASP D 422 -59.68 17.59 -61.00
N GLU D 423 -60.79 17.52 -61.76
CA GLU D 423 -60.73 17.65 -63.22
C GLU D 423 -60.14 18.98 -63.65
N ASP D 424 -60.25 20.02 -62.83
CA ASP D 424 -59.76 21.36 -63.18
C ASP D 424 -58.31 21.62 -62.78
N GLN D 425 -57.63 20.65 -62.15
CA GLN D 425 -56.26 20.83 -61.70
C GLN D 425 -55.40 19.86 -62.50
N ILE D 426 -54.76 20.35 -63.56
CA ILE D 426 -54.18 19.50 -64.59
C ILE D 426 -52.68 19.69 -64.60
N VAL D 427 -52.00 18.68 -65.13
CA VAL D 427 -50.56 18.74 -65.38
C VAL D 427 -50.30 18.21 -66.77
N HIS D 428 -49.58 18.98 -67.58
CA HIS D 428 -49.16 18.59 -68.92
C HIS D 428 -47.68 18.30 -68.83
N LEU D 429 -47.32 17.03 -68.74
CA LEU D 429 -45.95 16.58 -68.51
C LEU D 429 -45.37 16.06 -69.81
N LYS D 430 -44.35 16.74 -70.33
CA LYS D 430 -43.69 16.28 -71.56
C LYS D 430 -43.02 14.94 -71.32
N ALA D 431 -43.11 14.07 -72.31
CA ALA D 431 -42.54 12.74 -72.21
C ALA D 431 -42.36 12.17 -73.60
N ASP D 432 -41.30 11.39 -73.78
CA ASP D 432 -41.11 10.65 -75.02
C ASP D 432 -41.50 9.20 -74.89
N VAL D 433 -41.53 8.69 -73.66
CA VAL D 433 -41.76 7.28 -73.38
C VAL D 433 -42.61 7.18 -72.13
N VAL D 434 -43.55 6.22 -72.13
CA VAL D 434 -44.45 5.98 -71.00
C VAL D 434 -44.44 4.49 -70.69
N ILE D 435 -44.21 4.13 -69.43
CA ILE D 435 -44.20 2.73 -69.02
C ILE D 435 -45.19 2.56 -67.89
N SER D 436 -46.28 1.83 -68.14
CA SER D 436 -47.24 1.59 -67.07
C SER D 436 -46.81 0.39 -66.25
N ALA D 437 -46.74 0.58 -64.93
CA ALA D 437 -46.46 -0.50 -63.99
C ALA D 437 -47.63 -0.61 -63.03
N PHE D 438 -48.81 -0.89 -63.57
CA PHE D 438 -50.03 -0.93 -62.79
C PHE D 438 -50.26 -2.29 -62.14
N GLY D 439 -49.29 -3.20 -62.24
CA GLY D 439 -49.46 -4.55 -61.75
C GLY D 439 -49.72 -5.54 -62.87
N SER D 440 -50.08 -6.74 -62.45
CA SER D 440 -50.28 -7.85 -63.37
C SER D 440 -51.54 -8.61 -62.95
N VAL D 441 -52.09 -9.39 -63.89
CA VAL D 441 -53.35 -10.11 -63.72
C VAL D 441 -53.31 -11.40 -64.51
N LEU D 442 -54.26 -12.29 -64.20
CA LEU D 442 -54.61 -13.41 -65.07
C LEU D 442 -55.93 -13.07 -65.76
N ARG D 443 -55.88 -12.90 -67.08
CA ARG D 443 -57.02 -12.46 -67.88
C ARG D 443 -57.34 -13.38 -69.05
N ASP D 444 -56.31 -14.00 -69.64
CA ASP D 444 -56.50 -14.64 -70.94
C ASP D 444 -57.49 -15.80 -70.81
N PRO D 445 -58.62 -15.76 -71.53
CA PRO D 445 -59.65 -16.86 -71.34
C PRO D 445 -59.21 -18.28 -71.75
N LYS D 446 -58.32 -18.44 -72.73
CA LYS D 446 -57.82 -19.79 -73.06
C LYS D 446 -57.11 -20.42 -71.87
N VAL D 447 -56.36 -19.61 -71.09
CA VAL D 447 -55.71 -20.11 -69.88
C VAL D 447 -56.74 -20.45 -68.81
N LYS D 448 -57.68 -19.53 -68.58
CA LYS D 448 -58.68 -19.74 -67.54
C LYS D 448 -59.51 -20.99 -67.84
N GLU D 449 -59.96 -21.11 -69.09
CA GLU D 449 -60.76 -22.25 -69.51
C GLU D 449 -59.99 -23.54 -69.37
N ALA D 450 -58.67 -23.51 -69.56
CA ALA D 450 -57.85 -24.70 -69.39
C ALA D 450 -57.80 -25.20 -67.95
N LEU D 451 -58.24 -24.38 -66.98
CA LEU D 451 -58.31 -24.76 -65.59
C LEU D 451 -59.68 -25.23 -65.16
N SER D 452 -60.61 -25.38 -66.09
CA SER D 452 -61.90 -25.94 -65.74
C SER D 452 -61.69 -27.31 -65.13
N PRO D 453 -62.42 -27.66 -64.07
CA PRO D 453 -63.46 -26.87 -63.39
C PRO D 453 -63.11 -26.32 -62.00
N ILE D 454 -61.89 -25.85 -61.70
CA ILE D 454 -61.60 -25.37 -60.36
C ILE D 454 -62.31 -24.05 -60.10
N LYS D 455 -62.72 -23.82 -58.86
CA LYS D 455 -63.42 -22.58 -58.53
C LYS D 455 -62.46 -21.40 -58.43
N PHE D 456 -62.86 -20.29 -59.04
CA PHE D 456 -62.16 -19.02 -58.97
C PHE D 456 -62.91 -18.09 -58.01
N ASN D 457 -62.19 -17.09 -57.50
CA ASN D 457 -62.79 -16.18 -56.53
C ASN D 457 -63.02 -14.80 -57.14
N ARG D 458 -63.50 -13.88 -56.30
CA ARG D 458 -63.73 -12.48 -56.63
C ARG D 458 -62.57 -11.88 -57.42
N TRP D 459 -61.34 -12.19 -57.02
CA TRP D 459 -60.15 -11.60 -57.60
C TRP D 459 -59.79 -12.22 -58.93
N ASP D 460 -60.61 -13.15 -59.43
CA ASP D 460 -60.42 -13.82 -60.70
C ASP D 460 -59.23 -14.78 -60.65
N LEU D 461 -59.00 -15.38 -59.49
CA LEU D 461 -57.85 -16.22 -59.25
C LEU D 461 -58.29 -17.56 -58.70
N PRO D 462 -57.50 -18.62 -58.88
CA PRO D 462 -57.87 -19.92 -58.31
C PRO D 462 -57.95 -19.88 -56.79
N GLU D 463 -59.09 -20.32 -56.26
CA GLU D 463 -59.26 -20.51 -54.82
C GLU D 463 -58.49 -21.74 -54.36
N VAL D 464 -57.74 -21.59 -53.27
CA VAL D 464 -57.10 -22.72 -52.62
C VAL D 464 -57.38 -22.66 -51.13
N ASP D 465 -57.40 -23.83 -50.50
CA ASP D 465 -57.18 -23.93 -49.06
C ASP D 465 -55.81 -23.34 -48.74
N PRO D 466 -55.73 -22.28 -47.93
CA PRO D 466 -54.43 -21.64 -47.67
C PRO D 466 -53.49 -22.48 -46.82
N GLU D 467 -53.99 -23.53 -46.18
CA GLU D 467 -53.10 -24.40 -45.43
C GLU D 467 -52.54 -25.53 -46.28
N THR D 468 -53.30 -26.04 -47.26
CA THR D 468 -52.86 -27.15 -48.09
C THR D 468 -52.47 -26.76 -49.50
N MET D 469 -52.89 -25.58 -49.97
CA MET D 469 -52.69 -25.10 -51.34
C MET D 469 -53.49 -25.91 -52.35
N GLN D 470 -54.45 -26.70 -51.88
CA GLN D 470 -55.31 -27.51 -52.75
C GLN D 470 -56.44 -26.65 -53.32
N THR D 471 -56.64 -26.75 -54.64
CA THR D 471 -57.81 -26.14 -55.28
C THR D 471 -59.07 -26.96 -55.01
N SER D 472 -60.19 -26.58 -55.64
CA SER D 472 -61.42 -27.37 -55.52
C SER D 472 -61.33 -28.71 -56.23
N GLU D 473 -60.40 -28.90 -57.10
CA GLU D 473 -60.14 -30.27 -57.55
C GLU D 473 -59.07 -30.88 -56.66
N PRO D 474 -59.31 -32.05 -56.07
CA PRO D 474 -58.39 -32.54 -55.03
C PRO D 474 -56.99 -32.82 -55.54
N TRP D 475 -56.82 -33.10 -56.82
CA TRP D 475 -55.53 -33.45 -57.37
C TRP D 475 -54.80 -32.25 -57.97
N VAL D 476 -55.36 -31.04 -57.82
CA VAL D 476 -54.80 -29.84 -58.43
C VAL D 476 -54.49 -28.86 -57.31
N PHE D 477 -53.25 -28.42 -57.26
CA PHE D 477 -52.79 -27.48 -56.25
C PHE D 477 -52.30 -26.24 -56.97
N ALA D 478 -52.14 -25.14 -56.23
CA ALA D 478 -51.65 -23.91 -56.84
C ALA D 478 -50.96 -23.07 -55.77
N GLY D 479 -50.12 -22.15 -56.23
CA GLY D 479 -49.35 -21.31 -55.34
C GLY D 479 -48.57 -20.28 -56.11
N GLY D 480 -48.03 -19.32 -55.36
CA GLY D 480 -47.30 -18.23 -55.98
C GLY D 480 -48.22 -17.08 -56.29
N ASP D 481 -47.75 -16.18 -57.17
CA ASP D 481 -48.57 -15.05 -57.59
C ASP D 481 -49.98 -15.46 -58.04
N ILE D 482 -50.11 -16.62 -58.71
CA ILE D 482 -51.42 -17.00 -59.26
C ILE D 482 -52.49 -17.07 -58.17
N VAL D 483 -52.10 -17.32 -56.92
CA VAL D 483 -53.09 -17.45 -55.86
C VAL D 483 -53.39 -16.10 -55.21
N GLY D 484 -52.51 -15.11 -55.36
CA GLY D 484 -52.82 -13.78 -54.94
C GLY D 484 -52.42 -13.44 -53.53
N MET D 485 -51.80 -14.37 -52.81
CA MET D 485 -51.33 -14.10 -51.46
C MET D 485 -49.86 -13.69 -51.45
N ALA D 486 -49.00 -14.52 -52.04
CA ALA D 486 -47.59 -14.21 -52.18
C ALA D 486 -47.36 -12.90 -52.94
N ASN D 487 -46.52 -12.03 -52.36
CA ASN D 487 -46.04 -10.81 -52.99
C ASN D 487 -44.55 -10.85 -53.31
N THR D 488 -43.87 -11.94 -52.98
CA THR D 488 -42.42 -11.98 -52.98
C THR D 488 -41.97 -13.31 -53.54
N THR D 489 -40.71 -13.36 -53.95
CA THR D 489 -40.11 -14.63 -54.33
C THR D 489 -40.21 -15.64 -53.19
N VAL D 490 -39.85 -15.23 -51.97
CA VAL D 490 -39.77 -16.18 -50.86
C VAL D 490 -41.15 -16.74 -50.50
N GLU D 491 -42.18 -15.90 -50.61
CA GLU D 491 -43.53 -16.40 -50.34
C GLU D 491 -43.99 -17.36 -51.44
N SER D 492 -43.59 -17.12 -52.68
CA SER D 492 -43.95 -18.06 -53.74
C SER D 492 -43.18 -19.37 -53.55
N VAL D 493 -41.90 -19.29 -53.18
CA VAL D 493 -41.16 -20.49 -52.78
C VAL D 493 -41.90 -21.24 -51.68
N ASN D 494 -42.36 -20.50 -50.67
CA ASN D 494 -43.02 -21.16 -49.54
C ASN D 494 -44.35 -21.78 -49.95
N ASP D 495 -45.09 -21.15 -50.87
CA ASP D 495 -46.31 -21.78 -51.38
C ASP D 495 -46.03 -23.15 -51.97
N GLY D 496 -44.99 -23.26 -52.81
CA GLY D 496 -44.67 -24.53 -53.43
C GLY D 496 -44.19 -25.56 -52.42
N LYS D 497 -43.50 -25.09 -51.40
CA LYS D 497 -43.05 -25.94 -50.31
C LYS D 497 -44.25 -26.46 -49.52
N GLN D 498 -45.14 -25.56 -49.11
CA GLN D 498 -46.39 -25.94 -48.44
C GLN D 498 -47.15 -26.96 -49.27
N ALA D 499 -47.35 -26.67 -50.56
CA ALA D 499 -48.12 -27.56 -51.42
C ALA D 499 -47.49 -28.94 -51.53
N SER D 500 -46.15 -29.00 -51.50
CA SER D 500 -45.49 -30.27 -51.78
C SER D 500 -45.89 -31.33 -50.77
N TRP D 501 -46.07 -30.94 -49.50
CA TRP D 501 -46.44 -31.93 -48.49
C TRP D 501 -47.84 -32.49 -48.75
N TYR D 502 -48.79 -31.64 -49.08
CA TYR D 502 -50.17 -32.10 -49.25
C TYR D 502 -50.38 -32.76 -50.61
N ILE D 503 -49.61 -32.36 -51.62
CA ILE D 503 -49.57 -33.15 -52.86
C ILE D 503 -49.09 -34.56 -52.55
N HIS D 504 -48.08 -34.67 -51.70
CA HIS D 504 -47.55 -35.97 -51.28
C HIS D 504 -48.62 -36.78 -50.56
N LYS D 505 -49.30 -36.15 -49.59
CA LYS D 505 -50.39 -36.78 -48.85
C LYS D 505 -51.45 -37.29 -49.81
N TYR D 506 -51.91 -36.41 -50.69
CA TYR D 506 -52.94 -36.78 -51.66
C TYR D 506 -52.49 -37.95 -52.52
N ILE D 507 -51.28 -37.88 -53.06
CA ILE D 507 -50.84 -38.93 -53.99
C ILE D 507 -50.74 -40.27 -53.27
N GLN D 508 -50.09 -40.28 -52.10
CA GLN D 508 -49.98 -41.51 -51.33
C GLN D 508 -51.34 -42.11 -51.04
N ALA D 509 -52.31 -41.27 -50.65
CA ALA D 509 -53.65 -41.76 -50.37
C ALA D 509 -54.31 -42.34 -51.62
N GLN D 510 -54.01 -41.80 -52.80
CA GLN D 510 -54.53 -42.38 -54.03
C GLN D 510 -53.96 -43.77 -54.29
N TYR D 511 -52.79 -44.10 -53.72
CA TYR D 511 -52.21 -45.43 -53.85
C TYR D 511 -52.43 -46.30 -52.63
N GLY D 512 -53.27 -45.87 -51.69
CA GLY D 512 -53.56 -46.67 -50.53
C GLY D 512 -52.59 -46.53 -49.39
N ALA D 513 -51.78 -45.48 -49.36
CA ALA D 513 -50.79 -45.28 -48.31
C ALA D 513 -51.11 -44.02 -47.52
N SER D 514 -50.75 -44.03 -46.25
CA SER D 514 -50.90 -42.86 -45.41
C SER D 514 -49.55 -42.19 -45.21
N VAL D 515 -49.58 -40.96 -44.70
CA VAL D 515 -48.38 -40.21 -44.39
C VAL D 515 -48.49 -39.72 -42.95
N SER D 516 -47.37 -39.28 -42.39
CA SER D 516 -47.36 -38.75 -41.04
C SER D 516 -48.38 -37.63 -40.92
N ALA D 517 -49.04 -37.55 -39.75
CA ALA D 517 -49.85 -36.38 -39.45
C ALA D 517 -48.99 -35.15 -39.16
N LYS D 518 -47.73 -35.37 -38.79
CA LYS D 518 -46.75 -34.30 -38.64
C LYS D 518 -46.01 -34.12 -39.95
N PRO D 519 -46.23 -33.03 -40.69
CA PRO D 519 -45.47 -32.82 -41.94
C PRO D 519 -43.96 -32.81 -41.72
N GLU D 520 -43.23 -33.48 -42.66
CA GLU D 520 -41.82 -33.89 -42.48
C GLU D 520 -41.04 -33.72 -43.79
N LEU D 521 -40.84 -32.47 -44.25
CA LEU D 521 -40.11 -32.36 -45.52
C LEU D 521 -38.61 -32.56 -45.28
N PRO D 522 -37.94 -33.27 -46.19
CA PRO D 522 -36.52 -33.57 -45.99
C PRO D 522 -35.67 -32.32 -46.15
N LEU D 523 -34.46 -32.38 -45.61
CA LEU D 523 -33.51 -31.30 -45.76
C LEU D 523 -32.80 -31.42 -47.12
N PHE D 524 -31.91 -30.47 -47.38
CA PHE D 524 -31.13 -30.40 -48.61
C PHE D 524 -29.80 -31.10 -48.38
N TYR D 525 -29.40 -31.97 -49.31
CA TYR D 525 -28.19 -32.78 -49.15
C TYR D 525 -27.28 -32.68 -50.36
N THR D 526 -25.97 -32.84 -50.09
CA THR D 526 -24.90 -32.88 -51.09
C THR D 526 -23.94 -34.02 -50.75
N PRO D 527 -23.01 -34.40 -51.63
CA PRO D 527 -22.05 -35.46 -51.27
C PRO D 527 -21.22 -35.10 -50.04
N VAL D 528 -21.19 -33.83 -49.63
CA VAL D 528 -20.45 -33.48 -48.42
C VAL D 528 -21.02 -34.21 -47.22
N ASP D 529 -22.36 -34.34 -47.17
CA ASP D 529 -22.98 -34.91 -45.98
C ASP D 529 -22.68 -36.40 -45.82
N LEU D 530 -22.10 -37.04 -46.84
CA LEU D 530 -21.70 -38.43 -46.71
C LEU D 530 -20.29 -38.60 -46.17
N VAL D 531 -19.56 -37.52 -45.89
CA VAL D 531 -18.18 -37.68 -45.44
C VAL D 531 -18.18 -38.27 -44.04
N ASP D 532 -17.36 -39.28 -43.83
CA ASP D 532 -17.22 -39.97 -42.55
C ASP D 532 -16.23 -39.17 -41.69
N ILE D 533 -16.67 -38.70 -40.53
CA ILE D 533 -15.82 -37.91 -39.64
C ILE D 533 -15.65 -38.63 -38.31
N SER D 534 -15.72 -39.95 -38.34
CA SER D 534 -15.46 -40.71 -37.12
C SER D 534 -13.96 -40.83 -36.92
N VAL D 535 -13.58 -41.11 -35.69
CA VAL D 535 -12.18 -41.31 -35.37
C VAL D 535 -12.08 -42.35 -34.26
N GLU D 536 -11.02 -43.14 -34.30
CA GLU D 536 -10.70 -44.07 -33.23
C GLU D 536 -9.53 -43.53 -32.43
N MET D 537 -9.70 -43.55 -31.10
CA MET D 537 -8.70 -43.07 -30.15
C MET D 537 -8.69 -43.96 -28.91
N ALA D 538 -7.49 -44.46 -28.58
CA ALA D 538 -7.30 -45.26 -27.36
C ALA D 538 -8.28 -46.42 -27.29
N GLY D 539 -8.60 -47.00 -28.45
CA GLY D 539 -9.52 -48.14 -28.52
C GLY D 539 -10.99 -47.78 -28.47
N LEU D 540 -11.31 -46.49 -28.42
CA LEU D 540 -12.67 -46.00 -28.41
C LEU D 540 -13.05 -45.50 -29.81
N LYS D 541 -14.26 -45.85 -30.23
CA LYS D 541 -14.83 -45.34 -31.48
C LYS D 541 -15.64 -44.08 -31.17
N PHE D 542 -15.23 -42.95 -31.76
CA PHE D 542 -15.99 -41.69 -31.70
C PHE D 542 -16.74 -41.46 -33.00
N ILE D 543 -18.06 -41.26 -32.92
CA ILE D 543 -18.85 -41.05 -34.15
C ILE D 543 -18.54 -39.70 -34.80
N ASN D 544 -18.10 -38.72 -34.03
CA ASN D 544 -17.46 -37.52 -34.55
C ASN D 544 -16.48 -37.04 -33.48
N PRO D 545 -15.55 -36.16 -33.82
CA PRO D 545 -14.49 -35.80 -32.86
C PRO D 545 -14.83 -34.70 -31.87
N PHE D 546 -16.07 -34.22 -31.81
CA PHE D 546 -16.43 -33.09 -30.96
C PHE D 546 -17.11 -33.58 -29.70
N GLY D 547 -16.63 -33.09 -28.54
CA GLY D 547 -17.19 -33.47 -27.27
C GLY D 547 -17.28 -32.27 -26.34
N LEU D 548 -18.15 -32.42 -25.33
CA LEU D 548 -18.23 -31.41 -24.27
C LEU D 548 -17.11 -31.60 -23.24
N ALA D 549 -16.33 -30.55 -22.99
CA ALA D 549 -15.36 -30.58 -21.91
C ALA D 549 -16.08 -30.73 -20.57
N SER D 550 -15.32 -31.14 -19.56
CA SER D 550 -15.79 -31.18 -18.18
C SER D 550 -15.92 -29.74 -17.73
N ALA D 551 -17.14 -29.21 -17.70
CA ALA D 551 -17.29 -27.77 -17.45
C ALA D 551 -18.76 -27.42 -17.25
N ALA D 552 -19.04 -26.12 -17.23
CA ALA D 552 -20.42 -25.65 -17.02
C ALA D 552 -21.41 -26.32 -17.97
N PRO D 553 -21.12 -26.54 -19.26
CA PRO D 553 -22.09 -27.25 -20.12
C PRO D 553 -22.39 -28.70 -19.70
N THR D 554 -21.58 -29.31 -18.84
CA THR D 554 -21.90 -30.63 -18.31
C THR D 554 -22.20 -30.58 -16.81
N THR D 555 -22.79 -29.48 -16.37
CA THR D 555 -23.19 -29.31 -14.97
C THR D 555 -24.14 -30.41 -14.49
N SER D 556 -24.99 -30.91 -15.37
CA SER D 556 -25.98 -31.94 -15.08
C SER D 556 -25.99 -32.98 -16.19
N SER D 557 -26.25 -34.24 -15.83
CA SER D 557 -26.29 -35.29 -16.84
C SER D 557 -27.46 -35.12 -17.81
N SER D 558 -28.51 -34.43 -17.37
CA SER D 558 -29.61 -34.10 -18.26
C SER D 558 -29.14 -33.22 -19.42
N MET D 559 -28.16 -32.37 -19.15
CA MET D 559 -27.54 -31.58 -20.20
C MET D 559 -26.77 -32.46 -21.17
N ILE D 560 -26.04 -33.44 -20.65
CA ILE D 560 -25.32 -34.33 -21.55
C ILE D 560 -26.29 -35.12 -22.42
N ARG D 561 -27.41 -35.57 -21.84
CA ARG D 561 -28.41 -36.26 -22.65
C ARG D 561 -28.81 -35.40 -23.85
N ARG D 562 -29.13 -34.12 -23.59
CA ARG D 562 -29.57 -33.24 -24.66
C ARG D 562 -28.47 -32.95 -25.67
N ALA D 563 -27.21 -32.87 -25.20
CA ALA D 563 -26.11 -32.71 -26.14
C ALA D 563 -25.97 -33.91 -27.06
N PHE D 564 -26.09 -35.12 -26.52
CA PHE D 564 -26.05 -36.32 -27.37
C PHE D 564 -27.21 -36.32 -28.37
N GLU D 565 -28.42 -35.99 -27.90
CA GLU D 565 -29.56 -35.87 -28.81
C GLU D 565 -29.33 -34.82 -29.90
N ALA D 566 -28.50 -33.81 -29.63
CA ALA D 566 -28.20 -32.82 -30.66
C ALA D 566 -27.11 -33.24 -31.64
N GLY D 567 -26.27 -34.21 -31.27
CA GLY D 567 -25.24 -34.69 -32.18
C GLY D 567 -23.82 -34.77 -31.68
N TRP D 568 -23.55 -34.29 -30.46
CA TRP D 568 -22.20 -34.33 -29.90
C TRP D 568 -21.66 -35.75 -29.85
N GLY D 569 -20.39 -35.91 -30.20
CA GLY D 569 -19.82 -37.24 -30.27
C GLY D 569 -19.50 -37.83 -28.92
N PHE D 570 -19.13 -36.98 -27.96
CA PHE D 570 -18.84 -37.48 -26.63
C PHE D 570 -19.02 -36.37 -25.61
N ALA D 571 -18.98 -36.75 -24.34
CA ALA D 571 -19.05 -35.74 -23.30
C ALA D 571 -18.26 -36.22 -22.10
N LEU D 572 -17.72 -35.24 -21.39
CA LEU D 572 -17.13 -35.43 -20.07
C LEU D 572 -18.21 -35.16 -19.03
N THR D 573 -18.18 -35.89 -17.92
CA THR D 573 -18.91 -35.40 -16.76
C THR D 573 -18.20 -34.19 -16.20
N LYS D 574 -18.95 -33.30 -15.56
CA LYS D 574 -18.33 -32.37 -14.65
C LYS D 574 -17.51 -33.18 -13.63
N THR D 575 -16.36 -32.65 -13.25
CA THR D 575 -15.43 -33.39 -12.40
C THR D 575 -16.09 -33.69 -11.06
N PHE D 576 -16.07 -34.96 -10.63
CA PHE D 576 -16.70 -35.28 -9.35
C PHE D 576 -15.73 -36.02 -8.46
N SER D 577 -16.09 -36.10 -7.17
CA SER D 577 -15.20 -36.61 -6.13
C SER D 577 -15.97 -37.51 -5.16
N LEU D 578 -15.24 -38.03 -4.18
CA LEU D 578 -15.82 -38.79 -3.09
C LEU D 578 -16.61 -37.87 -2.16
N ASP D 579 -17.57 -38.47 -1.43
CA ASP D 579 -18.44 -37.68 -0.56
C ASP D 579 -17.67 -36.78 0.42
N LYS D 580 -16.60 -37.30 1.01
CA LYS D 580 -15.83 -36.52 1.98
C LYS D 580 -15.23 -35.27 1.36
N ASP D 581 -15.00 -35.28 0.04
CA ASP D 581 -14.37 -34.16 -0.65
C ASP D 581 -15.38 -33.22 -1.29
N ILE D 582 -16.63 -33.25 -0.83
CA ILE D 582 -17.68 -32.46 -1.45
C ILE D 582 -17.42 -30.97 -1.25
N VAL D 583 -17.76 -30.17 -2.26
CA VAL D 583 -17.42 -28.76 -2.29
C VAL D 583 -18.69 -27.91 -2.34
N THR D 584 -18.50 -26.61 -2.12
CA THR D 584 -19.60 -25.65 -2.25
C THR D 584 -19.10 -24.42 -3.00
N ASN D 585 -19.71 -24.18 -4.15
CA ASN D 585 -19.31 -23.06 -4.98
C ASN D 585 -19.69 -21.73 -4.32
N VAL D 586 -19.00 -20.69 -4.75
CA VAL D 586 -19.36 -19.33 -4.43
C VAL D 586 -20.02 -18.67 -5.65
N SER D 587 -20.56 -17.49 -5.44
CA SER D 587 -21.16 -16.71 -6.50
C SER D 587 -20.91 -15.24 -6.21
N PRO D 588 -20.66 -14.40 -7.23
CA PRO D 588 -20.49 -14.70 -8.67
C PRO D 588 -19.26 -15.57 -8.92
N ARG D 589 -19.20 -16.34 -10.02
CA ARG D 589 -18.01 -17.15 -10.25
C ARG D 589 -17.62 -17.35 -11.71
N ILE D 590 -18.41 -16.91 -12.69
CA ILE D 590 -18.00 -16.99 -14.09
C ILE D 590 -18.24 -15.62 -14.72
N VAL D 591 -17.18 -15.01 -15.25
CA VAL D 591 -17.29 -13.66 -15.79
C VAL D 591 -16.76 -13.65 -17.22
N ARG D 592 -17.24 -12.66 -17.97
CA ARG D 592 -16.81 -12.50 -19.35
C ARG D 592 -15.37 -12.01 -19.41
N GLY D 593 -14.67 -12.41 -20.46
CA GLY D 593 -13.31 -11.96 -20.63
C GLY D 593 -13.29 -10.53 -21.11
N THR D 594 -12.22 -9.83 -20.70
CA THR D 594 -11.89 -8.49 -21.17
C THR D 594 -10.76 -8.50 -22.19
N THR D 595 -10.47 -9.67 -22.77
CA THR D 595 -9.34 -9.92 -23.67
C THR D 595 -9.52 -9.34 -25.06
N SER D 596 -10.72 -8.88 -25.41
CA SER D 596 -10.90 -8.20 -26.68
C SER D 596 -11.71 -6.91 -26.52
N GLY D 597 -11.60 -6.27 -25.35
CA GLY D 597 -12.19 -4.96 -25.16
C GLY D 597 -13.67 -5.01 -24.82
N PRO D 598 -14.32 -3.83 -24.80
CA PRO D 598 -15.73 -3.71 -24.35
C PRO D 598 -16.75 -4.11 -25.42
N MET D 599 -16.68 -5.36 -25.85
CA MET D 599 -17.58 -5.94 -26.85
C MET D 599 -18.45 -6.96 -26.12
N TYR D 600 -19.74 -6.68 -26.03
CA TYR D 600 -20.66 -7.52 -25.27
C TYR D 600 -21.50 -8.38 -26.19
N GLY D 601 -22.08 -9.43 -25.61
CA GLY D 601 -22.97 -10.29 -26.35
C GLY D 601 -22.23 -11.47 -26.95
N PRO D 602 -22.46 -11.74 -28.23
CA PRO D 602 -21.95 -12.99 -28.81
C PRO D 602 -20.44 -12.99 -28.93
N GLY D 603 -19.88 -14.19 -29.02
CA GLY D 603 -18.47 -14.31 -29.32
C GLY D 603 -17.54 -13.70 -28.30
N GLN D 604 -17.80 -13.90 -27.00
CA GLN D 604 -16.83 -13.46 -26.00
C GLN D 604 -15.50 -14.18 -26.23
N SER D 605 -14.39 -13.42 -26.26
CA SER D 605 -13.10 -14.06 -26.58
C SER D 605 -12.54 -14.85 -25.40
N SER D 606 -13.11 -14.73 -24.21
CA SER D 606 -12.72 -15.61 -23.13
C SER D 606 -13.77 -15.52 -22.04
N PHE D 607 -13.66 -16.44 -21.09
CA PHE D 607 -14.29 -16.34 -19.79
C PHE D 607 -13.24 -16.56 -18.71
N LEU D 608 -13.56 -16.12 -17.50
CA LEU D 608 -12.79 -16.51 -16.32
C LEU D 608 -13.74 -17.10 -15.29
N ASN D 609 -13.32 -18.22 -14.68
CA ASN D 609 -14.15 -18.86 -13.66
C ASN D 609 -13.35 -19.12 -12.40
N ILE D 610 -14.04 -19.00 -11.25
CA ILE D 610 -13.52 -19.51 -9.99
C ILE D 610 -14.47 -20.61 -9.52
N GLU D 611 -14.88 -21.46 -10.45
CA GLU D 611 -15.76 -22.56 -10.08
C GLU D 611 -14.90 -23.70 -9.53
N LEU D 612 -15.49 -24.51 -8.66
CA LEU D 612 -14.83 -25.72 -8.18
C LEU D 612 -15.27 -26.92 -9.04
N ILE D 613 -15.00 -28.12 -8.56
CA ILE D 613 -15.51 -29.34 -9.21
C ILE D 613 -17.02 -29.43 -9.01
N SER D 614 -17.64 -30.54 -9.45
CA SER D 614 -19.10 -30.67 -9.39
C SER D 614 -19.60 -30.64 -7.95
N GLU D 615 -20.66 -29.87 -7.72
CA GLU D 615 -21.37 -29.95 -6.45
C GLU D 615 -22.25 -31.19 -6.33
N LYS D 616 -22.41 -31.98 -7.40
CA LYS D 616 -23.27 -33.16 -7.33
C LYS D 616 -22.43 -34.38 -6.97
N THR D 617 -23.10 -35.37 -6.36
CA THR D 617 -22.35 -36.43 -5.69
C THR D 617 -21.89 -37.49 -6.68
N ALA D 618 -20.88 -38.25 -6.27
CA ALA D 618 -20.44 -39.39 -7.08
C ALA D 618 -21.59 -40.34 -7.39
N ALA D 619 -22.52 -40.52 -6.45
CA ALA D 619 -23.66 -41.42 -6.68
C ALA D 619 -24.54 -40.91 -7.83
N TYR D 620 -24.84 -39.61 -7.84
CA TYR D 620 -25.56 -39.00 -8.96
C TYR D 620 -24.83 -39.22 -10.28
N TRP D 621 -23.53 -38.94 -10.31
CA TRP D 621 -22.78 -39.04 -11.56
C TRP D 621 -22.63 -40.48 -12.01
N CYS D 622 -22.39 -41.42 -11.09
CA CYS D 622 -22.26 -42.81 -11.49
C CYS D 622 -23.59 -43.36 -12.01
N GLN D 623 -24.68 -43.07 -11.31
CA GLN D 623 -25.99 -43.46 -11.83
C GLN D 623 -26.23 -42.81 -13.19
N SER D 624 -25.91 -41.51 -13.30
CA SER D 624 -26.09 -40.83 -14.58
C SER D 624 -25.28 -41.47 -15.71
N VAL D 625 -24.04 -41.87 -15.45
CA VAL D 625 -23.23 -42.50 -16.51
C VAL D 625 -23.89 -43.80 -16.98
N THR D 626 -24.39 -44.60 -16.03
CA THR D 626 -25.11 -45.82 -16.43
C THR D 626 -26.29 -45.51 -17.33
N GLU D 627 -27.11 -44.52 -16.94
CA GLU D 627 -28.26 -44.16 -17.77
C GLU D 627 -27.83 -43.69 -19.14
N LEU D 628 -26.84 -42.79 -19.20
CA LEU D 628 -26.40 -42.24 -20.46
C LEU D 628 -25.83 -43.32 -21.35
N LYS D 629 -25.04 -44.23 -20.78
CA LYS D 629 -24.46 -45.30 -21.60
C LYS D 629 -25.52 -46.32 -22.01
N ALA D 630 -26.54 -46.55 -21.17
CA ALA D 630 -27.67 -47.39 -21.60
C ALA D 630 -28.36 -46.79 -22.81
N ASP D 631 -28.61 -45.48 -22.79
CA ASP D 631 -29.42 -44.86 -23.83
C ASP D 631 -28.64 -44.37 -25.05
N PHE D 632 -27.32 -44.18 -24.92
CA PHE D 632 -26.50 -43.67 -26.01
C PHE D 632 -25.21 -44.49 -26.10
N PRO D 633 -25.32 -45.77 -26.46
CA PRO D 633 -24.13 -46.64 -26.45
C PRO D 633 -23.07 -46.26 -27.47
N ASP D 634 -23.41 -45.55 -28.56
CA ASP D 634 -22.43 -45.06 -29.52
C ASP D 634 -21.78 -43.73 -29.15
N ASN D 635 -22.35 -42.98 -28.19
CA ASN D 635 -21.73 -41.74 -27.73
C ASN D 635 -20.79 -42.06 -26.58
N ILE D 636 -19.57 -41.54 -26.64
CA ILE D 636 -18.57 -41.85 -25.63
C ILE D 636 -18.79 -40.97 -24.40
N VAL D 637 -18.81 -41.61 -23.22
CA VAL D 637 -18.99 -40.89 -21.96
C VAL D 637 -17.72 -41.08 -21.15
N ILE D 638 -17.08 -39.97 -20.81
CA ILE D 638 -15.84 -39.98 -20.04
C ILE D 638 -16.13 -39.38 -18.67
N ALA D 639 -15.81 -40.13 -17.61
CA ALA D 639 -16.04 -39.66 -16.26
C ALA D 639 -14.80 -38.89 -15.76
N SER D 640 -14.99 -37.64 -15.38
CA SER D 640 -13.89 -36.83 -14.84
C SER D 640 -13.94 -36.89 -13.33
N ILE D 641 -12.80 -37.18 -12.71
CA ILE D 641 -12.75 -37.46 -11.27
C ILE D 641 -11.57 -36.74 -10.64
N MET D 642 -11.71 -36.42 -9.36
CA MET D 642 -10.64 -35.76 -8.62
C MET D 642 -10.61 -36.26 -7.18
N CYS D 643 -9.42 -36.62 -6.72
CA CYS D 643 -9.15 -36.89 -5.31
C CYS D 643 -7.98 -36.04 -4.85
N SER D 644 -7.76 -36.03 -3.54
CA SER D 644 -6.50 -35.52 -3.03
C SER D 644 -5.40 -36.57 -3.25
N TYR D 645 -4.16 -36.18 -2.94
CA TYR D 645 -3.00 -37.05 -3.20
C TYR D 645 -3.03 -38.21 -2.20
N ASN D 646 -3.86 -39.20 -2.50
CA ASN D 646 -4.09 -40.31 -1.58
C ASN D 646 -4.38 -41.54 -2.44
N LYS D 647 -3.57 -42.59 -2.29
CA LYS D 647 -3.69 -43.75 -3.18
C LYS D 647 -5.05 -44.44 -3.06
N ASN D 648 -5.54 -44.62 -1.82
CA ASN D 648 -6.82 -45.30 -1.63
C ASN D 648 -7.97 -44.49 -2.22
N ASP D 649 -7.93 -43.17 -2.06
CA ASP D 649 -9.00 -42.33 -2.59
C ASP D 649 -9.10 -42.46 -4.11
N TRP D 650 -7.97 -42.35 -4.80
CA TRP D 650 -7.98 -42.39 -6.26
C TRP D 650 -8.40 -43.76 -6.76
N MET D 651 -7.99 -44.82 -6.08
CA MET D 651 -8.38 -46.14 -6.55
C MET D 651 -9.86 -46.38 -6.32
N GLU D 652 -10.38 -45.92 -5.19
CA GLU D 652 -11.80 -46.10 -4.91
C GLU D 652 -12.66 -45.37 -5.92
N LEU D 653 -12.36 -44.09 -6.18
CA LEU D 653 -13.25 -43.28 -7.01
C LEU D 653 -13.18 -43.71 -8.47
N SER D 654 -11.99 -44.09 -8.96
CA SER D 654 -11.88 -44.56 -10.35
C SER D 654 -12.63 -45.87 -10.55
N ARG D 655 -12.50 -46.83 -9.62
CA ARG D 655 -13.25 -48.08 -9.71
C ARG D 655 -14.74 -47.83 -9.69
N LYS D 656 -15.19 -46.88 -8.85
CA LYS D 656 -16.60 -46.54 -8.80
C LYS D 656 -17.06 -46.02 -10.15
N ALA D 657 -16.27 -45.14 -10.76
CA ALA D 657 -16.64 -44.58 -12.05
C ALA D 657 -16.56 -45.62 -13.15
N GLU D 658 -15.53 -46.47 -13.13
CA GLU D 658 -15.46 -47.57 -14.09
C GLU D 658 -16.70 -48.47 -13.97
N ALA D 659 -17.07 -48.82 -12.74
CA ALA D 659 -18.17 -49.75 -12.53
C ALA D 659 -19.47 -49.22 -13.12
N SER D 660 -19.64 -47.89 -13.14
CA SER D 660 -20.83 -47.25 -13.67
C SER D 660 -21.00 -47.39 -15.16
N GLY D 661 -19.94 -47.78 -15.89
CA GLY D 661 -20.02 -47.94 -17.32
C GLY D 661 -19.32 -46.88 -18.14
N ALA D 662 -18.55 -45.98 -17.51
CA ALA D 662 -17.78 -45.01 -18.27
C ALA D 662 -16.91 -45.70 -19.33
N ASP D 663 -16.87 -45.12 -20.54
CA ASP D 663 -15.94 -45.61 -21.55
C ASP D 663 -14.49 -45.33 -21.17
N ALA D 664 -14.25 -44.28 -20.39
CA ALA D 664 -12.90 -43.88 -20.03
C ALA D 664 -13.03 -42.92 -18.85
N LEU D 665 -11.89 -42.65 -18.20
CA LEU D 665 -11.78 -41.67 -17.14
C LEU D 665 -10.90 -40.51 -17.58
N GLU D 666 -11.22 -39.32 -17.08
CA GLU D 666 -10.34 -38.16 -17.13
C GLU D 666 -9.92 -37.80 -15.71
N LEU D 667 -8.63 -37.71 -15.46
CA LEU D 667 -8.14 -37.38 -14.13
C LEU D 667 -7.92 -35.88 -14.05
N ASN D 668 -8.70 -35.20 -13.22
CA ASN D 668 -8.51 -33.78 -12.99
C ASN D 668 -7.37 -33.59 -11.98
N LEU D 669 -6.31 -32.91 -12.40
CA LEU D 669 -5.10 -32.77 -11.60
C LEU D 669 -5.01 -31.42 -10.91
N SER D 670 -6.15 -30.83 -10.53
CA SER D 670 -6.24 -29.51 -9.91
C SER D 670 -6.11 -29.53 -8.40
N SER D 671 -5.96 -30.70 -7.78
CA SER D 671 -5.95 -30.76 -6.32
C SER D 671 -4.63 -30.21 -5.78
N PRO D 672 -4.66 -29.47 -4.66
CA PRO D 672 -3.49 -28.96 -3.94
C PRO D 672 -2.98 -29.92 -2.85
N GLY D 681 5.02 -26.08 -7.74
CA GLY D 681 3.70 -25.45 -7.73
C GLY D 681 2.79 -26.03 -6.68
N LEU D 682 1.56 -25.53 -6.62
CA LEU D 682 0.61 -25.95 -5.60
C LEU D 682 -0.22 -27.17 -6.00
N ALA D 683 -0.52 -27.32 -7.29
CA ALA D 683 -1.44 -28.34 -7.74
C ALA D 683 -0.69 -29.60 -8.13
N CYS D 684 -1.40 -30.72 -7.96
CA CYS D 684 -0.86 -32.03 -8.26
C CYS D 684 -0.33 -32.10 -9.69
N GLY D 685 -1.09 -31.55 -10.64
CA GLY D 685 -0.74 -31.56 -12.04
C GLY D 685 0.41 -30.65 -12.43
N GLN D 686 0.97 -29.91 -11.49
CA GLN D 686 2.16 -29.11 -11.74
C GLN D 686 3.45 -29.84 -11.40
N ASP D 687 3.36 -31.03 -10.83
CA ASP D 687 4.53 -31.80 -10.37
C ASP D 687 4.57 -33.16 -11.07
N PRO D 688 5.54 -33.42 -11.94
CA PRO D 688 5.54 -34.71 -12.66
C PRO D 688 5.59 -35.93 -11.77
N GLU D 689 6.26 -35.87 -10.62
CA GLU D 689 6.29 -37.05 -9.75
C GLU D 689 4.93 -37.35 -9.15
N LEU D 690 4.15 -36.32 -8.82
CA LEU D 690 2.80 -36.55 -8.31
C LEU D 690 1.89 -37.11 -9.39
N VAL D 691 1.99 -36.55 -10.60
CA VAL D 691 1.18 -37.01 -11.73
C VAL D 691 1.49 -38.46 -12.07
N ARG D 692 2.78 -38.82 -12.06
CA ARG D 692 3.14 -40.21 -12.35
C ARG D 692 2.54 -41.18 -11.34
N ASN D 693 2.55 -40.81 -10.06
CA ASN D 693 2.00 -41.69 -9.02
C ASN D 693 0.49 -41.76 -9.07
N ILE D 694 -0.18 -40.63 -9.31
CA ILE D 694 -1.64 -40.64 -9.42
C ILE D 694 -2.05 -41.58 -10.56
N CYS D 695 -1.38 -41.45 -11.71
CA CYS D 695 -1.70 -42.31 -12.84
C CYS D 695 -1.42 -43.77 -12.50
N ARG D 696 -0.30 -44.05 -11.83
CA ARG D 696 -0.03 -45.46 -11.48
C ARG D 696 -1.13 -46.02 -10.59
N TRP D 697 -1.58 -45.25 -9.60
CA TRP D 697 -2.67 -45.69 -8.73
C TRP D 697 -3.91 -46.03 -9.55
N VAL D 698 -4.33 -45.12 -10.45
CA VAL D 698 -5.54 -45.35 -11.23
C VAL D 698 -5.33 -46.50 -12.23
N ARG D 699 -4.17 -46.54 -12.90
CA ARG D 699 -3.91 -47.61 -13.86
C ARG D 699 -4.06 -48.98 -13.21
N GLN D 700 -3.65 -49.09 -11.96
CA GLN D 700 -3.73 -50.32 -11.20
C GLN D 700 -5.14 -50.60 -10.72
N ALA D 701 -5.99 -49.59 -10.64
CA ALA D 701 -7.35 -49.76 -10.16
C ALA D 701 -8.32 -50.19 -11.26
N VAL D 702 -8.16 -49.65 -12.47
CA VAL D 702 -9.18 -49.79 -13.52
C VAL D 702 -8.57 -50.41 -14.76
N GLN D 703 -9.44 -51.02 -15.55
CA GLN D 703 -9.04 -51.66 -16.81
C GLN D 703 -9.43 -50.82 -18.04
N ILE D 704 -10.31 -49.84 -17.88
CA ILE D 704 -10.70 -48.95 -18.98
C ILE D 704 -9.62 -47.90 -19.21
N PRO D 705 -9.58 -47.26 -20.38
CA PRO D 705 -8.59 -46.19 -20.59
C PRO D 705 -8.88 -44.99 -19.69
N PHE D 706 -7.83 -44.22 -19.41
CA PHE D 706 -7.99 -42.99 -18.66
C PHE D 706 -6.99 -41.96 -19.18
N PHE D 707 -7.34 -40.70 -19.04
CA PHE D 707 -6.56 -39.61 -19.59
C PHE D 707 -6.26 -38.60 -18.49
N ALA D 708 -5.02 -38.12 -18.45
CA ALA D 708 -4.65 -37.09 -17.48
C ALA D 708 -4.98 -35.73 -18.07
N LYS D 709 -5.72 -34.91 -17.33
CA LYS D 709 -6.03 -33.57 -17.81
C LYS D 709 -4.91 -32.63 -17.34
N LEU D 710 -4.12 -32.15 -18.28
CA LEU D 710 -2.94 -31.36 -17.95
C LEU D 710 -3.31 -29.89 -17.78
N THR D 711 -2.64 -29.24 -16.83
CA THR D 711 -2.72 -27.80 -16.68
C THR D 711 -1.68 -27.14 -17.58
N PRO D 712 -2.02 -26.02 -18.23
CA PRO D 712 -0.98 -25.27 -18.97
C PRO D 712 -0.11 -24.43 -18.08
N ASN D 713 -0.38 -24.36 -16.79
CA ASN D 713 0.34 -23.45 -15.90
C ASN D 713 1.59 -24.13 -15.35
N VAL D 714 2.49 -24.48 -16.29
CA VAL D 714 3.72 -25.20 -15.99
C VAL D 714 4.81 -24.74 -16.94
N THR D 715 6.05 -24.82 -16.48
CA THR D 715 7.19 -24.47 -17.31
C THR D 715 7.28 -25.39 -18.53
N ASP D 716 6.97 -26.67 -18.34
CA ASP D 716 7.19 -27.69 -19.38
C ASP D 716 6.07 -28.72 -19.31
N ILE D 717 5.05 -28.54 -20.13
CA ILE D 717 3.90 -29.43 -20.09
C ILE D 717 4.25 -30.82 -20.60
N VAL D 718 5.28 -30.92 -21.44
CA VAL D 718 5.70 -32.22 -21.94
C VAL D 718 6.16 -33.11 -20.80
N SER D 719 6.81 -32.52 -19.78
CA SER D 719 7.27 -33.34 -18.66
C SER D 719 6.09 -33.86 -17.83
N ILE D 720 4.98 -33.12 -17.76
CA ILE D 720 3.80 -33.66 -17.11
C ILE D 720 3.15 -34.76 -17.96
N ALA D 721 3.05 -34.52 -19.27
CA ALA D 721 2.46 -35.55 -20.15
C ALA D 721 3.29 -36.83 -20.12
N ARG D 722 4.62 -36.69 -20.21
CA ARG D 722 5.49 -37.85 -20.09
C ARG D 722 5.25 -38.60 -18.78
N ALA D 723 5.09 -37.87 -17.68
CA ALA D 723 4.88 -38.53 -16.41
C ALA D 723 3.56 -39.28 -16.39
N ALA D 724 2.52 -38.70 -17.01
CA ALA D 724 1.25 -39.40 -17.11
C ALA D 724 1.41 -40.69 -17.90
N LYS D 725 2.17 -40.62 -19.00
CA LYS D 725 2.42 -41.80 -19.81
C LYS D 725 3.20 -42.85 -19.03
N GLU D 726 4.25 -42.44 -18.32
CA GLU D 726 5.01 -43.38 -17.51
C GLU D 726 4.13 -44.05 -16.46
N GLY D 727 3.14 -43.34 -15.94
CA GLY D 727 2.23 -43.92 -14.98
C GLY D 727 1.14 -44.77 -15.57
N GLY D 728 1.05 -44.85 -16.89
CA GLY D 728 0.07 -45.69 -17.56
C GLY D 728 -1.15 -44.99 -18.11
N ALA D 729 -1.19 -43.67 -18.11
CA ALA D 729 -2.29 -43.00 -18.79
C ALA D 729 -2.29 -43.42 -20.26
N ASP D 730 -3.49 -43.63 -20.79
CA ASP D 730 -3.70 -43.96 -22.21
C ASP D 730 -3.67 -42.72 -23.09
N GLY D 731 -3.50 -41.56 -22.51
CA GLY D 731 -3.48 -40.31 -23.25
C GLY D 731 -3.55 -39.17 -22.27
N VAL D 732 -3.58 -37.94 -22.81
CA VAL D 732 -3.68 -36.75 -21.98
C VAL D 732 -4.68 -35.80 -22.60
N THR D 733 -5.36 -35.02 -21.76
CA THR D 733 -6.19 -33.92 -22.24
C THR D 733 -5.40 -32.62 -22.09
N ALA D 734 -5.22 -31.90 -23.20
CA ALA D 734 -4.48 -30.64 -23.16
C ALA D 734 -5.33 -29.54 -23.79
N THR D 735 -5.73 -28.54 -22.99
CA THR D 735 -5.34 -28.28 -21.61
C THR D 735 -6.49 -27.70 -20.80
N ASN D 736 -6.34 -27.73 -19.48
CA ASN D 736 -7.24 -27.03 -18.57
C ASN D 736 -7.01 -25.51 -18.73
N THR D 737 -7.64 -24.73 -17.85
CA THR D 737 -7.63 -23.28 -18.02
C THR D 737 -6.30 -22.64 -17.57
N VAL D 738 -6.10 -21.41 -18.01
CA VAL D 738 -4.87 -20.66 -17.76
C VAL D 738 -5.11 -19.76 -16.57
N SER D 739 -4.18 -19.79 -15.61
CA SER D 739 -4.32 -18.97 -14.41
C SER D 739 -4.34 -17.49 -14.80
N GLY D 740 -5.37 -16.76 -14.38
CA GLY D 740 -5.46 -15.38 -14.78
C GLY D 740 -6.28 -14.59 -13.79
N LEU D 741 -6.28 -13.27 -14.00
CA LEU D 741 -7.20 -12.36 -13.34
C LEU D 741 -7.82 -11.54 -14.44
N MET D 742 -9.14 -11.41 -14.45
CA MET D 742 -9.81 -10.72 -15.53
C MET D 742 -9.98 -9.24 -15.29
N GLY D 743 -9.59 -8.74 -14.14
CA GLY D 743 -9.45 -7.31 -14.00
C GLY D 743 -10.27 -6.75 -12.86
N LEU D 744 -10.29 -5.43 -12.81
CA LEU D 744 -10.69 -4.66 -11.66
C LEU D 744 -11.54 -3.51 -12.14
N LYS D 745 -12.52 -3.14 -11.33
CA LYS D 745 -13.20 -1.89 -11.62
C LYS D 745 -12.25 -0.73 -11.29
N ALA D 746 -12.65 0.47 -11.72
CA ALA D 746 -11.80 1.64 -11.52
C ALA D 746 -11.53 1.95 -10.06
N ASP D 747 -12.41 1.53 -9.14
CA ASP D 747 -12.17 1.75 -7.72
C ASP D 747 -11.36 0.63 -7.09
N GLY D 748 -10.81 -0.27 -7.88
CA GLY D 748 -9.98 -1.34 -7.37
C GLY D 748 -10.69 -2.63 -7.01
N THR D 749 -12.01 -2.68 -7.04
CA THR D 749 -12.64 -3.94 -6.68
C THR D 749 -12.62 -4.93 -7.86
N PRO D 750 -12.50 -6.23 -7.59
CA PRO D 750 -12.33 -7.20 -8.65
C PRO D 750 -13.67 -7.67 -9.23
N TRP D 751 -13.57 -8.42 -10.33
CA TRP D 751 -14.71 -9.10 -10.91
C TRP D 751 -14.24 -10.47 -11.38
N PRO D 752 -14.79 -11.56 -10.82
CA PRO D 752 -15.89 -11.64 -9.84
C PRO D 752 -15.56 -11.02 -8.49
N ALA D 753 -16.55 -10.48 -7.78
CA ALA D 753 -16.37 -10.04 -6.40
C ALA D 753 -17.39 -10.79 -5.54
N VAL D 754 -16.89 -11.52 -4.53
CA VAL D 754 -17.70 -12.44 -3.74
C VAL D 754 -17.93 -11.83 -2.36
N GLY D 755 -19.18 -11.79 -1.95
CA GLY D 755 -19.52 -11.36 -0.61
C GLY D 755 -19.38 -9.86 -0.40
N ALA D 756 -19.74 -9.44 0.81
CA ALA D 756 -19.65 -8.02 1.18
C ALA D 756 -18.22 -7.52 1.12
N GLY D 757 -17.22 -8.36 1.42
CA GLY D 757 -15.83 -7.94 1.33
C GLY D 757 -15.32 -7.79 -0.09
N LYS D 758 -16.14 -8.14 -1.08
CA LYS D 758 -15.80 -8.05 -2.51
C LYS D 758 -14.46 -8.69 -2.81
N ARG D 759 -14.34 -9.95 -2.43
CA ARG D 759 -13.10 -10.68 -2.55
C ARG D 759 -13.11 -11.50 -3.83
N THR D 760 -11.90 -11.85 -4.29
CA THR D 760 -11.78 -12.81 -5.38
C THR D 760 -10.53 -13.65 -5.15
N THR D 761 -10.37 -14.69 -5.97
CA THR D 761 -9.13 -15.45 -6.01
C THR D 761 -8.67 -15.57 -7.46
N TYR D 762 -7.51 -16.17 -7.68
CA TYR D 762 -7.07 -16.35 -9.05
C TYR D 762 -7.99 -17.34 -9.77
N GLY D 763 -8.32 -17.04 -11.02
CA GLY D 763 -9.29 -17.81 -11.77
C GLY D 763 -8.65 -18.50 -12.96
N GLY D 764 -9.49 -19.24 -13.68
CA GLY D 764 -9.08 -19.95 -14.88
C GLY D 764 -9.65 -19.25 -16.12
N VAL D 765 -8.76 -18.93 -17.04
CA VAL D 765 -9.14 -18.33 -18.32
C VAL D 765 -9.39 -19.44 -19.33
N SER D 766 -10.51 -19.34 -20.06
CA SER D 766 -10.89 -20.29 -21.10
C SER D 766 -11.24 -19.53 -22.37
N GLY D 767 -11.47 -20.26 -23.46
CA GLY D 767 -11.95 -19.64 -24.68
C GLY D 767 -10.84 -19.30 -25.66
N THR D 768 -11.24 -18.57 -26.71
CA THR D 768 -10.33 -18.42 -27.86
C THR D 768 -9.05 -17.66 -27.47
N ALA D 769 -9.08 -16.80 -26.45
CA ALA D 769 -7.85 -16.11 -26.05
C ALA D 769 -6.75 -17.07 -25.56
N ILE D 770 -7.11 -18.27 -25.10
CA ILE D 770 -6.08 -19.23 -24.69
C ILE D 770 -5.75 -20.22 -25.80
N ARG D 771 -6.38 -20.12 -26.97
CA ARG D 771 -6.10 -21.06 -28.05
C ARG D 771 -4.64 -21.14 -28.44
N PRO D 772 -3.88 -20.03 -28.54
CA PRO D 772 -2.44 -20.17 -28.85
C PRO D 772 -1.69 -21.01 -27.83
N ILE D 773 -2.10 -20.94 -26.56
CA ILE D 773 -1.43 -21.71 -25.52
C ILE D 773 -1.77 -23.19 -25.65
N ALA D 774 -3.05 -23.48 -25.90
CA ALA D 774 -3.48 -24.87 -26.07
C ALA D 774 -2.91 -25.46 -27.36
N LEU D 775 -2.81 -24.67 -28.44
CA LEU D 775 -2.22 -25.22 -29.67
C LEU D 775 -0.75 -25.53 -29.47
N ARG D 776 -0.03 -24.67 -28.77
CA ARG D 776 1.37 -24.94 -28.47
C ARG D 776 1.52 -26.19 -27.62
N ALA D 777 0.69 -26.34 -26.59
CA ALA D 777 0.75 -27.51 -25.74
C ALA D 777 0.53 -28.81 -26.52
N VAL D 778 -0.55 -28.86 -27.33
CA VAL D 778 -0.85 -30.05 -28.13
C VAL D 778 0.31 -30.38 -29.06
N THR D 779 0.83 -29.38 -29.78
CA THR D 779 1.91 -29.65 -30.74
C THR D 779 3.19 -30.13 -30.04
N THR D 780 3.55 -29.55 -28.88
CA THR D 780 4.79 -29.98 -28.23
C THR D 780 4.66 -31.41 -27.74
N ILE D 781 3.51 -31.73 -27.13
CA ILE D 781 3.25 -33.10 -26.69
C ILE D 781 3.25 -34.03 -27.89
N ALA D 782 2.59 -33.64 -28.98
CA ALA D 782 2.54 -34.56 -30.10
C ALA D 782 3.92 -34.78 -30.70
N ARG D 783 4.78 -33.76 -30.70
CA ARG D 783 6.13 -33.93 -31.21
C ARG D 783 6.99 -34.77 -30.27
N ALA D 784 6.81 -34.61 -28.96
CA ALA D 784 7.66 -35.32 -28.02
C ALA D 784 7.19 -36.75 -27.73
N LEU D 785 5.90 -37.05 -27.90
CA LEU D 785 5.37 -38.38 -27.62
C LEU D 785 4.52 -38.86 -28.80
N PRO D 786 5.15 -39.16 -29.93
CA PRO D 786 4.39 -39.43 -31.16
C PRO D 786 3.41 -40.58 -30.99
N GLY D 787 2.17 -40.37 -31.41
CA GLY D 787 1.16 -41.38 -31.34
C GLY D 787 0.37 -41.42 -30.05
N PHE D 788 0.87 -40.78 -29.00
CA PHE D 788 0.20 -40.72 -27.70
C PHE D 788 -1.12 -39.96 -27.82
N PRO D 789 -2.26 -40.56 -27.50
CA PRO D 789 -3.54 -39.87 -27.73
C PRO D 789 -3.61 -38.53 -26.99
N ILE D 790 -4.04 -37.50 -27.72
CA ILE D 790 -4.28 -36.16 -27.15
C ILE D 790 -5.73 -35.78 -27.41
N LEU D 791 -6.45 -35.42 -26.34
CA LEU D 791 -7.75 -34.75 -26.42
C LEU D 791 -7.51 -33.25 -26.23
N ALA D 792 -7.80 -32.45 -27.26
CA ALA D 792 -7.55 -31.02 -27.21
C ALA D 792 -8.70 -30.26 -26.57
N THR D 793 -8.37 -29.24 -25.78
CA THR D 793 -9.38 -28.30 -25.29
C THR D 793 -8.69 -26.94 -25.20
N GLY D 794 -9.43 -25.89 -25.52
CA GLY D 794 -8.84 -24.59 -25.35
C GLY D 794 -9.12 -23.71 -26.53
N GLY D 795 -10.32 -23.13 -26.55
CA GLY D 795 -10.69 -22.20 -27.59
C GLY D 795 -11.18 -22.81 -28.88
N ILE D 796 -11.63 -24.06 -28.87
CA ILE D 796 -12.18 -24.67 -30.08
C ILE D 796 -13.61 -24.16 -30.23
N ASP D 797 -13.90 -23.49 -31.36
CA ASP D 797 -15.21 -22.88 -31.52
C ASP D 797 -15.71 -22.98 -32.95
N SER D 798 -15.19 -23.94 -33.73
CA SER D 798 -15.54 -24.09 -35.13
C SER D 798 -14.87 -25.35 -35.67
N ALA D 799 -15.41 -25.85 -36.79
CA ALA D 799 -14.71 -26.93 -37.46
C ALA D 799 -13.32 -26.51 -37.91
N GLU D 800 -13.19 -25.29 -38.44
CA GLU D 800 -11.87 -24.75 -38.80
C GLU D 800 -10.89 -24.85 -37.64
N SER D 801 -11.25 -24.28 -36.48
CA SER D 801 -10.30 -24.31 -35.36
C SER D 801 -10.11 -25.73 -34.86
N GLY D 802 -11.16 -26.56 -34.90
CA GLY D 802 -10.98 -27.96 -34.55
C GLY D 802 -9.95 -28.65 -35.43
N LEU D 803 -10.01 -28.40 -36.74
CA LEU D 803 -9.06 -29.03 -37.65
C LEU D 803 -7.62 -28.55 -37.40
N GLN D 804 -7.45 -27.32 -36.90
CA GLN D 804 -6.10 -26.90 -36.52
C GLN D 804 -5.57 -27.80 -35.40
N PHE D 805 -6.41 -28.13 -34.42
CA PHE D 805 -5.95 -29.00 -33.35
C PHE D 805 -5.71 -30.43 -33.85
N LEU D 806 -6.54 -30.92 -34.77
CA LEU D 806 -6.30 -32.24 -35.34
C LEU D 806 -4.97 -32.26 -36.11
N HIS D 807 -4.75 -31.25 -36.97
CA HIS D 807 -3.46 -31.12 -37.64
C HIS D 807 -2.29 -31.01 -36.66
N SER D 808 -2.53 -30.45 -35.48
CA SER D 808 -1.49 -30.34 -34.47
C SER D 808 -1.25 -31.64 -33.68
N GLY D 809 -2.03 -32.69 -33.89
CA GLY D 809 -1.81 -33.96 -33.21
C GLY D 809 -2.92 -34.46 -32.31
N ALA D 810 -3.97 -33.68 -32.04
CA ALA D 810 -5.07 -34.19 -31.25
C ALA D 810 -5.94 -35.12 -32.08
N SER D 811 -6.59 -36.06 -31.40
CA SER D 811 -7.52 -36.97 -32.06
C SER D 811 -8.97 -36.59 -31.87
N VAL D 812 -9.32 -36.01 -30.72
CA VAL D 812 -10.66 -35.51 -30.44
C VAL D 812 -10.54 -34.13 -29.81
N LEU D 813 -11.69 -33.45 -29.77
CA LEU D 813 -11.78 -32.02 -29.57
C LEU D 813 -12.84 -31.72 -28.53
N GLN D 814 -12.43 -31.16 -27.39
CA GLN D 814 -13.40 -30.82 -26.35
C GLN D 814 -13.71 -29.33 -26.40
N VAL D 815 -14.94 -28.99 -26.06
CA VAL D 815 -15.45 -27.64 -26.21
C VAL D 815 -16.14 -27.24 -24.91
N CYS D 816 -15.86 -26.02 -24.43
CA CYS D 816 -16.68 -25.48 -23.33
C CYS D 816 -17.21 -24.09 -23.69
N SER D 817 -16.29 -23.14 -23.87
CA SER D 817 -16.65 -21.73 -23.95
C SER D 817 -17.49 -21.40 -25.18
N ALA D 818 -17.26 -22.09 -26.29
CA ALA D 818 -18.10 -21.88 -27.47
C ALA D 818 -19.57 -22.25 -27.20
N VAL D 819 -19.81 -23.23 -26.31
CA VAL D 819 -21.18 -23.52 -25.91
C VAL D 819 -21.69 -22.47 -24.94
N GLN D 820 -20.84 -22.03 -24.00
CA GLN D 820 -21.25 -20.96 -23.09
C GLN D 820 -21.64 -19.71 -23.87
N ASN D 821 -20.95 -19.45 -24.98
CA ASN D 821 -21.26 -18.33 -25.87
C ASN D 821 -22.50 -18.58 -26.73
N GLN D 822 -23.05 -19.79 -26.72
CA GLN D 822 -24.12 -20.12 -27.64
C GLN D 822 -25.02 -21.16 -27.03
N ASP D 823 -24.95 -22.41 -27.51
CA ASP D 823 -25.82 -23.49 -27.06
C ASP D 823 -25.36 -24.78 -27.71
N PHE D 824 -26.02 -25.89 -27.38
CA PHE D 824 -25.55 -27.19 -27.84
C PHE D 824 -25.61 -27.36 -29.35
N THR D 825 -26.43 -26.58 -30.05
CA THR D 825 -26.64 -26.89 -31.47
C THR D 825 -25.47 -26.50 -32.36
N VAL D 826 -24.43 -25.84 -31.84
CA VAL D 826 -23.23 -25.59 -32.63
C VAL D 826 -22.62 -26.90 -33.13
N ILE D 827 -22.94 -28.02 -32.50
CA ILE D 827 -22.44 -29.31 -32.99
C ILE D 827 -22.81 -29.55 -34.45
N GLN D 828 -23.98 -29.09 -34.87
CA GLN D 828 -24.35 -29.29 -36.26
C GLN D 828 -23.47 -28.47 -37.20
N ASP D 829 -23.16 -27.23 -36.80
CA ASP D 829 -22.17 -26.44 -37.51
C ASP D 829 -20.82 -27.15 -37.56
N TYR D 830 -20.40 -27.68 -36.40
CA TYR D 830 -19.06 -28.28 -36.33
C TYR D 830 -18.94 -29.48 -37.26
N CYS D 831 -19.98 -30.33 -37.31
CA CYS D 831 -19.89 -31.56 -38.10
C CYS D 831 -19.95 -31.26 -39.58
N THR D 832 -20.93 -30.45 -40.01
CA THR D 832 -21.03 -30.11 -41.42
C THR D 832 -19.80 -29.35 -41.88
N GLY D 833 -19.23 -28.55 -40.98
CA GLY D 833 -18.03 -27.81 -41.33
C GLY D 833 -16.83 -28.71 -41.53
N LEU D 834 -16.67 -29.72 -40.68
CA LEU D 834 -15.56 -30.65 -40.84
C LEU D 834 -15.74 -31.53 -42.07
N LYS D 835 -16.97 -32.01 -42.31
CA LYS D 835 -17.24 -32.71 -43.55
C LYS D 835 -16.84 -31.87 -44.75
N ALA D 836 -17.20 -30.58 -44.74
CA ALA D 836 -16.91 -29.73 -45.88
C ALA D 836 -15.41 -29.52 -46.05
N LEU D 837 -14.70 -29.21 -44.96
CA LEU D 837 -13.24 -29.05 -45.05
C LEU D 837 -12.57 -30.31 -45.62
N LEU D 838 -13.00 -31.49 -45.19
CA LEU D 838 -12.37 -32.71 -45.71
C LEU D 838 -12.77 -32.96 -47.17
N TYR D 839 -14.05 -32.73 -47.50
CA TYR D 839 -14.50 -32.94 -48.88
C TYR D 839 -13.74 -32.04 -49.84
N LEU D 840 -13.53 -30.77 -49.46
CA LEU D 840 -12.88 -29.81 -50.36
C LEU D 840 -11.42 -30.16 -50.61
N LYS D 841 -10.78 -30.88 -49.71
CA LYS D 841 -9.41 -31.30 -49.96
C LYS D 841 -9.32 -32.24 -51.15
N SER D 842 -10.42 -32.90 -51.54
CA SER D 842 -10.39 -33.82 -52.66
C SER D 842 -10.65 -33.14 -54.00
N ILE D 843 -11.01 -31.87 -53.99
CA ILE D 843 -11.46 -31.13 -55.17
C ILE D 843 -10.30 -30.34 -55.75
N GLU D 844 -9.78 -30.81 -56.88
CA GLU D 844 -8.56 -30.21 -57.41
C GLU D 844 -8.78 -28.77 -57.83
N GLU D 845 -9.97 -28.45 -58.34
CA GLU D 845 -10.27 -27.11 -58.84
C GLU D 845 -10.28 -26.04 -57.74
N LEU D 846 -10.35 -26.41 -56.47
CA LEU D 846 -10.47 -25.48 -55.35
C LEU D 846 -9.21 -25.47 -54.50
N GLN D 847 -8.10 -26.00 -55.02
CA GLN D 847 -6.86 -26.08 -54.27
C GLN D 847 -6.37 -24.70 -53.84
N GLY D 848 -6.70 -23.66 -54.59
CA GLY D 848 -6.30 -22.30 -54.20
C GLY D 848 -7.12 -21.71 -53.07
N TRP D 849 -8.15 -22.40 -52.60
CA TRP D 849 -8.91 -21.90 -51.47
C TRP D 849 -8.20 -22.21 -50.15
N ASP D 850 -8.48 -21.41 -49.13
CA ASP D 850 -8.05 -21.73 -47.77
C ASP D 850 -9.26 -22.30 -47.05
N GLY D 851 -9.33 -23.61 -46.96
CA GLY D 851 -10.53 -24.26 -46.45
C GLY D 851 -11.73 -23.85 -47.28
N GLN D 852 -12.74 -23.27 -46.64
CA GLN D 852 -13.95 -22.84 -47.32
C GLN D 852 -13.89 -21.40 -47.83
N SER D 853 -12.75 -20.71 -47.72
CA SER D 853 -12.64 -19.33 -48.20
C SER D 853 -12.08 -19.32 -49.62
N PRO D 854 -12.78 -18.73 -50.58
CA PRO D 854 -12.20 -18.57 -51.92
C PRO D 854 -10.96 -17.68 -51.87
N GLY D 855 -10.11 -17.82 -52.87
CA GLY D 855 -9.05 -16.84 -53.07
C GLY D 855 -9.66 -15.46 -53.17
N THR D 856 -9.23 -14.52 -52.31
CA THR D 856 -9.73 -13.16 -52.38
C THR D 856 -9.35 -12.54 -53.71
N GLU D 857 -10.31 -11.85 -54.34
CA GLU D 857 -10.06 -11.10 -55.56
C GLU D 857 -10.35 -9.62 -55.29
N SER D 858 -9.90 -8.76 -56.21
CA SER D 858 -9.97 -7.33 -55.98
C SER D 858 -11.42 -6.86 -55.86
N HIS D 859 -11.73 -6.21 -54.74
CA HIS D 859 -13.09 -5.80 -54.41
C HIS D 859 -13.07 -4.45 -53.71
N GLN D 860 -14.21 -3.76 -53.80
CA GLN D 860 -14.52 -2.62 -52.95
C GLN D 860 -15.98 -2.76 -52.53
N LYS D 861 -16.22 -2.69 -51.22
CA LYS D 861 -17.52 -3.03 -50.63
C LYS D 861 -18.01 -4.38 -51.11
N GLY D 862 -17.09 -5.35 -51.18
CA GLY D 862 -17.46 -6.71 -51.56
C GLY D 862 -18.02 -6.86 -52.96
N LYS D 863 -17.74 -5.91 -53.85
CA LYS D 863 -18.09 -6.03 -55.24
C LYS D 863 -16.81 -6.01 -56.07
N PRO D 864 -16.71 -6.85 -57.10
CA PRO D 864 -15.46 -6.91 -57.88
C PRO D 864 -15.12 -5.59 -58.55
N VAL D 865 -13.84 -5.26 -58.53
CA VAL D 865 -13.33 -4.08 -59.25
C VAL D 865 -13.35 -4.37 -60.75
N PRO D 866 -13.86 -3.46 -61.59
CA PRO D 866 -13.90 -3.74 -63.03
C PRO D 866 -12.49 -3.94 -63.57
N ARG D 867 -12.30 -4.97 -64.37
CA ARG D 867 -11.01 -5.21 -65.01
C ARG D 867 -10.94 -4.37 -66.29
N ILE D 868 -10.49 -3.13 -66.13
CA ILE D 868 -10.39 -2.18 -67.23
C ILE D 868 -8.97 -1.62 -67.22
N ALA D 869 -8.37 -1.50 -68.40
CA ALA D 869 -6.98 -1.04 -68.49
C ALA D 869 -6.84 0.39 -67.98
N GLU D 870 -7.76 1.28 -68.37
CA GLU D 870 -7.67 2.69 -68.03
C GLU D 870 -7.88 2.98 -66.54
N LEU D 871 -8.33 2.01 -65.74
CA LEU D 871 -8.52 2.18 -64.30
C LEU D 871 -7.34 1.71 -63.46
N MET D 872 -6.43 0.94 -64.03
CA MET D 872 -5.41 0.22 -63.26
C MET D 872 -4.01 0.70 -63.59
N GLY D 873 -3.19 0.81 -62.55
CA GLY D 873 -1.92 1.48 -62.63
C GLY D 873 -2.02 2.99 -62.62
N LYS D 874 -3.24 3.54 -62.55
CA LYS D 874 -3.46 4.97 -62.69
C LYS D 874 -3.63 5.69 -61.36
N LYS D 875 -3.54 4.99 -60.23
CA LYS D 875 -3.51 5.64 -58.92
C LYS D 875 -4.78 6.47 -58.68
N LEU D 876 -5.94 5.83 -58.89
CA LEU D 876 -7.23 6.48 -58.68
C LEU D 876 -7.92 5.84 -57.48
N PRO D 877 -7.80 6.41 -56.28
CA PRO D 877 -8.58 5.91 -55.15
C PRO D 877 -10.07 6.18 -55.36
N ASN D 878 -10.88 5.61 -54.45
CA ASN D 878 -12.33 5.66 -54.57
C ASN D 878 -12.97 6.81 -53.80
N PHE D 879 -12.50 8.04 -54.02
CA PHE D 879 -13.07 9.21 -53.37
C PHE D 879 -12.74 10.45 -54.18
N GLY D 880 -13.50 11.53 -53.95
CA GLY D 880 -13.20 12.83 -54.50
C GLY D 880 -13.14 12.86 -56.02
N PRO D 881 -12.26 13.69 -56.57
CA PRO D 881 -12.15 13.77 -58.04
C PRO D 881 -11.75 12.46 -58.67
N TYR D 882 -10.97 11.64 -57.95
CA TYR D 882 -10.53 10.37 -58.52
C TYR D 882 -11.70 9.42 -58.70
N LEU D 883 -12.70 9.48 -57.83
CA LEU D 883 -13.87 8.62 -57.96
C LEU D 883 -14.70 8.99 -59.19
N GLU D 884 -14.92 10.29 -59.39
CA GLU D 884 -15.51 10.83 -60.60
C GLU D 884 -14.84 10.26 -61.85
N GLN D 885 -13.50 10.28 -61.87
CA GLN D 885 -12.78 9.80 -63.05
C GLN D 885 -12.94 8.30 -63.21
N ARG D 886 -13.00 7.55 -62.11
CA ARG D 886 -13.28 6.12 -62.19
C ARG D 886 -14.68 5.86 -62.75
N LYS D 887 -15.66 6.68 -62.35
CA LYS D 887 -17.04 6.54 -62.86
C LYS D 887 -17.10 6.83 -64.36
N LYS D 888 -16.51 7.97 -64.76
CA LYS D 888 -16.43 8.32 -66.18
C LYS D 888 -15.75 7.22 -66.98
N ILE D 889 -14.69 6.62 -66.42
CA ILE D 889 -13.99 5.53 -67.11
C ILE D 889 -14.87 4.29 -67.21
N ILE D 890 -15.53 3.93 -66.11
CA ILE D 890 -16.42 2.76 -66.14
C ILE D 890 -17.55 2.98 -67.12
N ALA D 891 -18.15 4.18 -67.12
CA ALA D 891 -19.29 4.45 -68.00
C ALA D 891 -18.91 4.36 -69.48
N GLU D 892 -17.71 4.84 -69.83
CA GLU D 892 -17.27 4.78 -71.22
C GLU D 892 -17.00 3.34 -71.64
N GLU D 893 -16.50 2.52 -70.73
CA GLU D 893 -16.29 1.11 -71.02
C GLU D 893 -17.62 0.39 -71.22
N LYS D 894 -18.65 0.76 -70.44
CA LYS D 894 -19.99 0.20 -70.63
C LYS D 894 -20.55 0.55 -72.00
N MET D 895 -20.41 1.82 -72.39
CA MET D 895 -20.79 2.24 -73.74
C MET D 895 -20.04 1.46 -74.81
N ARG D 896 -18.80 1.08 -74.53
CA ARG D 896 -17.94 0.37 -75.48
C ARG D 896 -18.22 -1.13 -75.51
N LEU D 897 -18.74 -1.69 -74.41
CA LEU D 897 -19.20 -3.09 -74.41
C LEU D 897 -20.53 -3.26 -75.13
N LYS D 898 -21.35 -2.20 -75.14
CA LYS D 898 -22.50 -2.17 -76.06
C LYS D 898 -22.05 -2.23 -77.51
N GLU D 899 -20.91 -1.60 -77.82
CA GLU D 899 -20.48 -1.39 -79.20
C GLU D 899 -19.35 -2.34 -79.60
N GLN D 900 -19.44 -3.59 -79.16
CA GLN D 900 -18.52 -4.62 -79.65
C GLN D 900 -19.25 -5.96 -79.50
N ASN D 901 -18.47 -7.04 -79.44
CA ASN D 901 -18.94 -8.39 -79.74
C ASN D 901 -19.69 -9.07 -78.60
N ALA D 902 -19.76 -8.44 -77.41
CA ALA D 902 -20.18 -9.05 -76.15
C ALA D 902 -21.40 -9.98 -76.24
N ALA D 903 -21.13 -11.28 -76.40
CA ALA D 903 -22.19 -12.26 -76.57
C ALA D 903 -21.73 -13.70 -76.37
N PHE D 904 -21.67 -14.16 -75.13
CA PHE D 904 -21.40 -15.58 -74.92
C PHE D 904 -22.03 -16.05 -73.61
N PRO D 905 -23.08 -16.86 -73.68
CA PRO D 905 -23.68 -17.40 -72.46
C PRO D 905 -22.64 -18.17 -71.66
N PRO D 906 -22.82 -18.26 -70.34
CA PRO D 906 -21.77 -18.86 -69.51
C PRO D 906 -21.57 -20.33 -69.83
N LEU D 907 -20.33 -20.78 -69.63
CA LEU D 907 -20.05 -22.20 -69.48
C LEU D 907 -21.10 -22.81 -68.56
N GLU D 908 -21.67 -23.93 -68.99
CA GLU D 908 -22.69 -24.55 -68.14
C GLU D 908 -22.02 -25.34 -67.05
N ARG D 909 -22.62 -25.30 -65.85
CA ARG D 909 -21.98 -25.87 -64.67
C ARG D 909 -21.79 -27.37 -64.80
N LYS D 910 -20.57 -27.79 -64.98
CA LYS D 910 -20.31 -29.16 -64.58
C LYS D 910 -19.90 -29.16 -63.11
N PRO D 911 -20.53 -29.98 -62.25
CA PRO D 911 -20.05 -30.07 -60.86
C PRO D 911 -18.62 -30.58 -60.85
N PHE D 912 -17.83 -30.04 -59.93
CA PHE D 912 -16.51 -30.61 -59.70
C PHE D 912 -16.64 -31.99 -59.05
N ILE D 913 -15.77 -32.90 -59.47
CA ILE D 913 -15.74 -34.27 -58.98
C ILE D 913 -14.51 -34.44 -58.11
N PRO D 914 -14.58 -35.12 -56.97
CA PRO D 914 -13.34 -35.46 -56.26
C PRO D 914 -12.36 -36.16 -57.20
N LYS D 915 -11.09 -35.76 -57.12
CA LYS D 915 -10.01 -36.39 -57.90
C LYS D 915 -8.96 -37.02 -57.01
N LYS D 916 -9.21 -37.12 -55.72
CA LYS D 916 -8.48 -37.99 -54.82
C LYS D 916 -9.45 -38.44 -53.74
N PRO D 917 -9.08 -39.44 -52.94
CA PRO D 917 -9.98 -39.83 -51.85
C PRO D 917 -10.17 -38.69 -50.86
N ILE D 918 -11.35 -38.66 -50.26
CA ILE D 918 -11.66 -37.76 -49.16
C ILE D 918 -10.84 -38.22 -47.96
N PRO D 919 -9.97 -37.39 -47.39
CA PRO D 919 -9.22 -37.81 -46.20
C PRO D 919 -10.16 -38.15 -45.06
N ALA D 920 -9.81 -39.16 -44.28
CA ALA D 920 -10.49 -39.40 -43.01
C ALA D 920 -9.75 -38.64 -41.90
N ILE D 921 -10.34 -38.59 -40.71
CA ILE D 921 -9.69 -37.87 -39.61
C ILE D 921 -8.28 -38.41 -39.39
N LYS D 922 -8.13 -39.74 -39.36
CA LYS D 922 -6.81 -40.34 -39.15
C LYS D 922 -5.80 -39.90 -40.20
N ASP D 923 -6.25 -39.47 -41.38
CA ASP D 923 -5.34 -39.02 -42.42
C ASP D 923 -4.85 -37.59 -42.21
N VAL D 924 -5.52 -36.80 -41.37
CA VAL D 924 -5.08 -35.43 -41.16
C VAL D 924 -4.37 -35.23 -39.83
N ILE D 925 -4.50 -36.16 -38.88
CA ILE D 925 -3.93 -35.94 -37.56
C ILE D 925 -2.42 -35.79 -37.67
N GLY D 926 -1.90 -34.68 -37.13
CA GLY D 926 -0.47 -34.47 -37.01
C GLY D 926 0.23 -33.95 -38.24
N LYS D 927 -0.49 -33.68 -39.34
CA LYS D 927 0.17 -33.29 -40.58
C LYS D 927 0.90 -31.96 -40.46
N ALA D 928 0.50 -31.10 -39.52
CA ALA D 928 1.14 -29.79 -39.35
C ALA D 928 2.51 -29.87 -38.68
N LEU D 929 2.79 -30.96 -37.95
CA LEU D 929 4.04 -31.06 -37.20
C LEU D 929 5.26 -30.98 -38.11
N GLN D 930 5.14 -31.42 -39.36
CA GLN D 930 6.27 -31.34 -40.28
C GLN D 930 6.77 -29.91 -40.46
N TYR D 931 5.89 -28.91 -40.30
CA TYR D 931 6.29 -27.53 -40.49
C TYR D 931 6.89 -26.89 -39.24
N LEU D 932 6.80 -27.56 -38.09
CA LEU D 932 7.26 -27.00 -36.83
C LEU D 932 8.68 -27.45 -36.54
N GLY D 933 9.49 -26.51 -36.08
CA GLY D 933 10.82 -26.85 -35.66
C GLY D 933 11.42 -25.76 -34.81
N THR D 934 12.73 -25.85 -34.61
CA THR D 934 13.47 -24.81 -33.92
C THR D 934 13.53 -23.54 -34.75
N PHE D 935 13.99 -22.45 -34.12
CA PHE D 935 14.25 -21.24 -34.88
C PHE D 935 15.39 -21.44 -35.87
N GLY D 936 16.41 -22.21 -35.47
CA GLY D 936 17.55 -22.43 -36.36
C GLY D 936 17.18 -23.11 -37.66
N GLU D 937 16.01 -23.75 -37.71
CA GLU D 937 15.53 -24.45 -38.90
C GLU D 937 14.74 -23.56 -39.83
N LEU D 938 14.52 -22.30 -39.46
CA LEU D 938 13.88 -21.33 -40.36
C LEU D 938 14.94 -20.69 -41.25
N SER D 939 14.60 -20.51 -42.52
CA SER D 939 15.54 -19.90 -43.46
C SER D 939 15.57 -18.37 -43.29
N ASN D 940 16.77 -17.80 -43.17
CA ASN D 940 16.93 -16.34 -43.17
C ASN D 940 17.45 -15.81 -44.50
N ILE D 941 17.59 -16.67 -45.52
CA ILE D 941 17.90 -16.20 -46.87
C ILE D 941 16.62 -15.91 -47.65
N GLU D 942 15.55 -16.66 -47.38
CA GLU D 942 14.28 -16.50 -48.07
C GLU D 942 13.46 -15.44 -47.35
N GLN D 943 13.81 -14.19 -47.57
CA GLN D 943 13.12 -13.09 -46.91
C GLN D 943 11.96 -12.63 -47.78
N VAL D 944 11.01 -11.92 -47.17
CA VAL D 944 9.84 -11.45 -47.90
C VAL D 944 9.71 -9.94 -47.73
N VAL D 945 8.92 -9.32 -48.60
CA VAL D 945 8.51 -7.93 -48.44
C VAL D 945 7.00 -7.83 -48.60
N ALA D 946 6.44 -6.75 -48.05
CA ALA D 946 5.03 -6.45 -48.20
C ALA D 946 4.76 -5.82 -49.56
N VAL D 947 3.60 -6.14 -50.14
CA VAL D 947 3.17 -5.48 -51.38
C VAL D 947 1.66 -5.22 -51.25
N ILE D 948 1.24 -4.02 -51.61
CA ILE D 948 -0.12 -3.57 -51.34
C ILE D 948 -0.90 -3.55 -52.64
N ASP D 949 -2.07 -4.18 -52.65
CA ASP D 949 -2.98 -4.13 -53.79
C ASP D 949 -3.80 -2.85 -53.68
N GLU D 950 -3.41 -1.83 -54.44
CA GLU D 950 -4.06 -0.54 -54.36
C GLU D 950 -5.54 -0.58 -54.69
N GLU D 951 -5.98 -1.57 -55.47
CA GLU D 951 -7.40 -1.62 -55.82
C GLU D 951 -8.25 -2.06 -54.65
N MET D 952 -7.65 -2.72 -53.65
CA MET D 952 -8.39 -3.18 -52.49
C MET D 952 -8.29 -2.22 -51.31
N CYS D 953 -7.42 -1.22 -51.40
CA CYS D 953 -7.08 -0.37 -50.27
C CYS D 953 -8.23 0.59 -49.97
N ILE D 954 -8.49 0.82 -48.68
CA ILE D 954 -9.48 1.83 -48.30
C ILE D 954 -8.82 3.03 -47.61
N ASN D 955 -7.49 3.20 -47.78
CA ASN D 955 -6.80 4.47 -47.61
C ASN D 955 -6.70 4.93 -46.16
N CYS D 956 -6.77 3.99 -45.20
CA CYS D 956 -6.77 4.35 -43.80
C CYS D 956 -5.38 4.70 -43.26
N GLY D 957 -4.31 4.24 -43.90
CA GLY D 957 -2.95 4.54 -43.46
C GLY D 957 -2.50 3.78 -42.23
N LYS D 958 -3.19 2.72 -41.83
CA LYS D 958 -2.79 1.98 -40.64
C LYS D 958 -1.50 1.21 -40.89
N CYS D 959 -1.30 0.69 -42.11
CA CYS D 959 -0.03 0.08 -42.47
C CYS D 959 1.10 1.09 -42.30
N TYR D 960 0.88 2.33 -42.75
CA TYR D 960 1.85 3.41 -42.64
C TYR D 960 2.17 3.77 -41.19
N MET D 961 1.12 3.96 -40.37
CA MET D 961 1.31 4.25 -38.94
C MET D 961 2.04 3.13 -38.22
N THR D 962 1.70 1.88 -38.54
CA THR D 962 2.33 0.76 -37.87
C THR D 962 3.80 0.63 -38.30
N CYS D 963 4.08 0.84 -39.59
CA CYS D 963 5.49 0.77 -39.98
C CYS D 963 6.27 1.95 -39.41
N ASN D 964 5.62 3.11 -39.24
CA ASN D 964 6.30 4.31 -38.74
C ASN D 964 6.63 4.18 -37.26
N ASP D 965 5.65 3.77 -36.45
CA ASP D 965 5.87 3.73 -35.01
C ASP D 965 6.12 2.33 -34.47
N SER D 966 6.10 1.30 -35.32
CA SER D 966 6.40 -0.05 -34.85
C SER D 966 7.26 -0.81 -35.84
N GLY D 967 7.83 -0.15 -36.85
CA GLY D 967 8.57 -0.84 -37.88
C GLY D 967 9.76 -0.06 -38.40
N TYR D 968 9.81 0.09 -39.73
CA TYR D 968 11.04 0.45 -40.42
C TYR D 968 10.84 1.66 -41.32
N GLN D 969 9.74 2.41 -41.14
CA GLN D 969 9.53 3.66 -41.87
C GLN D 969 9.64 3.42 -43.37
N ALA D 970 9.05 2.31 -43.83
CA ALA D 970 9.28 1.81 -45.17
C ALA D 970 8.13 2.08 -46.12
N ILE D 971 7.05 2.72 -45.67
CA ILE D 971 5.85 2.92 -46.46
C ILE D 971 5.68 4.41 -46.78
N GLN D 972 5.47 4.72 -48.05
CA GLN D 972 5.06 6.05 -48.47
C GLN D 972 3.54 6.12 -48.47
N PHE D 973 2.99 7.20 -47.93
CA PHE D 973 1.56 7.43 -47.88
C PHE D 973 1.29 8.71 -48.66
N ASP D 974 0.73 8.60 -49.84
CA ASP D 974 0.58 9.78 -50.69
C ASP D 974 -0.35 10.81 -50.04
N PRO D 975 0.03 12.09 -49.97
CA PRO D 975 -0.84 13.08 -49.32
C PRO D 975 -2.11 13.41 -50.08
N GLU D 976 -2.17 13.12 -51.38
CA GLU D 976 -3.32 13.44 -52.23
C GLU D 976 -4.29 12.28 -52.38
N THR D 977 -3.76 11.07 -52.58
CA THR D 977 -4.59 9.92 -52.89
C THR D 977 -4.80 9.03 -51.67
N HIS D 978 -4.00 9.23 -50.62
CA HIS D 978 -4.03 8.38 -49.43
C HIS D 978 -3.78 6.92 -49.81
N LEU D 979 -2.86 6.70 -50.74
CA LEU D 979 -2.49 5.36 -51.13
C LEU D 979 -1.10 5.06 -50.63
N PRO D 980 -0.90 3.93 -49.95
CA PRO D 980 0.44 3.55 -49.51
C PRO D 980 1.20 2.78 -50.58
N THR D 981 2.52 2.95 -50.57
CA THR D 981 3.43 2.15 -51.37
C THR D 981 4.56 1.66 -50.47
N VAL D 982 4.74 0.34 -50.42
CA VAL D 982 5.89 -0.22 -49.69
C VAL D 982 7.15 0.03 -50.51
N THR D 983 8.20 0.55 -49.85
CA THR D 983 9.49 0.82 -50.50
C THR D 983 10.45 -0.34 -50.24
N ASP D 984 11.67 -0.21 -50.78
CA ASP D 984 12.63 -1.30 -50.73
C ASP D 984 13.26 -1.47 -49.35
N THR D 985 13.02 -0.56 -48.42
CA THR D 985 13.57 -0.72 -47.08
C THR D 985 12.71 -1.62 -46.20
N CYS D 986 11.65 -2.20 -46.77
CA CYS D 986 10.84 -3.19 -46.05
C CYS D 986 11.71 -4.36 -45.60
N THR D 987 11.52 -4.77 -44.35
CA THR D 987 12.17 -5.97 -43.82
C THR D 987 11.24 -7.18 -43.83
N GLY D 988 9.98 -7.02 -44.23
CA GLY D 988 9.07 -8.15 -44.20
C GLY D 988 8.59 -8.56 -42.82
N CYS D 989 8.72 -7.68 -41.81
CA CYS D 989 8.27 -8.02 -40.46
C CYS D 989 6.84 -8.52 -40.44
N THR D 990 5.98 -7.96 -41.29
CA THR D 990 4.60 -8.39 -41.58
C THR D 990 3.61 -7.68 -40.66
N LEU D 991 4.05 -6.62 -39.97
CA LEU D 991 3.11 -5.93 -39.10
C LEU D 991 2.04 -5.19 -39.89
N CYS D 992 2.38 -4.65 -41.07
CA CYS D 992 1.39 -3.90 -41.84
C CYS D 992 0.25 -4.79 -42.28
N LEU D 993 0.57 -5.95 -42.86
CA LEU D 993 -0.45 -6.93 -43.21
C LEU D 993 -1.31 -7.29 -42.01
N SER D 994 -0.69 -7.39 -40.83
CA SER D 994 -1.38 -7.84 -39.63
C SER D 994 -2.40 -6.85 -39.09
N VAL D 995 -2.25 -5.56 -39.40
CA VAL D 995 -3.18 -4.52 -38.95
C VAL D 995 -4.09 -4.01 -40.05
N CYS D 996 -3.89 -4.42 -41.30
CA CYS D 996 -4.73 -3.93 -42.37
C CYS D 996 -6.18 -4.42 -42.20
N PRO D 997 -7.19 -3.54 -42.32
CA PRO D 997 -8.58 -3.99 -42.19
C PRO D 997 -9.11 -4.78 -43.38
N ILE D 998 -8.42 -4.79 -44.51
CA ILE D 998 -8.90 -5.48 -45.70
C ILE D 998 -8.16 -6.81 -45.81
N ILE D 999 -8.91 -7.92 -45.74
CA ILE D 999 -8.28 -9.23 -45.89
C ILE D 999 -7.55 -9.31 -47.21
N ASP D 1000 -6.28 -9.68 -47.17
CA ASP D 1000 -5.43 -9.95 -48.34
C ASP D 1000 -5.16 -8.72 -49.19
N CYS D 1001 -5.47 -7.51 -48.72
CA CYS D 1001 -5.03 -6.33 -49.45
C CYS D 1001 -3.50 -6.27 -49.49
N ILE D 1002 -2.85 -6.54 -48.37
CA ILE D 1002 -1.40 -6.62 -48.28
C ILE D 1002 -1.00 -8.09 -48.33
N ARG D 1003 -0.04 -8.42 -49.18
CA ARG D 1003 0.50 -9.77 -49.27
C ARG D 1003 2.01 -9.70 -49.11
N MET D 1004 2.57 -10.74 -48.50
CA MET D 1004 4.01 -10.95 -48.40
C MET D 1004 4.53 -11.75 -49.61
N VAL D 1005 5.51 -11.18 -50.33
CA VAL D 1005 6.10 -11.83 -51.50
C VAL D 1005 7.61 -11.94 -51.32
N SER D 1006 8.23 -12.79 -52.15
CA SER D 1006 9.68 -13.01 -52.03
C SER D 1006 10.46 -11.76 -52.39
N ARG D 1007 11.42 -11.40 -51.53
CA ARG D 1007 12.39 -10.35 -51.85
C ARG D 1007 13.11 -10.65 -53.16
N THR D 1008 13.05 -9.70 -54.10
CA THR D 1008 13.81 -9.80 -55.32
C THR D 1008 15.13 -9.02 -55.28
N THR D 1009 15.25 -8.04 -54.37
CA THR D 1009 16.46 -7.23 -54.19
C THR D 1009 17.28 -7.74 -53.02
N PRO D 1010 18.59 -7.47 -52.98
CA PRO D 1010 19.43 -8.03 -51.91
C PRO D 1010 18.99 -7.54 -50.55
N TYR D 1011 19.07 -8.43 -49.57
CA TYR D 1011 18.66 -8.13 -48.21
C TYR D 1011 19.89 -7.84 -47.36
N GLU D 1012 19.80 -6.81 -46.55
CA GLU D 1012 20.87 -6.42 -45.65
C GLU D 1012 20.21 -6.05 -44.32
N PRO D 1013 20.44 -6.81 -43.26
CA PRO D 1013 19.89 -6.44 -41.95
C PRO D 1013 20.37 -5.06 -41.54
N LYS D 1014 19.45 -4.28 -40.98
CA LYS D 1014 19.70 -2.91 -40.54
C LYS D 1014 20.45 -2.97 -39.21
N ARG D 1015 21.73 -2.64 -39.20
CA ARG D 1015 22.53 -2.82 -38.00
C ARG D 1015 22.83 -1.52 -37.26
N GLY D 1016 22.33 -0.38 -37.76
CA GLY D 1016 22.48 0.90 -37.08
C GLY D 1016 23.86 1.52 -37.19
N LEU D 1017 24.87 0.83 -36.66
CA LEU D 1017 26.28 1.13 -36.82
C LEU D 1017 26.98 -0.16 -37.25
N PRO D 1018 28.03 -0.06 -38.07
CA PRO D 1018 28.70 -1.27 -38.56
C PRO D 1018 29.29 -2.09 -37.42
N LEU D 1019 29.29 -3.41 -37.61
CA LEU D 1019 29.96 -4.30 -36.67
C LEU D 1019 31.48 -4.21 -36.85
N ALA D 1020 32.21 -4.65 -35.82
CA ALA D 1020 33.67 -4.61 -35.82
C ALA D 1020 34.26 -5.53 -36.89
FE1 SF4 E . 21.06 19.83 44.30
FE2 SF4 E . 23.49 19.42 43.01
FE3 SF4 E . 23.43 20.14 45.66
FE4 SF4 E . 22.72 21.95 43.76
S1 SF4 E . 24.82 21.00 44.05
S2 SF4 E . 21.69 21.56 45.70
S3 SF4 E . 21.66 20.57 42.24
S4 SF4 E . 22.61 18.22 44.76
FE1 SF4 F . 17.19 28.95 41.91
FE2 SF4 F . 15.93 30.70 40.21
FE3 SF4 F . 18.58 30.99 40.74
FE4 SF4 F . 16.79 31.53 42.68
S1 SF4 F . 17.02 32.66 40.70
S2 SF4 F . 18.72 30.36 42.89
S3 SF4 F . 15.18 30.00 42.23
S4 SF4 F . 17.59 29.19 39.72
FE1 SF4 G . 12.72 -6.89 37.84
FE2 SF4 G . 12.71 -8.89 35.94
FE3 SF4 G . 12.65 -9.55 38.56
FE4 SF4 G . 14.91 -8.50 37.59
S1 SF4 G . 13.95 -10.49 36.93
S2 SF4 G . 13.88 -7.88 39.50
S3 SF4 G . 14.12 -7.07 36.04
S4 SF4 G . 11.05 -8.44 37.43
FE1 SF4 H . 12.49 -10.55 48.98
FE2 SF4 H . 12.32 -13.21 48.35
FE3 SF4 H . 14.23 -12.34 50.10
FE4 SF4 H . 14.44 -11.69 47.49
S1 SF4 H . 14.53 -13.81 48.42
S2 SF4 H . 14.73 -10.30 49.21
S3 SF4 H . 12.24 -11.44 46.92
S4 SF4 H . 11.95 -12.29 50.39
PA FAD I . 15.70 -19.27 65.25
O1A FAD I . 15.82 -17.97 64.57
O2A FAD I . 16.97 -19.94 65.74
O5B FAD I . 14.62 -19.18 66.39
C5B FAD I . 14.36 -20.31 67.25
C4B FAD I . 13.69 -19.80 68.51
O4B FAD I . 13.39 -20.92 69.37
C3B FAD I . 14.51 -18.80 69.33
O3B FAD I . 13.68 -17.72 69.73
C2B FAD I . 14.98 -19.64 70.53
O2B FAD I . 15.05 -18.86 71.73
C1B FAD I . 13.82 -20.60 70.70
N9A FAD I . 14.14 -21.85 71.36
C8A FAD I . 15.32 -22.56 71.29
N7A FAD I . 15.30 -23.67 71.98
C5A FAD I . 14.02 -23.71 72.52
C6A FAD I . 13.37 -24.64 73.37
N6A FAD I . 13.93 -25.76 73.81
N1A FAD I . 12.10 -24.37 73.73
C2A FAD I . 11.54 -23.25 73.29
N3A FAD I . 12.05 -22.31 72.49
C4A FAD I . 13.30 -22.60 72.14
N1 FAD I . 19.77 -15.47 57.46
C2 FAD I . 19.53 -14.59 56.44
O2 FAD I . 18.68 -14.81 55.57
N3 FAD I . 20.27 -13.41 56.38
C4 FAD I . 21.25 -13.02 57.27
O4 FAD I . 21.84 -11.94 57.11
C4X FAD I . 21.47 -13.96 58.35
N5 FAD I . 22.37 -13.66 59.26
C5X FAD I . 22.58 -14.58 60.31
C6 FAD I . 23.56 -14.31 61.27
C7 FAD I . 23.80 -15.19 62.31
C7M FAD I . 24.86 -14.85 63.33
C8 FAD I . 23.09 -16.39 62.39
C8M FAD I . 23.34 -17.36 63.52
C9 FAD I . 22.13 -16.69 61.43
C9A FAD I . 21.88 -15.80 60.38
N10 FAD I . 20.92 -16.07 59.37
C10 FAD I . 20.68 -15.17 58.36
C1' FAD I . 20.11 -17.30 59.41
C2' FAD I . 18.74 -17.05 60.02
O2' FAD I . 18.91 -16.20 61.16
C3' FAD I . 18.12 -18.38 60.45
O3' FAD I . 17.97 -19.23 59.33
C4' FAD I . 16.74 -18.22 61.08
O4' FAD I . 16.79 -17.39 62.24
C5' FAD I . 16.13 -19.54 61.49
O5' FAD I . 14.79 -19.30 61.98
P FAD I . 14.11 -20.28 62.98
O1P FAD I . 12.76 -19.68 63.39
O2P FAD I . 14.07 -21.61 62.35
O3P FAD I . 15.06 -20.35 64.26
PA NAP J . 28.62 -22.68 58.78
O1A NAP J . 27.88 -22.28 57.50
O2A NAP J . 28.24 -24.12 59.19
O5B NAP J . 30.31 -22.55 58.53
C5B NAP J . 31.19 -21.95 59.55
C4B NAP J . 32.43 -22.90 59.56
O4B NAP J . 32.88 -23.61 60.56
C3B NAP J . 33.19 -23.15 58.42
O3B NAP J . 33.01 -22.57 57.09
C2B NAP J . 34.18 -24.10 58.86
O2B NAP J . 35.13 -24.66 58.05
C1B NAP J . 33.91 -24.33 60.22
N9A NAP J . 34.60 -25.28 61.15
C8A NAP J . 33.89 -26.24 61.75
N7A NAP J . 34.66 -26.98 62.52
C5A NAP J . 35.90 -26.51 62.42
C6A NAP J . 37.09 -26.92 63.01
N6A NAP J . 37.08 -28.04 63.92
N1A NAP J . 38.21 -26.24 62.71
C2A NAP J . 38.17 -25.21 61.87
N3A NAP J . 37.04 -24.80 61.29
C4A NAP J . 35.89 -25.43 61.53
O3 NAP J . 28.31 -21.69 60.09
PN NAP J . 27.01 -20.76 60.41
O1N NAP J . 27.07 -19.52 59.54
O2N NAP J . 27.15 -20.36 61.86
O5D NAP J . 25.65 -21.75 60.19
C5D NAP J . 24.26 -21.41 60.26
C4D NAP J . 24.03 -20.56 59.01
O4D NAP J . 24.10 -19.26 59.06
C3D NAP J . 23.81 -20.97 57.69
O3D NAP J . 23.67 -22.26 57.15
C2D NAP J . 23.73 -19.73 56.94
O2D NAP J . 23.51 -19.58 55.56
C1D NAP J . 23.89 -18.72 57.90
N1N NAP J . 23.95 -17.27 57.69
C2N NAP J . 23.56 -16.71 56.55
C3N NAP J . 23.68 -15.34 56.33
C7N NAP J . 23.18 -14.71 54.99
O7N NAP J . 23.78 -13.79 54.46
N7N NAP J . 21.98 -15.26 54.41
C4N NAP J . 24.23 -14.55 57.33
C5N NAP J . 24.64 -15.17 58.50
C6N NAP J . 24.49 -16.55 58.68
P2B NAP J . 34.50 -25.71 56.96
O1X NAP J . 33.40 -26.53 57.60
O2X NAP J . 33.95 -24.95 55.79
O3X NAP J . 35.60 -26.66 56.54
C9A FNR K . -5.45 4.46 20.69
N10 FNR K . -6.42 5.65 21.07
CAA FNR K . -7.77 5.31 20.43
N1 FNR K . -8.84 6.22 20.84
C2 FNR K . -10.23 6.05 20.31
O2 FNR K . -11.10 6.80 20.63
N3 FNR K . -10.50 4.95 19.34
C4 FNR K . -9.44 4.01 18.92
O4 FNR K . -9.77 3.16 18.16
C4A FNR K . -8.00 4.13 19.43
N5 FNR K . -6.87 3.11 19.02
C5A FNR K . -5.55 3.69 19.69
C6 FNR K . -4.97 2.69 19.28
C7 FNR K . -3.78 3.06 19.94
C7M FNR K . -2.73 2.00 19.41
C8 FNR K . -3.63 4.14 20.81
C8M FNR K . -2.23 4.40 21.47
C9 FNR K . -4.57 5.10 21.22
C1' FNR K . -6.43 6.78 22.05
C2' FNR K . -6.44 6.09 23.41
O2' FNR K . -7.79 5.94 23.80
C3' FNR K . -5.48 7.18 23.90
O3' FNR K . -4.07 6.88 24.06
C4' FNR K . -6.08 7.69 25.13
O4' FNR K . -7.19 8.35 24.57
C5' FNR K . -4.79 8.45 25.63
O5' FNR K . -4.53 7.73 26.82
P FNR K . -3.10 7.05 27.26
O1P FNR K . -3.38 6.33 28.56
O2P FNR K . -2.14 8.20 27.50
O3P FNR K . -2.53 6.10 26.23
N1 TDR L . -5.61 6.39 17.04
C2 TDR L . -5.72 7.34 18.02
O2 TDR L . -4.76 7.74 18.66
N3 TDR L . -6.99 7.82 18.20
C4 TDR L . -8.12 7.44 17.49
O4 TDR L . -9.20 7.94 17.76
C5 TDR L . -7.92 6.43 16.47
CM5 TDR L . -9.09 5.96 15.68
C6 TDR L . -6.67 5.94 16.31
FE1 SF4 M . 2.41 -6.43 17.36
FE2 SF4 M . 3.36 -8.68 16.12
FE3 SF4 M . 2.40 -8.85 18.63
FE4 SF4 M . 4.79 -7.57 18.14
S1 SF4 M . 4.27 -9.81 17.85
S2 SF4 M . 3.13 -6.82 19.49
S3 SF4 M . 4.34 -6.60 16.13
S4 SF4 M . 1.21 -8.29 16.76
FE1 SF4 N . 11.03 -9.83 24.32
FE2 SF4 N . 13.60 -10.62 24.63
FE3 SF4 N . 12.44 -8.99 26.50
FE4 SF4 N . 13.11 -8.03 24.06
S1 SF4 N . 14.55 -8.76 25.64
S2 SF4 N . 11.11 -7.71 25.15
S3 SF4 N . 12.70 -9.84 22.73
S4 SF4 N . 11.83 -11.14 25.98
FE1 SF4 O . 29.53 14.35 37.93
FE2 SF4 O . 29.27 12.54 35.88
FE3 SF4 O . 30.22 11.69 38.27
FE4 SF4 O . 31.77 13.33 36.76
S1 SF4 O . 31.08 11.19 36.20
S2 SF4 O . 31.35 13.56 39.00
S3 SF4 O . 30.25 14.65 35.78
S4 SF4 O . 28.16 12.50 37.85
FE1 SF4 P . 39.31 8.50 31.38
FE2 SF4 P . 41.36 7.37 32.82
FE3 SF4 P . 39.08 8.26 34.05
FE4 SF4 P . 40.90 10.06 32.96
S1 SF4 P . 41.29 8.63 34.70
S2 SF4 P . 38.60 10.12 32.78
S3 SF4 P . 41.58 8.91 31.14
S4 SF4 P . 39.21 6.58 32.60
PA FAD Q . 56.39 1.40 28.94
O1A FAD Q . 54.94 1.09 28.72
O2A FAD Q . 57.17 0.40 29.79
O5B FAD Q . 57.14 1.57 27.56
C5B FAD Q . 58.56 1.74 27.51
C4B FAD Q . 59.04 1.38 26.13
O4B FAD Q . 60.48 1.63 26.05
C3B FAD Q . 58.83 -0.07 25.70
O3B FAD Q . 58.31 -0.11 24.38
C2B FAD Q . 60.24 -0.68 25.78
O2B FAD Q . 60.42 -1.72 24.83
C1B FAD Q . 61.08 0.53 25.39
N9A FAD Q . 62.47 0.47 25.82
C8A FAD Q . 62.95 -0.14 26.95
N7A FAD Q . 64.25 0.00 27.11
C5A FAD Q . 64.65 0.74 26.00
C6A FAD Q . 65.91 1.19 25.58
N6A FAD Q . 67.04 0.98 26.25
N1A FAD Q . 65.96 1.91 24.43
C2A FAD Q . 64.82 2.12 23.75
N3A FAD Q . 63.59 1.74 24.05
C4A FAD Q . 63.56 1.05 25.21
N1 FAD Q . 48.32 0.73 34.00
C2 FAD Q . 47.00 1.05 33.98
O2 FAD Q . 46.63 2.24 33.97
N3 FAD Q . 46.05 0.04 33.98
C4 FAD Q . 46.32 -1.33 33.99
O4 FAD Q . 45.39 -2.14 33.99
C4X FAD Q . 47.72 -1.65 34.00
N5 FAD Q . 48.07 -2.91 34.02
C5X FAD Q . 49.41 -3.23 34.00
C6 FAD Q . 49.80 -4.56 34.02
C7 FAD Q . 51.15 -4.92 34.03
C7M FAD Q . 51.53 -6.37 34.03
C8 FAD Q . 52.13 -3.91 34.05
C8M FAD Q . 53.60 -4.25 34.06
C9 FAD Q . 51.75 -2.57 34.03
C9A FAD Q . 50.40 -2.22 34.01
N10 FAD Q . 49.98 -0.88 34.03
C10 FAD Q . 48.65 -0.55 34.00
C1' FAD Q . 50.95 0.21 34.04
C2' FAD Q . 51.21 0.76 32.65
O2' FAD Q . 51.31 -0.32 31.73
C3' FAD Q . 52.51 1.57 32.70
O3' FAD Q . 52.37 2.56 33.70
C4' FAD Q . 52.81 2.29 31.39
O4' FAD Q . 52.80 1.33 30.33
C5' FAD Q . 54.14 3.02 31.45
O5' FAD Q . 54.30 3.76 30.23
P FAD Q . 55.72 4.17 29.71
O1P FAD Q . 56.36 5.01 30.82
O2P FAD Q . 55.57 4.74 28.35
O3P FAD Q . 56.56 2.81 29.65
PA NAP R . 54.53 -3.68 42.77
O1A NAP R . 55.75 -2.86 43.20
O2A NAP R . 53.31 -2.76 42.71
O5B NAP R . 54.16 -4.90 43.89
C5B NAP R . 54.17 -6.32 43.58
C4B NAP R . 54.88 -6.80 44.85
O4B NAP R . 56.08 -7.32 44.94
C3B NAP R . 54.32 -6.65 46.12
O3B NAP R . 53.00 -6.11 46.44
C2B NAP R . 55.32 -7.15 47.03
O2B NAP R . 55.16 -7.17 48.39
C1B NAP R . 56.40 -7.55 46.19
N9A NAP R . 57.72 -8.14 46.58
C8A NAP R . 58.90 -7.62 46.24
N7A NAP R . 59.87 -8.38 46.72
C5A NAP R . 59.32 -9.40 47.37
C6A NAP R . 59.83 -10.50 48.06
N6A NAP R . 61.25 -10.71 48.19
N1A NAP R . 58.97 -11.36 48.61
C2A NAP R . 57.66 -11.19 48.50
N3A NAP R . 57.15 -10.17 47.84
C4A NAP R . 57.94 -9.26 47.28
O3 NAP R . 54.84 -4.44 41.31
PN NAP R . 53.86 -4.24 40.00
O1N NAP R . 52.54 -4.95 40.20
O2N NAP R . 54.55 -4.75 38.73
O5D NAP R . 53.70 -2.58 40.13
C5D NAP R . 54.77 -1.65 40.17
C4D NAP R . 54.31 -1.15 38.86
O4D NAP R . 53.08 -1.44 38.65
C3D NAP R . 54.87 -0.50 37.77
O3D NAP R . 56.18 -0.04 37.64
C2D NAP R . 53.75 -0.42 36.83
O2D NAP R . 53.81 0.17 35.56
C1D NAP R . 52.66 -1.02 37.54
N1N NAP R . 51.27 -1.41 37.33
C2N NAP R . 50.22 -0.61 37.51
C3N NAP R . 48.92 -1.08 37.30
C7N NAP R . 47.61 -0.18 37.47
O7N NAP R . 46.51 -0.65 37.28
N7N NAP R . 47.74 1.17 37.93
C4N NAP R . 48.78 -2.42 36.97
C5N NAP R . 49.89 -3.24 36.90
C6N NAP R . 51.15 -2.70 37.09
P2B NAP R . 55.01 -5.74 49.17
O1X NAP R . 53.74 -4.99 48.77
O2X NAP R . 54.93 -6.09 50.62
O3X NAP R . 56.18 -4.81 48.95
N1 TDR S . 6.29 31.67 28.48
C2 TDR S . 6.25 30.89 27.34
O2 TDR S . 6.34 29.68 27.33
N3 TDR S . 6.11 31.63 26.19
C4 TDR S . 5.97 33.00 26.07
O4 TDR S . 5.84 33.49 24.96
C5 TDR S . 6.01 33.75 27.32
CM5 TDR S . 5.88 35.24 27.30
C6 TDR S . 6.18 33.02 28.46
C9A FNR T . 9.84 30.45 27.72
N10 FNR T . 9.56 30.52 26.18
CAA FNR T . 9.39 31.99 25.83
N1 FNR T . 9.01 32.24 24.44
C2 FNR T . 8.87 33.63 23.95
O2 FNR T . 8.57 33.86 22.82
N3 FNR T . 9.11 34.75 24.90
C4 FNR T . 9.49 34.53 26.30
O4 FNR T . 9.68 35.47 26.99
C4A FNR T . 9.67 33.14 26.84
N5 FNR T . 10.07 32.94 28.35
C5A FNR T . 10.27 31.38 28.45
C6 FNR T . 10.46 31.57 29.63
C7 FNR T . 10.59 30.19 29.87
C7M FNR T . 11.02 30.16 31.38
C8 FNR T . 10.37 29.17 28.93
C8M FNR T . 10.52 27.66 29.36
C9 FNR T . 9.99 29.27 27.60
C1' FNR T . 9.25 29.55 25.10
C2' FNR T . 10.66 29.09 24.72
O2' FNR T . 11.08 29.95 23.70
C3' FNR T . 10.09 27.69 24.49
O3' FNR T . 10.47 26.66 25.38
C4' FNR T . 10.58 27.42 23.14
O4' FNR T . 9.81 28.37 22.42
C5' FNR T . 10.34 25.87 23.16
O5' FNR T . 11.66 25.34 23.09
P FNR T . 12.40 24.26 24.10
O1P FNR T . 12.37 24.73 25.53
O2P FNR T . 13.82 24.15 23.61
O3P FNR T . 11.70 22.91 23.99
FE1 SF4 U . -29.73 -9.65 -21.99
FE2 SF4 U . -30.80 -10.87 -24.23
FE3 SF4 U . -32.43 -9.59 -22.44
FE4 SF4 U . -31.24 -11.93 -21.76
S1 SF4 U . -32.82 -11.66 -23.40
S2 SF4 U . -31.42 -10.04 -20.48
S3 SF4 U . -29.23 -11.74 -22.80
S4 SF4 U . -30.79 -8.64 -23.72
FE1 SF4 V . -27.73 -16.64 -14.73
FE2 SF4 V . -26.25 -18.66 -13.65
FE3 SF4 V . -28.68 -19.21 -14.76
FE4 SF4 V . -28.57 -17.79 -12.44
S1 SF4 V . -27.94 -19.98 -12.74
S2 SF4 V . -29.87 -17.36 -14.27
S3 SF4 V . -26.64 -16.62 -12.75
S4 SF4 V . -26.82 -18.38 -15.83
FE1 SF4 W . -12.65 6.83 -38.15
FE2 SF4 W . -11.01 6.93 -40.37
FE3 SF4 W . -12.28 9.18 -39.55
FE4 SF4 W . -13.76 7.21 -40.61
S1 SF4 W . -12.09 8.41 -41.68
S2 SF4 W . -14.25 8.34 -38.71
S3 SF4 W . -12.67 5.38 -39.94
S4 SF4 W . -10.71 8.04 -38.42
FE1 SF4 X . -17.89 16.88 -35.12
FE2 SF4 X . -16.70 18.34 -37.10
FE3 SF4 X . -19.40 18.46 -36.75
FE4 SF4 X . -18.24 16.21 -37.76
S1 SF4 X . -18.29 18.28 -38.73
S2 SF4 X . -19.82 16.29 -36.13
S3 SF4 X . -16.33 16.14 -36.56
S4 SF4 X . -17.80 19.18 -35.32
PA FAD Y . -27.37 33.04 -35.07
O1A FAD Y . -27.36 31.65 -34.53
O2A FAD Y . -28.47 33.50 -35.98
O5B FAD Y . -27.18 34.05 -33.87
C5B FAD Y . -27.22 35.48 -34.10
C4B FAD Y . -27.52 36.11 -32.76
O4B FAD Y . -27.46 37.55 -32.89
C3B FAD Y . -28.88 35.78 -32.15
O3B FAD Y . -28.69 35.57 -30.76
C2B FAD Y . -29.69 37.05 -32.42
O2B FAD Y . -30.65 37.34 -31.41
C1B FAD Y . -28.61 38.11 -32.29
N9A FAD Y . -28.91 39.35 -32.99
C8A FAD Y . -29.64 39.51 -34.13
N7A FAD Y . -29.71 40.75 -34.56
C5A FAD Y . -28.99 41.46 -33.60
C6A FAD Y . -28.67 42.82 -33.47
N6A FAD Y . -29.09 43.78 -34.30
N1A FAD Y . -27.92 43.19 -32.41
C2A FAD Y . -27.49 42.25 -31.57
N3A FAD Y . -27.72 40.93 -31.59
C4A FAD Y . -28.48 40.60 -32.63
N1 FAD Y . -27.10 24.20 -38.62
C2 FAD Y . -26.56 22.96 -38.39
O2 FAD Y . -25.34 22.76 -38.49
N3 FAD Y . -27.39 21.92 -38.02
C4 FAD Y . -28.77 21.99 -37.87
O4 FAD Y . -29.41 21.00 -37.54
C4X FAD Y . -29.32 23.32 -38.10
N5 FAD Y . -30.62 23.49 -37.94
C5X FAD Y . -31.14 24.76 -38.17
C6 FAD Y . -32.52 24.96 -38.04
C7 FAD Y . -33.10 26.20 -38.29
C7M FAD Y . -34.58 26.38 -38.12
C8 FAD Y . -32.27 27.28 -38.66
C8M FAD Y . -32.86 28.64 -38.93
C9 FAD Y . -30.90 27.08 -38.80
C9A FAD Y . -30.34 25.83 -38.58
N10 FAD Y . -28.95 25.59 -38.74
C10 FAD Y . -28.42 24.35 -38.48
C1' FAD Y . -28.04 26.67 -39.08
C2' FAD Y . -27.41 27.27 -37.83
O2' FAD Y . -28.43 27.45 -36.85
C3' FAD Y . -26.74 28.60 -38.17
O3' FAD Y . -25.80 28.36 -39.20
C4' FAD Y . -26.03 29.25 -36.99
O4' FAD Y . -26.86 29.20 -35.83
C5' FAD Y . -25.62 30.67 -37.26
O5' FAD Y . -24.90 31.16 -36.12
P FAD Y . -24.60 32.69 -35.95
O1P FAD Y . -23.86 32.85 -34.61
O2P FAD Y . -23.90 33.15 -37.17
O3P FAD Y . -26.04 33.33 -35.89
PA NAP Z . -32.92 27.67 -47.62
O1A NAP Z . -31.79 26.70 -47.32
O2A NAP Z . -32.37 28.93 -48.30
O5B NAP Z . -34.12 26.92 -48.59
C5B NAP Z . -35.53 27.06 -48.22
C4B NAP Z . -36.22 27.41 -49.58
O4B NAP Z . -36.91 28.49 -49.89
C3B NAP Z . -36.12 26.59 -50.68
O3B NAP Z . -35.43 25.31 -50.77
C2B NAP Z . -36.84 27.27 -51.71
O2B NAP Z . -36.93 26.72 -52.97
C1B NAP Z . -37.33 28.47 -51.13
N9A NAP Z . -38.11 29.60 -51.74
C8A NAP Z . -37.59 30.84 -51.80
N7A NAP Z . -38.43 31.68 -52.38
C5A NAP Z . -39.52 30.99 -52.70
C6A NAP Z . -40.71 31.35 -53.32
N6A NAP Z . -40.90 32.74 -53.74
N1A NAP Z . -41.65 30.41 -53.52
C2A NAP Z . -41.46 29.15 -53.12
N3A NAP Z . -40.33 28.77 -52.52
C4A NAP Z . -39.33 29.65 -52.30
O3 NAP Z . -33.70 28.09 -46.22
PN NAP Z . -33.07 27.96 -44.71
O1N NAP Z . -32.85 26.51 -44.39
O2N NAP Z . -34.10 28.57 -43.77
O5D NAP Z . -31.68 28.92 -44.69
C5D NAP Z . -30.80 29.03 -43.58
C4D NAP Z . -30.20 27.64 -43.51
O4D NAP Z . -30.61 26.74 -42.65
C3D NAP Z . -29.23 27.08 -44.36
O3D NAP Z . -28.56 27.71 -45.42
C2D NAP Z . -29.07 25.72 -43.88
O2D NAP Z . -28.22 24.72 -44.36
C1D NAP Z . -29.96 25.63 -42.78
N1N NAP Z . -30.24 24.44 -41.97
C2N NAP Z . -29.40 23.42 -41.87
C3N NAP Z . -29.71 22.29 -41.11
C7N NAP Z . -28.72 21.08 -41.00
O7N NAP Z . -29.11 19.97 -40.63
N7N NAP Z . -27.35 21.32 -41.39
C4N NAP Z . -30.93 22.25 -40.42
C5N NAP Z . -31.78 23.35 -40.56
C6N NAP Z . -31.41 24.46 -41.35
P2B NAP Z . -35.47 26.59 -53.70
O1X NAP Z . -34.49 27.60 -53.13
O2X NAP Z . -34.87 25.20 -53.60
O3X NAP Z . -35.68 26.96 -55.14
C9A FNR AA . 8.39 -7.90 -28.28
N10 FNR AA . 8.64 -8.19 -26.74
CAA FNR AA . 10.15 -8.07 -26.56
N1 FNR AA . 10.60 -8.14 -25.17
C2 FNR AA . 12.03 -8.03 -24.78
O2 FNR AA . 12.40 -8.11 -23.63
N3 FNR AA . 13.03 -7.83 -25.88
C4 FNR AA . 12.62 -7.73 -27.30
O4 FNR AA . 13.48 -7.57 -28.11
C4A FNR AA . 11.18 -7.85 -27.73
N5 FNR AA . 10.79 -7.70 -29.25
C5A FNR AA . 9.22 -7.96 -29.23
C6 FNR AA . 9.25 -7.71 -30.43
C7 FNR AA . 7.86 -7.84 -30.53
C7M FNR AA . 7.63 -7.72 -32.09
C8 FNR AA . 6.97 -8.04 -29.45
C8M FNR AA . 5.43 -8.14 -29.74
C9 FNR AA . 7.22 -8.18 -28.09
C1' FNR AA . 7.77 -8.34 -25.52
C2' FNR AA . 7.39 -6.89 -25.12
O2' FNR AA . 8.48 -6.11 -24.66
C3' FNR AA . 6.36 -7.04 -24.02
O3' FNR AA . 6.86 -7.80 -22.97
C4' FNR AA . 5.06 -7.66 -24.52
O4' FNR AA . 4.89 -7.75 -25.91
C5' FNR AA . 4.48 -6.32 -24.09
O5' FNR AA . 3.16 -6.51 -23.85
P FNR AA . 2.13 -5.90 -24.94
O1P FNR AA . 2.65 -6.09 -26.35
O2P FNR AA . 1.76 -4.46 -24.68
O3P FNR AA . 1.01 -6.84 -24.61
N1 TDR BA . 10.18 -11.51 -28.79
C2 TDR BA . 9.48 -11.54 -27.61
O2 TDR BA . 8.27 -11.62 -27.55
N3 TDR BA . 10.27 -11.47 -26.48
C4 TDR BA . 11.65 -11.42 -26.45
O4 TDR BA . 12.24 -11.35 -25.37
C5 TDR BA . 12.31 -11.42 -27.74
CM5 TDR BA . 13.80 -11.34 -27.76
C6 TDR BA . 11.55 -11.43 -28.85
FE1 SF4 CA . 7.13 -4.50 -41.79
FE2 SF4 CA . 7.62 -3.96 -44.45
FE3 SF4 CA . 6.95 -1.97 -42.78
FE4 SF4 CA . 5.09 -3.84 -43.49
S1 SF4 CA . 6.15 -2.29 -44.84
S2 SF4 CA . 5.41 -3.01 -41.43
S3 SF4 CA . 6.39 -5.70 -43.62
S4 SF4 CA . 8.84 -3.27 -42.64
FE1 SF4 DA . -2.79 0.28 -45.63
FE2 SF4 DA . -4.81 0.37 -47.44
FE3 SF4 DA . -5.36 0.78 -44.79
FE4 SF4 DA . -4.66 -1.70 -45.68
S1 SF4 DA . -6.53 -0.53 -46.24
S2 SF4 DA . -3.82 -0.63 -43.83
S3 SF4 DA . -3.19 -1.21 -47.34
S4 SF4 DA . -4.04 2.09 -46.13
FE1 SF4 EA . -31.21 -12.29 -33.54
FE2 SF4 EA . -29.38 -12.32 -35.57
FE3 SF4 EA . -31.28 -10.36 -35.54
FE4 SF4 EA . -32.02 -12.92 -36.04
S1 SF4 EA . -30.61 -11.60 -37.33
S2 SF4 EA . -33.06 -11.48 -34.60
S3 SF4 EA . -30.61 -14.11 -34.79
S4 SF4 EA . -29.64 -10.69 -34.00
FE1 SF4 FA . -33.58 -15.09 -46.14
FE2 SF4 FA . -35.67 -13.93 -47.42
FE3 SF4 FA . -34.94 -13.10 -44.93
FE4 SF4 FA . -36.12 -15.55 -45.29
S1 SF4 FA . -37.06 -13.55 -45.68
S2 SF4 FA . -34.26 -15.08 -44.00
S3 SF4 FA . -35.28 -16.19 -47.27
S4 SF4 FA . -33.72 -12.94 -46.81
PA FAD GA . -43.68 -16.28 -61.90
O1A FAD GA . -42.31 -15.96 -61.40
O2A FAD GA . -44.47 -15.16 -62.63
O5B FAD GA . -43.51 -17.52 -62.80
C5B FAD GA . -44.61 -18.06 -63.56
C4B FAD GA . -44.02 -18.84 -64.70
O4B FAD GA . -45.10 -19.46 -65.46
C3B FAD GA . -43.20 -18.04 -65.72
O3B FAD GA . -42.04 -18.78 -66.08
C2B FAD GA . -44.16 -17.91 -66.91
O2B FAD GA . -43.47 -17.84 -68.16
C1B FAD GA . -44.89 -19.24 -66.83
N9A FAD GA . -46.19 -19.27 -67.47
C8A FAD GA . -47.06 -18.22 -67.62
N7A FAD GA . -48.20 -18.56 -68.18
C5A FAD GA . -48.07 -19.92 -68.41
C6A FAD GA . -48.92 -20.88 -68.98
N6A FAD GA . -50.14 -20.59 -69.46
N1A FAD GA . -48.49 -22.16 -69.05
C2A FAD GA . -47.27 -22.45 -68.57
N3A FAD GA . -46.38 -21.63 -68.01
C4A FAD GA . -46.84 -20.38 -67.95
N1 FAD GA . -40.13 -10.42 -55.28
C2 FAD GA . -39.17 -10.32 -54.31
O2 FAD GA . -39.18 -11.05 -53.30
N3 FAD GA . -38.16 -9.38 -54.44
C4 FAD GA . -37.99 -8.49 -55.50
O4 FAD GA . -37.06 -7.70 -55.51
C4X FAD GA . -39.01 -8.61 -56.53
N5 FAD GA . -38.93 -7.81 -57.58
C5X FAD GA . -39.91 -7.95 -58.57
C6 FAD GA . -39.87 -7.11 -59.69
C7 FAD GA . -40.83 -7.20 -60.70
C7M FAD GA . -40.74 -6.28 -61.88
C8 FAD GA . -41.87 -8.13 -60.58
C8M FAD GA . -42.92 -8.26 -61.65
C9 FAD GA . -41.92 -8.96 -59.46
C9A FAD GA . -40.95 -8.88 -58.46
N10 FAD GA . -41.00 -9.69 -57.31
C10 FAD GA . -40.03 -9.60 -56.34
C1' FAD GA . -42.04 -10.69 -57.14
C2' FAD GA . -41.59 -12.06 -57.59
O2' FAD GA . -40.91 -11.96 -58.83
C3' FAD GA . -42.81 -12.99 -57.69
O3' FAD GA . -43.48 -12.97 -56.44
C4' FAD GA . -42.45 -14.43 -58.02
O4' FAD GA . -41.70 -14.47 -59.22
C5' FAD GA . -43.69 -15.27 -58.18
O5' FAD GA . -43.29 -16.57 -58.66
P FAD GA . -44.31 -17.54 -59.34
O1P FAD GA . -45.65 -17.67 -58.62
O2P FAD GA . -43.65 -18.82 -59.58
O3P FAD GA . -44.59 -16.80 -60.72
PA NAP HA . -48.77 -2.93 -57.60
O1A NAP HA . -50.14 -3.59 -57.57
O2A NAP HA . -48.04 -3.26 -56.32
O5B NAP HA . -48.88 -1.24 -57.72
C5B NAP HA . -48.32 -0.47 -58.83
C4B NAP HA . -49.49 0.54 -58.92
O4B NAP HA . -50.35 0.64 -59.87
C3B NAP HA . -49.77 1.41 -57.90
O3B NAP HA . -49.02 1.60 -56.67
C2B NAP HA . -50.95 2.11 -58.34
O2B NAP HA . -51.59 3.09 -57.63
C1B NAP HA . -51.24 1.56 -59.60
N9A NAP HA . -52.36 1.89 -60.52
C8A NAP HA . -53.25 1.00 -60.92
N7A NAP HA . -54.11 1.59 -61.76
C5A NAP HA . -53.74 2.86 -61.89
C6A NAP HA . -54.25 3.94 -62.60
N6A NAP HA . -55.43 3.76 -63.43
N1A NAP HA . -53.63 5.12 -62.51
C2A NAP HA . -52.55 5.29 -61.75
N3A NAP HA . -52.05 4.27 -61.05
C4A NAP HA . -52.61 3.07 -61.09
O3 NAP HA . -47.99 -3.42 -58.98
PN NAP HA . -46.62 -4.29 -58.81
O1N NAP HA . -45.51 -3.34 -58.39
O2N NAP HA . -46.25 -5.00 -60.10
O5D NAP HA . -47.13 -5.25 -57.55
C5D NAP HA . -48.20 -6.21 -57.66
C4D NAP HA . -47.19 -7.32 -57.62
O4D NAP HA . -46.04 -6.96 -57.17
C3D NAP HA . -47.19 -8.65 -58.00
O3D NAP HA . -48.25 -9.40 -58.53
C2D NAP HA . -45.82 -9.07 -57.69
O2D NAP HA . -45.31 -10.36 -57.90
C1D NAP HA . -45.20 -7.90 -57.14
N1N NAP HA . -43.89 -7.45 -56.69
C2N NAP HA . -43.37 -7.58 -55.45
C3N NAP HA . -42.10 -7.05 -55.15
C7N NAP HA . -41.36 -7.17 -53.76
O7N NAP HA . -40.21 -6.80 -53.65
N7N NAP HA . -42.09 -7.70 -52.63
C4N NAP HA . -41.42 -6.39 -56.17
C5N NAP HA . -42.03 -6.21 -57.40
C6N NAP HA . -43.28 -6.75 -57.62
P2B NAP HA . -52.33 2.74 -56.21
O1X NAP HA . -51.34 2.31 -55.16
O2X NAP HA . -52.95 4.05 -55.82
O3X NAP HA . -53.41 1.69 -56.33
C9A FNR IA . -14.24 -25.32 -16.51
N10 FNR IA . -13.11 -26.31 -17.04
CAA FNR IA . -13.18 -27.49 -16.07
N1 FNR IA . -12.19 -28.54 -16.29
C2 FNR IA . -12.16 -29.77 -15.45
O2 FNR IA . -11.36 -30.63 -15.61
N3 FNR IA . -13.16 -29.92 -14.35
C4 FNR IA . -14.20 -28.91 -14.12
O4 FNR IA . -14.98 -29.10 -13.24
C4A FNR IA . -14.27 -27.64 -14.93
N5 FNR IA . -15.40 -26.62 -14.58
C5A FNR IA . -15.21 -25.55 -15.73
C6 FNR IA . -16.09 -24.93 -15.15
C7 FNR IA . -15.99 -23.86 -16.05
C7M FNR IA . -17.19 -22.94 -15.58
C8 FNR IA . -15.04 -23.72 -17.07
C8M FNR IA . -15.09 -22.44 -17.97
C9 FNR IA . -14.01 -24.59 -17.46
C1' FNR IA . -12.06 -26.21 -18.11
C2' FNR IA . -12.70 -26.84 -19.38
O2' FNR IA . -13.03 -28.17 -19.15
C3' FNR IA . -11.59 -26.76 -20.41
O3' FNR IA . -10.39 -27.29 -19.95
C4' FNR IA . -11.40 -25.32 -20.87
O4' FNR IA . -12.36 -24.38 -20.40
C5' FNR IA . -11.90 -25.72 -22.23
O5' FNR IA . -11.53 -24.68 -22.98
P FNR IA . -12.69 -23.84 -23.76
O1P FNR IA . -11.73 -22.84 -24.40
O2P FNR IA . -13.63 -23.19 -22.79
O3P FNR IA . -13.37 -24.62 -24.86
N1 TDR JA . -12.36 -24.57 -13.06
C2 TDR JA . -11.51 -24.74 -14.12
O2 TDR JA . -11.30 -23.91 -14.98
N3 TDR JA . -10.88 -25.96 -14.14
C4 TDR JA . -11.00 -27.00 -13.23
O4 TDR JA . -10.37 -28.03 -13.40
C5 TDR JA . -11.91 -26.73 -12.13
CM5 TDR JA . -12.10 -27.80 -11.09
C6 TDR JA . -12.56 -25.55 -12.10
#